data_4LVH
#
_entry.id   4LVH
#
_cell.length_a   72.751
_cell.length_b   237.814
_cell.length_c   94.230
_cell.angle_alpha   90.000
_cell.angle_beta   110.310
_cell.angle_gamma   90.000
#
_symmetry.space_group_name_H-M   'P 1 21 1'
#
loop_
_entity.id
_entity.type
_entity.pdbx_description
1 polymer Hemagglutinin
2 polymer 'MONOCLONAL ANTIBODY H-CHAIN'
3 polymer 'MONOCLONAL ANTIBODY L-CHAIN'
4 non-polymer 'CALCIUM ION'
5 water water
#
loop_
_entity_poly.entity_id
_entity_poly.type
_entity_poly.pdbx_seq_one_letter_code
_entity_poly.pdbx_strand_id
1 'polypeptide(L)'
;ADPGYLLEFDTLCIGYHANNSTDTVDTVLEKNVTVTHSVNLLEDKHNGKLCKLRGVAPLHLGKCNIAGWILGNPECESLS
TASSWSYIVETSSSDNGTCYPGDFIDYEELREQLSSVSSFERFEIFPKTSSWPNHDSNKGVTAACPHAGAKSFYKNLIWL
VKKGNSYPKLSKSYINDKGKEVLVLWGIHHPSTSADQQSLYQNADAYVFVGSSRYSKKFKPEIAIRPKVRDQEGRMNYYW
TLVEPGDKITFEATGNLVVPRYAFAMERNAGSGIIISDTPVHDCNTTCQTPKGAINTSLPFQNIHPITIGKCPKYVKSTK
LRLATGLRNVPSIQSRGLFGAIAGFIEGGWTGMVDGWYGYHHQNEQGSGYAADLKSTQNAIDEITNKVNSVIEKMNTQFT
AVGKEFNHLEKRIENLNKKVDDGFLDIWTYNAELLVLLENERTLDYHDSNVKNLYEKVRSQLKNNAKEIGNGCFEFYHKC
DNTCMESVKNGTYDYPKYSEEAKLNREEIDGVRSLVPR
;
A,D,G,J
2 'polypeptide(L)'
;VKLQQSGGGVVQPGGSLRLSCAASGFTFSDYDMSWIRQAPGKGLEWVSGILGGSERSYYRDSVKGRFTISRDNSRKTLYL
QMNSLRAEDTAVYYCARHGSPGYTLYAWDYWGQGTMVTVSSASTKGPSVFPLAPSKSSTSGATAALGCLVKDYFPEPVTV
SWNSGALTSSVHTFPAVLQSSGLYSLSSVVTVPSSSLGTQTYICNVNHKPSNTKVDKKSCAA
;
B,E,H,K
3 'polypeptide(L)'
;DIQMTQSPASLAVSPGQRATITCRASESVSNYGINFINWFQQKPGQPPKLLIYTASNKGTGVPARFSGSGSGTDFTLTIN
PVEAEDTANYFCQQTKEVPYTFGGGTKLEIKRADAAPTVSIFPPSSEQLTSGGASVVCFLNNFYPKINVKWKIDGSERQN
GVLNSWTDQDSKDSTYSMSSTLTLDEYERHNSYTCEATHKTSTSPIVKSFN
;
C,F,I,L
#
loop_
_chem_comp.id
_chem_comp.type
_chem_comp.name
_chem_comp.formula
CA non-polymer 'CALCIUM ION' 'Ca 2'
#
# COMPACT_ATOMS: atom_id res chain seq x y z
N PRO A 58 -3.64 22.14 9.90
CA PRO A 58 -3.48 20.72 9.57
C PRO A 58 -3.92 19.80 10.70
N LEU A 59 -5.12 19.24 10.63
CA LEU A 59 -5.60 18.28 11.62
C LEU A 59 -4.81 16.98 11.54
N HIS A 60 -4.31 16.47 12.66
CA HIS A 60 -3.46 15.28 12.59
C HIS A 60 -3.81 14.24 13.65
N LEU A 61 -4.32 13.10 13.21
CA LEU A 61 -4.82 12.08 14.13
C LEU A 61 -3.67 11.24 14.65
N GLY A 62 -3.62 11.10 15.96
CA GLY A 62 -2.62 10.23 16.55
C GLY A 62 -2.90 8.74 16.68
N LYS A 63 -4.16 8.35 16.92
CA LYS A 63 -4.53 6.94 17.11
C LYS A 63 -5.20 6.09 15.99
N CYS A 64 -5.51 6.66 14.83
CA CYS A 64 -6.30 5.90 13.83
C CYS A 64 -6.66 6.59 12.51
N ASN A 65 -7.03 5.80 11.50
N ASN A 65 -7.08 5.79 11.52
CA ASN A 65 -7.48 6.37 10.24
CA ASN A 65 -7.54 6.28 10.22
C ASN A 65 -8.92 6.87 10.28
C ASN A 65 -8.92 6.90 10.31
N ILE A 66 -9.24 7.79 9.37
CA ILE A 66 -10.53 8.53 9.34
C ILE A 66 -11.81 7.67 9.46
N ALA A 67 -11.74 6.41 9.02
CA ALA A 67 -12.79 5.46 9.30
C ALA A 67 -13.18 5.50 10.77
N GLY A 68 -12.28 5.07 11.64
CA GLY A 68 -12.59 4.89 13.04
C GLY A 68 -12.72 6.16 13.84
N TRP A 69 -12.01 7.20 13.43
CA TRP A 69 -12.07 8.46 14.15
C TRP A 69 -13.46 9.09 14.07
N ILE A 70 -14.01 9.22 12.87
CA ILE A 70 -15.30 9.88 12.74
C ILE A 70 -16.45 8.96 13.13
N LEU A 71 -16.23 7.65 13.05
CA LEU A 71 -17.22 6.69 13.54
C LEU A 71 -17.13 6.50 15.03
N GLY A 72 -15.93 6.75 15.56
CA GLY A 72 -15.60 6.43 16.94
C GLY A 72 -15.25 5.00 17.30
N ASN A 73 -14.34 4.37 16.57
CA ASN A 73 -13.77 3.10 17.01
C ASN A 73 -13.18 3.43 18.38
N PRO A 74 -13.38 2.54 19.38
CA PRO A 74 -12.77 3.00 20.65
C PRO A 74 -11.31 2.62 20.92
N GLU A 75 -10.41 2.78 19.95
CA GLU A 75 -9.05 3.21 20.22
C GLU A 75 -8.93 4.68 19.81
N CYS A 76 -10.01 5.21 19.22
CA CYS A 76 -9.91 6.54 18.61
C CYS A 76 -10.18 7.63 19.63
N GLU A 77 -11.45 7.84 20.01
CA GLU A 77 -11.69 8.72 21.14
C GLU A 77 -11.07 10.11 20.94
N SER A 78 -10.01 10.35 21.69
CA SER A 78 -9.45 11.65 22.06
C SER A 78 -9.35 12.78 21.01
N LEU A 79 -8.51 12.59 20.00
CA LEU A 79 -8.13 13.67 19.06
C LEU A 79 -7.38 14.93 19.65
N SER A 80 -7.82 16.13 19.26
CA SER A 80 -6.99 17.33 19.33
C SER A 80 -7.84 18.56 19.61
N THR A 81 -7.23 19.75 19.55
CA THR A 81 -7.91 21.01 19.88
C THR A 81 -8.49 21.80 18.69
N ALA A 82 -9.82 21.80 18.71
CA ALA A 82 -10.79 22.30 17.73
C ALA A 82 -10.68 21.89 16.27
N SER A 83 -11.24 22.74 15.41
CA SER A 83 -11.19 22.57 13.98
C SER A 83 -11.19 23.86 13.19
N SER A 84 -10.11 24.23 12.55
CA SER A 84 -10.26 24.68 11.19
C SER A 84 -9.00 24.12 10.62
N TRP A 85 -9.09 23.20 9.66
CA TRP A 85 -7.89 22.48 9.25
C TRP A 85 -7.73 22.38 7.75
N SER A 86 -6.49 22.48 7.31
CA SER A 86 -6.15 22.41 5.90
C SER A 86 -6.39 21.03 5.31
N TYR A 87 -6.01 19.99 6.05
CA TYR A 87 -6.12 18.61 5.59
C TYR A 87 -5.67 17.62 6.66
N ILE A 88 -6.14 16.38 6.52
CA ILE A 88 -6.02 15.36 7.55
C ILE A 88 -4.67 14.66 7.49
N VAL A 89 -4.18 14.23 8.65
CA VAL A 89 -3.04 13.31 8.74
C VAL A 89 -3.38 12.10 9.63
N GLU A 90 -3.11 10.89 9.13
CA GLU A 90 -3.51 9.64 9.78
C GLU A 90 -2.35 8.77 10.22
N THR A 91 -2.51 8.12 11.38
CA THR A 91 -1.53 7.16 11.83
C THR A 91 -2.18 5.86 11.48
N SER A 92 -1.64 5.19 10.47
CA SER A 92 -2.50 4.31 9.72
C SER A 92 -2.51 2.87 10.25
N SER A 93 -3.66 2.55 10.82
CA SER A 93 -4.05 1.20 11.12
C SER A 93 -4.52 0.57 9.80
N SER A 94 -4.33 -0.74 9.67
CA SER A 94 -4.78 -1.47 8.47
C SER A 94 -5.80 -2.54 8.85
N ASP A 95 -5.32 -3.59 9.51
CA ASP A 95 -6.19 -4.59 10.13
C ASP A 95 -7.14 -3.96 11.18
N ASN A 96 -6.74 -2.82 11.73
CA ASN A 96 -7.47 -2.17 12.82
C ASN A 96 -8.45 -1.02 12.49
N GLY A 97 -8.53 -0.61 11.23
CA GLY A 97 -9.23 0.61 10.85
C GLY A 97 -10.74 0.75 11.10
N THR A 98 -11.52 -0.18 10.57
CA THR A 98 -12.99 -0.13 10.66
C THR A 98 -13.69 -0.94 11.79
N CYS A 99 -12.92 -1.49 12.75
CA CYS A 99 -13.52 -2.17 13.92
C CYS A 99 -14.38 -3.35 13.45
N TYR A 100 -15.69 -3.30 13.68
CA TYR A 100 -16.58 -4.28 13.10
C TYR A 100 -16.50 -4.20 11.58
N PRO A 101 -16.02 -5.28 10.94
CA PRO A 101 -15.68 -5.41 9.52
C PRO A 101 -16.77 -5.01 8.55
N GLY A 102 -16.39 -4.17 7.61
CA GLY A 102 -17.30 -3.68 6.62
C GLY A 102 -16.66 -2.70 5.66
N ASP A 103 -17.45 -2.31 4.68
CA ASP A 103 -16.99 -1.39 3.67
C ASP A 103 -17.49 0.01 3.99
N PHE A 104 -16.61 1.01 3.89
CA PHE A 104 -17.02 2.38 4.04
C PHE A 104 -17.35 2.96 2.66
N ILE A 105 -18.63 3.18 2.44
CA ILE A 105 -19.09 3.69 1.18
C ILE A 105 -18.62 5.13 1.13
N ASP A 106 -18.38 5.65 -0.07
CA ASP A 106 -18.16 7.07 -0.30
C ASP A 106 -17.00 7.63 0.50
N TYR A 107 -16.08 6.74 0.84
CA TYR A 107 -14.99 7.03 1.75
C TYR A 107 -13.95 8.04 1.23
N GLU A 108 -13.66 7.99 -0.06
CA GLU A 108 -12.69 8.93 -0.59
C GLU A 108 -13.29 10.30 -0.91
N GLU A 109 -14.60 10.39 -1.11
CA GLU A 109 -15.18 11.70 -1.39
C GLU A 109 -15.18 12.36 -0.04
N LEU A 110 -15.38 11.54 0.98
CA LEU A 110 -15.41 11.96 2.37
C LEU A 110 -14.02 12.38 2.77
N ARG A 111 -13.03 11.75 2.17
CA ARG A 111 -11.62 12.09 2.39
C ARG A 111 -11.39 13.58 2.09
N GLU A 112 -11.97 14.07 0.98
CA GLU A 112 -11.76 15.46 0.56
C GLU A 112 -12.78 16.54 0.98
N GLN A 113 -13.93 16.13 1.52
CA GLN A 113 -14.90 17.09 2.07
C GLN A 113 -14.52 17.46 3.48
N LEU A 114 -13.74 16.58 4.10
CA LEU A 114 -13.18 16.78 5.43
C LEU A 114 -11.80 17.42 5.36
N SER A 115 -11.43 17.88 4.16
CA SER A 115 -10.11 18.48 3.93
C SER A 115 -10.00 19.93 4.39
N SER A 116 -10.64 20.84 3.67
CA SER A 116 -10.57 22.23 4.04
C SER A 116 -11.86 22.50 4.72
N VAL A 117 -11.78 22.74 6.03
CA VAL A 117 -12.97 22.90 6.88
C VAL A 117 -12.92 24.04 7.88
N SER A 118 -13.96 24.86 7.90
CA SER A 118 -14.17 25.78 9.03
C SER A 118 -15.13 25.15 10.06
N SER A 119 -14.63 25.14 11.27
CA SER A 119 -15.17 24.46 12.45
C SER A 119 -15.53 22.97 12.34
N PHE A 120 -16.53 22.57 13.12
CA PHE A 120 -16.94 21.19 13.23
C PHE A 120 -17.92 21.29 14.37
N GLU A 121 -18.93 20.43 14.49
CA GLU A 121 -19.53 20.15 15.79
C GLU A 121 -20.00 18.72 16.02
N ARG A 122 -19.46 18.05 17.03
CA ARG A 122 -20.11 16.82 17.46
C ARG A 122 -21.28 17.21 18.37
N PHE A 123 -22.47 16.88 17.93
CA PHE A 123 -23.65 17.19 18.70
C PHE A 123 -24.49 15.96 18.73
N GLU A 124 -25.52 15.98 19.57
CA GLU A 124 -26.30 14.78 19.75
C GLU A 124 -27.39 14.95 18.74
N ILE A 125 -27.31 14.18 17.66
CA ILE A 125 -28.28 14.30 16.59
C ILE A 125 -29.65 13.95 17.16
N PHE A 126 -29.80 12.68 17.56
CA PHE A 126 -30.83 12.23 18.45
C PHE A 126 -30.06 11.52 19.55
N PRO A 127 -30.46 11.71 20.82
CA PRO A 127 -29.73 11.02 21.88
C PRO A 127 -30.06 9.54 21.92
N LYS A 128 -29.06 8.71 22.23
CA LYS A 128 -29.22 7.26 22.17
C LYS A 128 -30.43 6.88 22.95
N THR A 129 -30.53 7.52 24.11
CA THR A 129 -31.43 7.13 25.17
C THR A 129 -32.89 7.05 24.75
N SER A 130 -33.43 8.24 24.53
CA SER A 130 -34.85 8.45 24.42
C SER A 130 -35.38 8.54 23.00
N SER A 131 -34.49 8.53 22.01
CA SER A 131 -34.89 8.90 20.63
C SER A 131 -35.80 7.82 20.04
N TRP A 132 -35.62 6.63 20.57
CA TRP A 132 -36.22 5.43 20.08
C TRP A 132 -37.03 4.87 21.20
N PRO A 133 -38.29 5.29 21.29
CA PRO A 133 -39.17 4.70 22.29
C PRO A 133 -39.29 3.19 22.10
N ASN A 134 -39.42 2.74 20.86
CA ASN A 134 -39.70 1.32 20.55
C ASN A 134 -38.56 0.33 20.19
N HIS A 135 -37.31 0.75 20.20
CA HIS A 135 -36.27 -0.20 19.86
C HIS A 135 -35.25 -0.31 20.97
N ASP A 136 -34.76 -1.53 21.19
CA ASP A 136 -33.98 -1.78 22.38
C ASP A 136 -32.70 -1.07 22.02
N SER A 137 -32.41 -0.04 22.78
CA SER A 137 -31.29 0.82 22.42
C SER A 137 -29.95 0.51 23.09
N ASN A 138 -29.92 -0.31 24.13
CA ASN A 138 -28.62 -0.59 24.76
C ASN A 138 -27.91 -1.93 24.49
N LYS A 139 -28.58 -2.82 23.77
CA LYS A 139 -28.04 -4.19 23.64
C LYS A 139 -26.89 -4.41 22.64
N GLY A 140 -26.92 -3.80 21.44
CA GLY A 140 -25.78 -3.98 20.57
C GLY A 140 -24.45 -3.32 20.95
N VAL A 141 -23.45 -4.16 21.18
CA VAL A 141 -22.05 -3.80 21.40
C VAL A 141 -21.36 -5.07 21.03
N THR A 142 -20.09 -5.00 20.69
CA THR A 142 -19.45 -6.17 20.11
C THR A 142 -17.98 -6.28 20.43
N ALA A 143 -17.44 -7.48 20.26
CA ALA A 143 -16.05 -7.72 20.59
C ALA A 143 -15.19 -7.15 19.49
N ALA A 144 -15.75 -7.11 18.28
CA ALA A 144 -15.05 -6.50 17.16
C ALA A 144 -14.59 -5.10 17.56
N CYS A 145 -15.49 -4.35 18.19
CA CYS A 145 -15.18 -2.99 18.62
C CYS A 145 -15.24 -2.90 20.12
N PRO A 146 -14.27 -3.48 20.83
CA PRO A 146 -14.39 -3.55 22.29
C PRO A 146 -13.72 -2.36 22.96
N HIS A 147 -13.82 -2.24 24.28
CA HIS A 147 -12.77 -1.54 25.05
C HIS A 147 -12.70 -1.86 26.54
N ALA A 148 -11.51 -1.64 27.11
CA ALA A 148 -11.18 -2.00 28.49
C ALA A 148 -11.37 -3.51 28.69
N GLY A 149 -11.33 -4.24 27.58
CA GLY A 149 -11.53 -5.69 27.60
C GLY A 149 -13.01 -6.01 27.50
N ALA A 150 -13.83 -5.04 27.91
CA ALA A 150 -15.28 -5.10 27.77
C ALA A 150 -15.67 -4.84 26.33
N LYS A 151 -16.87 -5.25 25.95
CA LYS A 151 -17.24 -5.23 24.56
C LYS A 151 -17.92 -3.92 24.30
N SER A 152 -17.27 -3.05 23.54
CA SER A 152 -17.76 -1.70 23.28
C SER A 152 -18.45 -1.60 21.91
N PHE A 153 -18.85 -0.39 21.54
CA PHE A 153 -19.29 -0.08 20.19
C PHE A 153 -18.87 1.36 19.84
N TYR A 154 -18.96 1.74 18.58
CA TYR A 154 -18.63 3.08 18.12
C TYR A 154 -19.36 4.13 18.93
N LYS A 155 -18.69 5.25 19.21
CA LYS A 155 -19.34 6.33 19.95
C LYS A 155 -20.51 7.05 19.23
N ASN A 156 -20.41 7.30 17.92
CA ASN A 156 -21.29 8.27 17.26
C ASN A 156 -22.56 7.70 16.67
N LEU A 157 -22.72 6.39 16.83
CA LEU A 157 -23.87 5.67 16.29
C LEU A 157 -24.40 4.71 17.34
N ILE A 158 -25.63 4.25 17.19
CA ILE A 158 -26.20 3.28 18.12
C ILE A 158 -26.67 2.05 17.37
N TRP A 159 -26.13 0.87 17.72
CA TRP A 159 -26.61 -0.37 17.10
C TRP A 159 -27.97 -0.70 17.71
N LEU A 160 -28.99 -0.75 16.88
CA LEU A 160 -30.33 -0.96 17.40
C LEU A 160 -30.83 -2.36 17.11
N VAL A 161 -30.88 -3.17 18.16
CA VAL A 161 -31.36 -4.54 18.08
C VAL A 161 -32.81 -4.53 18.51
N LYS A 162 -33.46 -5.67 18.44
CA LYS A 162 -34.85 -5.76 18.78
C LYS A 162 -35.15 -5.55 20.27
N LYS A 163 -36.25 -4.84 20.55
CA LYS A 163 -36.88 -4.83 21.87
C LYS A 163 -38.02 -5.85 21.94
N GLY A 164 -37.83 -6.87 22.76
CA GLY A 164 -38.84 -7.89 22.99
C GLY A 164 -39.51 -8.48 21.75
N ASN A 165 -38.71 -8.87 20.76
CA ASN A 165 -39.21 -9.54 19.54
C ASN A 165 -40.51 -9.08 18.86
N SER A 166 -40.44 -7.88 18.31
CA SER A 166 -40.95 -7.56 16.99
C SER A 166 -40.58 -6.12 16.78
N TYR A 167 -40.31 -5.79 15.53
CA TYR A 167 -39.61 -4.57 15.17
C TYR A 167 -40.56 -3.80 14.27
N PRO A 168 -41.12 -2.69 14.77
CA PRO A 168 -42.09 -1.94 13.97
C PRO A 168 -41.41 -0.94 13.04
N LYS A 169 -42.17 -0.21 12.24
CA LYS A 169 -41.57 0.69 11.27
C LYS A 169 -40.86 1.72 12.09
N LEU A 170 -39.80 2.27 11.54
CA LEU A 170 -39.07 3.29 12.25
C LEU A 170 -39.26 4.65 11.55
N SER A 171 -39.53 5.67 12.35
CA SER A 171 -39.82 7.04 11.89
C SER A 171 -38.76 8.18 11.91
N LYS A 172 -37.55 7.98 12.42
CA LYS A 172 -36.81 9.17 12.92
C LYS A 172 -36.27 10.13 11.88
N SER A 173 -36.20 11.40 12.23
CA SER A 173 -35.76 12.44 11.32
C SER A 173 -35.12 13.60 12.04
N TYR A 174 -34.13 14.20 11.41
CA TYR A 174 -33.60 15.49 11.86
C TYR A 174 -34.02 16.52 10.82
N ILE A 175 -34.64 17.59 11.28
CA ILE A 175 -35.00 18.74 10.45
C ILE A 175 -33.99 19.84 10.81
N ASN A 176 -33.16 20.27 9.86
CA ASN A 176 -32.12 21.27 10.10
C ASN A 176 -32.73 22.65 10.21
N ASP A 177 -31.98 23.57 10.81
CA ASP A 177 -32.33 25.00 10.73
C ASP A 177 -31.14 25.90 10.37
N LYS A 178 -30.14 25.94 11.26
CA LYS A 178 -29.02 26.86 11.13
C LYS A 178 -28.17 26.39 9.99
N GLY A 179 -27.88 27.26 9.03
CA GLY A 179 -27.01 26.80 7.97
C GLY A 179 -25.57 26.56 8.39
N LYS A 180 -25.19 25.29 8.34
CA LYS A 180 -23.82 24.80 8.35
C LYS A 180 -24.01 23.40 7.80
N GLU A 181 -22.99 22.77 7.27
CA GLU A 181 -23.22 21.51 6.63
C GLU A 181 -23.30 20.45 7.72
N VAL A 182 -24.46 19.80 7.81
CA VAL A 182 -24.66 18.78 8.85
C VAL A 182 -24.37 17.37 8.31
N LEU A 183 -23.30 16.78 8.82
CA LEU A 183 -22.83 15.47 8.37
C LEU A 183 -23.42 14.36 9.26
N VAL A 184 -24.33 13.56 8.71
CA VAL A 184 -25.01 12.56 9.51
C VAL A 184 -24.46 11.26 9.00
N LEU A 185 -24.18 10.31 9.90
CA LEU A 185 -23.64 9.02 9.49
C LEU A 185 -24.50 7.89 10.00
N TRP A 186 -24.67 6.85 9.21
CA TRP A 186 -25.39 5.68 9.69
C TRP A 186 -24.81 4.39 9.12
N GLY A 187 -24.54 3.42 9.98
CA GLY A 187 -24.00 2.16 9.51
C GLY A 187 -25.14 1.28 9.07
N ILE A 188 -24.82 0.23 8.33
CA ILE A 188 -25.81 -0.79 7.97
C ILE A 188 -25.23 -2.20 8.18
N HIS A 189 -25.95 -2.99 8.96
CA HIS A 189 -25.47 -4.30 9.39
C HIS A 189 -26.07 -5.48 8.62
N HIS A 190 -25.18 -6.42 8.27
CA HIS A 190 -25.49 -7.56 7.40
C HIS A 190 -25.24 -8.89 8.10
N PRO A 191 -26.27 -9.44 8.74
CA PRO A 191 -26.06 -10.62 9.57
C PRO A 191 -25.35 -11.74 8.83
N SER A 192 -24.52 -12.48 9.56
CA SER A 192 -23.97 -13.71 9.06
C SER A 192 -25.10 -14.57 8.50
N THR A 193 -26.03 -15.01 9.34
CA THR A 193 -27.10 -15.88 8.85
C THR A 193 -28.48 -15.39 9.26
N SER A 194 -29.52 -16.13 8.87
CA SER A 194 -30.85 -15.76 9.34
C SER A 194 -31.02 -16.01 10.85
N ALA A 195 -30.03 -16.65 11.45
CA ALA A 195 -29.92 -16.79 12.90
C ALA A 195 -29.43 -15.45 13.47
N ASP A 196 -28.24 -15.06 13.02
CA ASP A 196 -27.68 -13.72 13.23
C ASP A 196 -28.84 -12.73 12.94
N GLN A 197 -29.69 -13.00 11.94
CA GLN A 197 -30.70 -12.01 11.50
C GLN A 197 -31.93 -11.79 12.37
N GLN A 198 -32.78 -12.80 12.54
CA GLN A 198 -34.07 -12.69 13.28
C GLN A 198 -33.91 -12.35 14.77
N SER A 199 -32.78 -12.73 15.34
CA SER A 199 -32.53 -12.58 16.75
C SER A 199 -32.04 -11.16 17.04
N LEU A 200 -32.01 -10.33 16.00
CA LEU A 200 -31.59 -8.94 16.12
C LEU A 200 -32.69 -7.99 15.64
N TYR A 201 -33.07 -8.13 14.38
CA TYR A 201 -34.19 -7.39 13.83
C TYR A 201 -35.17 -8.44 13.35
N GLN A 202 -36.31 -8.59 14.02
CA GLN A 202 -37.21 -9.72 13.80
C GLN A 202 -37.64 -9.94 12.35
N ASN A 203 -37.82 -8.86 11.60
CA ASN A 203 -38.38 -9.05 10.27
C ASN A 203 -37.29 -9.55 9.37
N ALA A 204 -37.48 -10.76 8.83
CA ALA A 204 -36.49 -11.41 8.02
C ALA A 204 -36.54 -10.76 6.65
N ASP A 205 -37.69 -10.18 6.33
CA ASP A 205 -37.84 -9.33 5.17
C ASP A 205 -37.85 -7.91 5.69
N ALA A 206 -36.78 -7.17 5.47
CA ALA A 206 -36.59 -5.93 6.18
C ALA A 206 -35.83 -4.96 5.32
N TYR A 207 -36.06 -3.67 5.50
CA TYR A 207 -35.28 -2.66 4.76
C TYR A 207 -34.91 -1.44 5.56
N VAL A 208 -34.18 -0.55 4.88
CA VAL A 208 -33.67 0.71 5.40
C VAL A 208 -33.85 1.79 4.36
N PHE A 209 -34.61 2.84 4.61
CA PHE A 209 -34.67 3.93 3.63
C PHE A 209 -34.39 5.34 4.16
N VAL A 210 -33.31 5.95 3.66
CA VAL A 210 -32.92 7.28 4.06
C VAL A 210 -33.55 8.29 3.09
N GLY A 211 -34.45 9.13 3.58
CA GLY A 211 -35.02 10.16 2.75
C GLY A 211 -34.20 11.45 2.81
N SER A 212 -34.24 12.23 1.73
CA SER A 212 -33.61 13.55 1.68
C SER A 212 -34.28 14.82 1.12
N SER A 213 -34.74 14.78 -0.15
CA SER A 213 -34.32 15.72 -1.18
C SER A 213 -32.88 15.34 -1.52
N ARG A 214 -31.89 16.17 -1.27
CA ARG A 214 -30.61 16.06 -1.96
C ARG A 214 -29.95 14.65 -1.90
N TYR A 215 -30.56 13.74 -1.15
CA TYR A 215 -30.22 12.31 -1.20
C TYR A 215 -31.48 11.39 -1.18
N SER A 216 -31.40 10.20 -1.77
CA SER A 216 -32.31 9.11 -1.45
C SER A 216 -31.57 7.79 -1.66
N LYS A 217 -31.75 6.82 -0.77
CA LYS A 217 -31.28 5.46 -1.01
C LYS A 217 -32.14 4.49 -0.23
N LYS A 218 -32.42 3.32 -0.79
CA LYS A 218 -33.06 2.30 0.01
C LYS A 218 -32.22 1.04 0.04
N PHE A 219 -31.80 0.67 1.24
CA PHE A 219 -30.89 -0.43 1.40
C PHE A 219 -31.65 -1.72 1.67
N LYS A 220 -30.89 -2.76 1.95
CA LYS A 220 -31.41 -4.09 2.10
C LYS A 220 -30.21 -4.89 2.53
N PRO A 221 -30.42 -5.78 3.49
CA PRO A 221 -29.29 -6.57 3.96
C PRO A 221 -28.94 -7.69 2.97
N GLU A 222 -27.65 -7.98 2.83
CA GLU A 222 -27.29 -9.17 2.08
C GLU A 222 -26.69 -10.13 3.07
N ILE A 223 -27.45 -11.16 3.38
CA ILE A 223 -27.09 -12.12 4.41
C ILE A 223 -26.31 -13.28 3.80
N ALA A 224 -25.14 -13.53 4.35
CA ALA A 224 -24.27 -14.60 3.90
C ALA A 224 -23.07 -14.58 4.82
N ILE A 225 -22.30 -15.64 4.86
CA ILE A 225 -21.25 -15.68 5.84
C ILE A 225 -19.96 -15.29 5.13
N ARG A 226 -19.49 -14.09 5.40
CA ARG A 226 -18.23 -13.61 4.84
C ARG A 226 -17.15 -14.27 5.68
N PRO A 227 -15.88 -14.25 5.22
CA PRO A 227 -14.89 -14.91 6.08
C PRO A 227 -14.77 -14.13 7.38
N LYS A 228 -14.21 -14.76 8.39
CA LYS A 228 -14.09 -14.07 9.66
C LYS A 228 -13.12 -12.86 9.59
N VAL A 229 -13.63 -11.70 10.01
CA VAL A 229 -12.80 -10.57 10.39
C VAL A 229 -13.10 -10.12 11.83
N ARG A 230 -12.06 -10.16 12.66
CA ARG A 230 -12.16 -10.08 14.14
C ARG A 230 -13.32 -10.94 14.63
N ASP A 231 -13.22 -12.21 14.30
CA ASP A 231 -14.14 -13.27 14.71
C ASP A 231 -15.62 -12.98 14.38
N GLN A 232 -15.85 -12.13 13.37
CA GLN A 232 -17.19 -11.65 13.04
C GLN A 232 -17.57 -11.96 11.63
N GLU A 233 -18.57 -12.81 11.46
CA GLU A 233 -19.07 -13.08 10.13
C GLU A 233 -20.27 -12.21 9.83
N GLY A 234 -20.59 -11.30 10.75
CA GLY A 234 -21.41 -10.15 10.39
C GLY A 234 -20.52 -9.18 9.62
N ARG A 235 -21.08 -8.47 8.63
CA ARG A 235 -20.35 -7.41 7.91
C ARG A 235 -21.23 -6.20 7.90
N MET A 236 -20.66 -5.02 8.07
CA MET A 236 -21.47 -3.80 8.11
C MET A 236 -21.14 -2.81 7.01
N ASN A 237 -22.08 -1.94 6.66
CA ASN A 237 -21.75 -0.92 5.67
C ASN A 237 -21.95 0.54 6.13
N TYR A 238 -21.09 1.43 5.66
CA TYR A 238 -21.06 2.80 6.18
C TYR A 238 -21.30 3.86 5.12
N TYR A 239 -22.17 4.79 5.46
CA TYR A 239 -22.71 5.71 4.51
C TYR A 239 -22.83 7.05 5.21
N TRP A 240 -22.53 8.12 4.47
CA TRP A 240 -22.58 9.46 5.01
C TRP A 240 -23.31 10.45 4.09
N THR A 241 -24.42 11.01 4.54
CA THR A 241 -25.12 12.06 3.78
C THR A 241 -24.71 13.42 4.29
N LEU A 242 -25.27 14.45 3.69
CA LEU A 242 -25.02 15.80 4.12
C LEU A 242 -26.33 16.56 4.00
N VAL A 243 -26.77 17.19 5.09
CA VAL A 243 -27.96 18.04 5.02
C VAL A 243 -27.60 19.49 5.25
N GLU A 244 -27.85 20.26 4.20
CA GLU A 244 -27.58 21.69 4.15
C GLU A 244 -28.74 22.41 4.83
N PRO A 245 -28.57 23.71 5.14
CA PRO A 245 -29.55 24.54 5.84
C PRO A 245 -31.00 24.39 5.39
N GLY A 246 -31.26 24.13 4.11
CA GLY A 246 -32.63 23.85 3.73
C GLY A 246 -33.18 22.55 4.30
N ASP A 247 -32.50 21.45 4.00
CA ASP A 247 -33.11 20.11 3.97
C ASP A 247 -33.67 19.60 5.31
N LYS A 248 -34.59 18.66 5.21
CA LYS A 248 -35.01 17.88 6.36
C LYS A 248 -34.77 16.42 6.08
N ILE A 249 -33.81 15.85 6.80
CA ILE A 249 -33.40 14.45 6.65
C ILE A 249 -34.56 13.59 7.14
N THR A 250 -34.70 12.38 6.61
CA THR A 250 -35.66 11.41 7.15
C THR A 250 -35.10 10.01 7.12
N PHE A 251 -35.07 9.31 8.27
CA PHE A 251 -34.68 7.91 8.29
C PHE A 251 -35.93 7.13 8.44
N GLU A 252 -35.79 5.81 8.36
CA GLU A 252 -36.87 4.85 8.57
C GLU A 252 -36.26 3.48 8.30
N ALA A 253 -36.85 2.42 8.88
CA ALA A 253 -36.43 1.04 8.64
C ALA A 253 -37.25 0.02 9.46
N THR A 254 -37.31 -1.22 8.99
CA THR A 254 -37.69 -2.37 9.79
C THR A 254 -36.48 -3.17 10.21
N GLY A 255 -35.30 -2.66 9.88
CA GLY A 255 -34.11 -3.28 10.45
C GLY A 255 -32.75 -2.83 9.97
N ASN A 256 -31.75 -3.53 10.47
CA ASN A 256 -30.38 -3.56 9.96
C ASN A 256 -29.69 -2.21 9.90
N LEU A 257 -30.19 -1.29 10.71
CA LEU A 257 -29.78 0.09 10.71
C LEU A 257 -28.91 0.33 11.94
N VAL A 258 -27.83 1.09 11.76
CA VAL A 258 -27.03 1.55 12.87
C VAL A 258 -27.25 3.06 12.84
N VAL A 259 -28.02 3.58 13.81
CA VAL A 259 -28.53 4.98 13.76
C VAL A 259 -27.60 6.02 14.38
N PRO A 260 -27.65 7.26 13.90
CA PRO A 260 -26.64 8.20 14.36
C PRO A 260 -26.88 8.73 15.77
N ARG A 261 -25.81 8.97 16.52
CA ARG A 261 -25.88 9.54 17.85
C ARG A 261 -25.26 10.91 17.72
N TYR A 262 -24.02 10.90 17.29
CA TYR A 262 -23.34 12.13 16.96
C TYR A 262 -23.24 12.33 15.45
N ALA A 263 -23.22 13.60 15.08
CA ALA A 263 -23.28 14.07 13.72
C ALA A 263 -22.67 15.46 13.74
N PHE A 264 -22.34 16.02 12.58
CA PHE A 264 -21.54 17.23 12.56
C PHE A 264 -22.10 18.45 11.80
N ALA A 265 -22.18 19.59 12.45
CA ALA A 265 -22.37 20.84 11.73
C ALA A 265 -21.00 21.37 11.30
N MET A 266 -20.85 21.62 10.00
CA MET A 266 -19.61 22.22 9.48
C MET A 266 -19.74 23.31 8.41
N GLU A 267 -18.63 23.96 8.13
CA GLU A 267 -18.53 24.84 6.98
C GLU A 267 -17.16 24.66 6.33
N ARG A 268 -17.15 24.46 5.01
CA ARG A 268 -15.91 24.26 4.22
C ARG A 268 -15.53 25.52 3.46
N ASN A 269 -14.40 25.50 2.73
CA ASN A 269 -14.25 26.43 1.60
C ASN A 269 -13.87 25.84 0.24
N ALA A 270 -12.57 25.54 0.11
CA ALA A 270 -11.91 24.86 -1.01
C ALA A 270 -10.43 25.01 -0.66
N GLY A 271 -9.53 24.20 -1.23
CA GLY A 271 -8.20 24.14 -0.62
C GLY A 271 -7.30 22.93 -0.74
N SER A 272 -6.47 22.79 0.31
CA SER A 272 -5.57 21.66 0.58
C SER A 272 -4.43 21.45 -0.41
N GLY A 273 -4.23 20.20 -0.81
CA GLY A 273 -3.27 19.88 -1.84
C GLY A 273 -1.90 19.32 -1.47
N ILE A 274 -1.45 19.51 -0.24
CA ILE A 274 -0.19 18.90 0.19
C ILE A 274 -0.45 17.72 1.12
N ILE A 275 -0.13 16.52 0.66
CA ILE A 275 -0.35 15.33 1.46
C ILE A 275 0.75 14.27 1.28
N ILE A 276 0.51 13.12 1.87
CA ILE A 276 1.44 12.00 1.81
C ILE A 276 1.24 11.26 0.49
N SER A 277 2.34 10.79 -0.08
CA SER A 277 2.32 10.17 -1.40
C SER A 277 1.47 8.91 -1.45
N ASP A 278 1.79 7.94 -0.58
CA ASP A 278 1.17 6.62 -0.61
C ASP A 278 0.30 6.37 0.61
N THR A 279 0.94 6.37 1.79
CA THR A 279 0.29 6.02 3.05
C THR A 279 -0.18 4.58 3.01
N VAL A 420 -7.61 32.56 1.98
CA VAL A 420 -6.99 32.97 3.24
C VAL A 420 -5.49 33.16 3.10
N ASP A 421 -4.77 32.08 3.33
CA ASP A 421 -3.31 32.09 3.23
C ASP A 421 -2.87 31.68 1.82
N ASP A 422 -3.84 31.45 0.94
CA ASP A 422 -3.49 31.02 -0.42
C ASP A 422 -3.37 32.24 -1.33
N GLY A 423 -2.13 32.54 -1.71
CA GLY A 423 -1.77 33.66 -2.58
C GLY A 423 -2.05 35.05 -1.97
N PHE A 424 -2.83 35.07 -0.88
CA PHE A 424 -3.10 36.27 -0.09
C PHE A 424 -3.38 37.50 -0.94
N LEU A 425 -2.61 38.54 -0.67
CA LEU A 425 -2.45 39.66 -1.60
C LEU A 425 -1.07 39.52 -2.23
N ASP A 426 -0.03 39.64 -1.39
CA ASP A 426 1.36 39.33 -1.73
C ASP A 426 2.04 39.09 -0.39
N ILE A 427 3.32 38.71 -0.36
CA ILE A 427 4.03 38.96 0.89
C ILE A 427 5.20 39.92 0.73
N TRP A 428 4.99 41.18 1.11
CA TRP A 428 5.99 42.11 1.66
C TRP A 428 7.32 42.15 0.91
N THR A 429 7.31 41.69 -0.34
CA THR A 429 8.52 41.61 -1.16
C THR A 429 8.22 42.12 -2.56
N TYR A 430 7.39 41.34 -3.24
CA TYR A 430 7.11 41.50 -4.67
C TYR A 430 6.41 42.79 -5.07
N ASN A 431 5.65 43.39 -4.15
CA ASN A 431 4.80 44.53 -4.50
C ASN A 431 5.13 45.86 -3.82
N ALA A 432 4.88 45.97 -2.52
CA ALA A 432 5.00 47.24 -1.81
C ALA A 432 6.45 47.65 -1.47
N GLU A 433 7.34 46.68 -1.47
CA GLU A 433 8.74 46.92 -1.15
C GLU A 433 9.67 46.04 -1.97
N LYS B 2 -38.39 38.01 28.42
CA LYS B 2 -37.68 36.83 28.84
C LYS B 2 -38.27 36.23 30.12
N LEU B 3 -39.37 35.51 30.02
CA LEU B 3 -40.14 35.19 31.23
C LEU B 3 -40.55 33.71 31.37
N GLN B 4 -40.81 33.28 32.60
CA GLN B 4 -41.19 31.88 32.86
C GLN B 4 -42.18 31.68 34.02
N GLN B 5 -43.30 30.98 33.80
CA GLN B 5 -44.33 30.78 34.84
C GLN B 5 -44.98 29.39 34.97
N SER B 6 -44.74 28.67 36.08
CA SER B 6 -45.24 27.29 36.22
C SER B 6 -46.45 27.12 37.18
N GLY B 7 -46.91 25.88 37.44
CA GLY B 7 -47.45 25.54 38.76
C GLY B 7 -47.87 24.10 39.15
N GLY B 8 -47.73 23.75 40.44
CA GLY B 8 -48.54 22.74 41.14
C GLY B 8 -48.08 22.42 42.59
N GLY B 9 -49.03 22.07 43.46
CA GLY B 9 -48.74 21.85 44.88
C GLY B 9 -48.41 20.55 45.64
N VAL B 10 -49.34 19.60 45.56
CA VAL B 10 -49.35 18.45 46.45
C VAL B 10 -50.04 17.29 45.74
N VAL B 11 -49.56 16.06 45.97
CA VAL B 11 -50.21 14.88 45.41
C VAL B 11 -50.10 13.69 46.37
N GLN B 12 -51.20 12.95 46.50
CA GLN B 12 -51.25 11.77 47.36
C GLN B 12 -50.75 10.55 46.54
N PRO B 13 -49.52 10.10 46.80
CA PRO B 13 -48.67 9.46 45.80
C PRO B 13 -49.31 8.36 44.92
N GLY B 14 -49.05 8.42 43.62
CA GLY B 14 -49.77 7.59 42.67
C GLY B 14 -50.75 8.42 41.84
N GLY B 15 -51.01 9.63 42.30
CA GLY B 15 -51.85 10.55 41.55
C GLY B 15 -51.05 11.13 40.41
N SER B 16 -51.72 11.71 39.43
CA SER B 16 -51.00 12.33 38.35
C SER B 16 -51.19 13.81 38.48
N LEU B 17 -50.18 14.57 38.05
CA LEU B 17 -50.25 16.02 38.12
C LEU B 17 -49.82 16.55 36.75
N ARG B 18 -50.12 17.82 36.46
CA ARG B 18 -49.54 18.45 35.27
C ARG B 18 -49.09 19.84 35.58
N LEU B 19 -47.77 20.05 35.54
CA LEU B 19 -47.16 21.37 35.72
C LEU B 19 -47.26 22.17 34.42
N SER B 20 -47.84 23.35 34.49
CA SER B 20 -47.86 24.22 33.33
C SER B 20 -46.54 24.98 33.30
N CYS B 21 -46.35 25.81 32.28
CA CYS B 21 -45.27 26.80 32.27
C CYS B 21 -45.72 27.82 31.27
N ALA B 22 -45.21 29.04 31.37
CA ALA B 22 -45.65 30.13 30.51
C ALA B 22 -44.47 30.93 29.94
N ALA B 23 -44.57 31.32 28.66
CA ALA B 23 -43.46 32.05 28.06
C ALA B 23 -43.84 33.43 27.51
N SER B 24 -42.99 34.41 27.77
CA SER B 24 -43.09 35.70 27.10
C SER B 24 -41.65 36.18 27.07
N GLY B 25 -41.24 36.87 26.02
CA GLY B 25 -39.87 36.79 25.54
C GLY B 25 -39.80 35.97 24.25
N PHE B 26 -40.99 35.83 23.67
CA PHE B 26 -41.25 35.53 22.26
C PHE B 26 -40.64 34.29 21.62
N THR B 27 -40.66 34.36 20.28
CA THR B 27 -40.12 33.39 19.34
C THR B 27 -40.26 31.93 19.82
N PHE B 28 -41.32 31.66 20.56
CA PHE B 28 -41.42 30.39 21.28
C PHE B 28 -41.57 29.23 20.32
N SER B 29 -42.07 29.55 19.14
CA SER B 29 -42.34 28.59 18.09
C SER B 29 -41.13 27.72 17.75
N ASP B 30 -39.92 28.24 18.00
CA ASP B 30 -38.69 27.53 17.63
C ASP B 30 -37.97 26.79 18.74
N TYR B 31 -37.69 27.52 19.82
CA TYR B 31 -36.82 27.08 20.90
C TYR B 31 -37.11 25.71 21.54
N ASP B 32 -36.05 25.09 22.02
CA ASP B 32 -36.18 23.97 22.95
C ASP B 32 -36.41 24.42 24.36
N MET B 33 -37.11 23.61 25.13
CA MET B 33 -37.43 23.99 26.49
C MET B 33 -37.28 22.77 27.37
N SER B 34 -37.48 22.91 28.67
CA SER B 34 -37.20 21.83 29.59
C SER B 34 -37.47 22.13 31.06
N TRP B 35 -37.41 21.10 31.89
CA TRP B 35 -37.57 21.25 33.34
C TRP B 35 -36.41 20.63 34.07
N ILE B 36 -36.10 21.19 35.22
CA ILE B 36 -35.18 20.51 36.12
C ILE B 36 -35.76 20.59 37.50
N ARG B 37 -36.12 19.47 38.07
CA ARG B 37 -36.60 19.52 39.43
C ARG B 37 -35.38 19.58 40.34
N GLN B 38 -35.51 20.32 41.43
CA GLN B 38 -34.48 20.37 42.47
C GLN B 38 -34.91 19.57 43.71
N ALA B 39 -34.22 18.47 43.97
CA ALA B 39 -34.55 17.59 45.10
C ALA B 39 -34.35 18.37 46.37
N PRO B 40 -35.11 18.06 47.44
CA PRO B 40 -34.72 18.77 48.67
C PRO B 40 -33.39 18.25 49.17
N GLY B 41 -32.86 18.89 50.20
CA GLY B 41 -31.75 18.34 50.97
C GLY B 41 -30.45 18.41 50.18
N LYS B 42 -30.58 18.30 48.87
CA LYS B 42 -29.49 18.51 47.98
C LYS B 42 -29.99 19.24 46.76
N GLY B 43 -30.85 18.57 46.01
CA GLY B 43 -31.16 18.89 44.62
C GLY B 43 -30.42 17.97 43.68
N LEU B 44 -31.04 17.60 42.55
CA LEU B 44 -30.35 16.77 41.55
C LEU B 44 -30.38 17.30 40.12
N GLU B 45 -31.45 17.07 39.35
CA GLU B 45 -31.27 17.07 37.88
C GLU B 45 -32.46 17.26 36.90
N TRP B 46 -32.14 17.18 35.61
CA TRP B 46 -33.04 17.48 34.49
C TRP B 46 -34.08 16.39 34.22
N VAL B 47 -35.36 16.75 34.20
CA VAL B 47 -36.43 15.78 33.93
C VAL B 47 -37.09 15.69 32.54
N SER B 48 -36.79 16.60 31.63
CA SER B 48 -37.05 16.43 30.20
C SER B 48 -36.66 17.62 29.37
N GLY B 49 -36.32 17.34 28.13
CA GLY B 49 -35.62 18.25 27.22
C GLY B 49 -36.23 18.72 25.92
N ILE B 50 -37.56 18.60 25.74
CA ILE B 50 -38.26 18.62 24.43
C ILE B 50 -37.92 19.65 23.31
N LEU B 51 -37.93 19.17 22.06
CA LEU B 51 -37.46 19.95 20.91
C LEU B 51 -38.48 20.99 20.37
N GLY B 52 -38.09 21.80 19.39
CA GLY B 52 -39.02 22.68 18.68
C GLY B 52 -39.85 22.10 17.54
N GLY B 53 -39.19 21.46 16.58
CA GLY B 53 -39.85 20.90 15.41
C GLY B 53 -39.87 19.40 15.55
N SER B 54 -40.42 18.68 14.57
CA SER B 54 -40.34 17.20 14.46
C SER B 54 -40.44 16.54 15.83
N GLU B 55 -41.56 16.75 16.51
CA GLU B 55 -41.48 16.86 17.96
C GLU B 55 -40.80 15.64 18.53
N ARG B 56 -39.71 15.86 19.24
CA ARG B 56 -38.97 14.76 19.87
C ARG B 56 -38.81 15.02 21.37
N SER B 57 -38.80 13.94 22.14
CA SER B 57 -38.85 14.02 23.59
C SER B 57 -37.69 13.28 24.24
N TYR B 58 -37.01 13.97 25.15
CA TYR B 58 -35.82 13.43 25.84
C TYR B 58 -36.05 13.36 27.35
N TYR B 59 -35.59 12.28 27.97
CA TYR B 59 -35.89 12.03 29.36
C TYR B 59 -34.76 11.48 30.17
N ARG B 60 -35.03 11.35 31.47
CA ARG B 60 -34.15 10.64 32.36
C ARG B 60 -34.67 9.22 32.47
N ASP B 61 -33.76 8.25 32.50
CA ASP B 61 -34.11 6.84 32.64
C ASP B 61 -34.72 6.50 33.99
N SER B 62 -34.76 7.45 34.92
CA SER B 62 -35.42 7.30 36.20
C SER B 62 -36.82 7.92 36.12
N VAL B 63 -37.15 8.39 34.94
CA VAL B 63 -38.33 9.20 34.67
C VAL B 63 -39.10 8.53 33.55
N LYS B 64 -38.30 8.08 32.57
CA LYS B 64 -38.67 7.86 31.17
C LYS B 64 -40.04 7.31 31.01
N GLY B 65 -40.37 6.30 31.80
CA GLY B 65 -41.66 5.68 31.58
C GLY B 65 -42.78 6.67 31.74
N ARG B 66 -42.87 7.27 32.94
CA ARG B 66 -44.07 7.92 33.47
C ARG B 66 -44.39 9.34 33.02
N PHE B 67 -43.36 10.10 32.65
CA PHE B 67 -43.59 11.51 32.32
C PHE B 67 -43.94 11.78 30.84
N THR B 68 -44.85 12.72 30.62
CA THR B 68 -45.13 13.23 29.28
C THR B 68 -44.83 14.72 29.26
N ILE B 69 -43.95 15.16 28.37
CA ILE B 69 -43.67 16.58 28.17
C ILE B 69 -44.23 17.09 26.84
N SER B 70 -45.17 18.02 26.90
CA SER B 70 -45.69 18.57 25.65
C SER B 70 -45.45 20.08 25.53
N ARG B 71 -45.92 20.67 24.44
CA ARG B 71 -45.94 22.11 24.33
C ARG B 71 -47.05 22.59 23.41
N ASP B 72 -47.48 23.82 23.60
CA ASP B 72 -48.32 24.48 22.63
C ASP B 72 -47.54 25.69 22.13
N ASN B 73 -47.70 26.02 20.85
CA ASN B 73 -46.96 27.16 20.25
C ASN B 73 -47.76 28.44 20.02
N SER B 74 -49.02 28.43 20.38
CA SER B 74 -49.84 29.59 20.11
C SER B 74 -50.20 30.27 21.43
N ARG B 75 -50.95 29.56 22.26
CA ARG B 75 -51.11 29.93 23.66
C ARG B 75 -49.75 29.90 24.37
N LYS B 76 -48.77 29.29 23.71
CA LYS B 76 -47.37 29.46 24.06
C LYS B 76 -47.08 29.04 25.49
N THR B 77 -47.28 27.74 25.73
CA THR B 77 -46.89 27.11 26.99
C THR B 77 -46.21 25.74 26.75
N LEU B 78 -45.38 25.30 27.70
CA LEU B 78 -45.05 23.88 27.76
C LEU B 78 -45.60 23.36 29.06
N TYR B 79 -45.72 22.03 29.15
CA TYR B 79 -46.25 21.41 30.35
C TYR B 79 -45.37 20.25 30.78
N LEU B 80 -45.60 19.74 31.98
CA LEU B 80 -45.07 18.43 32.34
C LEU B 80 -46.25 17.71 32.91
N GLN B 81 -46.63 16.60 32.29
CA GLN B 81 -47.66 15.75 32.86
C GLN B 81 -46.92 14.75 33.71
N MET B 82 -47.17 14.80 35.01
CA MET B 82 -46.39 14.02 35.95
C MET B 82 -47.17 12.85 36.48
N ASN B 83 -46.74 11.65 36.12
CA ASN B 83 -47.53 10.48 36.43
C ASN B 83 -46.91 9.37 37.27
N SER B 84 -47.78 8.62 37.95
CA SER B 84 -47.35 7.60 38.91
C SER B 84 -46.26 8.03 39.90
N LEU B 85 -46.64 8.82 40.91
CA LEU B 85 -45.66 9.55 41.70
C LEU B 85 -45.18 8.92 43.00
N ARG B 86 -43.87 8.84 43.14
CA ARG B 86 -43.21 8.25 44.31
C ARG B 86 -42.71 9.32 45.23
N ALA B 87 -42.71 9.02 46.52
CA ALA B 87 -42.17 9.92 47.53
C ALA B 87 -40.75 10.36 47.12
N GLU B 88 -40.07 9.54 46.32
CA GLU B 88 -38.70 9.81 45.93
C GLU B 88 -38.54 11.13 45.16
N ASP B 89 -39.58 11.51 44.42
CA ASP B 89 -39.48 12.63 43.45
C ASP B 89 -40.01 14.01 43.84
N THR B 90 -40.42 14.20 45.10
CA THR B 90 -40.80 15.50 45.60
C THR B 90 -39.64 16.43 45.34
N ALA B 91 -39.91 17.53 44.65
CA ALA B 91 -38.90 18.54 44.40
C ALA B 91 -39.57 19.89 44.10
N VAL B 92 -38.80 20.84 43.63
CA VAL B 92 -39.45 22.03 43.07
C VAL B 92 -39.14 21.89 41.60
N TYR B 93 -39.94 22.50 40.73
CA TYR B 93 -39.74 22.34 39.30
C TYR B 93 -39.40 23.66 38.61
N TYR B 94 -38.17 23.78 38.14
CA TYR B 94 -37.77 24.95 37.39
C TYR B 94 -37.97 24.69 35.89
N CYS B 95 -38.85 25.47 35.29
CA CYS B 95 -39.07 25.42 33.85
C CYS B 95 -37.96 26.24 33.26
N ALA B 96 -37.31 25.72 32.23
CA ALA B 96 -36.11 26.36 31.66
C ALA B 96 -35.96 26.12 30.13
N ARG B 97 -35.48 27.13 29.39
CA ARG B 97 -35.35 27.07 27.92
C ARG B 97 -33.95 26.61 27.50
N HIS B 98 -33.59 26.66 26.20
CA HIS B 98 -32.23 26.29 25.74
C HIS B 98 -31.52 27.29 24.82
N GLY B 99 -30.50 28.01 25.27
CA GLY B 99 -29.83 28.85 24.30
C GLY B 99 -28.98 27.94 23.44
N SER B 100 -29.45 27.66 22.23
CA SER B 100 -28.62 27.05 21.21
C SER B 100 -27.73 27.98 20.39
N PRO B 101 -28.37 28.92 19.65
CA PRO B 101 -27.89 29.38 18.33
C PRO B 101 -26.40 29.68 18.23
N GLY B 102 -25.84 29.36 17.06
CA GLY B 102 -24.48 28.89 16.96
C GLY B 102 -24.77 27.41 16.81
N TYR B 103 -23.74 26.56 16.72
CA TYR B 103 -24.01 25.20 16.23
C TYR B 103 -24.58 24.13 17.22
N THR B 104 -24.13 24.11 18.47
CA THR B 104 -24.25 22.91 19.33
C THR B 104 -25.56 22.55 19.99
N LEU B 105 -26.23 23.55 20.61
CA LEU B 105 -27.15 23.43 21.78
C LEU B 105 -26.53 23.23 23.18
N TYR B 106 -25.59 24.13 23.53
CA TYR B 106 -24.94 24.09 24.85
C TYR B 106 -25.83 23.96 26.11
N ALA B 107 -26.69 24.95 26.41
CA ALA B 107 -27.40 25.03 27.70
C ALA B 107 -28.60 26.01 27.81
N TRP B 108 -29.11 26.15 29.03
CA TRP B 108 -30.32 26.95 29.30
C TRP B 108 -30.00 28.32 29.90
N ASP B 109 -30.44 29.40 29.27
CA ASP B 109 -30.06 30.68 29.83
C ASP B 109 -30.87 31.00 31.09
N TYR B 110 -32.14 30.64 31.12
CA TYR B 110 -32.90 30.99 32.30
C TYR B 110 -34.11 30.12 32.67
N TRP B 111 -34.56 30.29 33.90
CA TRP B 111 -35.57 29.41 34.47
C TRP B 111 -36.55 30.09 35.44
N GLY B 112 -37.83 29.71 35.33
CA GLY B 112 -38.88 30.31 36.14
C GLY B 112 -38.63 30.14 37.62
N GLN B 113 -39.34 30.89 38.45
CA GLN B 113 -39.03 30.92 39.88
C GLN B 113 -38.92 29.51 40.45
N GLY B 114 -39.97 28.72 40.24
CA GLY B 114 -40.05 27.37 40.73
C GLY B 114 -41.51 27.06 40.82
N THR B 115 -41.85 25.81 41.06
CA THR B 115 -43.14 25.44 41.65
C THR B 115 -42.90 24.20 42.52
N MET B 116 -43.27 24.21 43.80
CA MET B 116 -42.89 23.05 44.62
C MET B 116 -43.96 21.97 44.47
N VAL B 117 -43.60 20.90 43.78
CA VAL B 117 -44.48 19.77 43.64
C VAL B 117 -44.17 18.96 44.84
N THR B 118 -45.19 18.47 45.52
CA THR B 118 -44.98 17.75 46.77
C THR B 118 -45.81 16.47 46.76
N VAL B 119 -45.16 15.38 47.18
CA VAL B 119 -45.76 14.06 47.12
C VAL B 119 -45.98 13.47 48.52
N SER B 120 -47.24 13.50 48.95
CA SER B 120 -47.59 12.99 50.25
C SER B 120 -49.05 12.70 50.39
N SER B 121 -49.38 11.90 51.39
CA SER B 121 -50.76 11.56 51.66
C SER B 121 -51.36 12.53 52.67
N ALA B 122 -50.49 13.34 53.28
CA ALA B 122 -50.87 14.25 54.36
C ALA B 122 -51.53 15.53 53.87
N SER B 123 -52.78 15.74 54.32
CA SER B 123 -53.63 16.80 53.78
C SER B 123 -53.00 18.17 54.01
N THR B 124 -53.35 19.12 53.14
CA THR B 124 -52.80 20.48 53.20
C THR B 124 -53.22 21.23 54.46
N LYS B 125 -52.27 21.90 55.09
CA LYS B 125 -52.61 22.69 56.28
C LYS B 125 -52.05 24.13 56.21
N GLY B 126 -52.95 25.11 56.17
CA GLY B 126 -52.54 26.50 56.28
C GLY B 126 -52.04 26.85 57.68
N PRO B 127 -50.98 27.69 57.77
CA PRO B 127 -50.20 27.99 58.98
C PRO B 127 -50.97 28.81 60.03
N SER B 128 -50.78 28.51 61.32
CA SER B 128 -51.41 29.34 62.33
C SER B 128 -50.55 30.58 62.42
N VAL B 129 -51.19 31.74 62.50
CA VAL B 129 -50.45 32.99 62.49
C VAL B 129 -50.57 33.76 63.83
N PHE B 130 -49.43 33.91 64.50
CA PHE B 130 -49.35 34.57 65.79
C PHE B 130 -48.32 35.69 65.66
N PRO B 131 -48.48 36.80 66.42
CA PRO B 131 -47.45 37.84 66.35
C PRO B 131 -46.33 37.59 67.38
N LEU B 132 -45.25 38.36 67.37
CA LEU B 132 -44.27 38.28 68.46
C LEU B 132 -43.72 39.64 68.89
N ALA B 133 -44.00 40.04 70.13
CA ALA B 133 -43.64 41.36 70.59
C ALA B 133 -43.20 41.26 72.04
N PRO B 134 -42.38 42.22 72.51
CA PRO B 134 -41.98 42.22 73.92
C PRO B 134 -42.81 43.22 74.71
N SER B 138 -39.05 46.51 78.09
CA SER B 138 -37.68 46.20 78.51
C SER B 138 -36.69 47.28 78.06
N THR B 139 -35.40 47.06 78.33
CA THR B 139 -34.36 48.07 78.10
C THR B 139 -34.44 48.66 76.68
N SER B 140 -34.50 49.98 76.56
CA SER B 140 -34.68 50.60 75.25
C SER B 140 -33.40 50.93 74.47
N GLY B 141 -33.27 50.33 73.27
CA GLY B 141 -32.13 50.55 72.41
C GLY B 141 -32.36 51.55 71.30
N ALA B 142 -31.60 51.42 70.21
CA ALA B 142 -31.76 52.26 69.04
C ALA B 142 -32.72 51.57 68.07
N THR B 143 -32.33 50.40 67.59
CA THR B 143 -33.20 49.66 66.69
C THR B 143 -33.95 48.53 67.43
N ALA B 144 -35.27 48.41 67.19
CA ALA B 144 -36.11 47.39 67.83
C ALA B 144 -36.32 46.15 66.96
N ALA B 145 -36.11 44.97 67.55
CA ALA B 145 -36.20 43.72 66.79
C ALA B 145 -37.47 42.92 67.15
N LEU B 146 -38.47 42.98 66.27
CA LEU B 146 -39.78 42.32 66.41
C LEU B 146 -39.82 40.95 65.74
N GLY B 147 -41.03 40.47 65.48
CA GLY B 147 -41.19 39.16 64.87
C GLY B 147 -42.60 38.65 64.58
N CYS B 148 -42.66 37.56 63.83
CA CYS B 148 -43.92 36.99 63.42
C CYS B 148 -43.82 35.48 63.49
N LEU B 149 -44.76 34.84 64.18
CA LEU B 149 -44.71 33.41 64.39
C LEU B 149 -45.73 32.74 63.50
N VAL B 150 -45.24 31.80 62.72
CA VAL B 150 -46.04 31.08 61.76
C VAL B 150 -45.92 29.68 62.28
N LYS B 151 -47.03 29.02 62.63
CA LYS B 151 -46.89 27.69 63.22
C LYS B 151 -47.78 26.59 62.67
N ASP B 152 -47.18 25.41 62.51
CA ASP B 152 -47.85 24.20 62.05
C ASP B 152 -48.51 24.32 60.66
N TYR B 153 -47.73 24.38 59.59
CA TYR B 153 -48.31 24.34 58.24
C TYR B 153 -47.76 23.25 57.30
N PHE B 154 -48.55 22.88 56.30
CA PHE B 154 -48.12 21.89 55.30
C PHE B 154 -48.71 22.10 53.88
N PRO B 155 -47.94 21.73 52.84
CA PRO B 155 -46.46 21.68 52.93
C PRO B 155 -45.61 22.92 52.65
N GLU B 156 -45.62 23.35 51.40
CA GLU B 156 -44.57 24.23 50.93
C GLU B 156 -44.95 25.04 49.71
N PRO B 157 -44.29 26.20 49.52
CA PRO B 157 -43.46 26.95 50.46
C PRO B 157 -44.32 27.87 51.30
N VAL B 158 -43.70 28.79 52.03
CA VAL B 158 -44.47 29.87 52.60
C VAL B 158 -43.73 31.18 52.45
N THR B 159 -44.48 32.27 52.44
CA THR B 159 -43.90 33.58 52.16
C THR B 159 -44.25 34.58 53.22
N VAL B 160 -43.25 35.08 53.95
CA VAL B 160 -43.54 36.10 54.94
C VAL B 160 -43.13 37.47 54.46
N SER B 161 -44.11 38.30 54.09
CA SER B 161 -43.78 39.65 53.65
C SER B 161 -44.23 40.61 54.72
N TRP B 162 -43.40 41.60 55.07
CA TRP B 162 -43.87 42.53 56.09
C TRP B 162 -44.49 43.69 55.38
N ASN B 163 -45.81 43.62 55.30
CA ASN B 163 -46.65 44.58 54.57
C ASN B 163 -46.08 45.07 53.25
N SER B 164 -45.51 44.18 52.43
CA SER B 164 -44.64 44.66 51.38
C SER B 164 -43.48 45.46 52.01
N GLY B 165 -43.67 46.78 52.09
CA GLY B 165 -42.59 47.74 52.27
C GLY B 165 -41.41 47.53 53.20
N ALA B 166 -41.56 47.18 54.48
CA ALA B 166 -40.31 47.15 55.23
C ALA B 166 -39.86 45.74 55.21
N LEU B 167 -39.26 45.38 54.06
CA LEU B 167 -38.59 44.10 53.87
C LEU B 167 -37.08 44.16 53.69
N THR B 168 -36.53 45.36 53.64
CA THR B 168 -35.09 45.48 53.80
C THR B 168 -34.84 45.03 55.24
N SER B 169 -33.60 44.65 55.55
CA SER B 169 -33.33 43.84 56.75
C SER B 169 -34.07 42.48 56.70
N SER B 170 -34.90 42.24 57.71
CA SER B 170 -35.94 41.22 57.68
C SER B 170 -35.52 39.81 57.27
N VAL B 171 -34.77 39.15 58.13
CA VAL B 171 -34.38 37.76 57.90
C VAL B 171 -35.59 36.82 58.12
N HIS B 172 -35.52 35.61 57.55
CA HIS B 172 -36.50 34.55 57.83
C HIS B 172 -35.84 33.23 58.19
N THR B 173 -36.67 32.23 58.48
CA THR B 173 -36.14 30.97 58.94
C THR B 173 -36.43 29.78 58.04
N PHE B 174 -35.88 28.66 58.46
CA PHE B 174 -35.92 27.46 57.69
C PHE B 174 -36.76 26.50 58.52
N PRO B 175 -37.98 26.22 58.04
CA PRO B 175 -38.93 25.48 58.86
C PRO B 175 -38.45 24.14 59.45
N ALA B 176 -38.64 23.98 60.74
CA ALA B 176 -38.54 22.65 61.29
C ALA B 176 -39.90 22.00 61.04
N VAL B 177 -39.93 20.67 60.95
CA VAL B 177 -41.20 19.95 60.99
C VAL B 177 -41.31 19.42 62.39
N LEU B 178 -42.14 20.07 63.22
CA LEU B 178 -42.26 19.65 64.59
C LEU B 178 -42.85 18.28 64.43
N GLN B 179 -42.33 17.32 65.17
CA GLN B 179 -42.18 15.94 64.68
C GLN B 179 -43.47 15.25 64.25
N SER B 180 -44.57 15.98 64.36
CA SER B 180 -45.78 15.62 63.67
C SER B 180 -45.48 15.40 62.18
N SER B 181 -46.15 14.40 61.60
CA SER B 181 -45.88 13.85 60.28
C SER B 181 -45.98 14.93 59.19
N GLY B 182 -46.25 16.14 59.66
CA GLY B 182 -46.32 17.32 58.82
C GLY B 182 -46.18 18.57 59.67
N LEU B 183 -46.63 19.68 59.09
CA LEU B 183 -46.75 20.93 59.81
C LEU B 183 -45.42 21.60 60.20
N TYR B 184 -44.76 22.19 59.20
CA TYR B 184 -43.58 23.03 59.38
C TYR B 184 -43.86 24.21 60.31
N SER B 185 -42.84 24.73 60.99
CA SER B 185 -43.01 26.01 61.67
C SER B 185 -41.83 26.99 61.56
N LEU B 186 -42.05 28.14 60.91
CA LEU B 186 -40.98 29.12 60.70
C LEU B 186 -41.24 30.44 61.41
N SER B 187 -40.14 31.15 61.68
CA SER B 187 -40.16 32.28 62.57
C SER B 187 -39.49 33.41 61.82
N SER B 188 -40.07 34.59 61.90
CA SER B 188 -39.58 35.73 61.13
C SER B 188 -39.48 36.93 62.04
N VAL B 189 -38.67 37.89 61.64
CA VAL B 189 -38.13 38.93 62.50
C VAL B 189 -37.89 40.21 61.69
N VAL B 190 -38.06 41.38 62.30
CA VAL B 190 -37.53 42.59 61.71
C VAL B 190 -36.37 43.09 62.56
N THR B 191 -35.72 44.15 62.10
CA THR B 191 -34.88 44.97 62.92
C THR B 191 -35.26 46.35 62.42
N VAL B 192 -35.76 47.20 63.29
CA VAL B 192 -36.34 48.45 62.83
C VAL B 192 -36.12 49.50 63.90
N PRO B 193 -36.00 50.78 63.51
CA PRO B 193 -35.84 51.88 64.47
C PRO B 193 -36.84 51.82 65.61
N SER B 194 -36.33 52.04 66.83
CA SER B 194 -37.14 52.03 68.04
C SER B 194 -38.34 52.94 67.85
N SER B 195 -38.10 54.00 67.09
CA SER B 195 -39.12 55.01 66.95
C SER B 195 -40.15 54.65 65.89
N SER B 196 -40.07 53.44 65.34
CA SER B 196 -41.12 52.99 64.42
C SER B 196 -42.19 52.08 65.01
N LEU B 197 -42.03 51.62 66.26
CA LEU B 197 -43.06 50.80 66.90
C LEU B 197 -43.56 51.41 68.22
N GLY B 198 -44.88 51.48 68.34
CA GLY B 198 -45.53 52.31 69.32
C GLY B 198 -45.99 53.55 68.57
N THR B 199 -45.65 53.58 67.28
CA THR B 199 -46.16 54.60 66.36
C THR B 199 -46.61 54.11 64.98
N GLN B 200 -45.64 53.65 64.20
CA GLN B 200 -45.87 53.20 62.83
C GLN B 200 -46.63 51.89 62.93
N THR B 201 -47.38 51.52 61.89
CA THR B 201 -48.05 50.23 61.85
C THR B 201 -47.15 49.21 61.20
N TYR B 202 -46.97 48.08 61.86
CA TYR B 202 -46.07 47.01 61.38
C TYR B 202 -46.81 45.68 61.36
N ILE B 203 -46.94 45.12 60.17
CA ILE B 203 -48.00 44.14 59.88
C ILE B 203 -47.63 42.66 59.79
N CYS B 204 -46.65 42.28 58.98
CA CYS B 204 -46.27 40.87 58.86
C CYS B 204 -47.28 39.96 58.16
N ASN B 205 -47.23 39.98 56.83
CA ASN B 205 -48.05 39.12 55.97
C ASN B 205 -47.42 37.80 55.57
N VAL B 206 -48.23 36.75 55.59
CA VAL B 206 -47.75 35.43 55.16
C VAL B 206 -48.68 34.80 54.14
N ASN B 207 -48.10 34.35 53.03
CA ASN B 207 -48.87 33.66 52.02
C ASN B 207 -48.44 32.22 51.98
N HIS B 208 -49.44 31.36 51.99
CA HIS B 208 -49.22 29.95 51.73
C HIS B 208 -50.14 29.71 50.53
N LYS B 209 -49.57 29.56 49.34
CA LYS B 209 -50.39 29.41 48.15
C LYS B 209 -51.16 28.08 47.97
N PRO B 210 -50.57 26.95 48.38
CA PRO B 210 -51.34 25.72 48.16
C PRO B 210 -52.66 25.66 48.92
N SER B 211 -52.66 26.00 50.21
CA SER B 211 -53.90 26.05 50.99
C SER B 211 -54.76 27.23 50.55
N ASN B 212 -54.20 28.02 49.63
CA ASN B 212 -54.84 29.18 49.02
C ASN B 212 -55.12 30.30 50.04
N THR B 213 -54.17 30.53 50.93
CA THR B 213 -54.35 31.50 51.99
C THR B 213 -53.16 32.45 52.12
N LYS B 214 -53.49 33.71 52.30
CA LYS B 214 -52.53 34.74 52.57
C LYS B 214 -53.16 35.57 53.67
N VAL B 215 -52.37 35.95 54.65
CA VAL B 215 -52.89 36.63 55.83
C VAL B 215 -51.81 37.47 56.50
N ASP B 216 -52.23 38.37 57.37
CA ASP B 216 -51.36 39.23 58.15
C ASP B 216 -52.15 39.70 59.32
N LYS B 217 -51.47 40.15 60.38
CA LYS B 217 -52.12 40.87 61.49
C LYS B 217 -51.10 41.77 62.18
N LYS B 218 -51.50 42.99 62.57
CA LYS B 218 -50.50 43.92 63.10
C LYS B 218 -49.89 43.30 64.33
N SER B 219 -48.57 43.33 64.42
CA SER B 219 -47.96 42.86 65.64
C SER B 219 -48.08 43.99 66.63
N CYS B 220 -48.84 43.72 67.70
CA CYS B 220 -49.33 44.72 68.63
C CYS B 220 -48.39 44.83 69.83
N ALA B 221 -48.12 46.07 70.26
CA ALA B 221 -47.30 46.37 71.45
C ALA B 221 -47.92 45.68 72.65
N ALA B 222 -47.09 45.20 73.58
CA ALA B 222 -47.61 44.62 74.81
C ALA B 222 -47.38 45.53 76.02
N ILE C 2 -23.97 6.65 33.52
CA ILE C 2 -24.74 7.83 33.93
C ILE C 2 -24.08 9.12 33.46
N GLN C 3 -22.78 9.08 33.16
CA GLN C 3 -22.06 10.28 32.74
C GLN C 3 -22.01 11.33 33.87
N MET C 4 -21.21 11.06 34.89
CA MET C 4 -21.33 11.88 36.11
C MET C 4 -20.12 12.75 36.47
N THR C 5 -20.39 13.98 36.91
CA THR C 5 -19.31 14.81 37.38
C THR C 5 -19.29 14.87 38.92
N GLN C 6 -18.22 15.42 39.50
CA GLN C 6 -18.10 15.59 40.96
C GLN C 6 -17.11 16.67 41.40
N SER C 7 -17.48 17.46 42.41
CA SER C 7 -16.79 18.72 42.72
C SER C 7 -15.67 18.57 43.78
N PRO C 8 -14.88 19.64 44.08
CA PRO C 8 -13.90 19.57 45.20
C PRO C 8 -14.58 20.11 46.45
N ALA C 9 -15.64 19.41 46.76
CA ALA C 9 -16.45 19.60 47.93
C ALA C 9 -16.72 21.07 48.22
N SER C 10 -16.72 21.35 49.51
CA SER C 10 -17.41 22.49 50.09
C SER C 10 -16.68 23.72 50.71
N LEU C 11 -15.38 23.85 50.51
CA LEU C 11 -14.52 24.66 51.38
C LEU C 11 -14.86 26.17 51.36
N ALA C 12 -14.11 26.96 52.12
CA ALA C 12 -14.55 28.31 52.50
C ALA C 12 -13.43 29.35 52.53
N VAL C 13 -13.78 30.60 52.26
CA VAL C 13 -12.80 31.65 52.05
C VAL C 13 -13.33 32.95 52.61
N SER C 14 -12.42 33.86 52.97
CA SER C 14 -12.78 35.20 53.46
C SER C 14 -13.52 35.90 52.33
N PRO C 15 -13.96 37.15 52.52
CA PRO C 15 -14.38 37.64 51.20
C PRO C 15 -13.17 38.25 50.55
N GLY C 16 -12.04 37.58 50.71
CA GLY C 16 -10.80 38.13 50.27
C GLY C 16 -10.66 38.04 48.77
N GLN C 17 -10.50 36.79 48.32
CA GLN C 17 -10.31 36.47 46.90
C GLN C 17 -10.41 34.98 46.56
N ARG C 18 -10.00 34.65 45.34
CA ARG C 18 -10.39 33.50 44.55
C ARG C 18 -10.41 32.13 45.23
N ALA C 19 -11.50 31.42 44.97
CA ALA C 19 -11.58 29.98 45.21
C ALA C 19 -11.90 29.29 43.89
N THR C 20 -11.73 27.97 43.86
CA THR C 20 -11.97 27.16 42.68
C THR C 20 -12.89 26.05 43.04
N ILE C 21 -14.09 26.08 42.53
CA ILE C 21 -14.84 24.86 42.49
C ILE C 21 -14.30 24.20 41.21
N THR C 22 -14.35 22.87 41.15
CA THR C 22 -13.81 22.10 40.04
C THR C 22 -14.69 20.91 39.68
N CYS C 23 -14.65 20.52 38.41
CA CYS C 23 -15.41 19.39 37.97
C CYS C 23 -14.51 18.30 37.43
N ARG C 24 -14.93 17.06 37.65
CA ARG C 24 -14.26 15.89 37.12
C ARG C 24 -15.31 15.05 36.40
N ALA C 25 -15.21 14.99 35.08
CA ALA C 25 -16.17 14.27 34.27
C ALA C 25 -15.61 12.88 33.97
N SER C 26 -16.46 11.87 34.02
CA SER C 26 -15.99 10.50 33.77
C SER C 26 -15.30 10.41 32.39
N GLU C 27 -16.10 10.48 31.32
CA GLU C 27 -15.56 10.43 29.96
C GLU C 27 -14.95 11.77 29.63
N SER C 28 -14.55 11.97 28.37
CA SER C 28 -14.19 13.30 27.94
C SER C 28 -15.38 13.97 27.28
N VAL C 29 -15.76 15.11 27.85
CA VAL C 29 -16.86 15.91 27.31
C VAL C 29 -16.38 16.94 26.29
N SER C 30 -15.10 16.92 25.97
CA SER C 30 -14.58 17.80 24.94
C SER C 30 -14.39 17.02 23.63
N ASN C 31 -14.58 17.68 22.48
CA ASN C 31 -14.20 17.10 21.19
C ASN C 31 -13.05 17.92 20.63
N TYR C 32 -13.38 19.13 20.21
CA TYR C 32 -12.70 20.37 20.63
C TYR C 32 -13.08 21.60 19.83
N GLY C 33 -12.73 22.76 20.38
CA GLY C 33 -13.32 24.03 19.99
C GLY C 33 -14.75 23.96 20.50
N ILE C 34 -14.95 23.02 21.41
CA ILE C 34 -16.26 22.63 21.85
C ILE C 34 -16.40 22.81 23.35
N ASN C 35 -15.84 21.85 24.07
CA ASN C 35 -16.14 21.54 25.48
C ASN C 35 -17.63 21.49 25.76
N PHE C 36 -17.99 21.49 27.01
CA PHE C 36 -19.41 21.28 27.36
C PHE C 36 -19.95 21.92 28.64
N ILE C 37 -19.25 21.64 29.73
CA ILE C 37 -19.61 22.00 31.08
C ILE C 37 -20.05 23.48 31.20
N ASN C 38 -21.19 23.68 31.83
CA ASN C 38 -21.79 25.00 31.93
C ASN C 38 -22.14 25.31 33.41
N TRP C 39 -21.45 26.27 34.01
CA TRP C 39 -21.56 26.42 35.46
C TRP C 39 -22.88 27.03 35.85
N PHE C 40 -23.51 26.50 36.90
CA PHE C 40 -24.69 27.16 37.46
C PHE C 40 -24.61 27.42 38.98
N GLN C 41 -25.05 28.62 39.37
CA GLN C 41 -25.12 29.01 40.78
C GLN C 41 -26.55 29.09 41.32
N GLN C 42 -26.78 28.53 42.49
CA GLN C 42 -28.08 28.63 43.13
C GLN C 42 -27.95 29.28 44.48
N LYS C 43 -28.80 30.28 44.72
CA LYS C 43 -28.80 31.05 45.96
C LYS C 43 -29.50 30.30 47.07
N PRO C 44 -28.77 30.00 48.18
CA PRO C 44 -29.13 28.87 49.05
C PRO C 44 -30.44 29.17 49.77
N GLY C 45 -31.51 28.74 49.09
CA GLY C 45 -32.87 29.19 49.34
C GLY C 45 -33.62 29.98 48.28
N GLN C 46 -33.22 29.90 47.01
CA GLN C 46 -34.03 30.31 45.81
C GLN C 46 -33.29 30.09 44.41
N PRO C 47 -33.93 30.37 43.23
CA PRO C 47 -33.65 29.71 41.92
C PRO C 47 -32.28 29.88 41.21
N PRO C 48 -31.91 28.96 40.26
CA PRO C 48 -30.67 28.83 39.47
C PRO C 48 -30.15 30.01 38.62
N LYS C 49 -28.83 30.04 38.42
CA LYS C 49 -28.16 31.06 37.61
C LYS C 49 -27.01 30.58 36.72
N LEU C 50 -27.12 30.87 35.43
CA LEU C 50 -26.05 30.65 34.46
C LEU C 50 -24.92 31.63 34.72
N LEU C 51 -23.70 31.13 34.90
CA LEU C 51 -22.54 32.03 35.03
C LEU C 51 -21.58 31.83 33.87
N ILE C 52 -20.89 30.71 33.91
CA ILE C 52 -19.94 30.29 32.90
C ILE C 52 -20.55 29.15 32.14
N TYR C 53 -20.48 29.19 30.83
CA TYR C 53 -20.91 28.06 29.99
C TYR C 53 -19.80 27.66 29.04
N THR C 54 -19.71 26.36 28.74
CA THR C 54 -18.59 25.85 27.94
C THR C 54 -17.22 26.24 28.53
N ALA C 55 -17.15 26.29 29.85
CA ALA C 55 -15.91 26.41 30.59
C ALA C 55 -15.24 27.78 30.56
N SER C 56 -15.57 28.58 29.57
CA SER C 56 -14.72 29.70 29.14
C SER C 56 -15.51 30.99 29.00
N ASN C 57 -16.57 30.91 28.22
CA ASN C 57 -17.41 32.05 27.89
C ASN C 57 -18.31 32.45 29.03
N LYS C 58 -18.10 33.69 29.47
CA LYS C 58 -18.78 34.27 30.62
C LYS C 58 -20.11 34.87 30.19
N GLY C 59 -21.19 34.40 30.82
CA GLY C 59 -22.53 34.77 30.38
C GLY C 59 -22.77 36.26 30.51
N THR C 60 -23.07 36.92 29.38
CA THR C 60 -23.34 38.34 29.42
C THR C 60 -24.49 38.54 30.35
N GLY C 61 -24.32 39.50 31.25
CA GLY C 61 -25.20 39.73 32.38
C GLY C 61 -24.61 39.27 33.69
N VAL C 62 -23.65 38.37 33.64
CA VAL C 62 -22.99 37.92 34.85
C VAL C 62 -21.78 38.83 35.17
N PRO C 63 -21.42 38.89 36.44
CA PRO C 63 -20.23 39.55 36.97
C PRO C 63 -18.98 39.19 36.22
N ALA C 64 -17.98 40.06 36.30
CA ALA C 64 -16.67 39.82 35.71
C ALA C 64 -15.81 38.86 36.55
N ARG C 65 -15.78 39.04 37.87
CA ARG C 65 -14.88 38.31 38.76
C ARG C 65 -14.84 36.80 38.45
N PHE C 66 -16.01 36.23 38.18
CA PHE C 66 -16.17 34.85 37.73
C PHE C 66 -15.31 34.51 36.47
N SER C 67 -14.56 33.41 36.54
CA SER C 67 -13.72 32.98 35.44
C SER C 67 -13.75 31.47 35.31
N GLY C 68 -13.53 30.93 34.13
CA GLY C 68 -13.31 29.49 34.06
C GLY C 68 -12.47 28.95 32.91
N SER C 69 -11.81 27.81 33.14
CA SER C 69 -10.98 27.15 32.14
C SER C 69 -10.64 25.71 32.54
N GLY C 70 -10.25 24.90 31.57
CA GLY C 70 -9.81 23.53 31.82
C GLY C 70 -9.81 22.87 30.45
N SER C 71 -9.16 21.73 30.27
CA SER C 71 -9.07 21.28 28.91
C SER C 71 -10.34 20.56 28.49
N GLY C 72 -10.41 19.23 28.58
CA GLY C 72 -11.68 18.52 28.46
C GLY C 72 -12.22 17.56 29.52
N THR C 73 -11.32 16.97 30.28
CA THR C 73 -11.71 15.95 31.27
C THR C 73 -12.11 16.54 32.61
N ASP C 74 -11.31 17.49 33.07
CA ASP C 74 -11.62 18.21 34.30
C ASP C 74 -11.77 19.71 34.05
N PHE C 75 -12.69 20.29 34.81
CA PHE C 75 -12.92 21.72 34.76
C PHE C 75 -12.82 22.41 36.11
N THR C 76 -12.67 23.74 36.07
CA THR C 76 -12.58 24.55 37.27
C THR C 76 -13.32 25.86 37.13
N LEU C 77 -14.12 26.22 38.14
CA LEU C 77 -14.74 27.54 38.21
C LEU C 77 -13.84 28.37 39.07
N THR C 78 -13.73 29.68 38.83
CA THR C 78 -13.00 30.54 39.78
C THR C 78 -13.55 31.96 39.94
N ILE C 79 -13.81 32.39 41.17
CA ILE C 79 -14.35 33.74 41.37
C ILE C 79 -13.34 34.59 42.10
N ASN C 80 -12.63 35.47 41.38
CA ASN C 80 -11.42 36.01 41.99
C ASN C 80 -11.61 36.98 43.16
N PRO C 81 -12.14 38.21 42.94
CA PRO C 81 -12.27 38.95 44.20
C PRO C 81 -13.52 38.51 44.90
N VAL C 82 -13.46 37.45 45.72
CA VAL C 82 -14.64 36.87 46.34
C VAL C 82 -15.47 37.95 47.03
N GLU C 83 -16.76 37.96 46.69
CA GLU C 83 -17.68 39.01 47.09
C GLU C 83 -18.62 38.43 48.13
N ALA C 84 -19.13 39.28 49.00
CA ALA C 84 -20.25 38.90 49.88
C ALA C 84 -21.43 38.35 49.04
N GLU C 85 -21.55 38.81 47.81
CA GLU C 85 -22.69 38.50 46.98
C GLU C 85 -22.68 37.08 46.43
N ASP C 86 -21.52 36.40 46.42
CA ASP C 86 -21.56 35.13 45.74
C ASP C 86 -22.21 34.08 46.67
N THR C 87 -21.40 33.39 47.47
CA THR C 87 -21.85 32.47 48.51
C THR C 87 -23.01 31.50 48.24
N ALA C 88 -23.20 31.04 47.00
CA ALA C 88 -24.38 30.21 46.80
C ALA C 88 -24.21 28.90 46.03
N ASN C 89 -24.07 27.77 46.75
CA ASN C 89 -24.35 26.45 46.19
C ASN C 89 -24.19 26.24 44.71
N TYR C 90 -22.95 26.19 44.20
CA TYR C 90 -22.72 26.13 42.74
C TYR C 90 -22.71 24.73 42.09
N PHE C 91 -23.38 24.57 40.96
CA PHE C 91 -23.37 23.27 40.27
C PHE C 91 -22.47 23.24 39.01
N CYS C 92 -22.44 22.10 38.34
CA CYS C 92 -21.54 21.83 37.21
C CYS C 92 -22.37 20.99 36.32
N GLN C 93 -22.35 21.22 35.02
CA GLN C 93 -23.57 20.87 34.30
C GLN C 93 -23.67 20.11 32.99
N GLN C 94 -24.48 19.07 33.06
CA GLN C 94 -25.12 18.40 31.92
C GLN C 94 -24.13 17.90 30.90
N THR C 95 -22.89 18.32 31.09
CA THR C 95 -21.81 17.75 30.34
C THR C 95 -22.10 17.95 28.84
N LYS C 96 -22.02 16.87 28.07
CA LYS C 96 -22.22 16.94 26.64
C LYS C 96 -23.70 17.06 26.39
N GLU C 97 -24.07 16.65 25.20
CA GLU C 97 -25.39 16.13 25.00
C GLU C 97 -25.25 14.60 25.00
N VAL C 98 -25.94 13.99 25.96
CA VAL C 98 -25.85 12.57 26.32
C VAL C 98 -27.00 12.44 27.37
N PRO C 99 -27.08 11.38 28.19
CA PRO C 99 -27.91 11.70 29.38
C PRO C 99 -27.38 12.89 30.22
N TYR C 100 -28.22 13.89 30.52
CA TYR C 100 -27.76 15.18 31.08
C TYR C 100 -27.71 15.16 32.58
N THR C 101 -26.55 15.47 33.13
CA THR C 101 -26.29 15.17 34.51
C THR C 101 -25.67 16.31 35.28
N PHE C 102 -26.27 16.61 36.43
CA PHE C 102 -25.90 17.72 37.30
C PHE C 102 -24.93 17.29 38.40
N GLY C 103 -23.72 17.83 38.38
CA GLY C 103 -22.66 17.40 39.29
C GLY C 103 -23.00 17.25 40.76
N GLY C 104 -23.81 18.15 41.31
CA GLY C 104 -24.20 18.10 42.73
C GLY C 104 -23.73 19.17 43.72
N GLY C 105 -22.79 20.02 43.36
CA GLY C 105 -22.61 21.22 44.15
C GLY C 105 -21.58 21.29 45.27
N THR C 106 -21.40 22.51 45.77
CA THR C 106 -20.34 22.95 46.67
C THR C 106 -20.96 24.10 47.47
N LYS C 107 -20.62 24.27 48.74
CA LYS C 107 -21.23 25.39 49.44
C LYS C 107 -20.62 26.80 49.25
N LEU C 108 -19.30 26.95 49.40
CA LEU C 108 -18.69 28.30 49.42
C LEU C 108 -19.12 29.21 50.57
N GLU C 109 -18.52 29.00 51.73
CA GLU C 109 -18.74 29.85 52.89
C GLU C 109 -17.77 31.05 52.97
N ILE C 110 -18.31 32.23 53.28
CA ILE C 110 -17.49 33.46 53.32
C ILE C 110 -17.16 33.96 54.74
N LYS C 111 -15.86 34.13 55.01
CA LYS C 111 -15.36 34.36 56.36
C LYS C 111 -15.19 35.83 56.75
N ARG C 112 -16.05 36.28 57.65
CA ARG C 112 -16.12 37.68 58.07
C ARG C 112 -15.45 37.81 59.44
N ALA C 113 -15.49 39.01 60.02
CA ALA C 113 -15.06 39.18 61.41
C ALA C 113 -16.00 38.42 62.36
N ASP C 114 -15.52 38.13 63.56
CA ASP C 114 -16.43 37.65 64.61
C ASP C 114 -17.48 38.71 64.96
N ALA C 115 -18.70 38.24 65.26
CA ALA C 115 -19.84 39.13 65.45
C ALA C 115 -20.80 38.67 66.51
N ALA C 116 -21.21 39.55 67.43
CA ALA C 116 -22.60 39.43 67.88
C ALA C 116 -22.71 38.18 68.77
N PRO C 117 -23.92 37.65 69.11
CA PRO C 117 -25.31 37.67 68.58
C PRO C 117 -26.20 38.93 68.50
N THR C 118 -26.46 39.70 69.53
CA THR C 118 -27.74 40.44 69.60
C THR C 118 -28.98 39.53 69.77
N VAL C 119 -29.16 39.04 70.99
CA VAL C 119 -30.31 38.24 71.38
C VAL C 119 -31.62 39.04 71.45
N SER C 120 -32.71 38.40 71.05
CA SER C 120 -34.05 38.92 71.26
C SER C 120 -34.88 37.77 71.80
N ILE C 121 -35.66 38.03 72.84
CA ILE C 121 -36.58 37.05 73.43
C ILE C 121 -37.98 37.44 72.99
N PHE C 122 -39.00 36.72 73.49
CA PHE C 122 -40.41 37.01 73.24
C PHE C 122 -41.25 36.08 74.07
N PRO C 123 -42.30 36.62 74.69
CA PRO C 123 -43.38 35.80 75.21
C PRO C 123 -44.28 35.38 74.05
N PRO C 124 -45.04 34.31 74.23
CA PRO C 124 -46.12 33.84 73.37
C PRO C 124 -47.27 34.81 73.28
N SER C 125 -47.97 34.81 72.16
CA SER C 125 -49.16 35.65 72.03
C SER C 125 -50.46 35.09 72.62
N SER C 126 -51.37 36.02 72.92
CA SER C 126 -52.68 35.72 73.50
C SER C 126 -53.40 34.60 72.74
N GLU C 127 -53.45 34.74 71.42
CA GLU C 127 -54.19 33.81 70.56
C GLU C 127 -53.56 32.43 70.43
N GLN C 128 -52.23 32.32 70.54
CA GLN C 128 -51.66 30.99 70.67
C GLN C 128 -52.22 30.37 71.94
N LEU C 129 -52.38 31.19 72.97
CA LEU C 129 -52.73 30.73 74.31
C LEU C 129 -54.20 30.40 74.48
N THR C 130 -55.04 30.92 73.62
CA THR C 130 -56.45 30.55 73.66
C THR C 130 -56.56 29.08 73.21
N SER C 131 -55.58 28.67 72.43
CA SER C 131 -55.58 27.37 71.80
C SER C 131 -54.73 26.34 72.55
N GLY C 132 -54.26 26.74 73.73
CA GLY C 132 -53.53 25.85 74.59
C GLY C 132 -52.06 25.88 74.23
N GLY C 133 -51.75 26.61 73.17
CA GLY C 133 -50.39 26.64 72.71
C GLY C 133 -49.62 27.50 73.66
N ALA C 134 -48.44 27.06 74.06
CA ALA C 134 -47.46 27.97 74.63
C ALA C 134 -46.09 27.73 74.04
N SER C 135 -45.59 28.68 73.28
CA SER C 135 -44.25 28.59 72.78
C SER C 135 -43.59 29.91 73.08
N VAL C 136 -42.26 29.86 73.30
CA VAL C 136 -41.45 31.04 73.55
C VAL C 136 -40.29 31.08 72.57
N VAL C 137 -40.18 32.20 71.88
CA VAL C 137 -39.26 32.41 70.78
C VAL C 137 -38.09 33.29 71.21
N CYS C 138 -36.87 32.86 70.94
CA CYS C 138 -35.73 33.72 71.23
C CYS C 138 -34.81 33.78 70.01
N PHE C 139 -34.76 34.94 69.35
CA PHE C 139 -33.97 35.06 68.12
C PHE C 139 -32.52 35.28 68.49
N LEU C 140 -31.60 34.75 67.70
CA LEU C 140 -30.16 35.04 67.86
C LEU C 140 -29.41 35.99 66.90
N ASN C 141 -30.09 36.69 65.99
CA ASN C 141 -29.53 37.09 64.67
C ASN C 141 -28.18 37.77 64.58
N ASN C 142 -27.52 37.58 63.44
CA ASN C 142 -26.28 38.27 63.01
C ASN C 142 -24.94 37.95 63.65
N PHE C 143 -24.75 36.68 64.00
CA PHE C 143 -23.50 36.27 64.64
C PHE C 143 -22.40 35.88 63.67
N TYR C 144 -21.33 35.31 64.21
CA TYR C 144 -20.34 34.59 63.42
C TYR C 144 -19.25 34.00 64.33
N PRO C 145 -19.02 32.67 64.27
CA PRO C 145 -19.57 31.50 63.53
C PRO C 145 -20.98 31.17 64.00
N LYS C 146 -21.49 29.96 63.74
CA LYS C 146 -22.65 29.50 64.52
C LYS C 146 -22.29 29.08 65.98
N ILE C 147 -23.34 28.77 66.76
CA ILE C 147 -23.47 29.18 68.17
C ILE C 147 -24.07 28.12 69.12
N ASN C 148 -23.79 28.21 70.41
CA ASN C 148 -24.49 27.34 71.37
C ASN C 148 -25.57 28.05 72.21
N VAL C 149 -26.79 27.50 72.16
CA VAL C 149 -27.95 28.09 72.81
C VAL C 149 -28.48 27.16 73.90
N LYS C 150 -28.85 27.75 75.03
CA LYS C 150 -29.54 26.99 76.08
C LYS C 150 -30.61 27.85 76.77
N TRP C 151 -31.58 27.17 77.40
CA TRP C 151 -32.62 27.87 78.14
C TRP C 151 -32.44 27.73 79.67
N LYS C 152 -32.76 28.80 80.42
CA LYS C 152 -32.84 28.72 81.88
C LYS C 152 -34.27 28.95 82.39
N ILE C 153 -34.95 27.87 82.76
CA ILE C 153 -36.27 27.97 83.39
C ILE C 153 -36.08 27.83 84.88
N ASP C 154 -34.81 27.78 85.27
CA ASP C 154 -34.36 27.60 86.66
C ASP C 154 -34.91 26.34 87.29
N GLY C 155 -35.35 25.41 86.45
CA GLY C 155 -35.81 24.12 86.90
C GLY C 155 -34.79 23.05 86.55
N SER C 156 -34.94 21.86 87.12
CA SER C 156 -34.14 20.73 86.70
C SER C 156 -35.05 19.69 86.04
N GLU C 157 -34.96 19.65 84.71
CA GLU C 157 -35.61 18.66 83.85
C GLU C 157 -34.45 18.25 82.95
N ARG C 158 -34.69 17.40 81.94
CA ARG C 158 -33.52 16.75 81.32
C ARG C 158 -32.46 17.71 80.75
N GLN C 159 -32.67 18.28 79.57
CA GLN C 159 -32.01 19.51 79.17
C GLN C 159 -32.86 20.77 78.97
N ASN C 160 -34.16 20.71 79.30
CA ASN C 160 -35.17 21.54 78.62
C ASN C 160 -35.38 21.06 77.19
N GLY C 161 -36.31 20.10 77.03
CA GLY C 161 -36.53 19.39 75.79
C GLY C 161 -37.18 20.31 74.77
N VAL C 162 -38.08 19.81 73.94
CA VAL C 162 -38.67 20.57 72.81
C VAL C 162 -37.71 21.02 71.68
N LEU C 163 -37.39 20.09 70.79
CA LEU C 163 -36.58 20.35 69.59
C LEU C 163 -37.07 21.57 68.81
N ASN C 164 -36.12 22.42 68.42
CA ASN C 164 -36.41 23.77 67.99
C ASN C 164 -35.71 24.21 66.70
N SER C 165 -34.38 24.24 66.76
CA SER C 165 -33.55 25.11 65.92
C SER C 165 -33.64 24.88 64.41
N TRP C 166 -33.24 25.93 63.68
CA TRP C 166 -32.94 25.92 62.24
C TRP C 166 -32.55 27.37 61.88
N THR C 167 -31.85 27.54 60.75
CA THR C 167 -31.07 28.76 60.49
C THR C 167 -30.86 28.96 59.00
N ASP C 168 -30.03 29.95 58.65
CA ASP C 168 -29.78 30.39 57.28
C ASP C 168 -28.29 30.57 56.98
N GLN C 169 -28.02 31.22 55.84
CA GLN C 169 -26.75 31.89 55.57
C GLN C 169 -27.12 33.26 55.00
N ASP C 170 -26.23 34.24 55.04
CA ASP C 170 -26.62 35.55 54.58
C ASP C 170 -25.71 36.14 53.52
N SER C 171 -26.33 36.81 52.56
CA SER C 171 -25.60 37.55 51.56
C SER C 171 -24.61 38.48 52.25
N LYS C 172 -25.03 39.17 53.32
CA LYS C 172 -24.05 39.94 54.09
C LYS C 172 -23.46 39.57 55.48
N ASP C 173 -23.95 38.59 56.27
CA ASP C 173 -23.07 38.09 57.35
C ASP C 173 -22.88 36.58 57.76
N SER C 174 -23.49 36.13 58.86
CA SER C 174 -23.83 34.73 59.24
C SER C 174 -25.30 34.30 59.57
N THR C 175 -26.28 35.16 59.33
CA THR C 175 -27.44 35.39 60.23
C THR C 175 -28.21 34.27 60.97
N TYR C 176 -28.75 34.70 62.16
CA TYR C 176 -30.06 34.28 62.71
C TYR C 176 -30.41 32.84 63.13
N SER C 177 -29.91 32.42 64.28
CA SER C 177 -30.37 31.15 64.87
C SER C 177 -31.76 31.26 65.47
N MET C 178 -32.69 30.43 65.02
CA MET C 178 -33.99 30.38 65.67
C MET C 178 -33.99 29.28 66.71
N SER C 179 -34.40 29.59 67.94
CA SER C 179 -34.64 28.58 69.00
C SER C 179 -35.84 28.91 69.85
N SER C 180 -36.74 27.94 69.99
CA SER C 180 -38.02 28.14 70.66
C SER C 180 -38.39 27.01 71.60
N THR C 181 -38.95 27.36 72.76
CA THR C 181 -39.48 26.35 73.68
C THR C 181 -40.98 26.24 73.44
N LEU C 182 -41.54 25.03 73.55
CA LEU C 182 -42.97 24.85 73.28
C LEU C 182 -43.76 23.94 74.24
N THR C 183 -44.75 24.54 74.91
CA THR C 183 -45.53 23.89 75.99
C THR C 183 -47.02 24.28 75.96
N LEU C 184 -47.74 24.00 77.05
CA LEU C 184 -49.21 24.13 77.07
C LEU C 184 -49.86 25.20 78.01
N ASP C 185 -50.89 25.87 77.49
CA ASP C 185 -51.82 26.77 78.23
C ASP C 185 -51.24 27.75 79.25
N GLU C 186 -51.89 27.81 80.42
CA GLU C 186 -51.46 28.70 81.53
C GLU C 186 -50.34 27.99 82.29
N TYR C 187 -49.95 26.84 81.75
CA TYR C 187 -48.91 26.00 82.31
C TYR C 187 -47.61 26.71 82.06
N GLU C 188 -46.55 25.90 81.93
CA GLU C 188 -45.17 26.21 82.28
C GLU C 188 -45.03 26.32 83.81
N ARG C 189 -44.07 27.09 84.32
CA ARG C 189 -43.89 27.13 85.78
C ARG C 189 -43.91 28.54 86.36
N HIS C 190 -42.77 29.19 86.23
CA HIS C 190 -42.51 30.51 86.76
C HIS C 190 -43.09 31.41 85.71
N ASN C 191 -42.76 32.69 85.75
CA ASN C 191 -42.44 33.30 84.50
C ASN C 191 -40.95 33.43 84.71
N SER C 192 -40.23 32.41 84.31
CA SER C 192 -38.79 32.48 84.09
C SER C 192 -38.32 31.51 82.98
N TYR C 193 -37.92 32.04 81.83
CA TYR C 193 -37.22 31.25 80.81
C TYR C 193 -36.11 32.10 80.19
N THR C 194 -34.86 31.69 80.34
CA THR C 194 -33.75 32.57 80.02
C THR C 194 -32.78 31.97 79.00
N CYS C 195 -32.62 32.67 77.87
CA CYS C 195 -31.67 32.23 76.87
C CYS C 195 -30.29 32.58 77.40
N GLU C 196 -29.47 31.57 77.65
CA GLU C 196 -28.07 31.85 77.75
C GLU C 196 -27.58 31.56 76.34
N ALA C 197 -27.27 32.60 75.58
CA ALA C 197 -26.74 32.40 74.25
C ALA C 197 -25.24 32.50 74.35
N THR C 198 -24.56 31.37 74.17
CA THR C 198 -23.11 31.39 74.26
C THR C 198 -22.53 31.11 72.89
N HIS C 199 -21.38 31.73 72.66
CA HIS C 199 -20.77 31.86 71.34
C HIS C 199 -19.30 32.08 71.61
N LYS C 200 -18.57 32.70 70.69
CA LYS C 200 -17.34 33.24 71.19
C LYS C 200 -17.77 34.60 71.73
N THR C 201 -18.05 34.56 73.03
CA THR C 201 -18.39 35.65 73.95
C THR C 201 -18.18 34.91 75.27
N SER C 202 -18.06 35.59 76.40
CA SER C 202 -18.07 34.84 77.68
C SER C 202 -19.46 34.82 78.34
N THR C 203 -20.43 35.46 77.69
CA THR C 203 -21.85 35.34 78.02
C THR C 203 -22.71 36.20 77.09
N SER C 204 -23.99 35.85 76.95
CA SER C 204 -25.03 36.76 76.46
C SER C 204 -26.41 36.50 77.07
N PRO C 205 -26.61 36.86 78.35
CA PRO C 205 -27.89 36.61 79.03
C PRO C 205 -29.04 37.53 78.57
N ILE C 206 -30.21 36.97 78.30
CA ILE C 206 -31.41 37.80 78.15
C ILE C 206 -32.60 37.19 78.91
N VAL C 207 -32.99 37.90 79.97
CA VAL C 207 -34.01 37.44 80.93
C VAL C 207 -35.44 37.67 80.47
N LYS C 208 -36.34 36.84 80.99
CA LYS C 208 -37.62 36.56 80.35
C LYS C 208 -38.70 37.60 80.60
N SER C 209 -39.38 37.43 81.72
CA SER C 209 -39.98 38.46 82.55
C SER C 209 -40.82 37.72 83.58
N PHE C 210 -41.08 38.36 84.71
CA PHE C 210 -41.97 37.84 85.74
C PHE C 210 -43.31 38.55 85.73
N ASN C 211 -43.44 39.56 84.87
CA ASN C 211 -44.53 40.53 84.95
C ASN C 211 -45.80 40.19 84.16
N PRO D 58 41.11 35.44 6.91
CA PRO D 58 41.55 34.10 6.53
C PRO D 58 41.44 33.09 7.68
N LEU D 59 40.20 32.75 8.07
CA LEU D 59 39.97 31.90 9.24
C LEU D 59 40.79 30.64 9.16
N HIS D 60 41.41 30.31 10.26
CA HIS D 60 42.35 29.23 10.31
C HIS D 60 41.84 28.28 11.37
N LEU D 61 41.65 27.03 10.98
CA LEU D 61 41.13 26.02 11.89
C LEU D 61 42.31 25.27 12.53
N GLY D 62 42.39 25.14 13.86
CA GLY D 62 43.48 24.32 14.39
C GLY D 62 43.28 22.84 14.75
N LYS D 63 42.07 22.46 15.14
CA LYS D 63 41.83 21.06 15.50
C LYS D 63 41.23 20.16 14.40
N CYS D 64 40.77 20.75 13.30
CA CYS D 64 40.02 19.97 12.30
C CYS D 64 39.64 20.59 10.93
N ASN D 65 38.99 19.76 10.11
N ASN D 65 38.99 19.76 10.12
CA ASN D 65 38.56 20.16 8.78
CA ASN D 65 38.55 20.16 8.79
C ASN D 65 37.29 21.01 8.84
C ASN D 65 37.28 21.01 8.85
N ILE D 66 37.05 21.79 7.79
CA ILE D 66 35.84 22.61 7.67
C ILE D 66 34.62 21.72 7.93
N ALA D 67 34.75 20.45 7.54
CA ALA D 67 33.69 19.48 7.65
C ALA D 67 33.10 19.49 9.04
N GLY D 68 33.89 19.02 10.00
CA GLY D 68 33.45 18.79 11.36
C GLY D 68 33.18 20.07 12.12
N TRP D 69 34.00 21.07 11.80
CA TRP D 69 33.86 22.43 12.31
C TRP D 69 32.46 22.91 12.15
N ILE D 70 32.02 23.05 10.91
CA ILE D 70 30.71 23.58 10.62
C ILE D 70 29.64 22.61 11.07
N LEU D 71 30.03 21.35 11.26
CA LEU D 71 29.10 20.33 11.77
C LEU D 71 29.14 20.29 13.27
N GLY D 72 30.16 20.90 13.84
CA GLY D 72 30.29 20.94 15.28
C GLY D 72 30.74 19.60 15.79
N ASN D 73 31.75 19.04 15.11
CA ASN D 73 32.42 17.87 15.60
C ASN D 73 32.88 18.17 17.03
N PRO D 74 32.58 17.25 17.96
CA PRO D 74 33.02 17.33 19.34
C PRO D 74 34.51 17.70 19.46
N GLU D 75 35.29 17.12 18.56
CA GLU D 75 36.71 17.43 18.42
C GLU D 75 36.94 18.94 18.45
N CYS D 76 36.46 19.64 17.42
CA CYS D 76 36.88 21.01 17.16
C CYS D 76 36.78 21.94 18.35
N GLU D 77 35.55 22.29 18.72
CA GLU D 77 35.25 23.40 19.64
C GLU D 77 36.14 24.59 19.28
N SER D 78 36.79 25.17 20.27
CA SER D 78 37.87 26.13 19.99
C SER D 78 37.48 27.31 19.09
N LEU D 79 38.04 27.32 17.89
CA LEU D 79 37.97 28.39 16.89
C LEU D 79 38.60 29.74 17.27
N SER D 80 37.90 30.84 17.01
CA SER D 80 38.50 32.17 16.96
C SER D 80 37.45 33.23 16.98
N THR D 81 37.89 34.50 16.95
CA THR D 81 36.94 35.60 16.91
C THR D 81 37.06 36.37 15.58
N ALA D 82 36.11 36.15 14.68
CA ALA D 82 36.16 36.82 13.38
C ALA D 82 34.85 37.43 12.86
N SER D 83 33.91 36.56 12.47
CA SER D 83 32.73 36.96 11.70
C SER D 83 33.14 37.42 10.28
N SER D 84 34.46 37.44 10.04
CA SER D 84 35.09 37.94 8.83
C SER D 84 36.29 37.10 8.34
N TRP D 85 36.31 36.69 7.07
CA TRP D 85 37.53 36.04 6.56
C TRP D 85 37.89 36.25 5.07
N SER D 86 39.16 36.00 4.76
CA SER D 86 39.63 35.99 3.38
C SER D 86 39.29 34.66 2.71
N TYR D 87 39.57 33.56 3.42
CA TYR D 87 39.50 32.20 2.92
C TYR D 87 39.86 31.25 4.04
N ILE D 88 39.76 29.96 3.79
CA ILE D 88 39.81 29.00 4.89
C ILE D 88 41.04 28.09 4.87
N VAL D 89 41.94 28.28 5.83
CA VAL D 89 43.07 27.39 5.98
C VAL D 89 42.71 26.30 6.98
N GLU D 90 42.55 25.09 6.48
CA GLU D 90 42.22 23.97 7.33
C GLU D 90 43.44 23.47 8.11
N THR D 91 43.18 22.72 9.17
CA THR D 91 44.17 21.81 9.72
C THR D 91 43.65 20.40 9.62
N SER D 92 44.57 19.45 9.65
CA SER D 92 44.34 18.19 8.98
C SER D 92 43.68 17.11 9.82
N SER D 93 42.46 16.80 9.45
CA SER D 93 41.90 15.50 9.70
C SER D 93 41.62 15.04 8.27
N SER D 94 42.37 14.05 7.80
CA SER D 94 42.30 13.58 6.42
C SER D 94 41.79 12.14 6.43
N ASP D 95 42.58 11.29 7.06
CA ASP D 95 42.21 9.93 7.43
C ASP D 95 40.93 9.92 8.31
N ASN D 96 40.97 10.67 9.42
CA ASN D 96 39.95 10.63 10.46
C ASN D 96 38.86 11.69 10.39
N GLY D 97 38.92 12.52 9.35
CA GLY D 97 37.96 13.61 9.19
C GLY D 97 36.51 13.24 8.86
N THR D 98 36.27 11.94 8.66
CA THR D 98 34.95 11.44 8.25
C THR D 98 33.97 11.52 9.41
N CYS D 99 34.51 11.20 10.59
CA CYS D 99 33.74 10.96 11.83
C CYS D 99 32.76 9.81 11.69
N TYR D 100 31.46 10.10 11.90
CA TYR D 100 30.42 9.15 11.56
C TYR D 100 30.19 9.19 10.07
N PRO D 101 30.50 8.06 9.41
CA PRO D 101 30.65 7.88 7.97
C PRO D 101 29.52 8.41 7.11
N GLY D 102 29.95 9.06 6.03
CA GLY D 102 29.10 9.57 4.96
C GLY D 102 29.95 10.57 4.19
N ASP D 103 29.31 11.48 3.47
CA ASP D 103 30.03 12.63 2.94
C ASP D 103 29.18 13.87 2.84
N PHE D 104 29.86 14.99 2.75
CA PHE D 104 29.22 16.26 2.54
C PHE D 104 28.84 16.52 1.08
N ILE D 105 27.55 16.70 0.86
CA ILE D 105 27.07 17.13 -0.44
C ILE D 105 27.39 18.61 -0.67
N ASP D 106 27.78 18.94 -1.90
CA ASP D 106 28.17 20.30 -2.29
C ASP D 106 29.28 20.80 -1.41
N TYR D 107 30.11 19.91 -0.89
CA TYR D 107 31.20 20.34 -0.03
C TYR D 107 32.01 21.49 -0.63
N GLU D 108 32.39 21.36 -1.89
CA GLU D 108 33.24 22.37 -2.47
C GLU D 108 32.48 23.68 -2.80
N GLU D 109 31.19 23.58 -3.13
CA GLU D 109 30.37 24.77 -3.39
C GLU D 109 30.18 25.42 -2.05
N LEU D 110 29.94 24.58 -1.05
CA LEU D 110 29.85 25.00 0.32
C LEU D 110 31.16 25.60 0.77
N ARG D 111 32.28 25.16 0.18
CA ARG D 111 33.56 25.71 0.57
C ARG D 111 33.63 27.10 -0.03
N GLU D 112 33.04 27.25 -1.22
CA GLU D 112 32.95 28.53 -1.92
C GLU D 112 32.23 29.58 -1.07
N GLN D 113 30.95 29.32 -0.84
CA GLN D 113 30.06 30.20 -0.08
C GLN D 113 30.63 30.63 1.29
N LEU D 114 31.49 29.80 1.86
CA LEU D 114 32.12 30.09 3.14
C LEU D 114 33.43 30.87 2.99
N SER D 115 33.75 31.29 1.76
CA SER D 115 35.06 31.89 1.45
C SER D 115 35.26 33.32 1.98
N SER D 116 34.49 34.28 1.46
CA SER D 116 34.63 35.65 1.91
C SER D 116 33.36 36.01 2.62
N VAL D 117 33.41 36.21 3.94
CA VAL D 117 32.20 36.58 4.66
C VAL D 117 32.33 37.84 5.49
N SER D 118 31.44 38.80 5.27
CA SER D 118 31.48 40.05 6.03
C SER D 118 30.95 39.81 7.42
N SER D 119 29.82 39.12 7.47
CA SER D 119 29.21 38.71 8.73
C SER D 119 29.10 37.21 8.77
N PHE D 120 29.40 36.64 9.93
CA PHE D 120 29.09 35.24 10.22
C PHE D 120 28.60 35.13 11.66
N GLU D 121 27.39 34.62 11.84
CA GLU D 121 26.77 34.61 13.15
C GLU D 121 26.06 33.30 13.48
N ARG D 122 26.51 32.57 14.50
CA ARG D 122 25.82 31.32 14.84
C ARG D 122 24.59 31.57 15.68
N PHE D 123 23.56 30.77 15.45
CA PHE D 123 22.32 30.87 16.23
C PHE D 123 21.58 29.54 16.33
N GLU D 124 20.46 29.53 17.06
CA GLU D 124 19.75 28.29 17.32
C GLU D 124 18.46 28.37 16.56
N ILE D 125 18.41 27.62 15.47
CA ILE D 125 17.27 27.61 14.55
C ILE D 125 16.14 26.68 15.01
N PHE D 126 16.52 25.61 15.69
CA PHE D 126 15.56 24.65 16.21
C PHE D 126 15.96 24.13 17.59
N PRO D 127 15.59 24.84 18.67
CA PRO D 127 16.10 24.42 19.98
C PRO D 127 15.83 22.96 20.25
N LYS D 128 16.90 22.26 20.60
CA LYS D 128 16.95 20.82 20.59
C LYS D 128 15.74 20.34 21.30
N THR D 129 15.77 20.54 22.60
CA THR D 129 14.83 19.93 23.51
C THR D 129 13.39 20.13 23.07
N SER D 130 13.01 21.37 22.86
CA SER D 130 11.61 21.69 22.71
C SER D 130 11.08 21.88 21.26
N SER D 131 11.95 21.86 20.25
CA SER D 131 11.44 21.97 18.87
C SER D 131 10.69 20.69 18.47
N TRP D 132 10.94 19.62 19.22
CA TRP D 132 10.50 18.29 18.87
C TRP D 132 9.75 17.58 20.01
N PRO D 133 8.46 17.89 20.15
CA PRO D 133 7.55 17.30 21.13
C PRO D 133 7.21 15.83 20.94
N ASN D 134 7.03 15.41 19.70
CA ASN D 134 6.52 14.07 19.44
C ASN D 134 7.61 13.05 19.18
N HIS D 135 8.87 13.50 19.18
CA HIS D 135 10.00 12.59 18.99
C HIS D 135 11.03 12.80 20.10
N ASP D 136 12.16 12.12 20.01
CA ASP D 136 13.08 12.00 21.13
C ASP D 136 14.40 12.72 20.92
N SER D 137 14.57 13.83 21.63
CA SER D 137 15.80 14.61 21.57
C SER D 137 17.10 13.89 22.00
N ASN D 138 17.23 13.50 23.27
CA ASN D 138 18.54 13.10 23.83
C ASN D 138 18.93 11.60 23.74
N LYS D 139 18.10 10.82 23.06
CA LYS D 139 18.38 9.41 22.79
C LYS D 139 19.26 9.25 21.52
N GLY D 140 19.73 10.39 21.01
CA GLY D 140 20.44 10.51 19.75
C GLY D 140 21.97 10.37 19.63
N VAL D 141 22.64 9.62 20.52
CA VAL D 141 24.12 9.66 20.55
C VAL D 141 24.87 8.53 19.86
N THR D 142 26.21 8.65 19.85
CA THR D 142 27.12 7.66 19.26
C THR D 142 28.52 7.71 19.82
N ALA D 143 29.21 6.57 19.71
CA ALA D 143 30.61 6.39 20.11
C ALA D 143 31.56 6.62 18.93
N ALA D 144 31.02 7.06 17.80
CA ALA D 144 31.83 7.44 16.65
C ALA D 144 32.51 8.76 16.98
N CYS D 145 31.73 9.82 17.20
CA CYS D 145 32.28 11.05 17.77
C CYS D 145 32.08 11.07 19.30
N PRO D 146 33.16 10.81 20.07
CA PRO D 146 33.01 11.10 21.50
C PRO D 146 33.52 12.49 21.84
N HIS D 147 33.30 12.90 23.10
CA HIS D 147 33.98 14.04 23.71
C HIS D 147 34.28 13.70 25.16
N ALA D 148 35.57 13.72 25.52
CA ALA D 148 36.04 13.26 26.84
C ALA D 148 35.35 11.94 27.27
N GLY D 149 35.55 10.90 26.48
CA GLY D 149 35.14 9.55 26.83
C GLY D 149 33.64 9.39 26.62
N ALA D 150 32.94 10.52 26.57
CA ALA D 150 31.50 10.46 26.56
C ALA D 150 30.99 10.29 25.12
N LYS D 151 29.94 9.52 24.92
CA LYS D 151 29.59 9.34 23.55
C LYS D 151 28.62 10.47 23.34
N SER D 152 29.12 11.50 22.68
CA SER D 152 28.36 12.65 22.23
C SER D 152 28.06 12.50 20.74
N PHE D 153 27.58 13.57 20.12
CA PHE D 153 27.32 13.59 18.68
C PHE D 153 27.79 14.96 18.07
N TYR D 154 27.53 15.23 16.79
CA TYR D 154 27.88 16.49 16.14
C TYR D 154 27.11 17.61 16.85
N LYS D 155 27.57 18.85 16.67
CA LYS D 155 26.94 19.95 17.39
C LYS D 155 25.65 20.52 16.76
N ASN D 156 25.71 21.24 15.65
CA ASN D 156 24.52 21.95 15.17
C ASN D 156 23.32 21.05 15.00
N LEU D 157 23.57 19.74 14.99
CA LEU D 157 22.53 18.78 14.74
C LEU D 157 22.24 18.01 15.99
N ILE D 158 20.97 17.99 16.36
CA ILE D 158 20.43 16.92 17.16
C ILE D 158 20.37 15.76 16.19
N TRP D 159 20.44 14.54 16.70
CA TRP D 159 20.18 13.36 15.88
C TRP D 159 18.91 12.71 16.42
N LEU D 160 17.82 12.86 15.70
CA LEU D 160 16.50 12.60 16.26
C LEU D 160 16.07 11.16 16.00
N VAL D 161 15.75 10.39 17.03
CA VAL D 161 15.32 9.02 16.77
C VAL D 161 13.94 8.51 17.26
N LYS D 162 13.83 8.15 18.53
CA LYS D 162 12.63 7.43 18.96
C LYS D 162 12.11 7.66 20.39
N LYS D 163 10.83 7.98 20.54
CA LYS D 163 10.23 7.90 21.87
C LYS D 163 8.81 7.30 21.84
N GLY D 164 8.61 6.23 22.59
CA GLY D 164 7.27 5.66 22.72
C GLY D 164 6.92 4.61 21.68
N ASN D 165 7.94 4.07 21.00
CA ASN D 165 7.83 2.98 20.01
C ASN D 165 6.92 3.39 18.84
N SER D 166 6.72 4.69 18.71
CA SER D 166 5.99 5.26 17.58
C SER D 166 6.72 6.51 17.15
N TYR D 167 7.18 6.54 15.91
CA TYR D 167 7.74 7.76 15.34
C TYR D 167 6.75 8.19 14.27
N PRO D 168 6.00 9.24 14.53
CA PRO D 168 4.96 9.77 13.63
C PRO D 168 5.44 10.88 12.69
N LYS D 169 4.52 11.37 11.86
CA LYS D 169 4.88 12.30 10.82
C LYS D 169 5.27 13.67 11.37
N LEU D 170 6.50 14.04 11.05
CA LEU D 170 7.12 15.25 11.52
C LEU D 170 6.88 16.27 10.44
N SER D 171 6.49 17.49 10.77
CA SER D 171 6.76 18.64 9.89
C SER D 171 7.15 19.88 10.65
N LYS D 172 8.36 20.38 10.48
CA LYS D 172 8.74 21.63 11.16
C LYS D 172 9.25 22.63 10.13
N SER D 173 9.11 23.92 10.42
CA SER D 173 9.35 25.01 9.48
C SER D 173 10.19 26.14 10.09
N TYR D 174 10.91 26.86 9.24
CA TYR D 174 11.58 28.12 9.61
C TYR D 174 11.49 29.18 8.52
N ILE D 175 10.97 30.36 8.84
CA ILE D 175 11.07 31.51 7.94
C ILE D 175 12.13 32.52 8.42
N ASN D 176 12.97 33.04 7.52
CA ASN D 176 13.92 34.07 7.95
C ASN D 176 13.17 35.40 8.13
N ASP D 177 13.83 36.42 8.67
CA ASP D 177 13.22 37.74 8.67
C ASP D 177 14.13 38.84 8.09
N LYS D 178 15.04 39.32 8.95
CA LYS D 178 16.14 40.20 8.58
C LYS D 178 17.23 39.39 7.93
N GLY D 179 18.16 40.06 7.25
CA GLY D 179 19.10 39.43 6.35
C GLY D 179 20.21 38.69 7.07
N LYS D 180 21.38 38.64 6.43
CA LYS D 180 22.44 37.67 6.68
C LYS D 180 22.16 36.24 6.21
N GLU D 181 21.32 36.09 5.18
CA GLU D 181 21.42 34.95 4.22
C GLU D 181 21.74 33.59 4.89
N VAL D 182 20.82 33.06 5.69
CA VAL D 182 21.20 31.97 6.61
C VAL D 182 21.41 30.58 5.98
N LEU D 183 22.56 29.99 6.28
CA LEU D 183 22.89 28.64 5.83
C LEU D 183 22.51 27.59 6.91
N VAL D 184 21.47 26.82 6.64
CA VAL D 184 21.07 25.73 7.52
C VAL D 184 21.65 24.43 7.00
N LEU D 185 22.18 23.62 7.91
CA LEU D 185 22.75 22.31 7.59
C LEU D 185 21.88 21.26 8.22
N TRP D 186 21.92 20.04 7.67
CA TRP D 186 21.27 18.87 8.27
C TRP D 186 21.94 17.59 7.87
N GLY D 187 21.29 16.47 8.17
CA GLY D 187 21.86 15.16 7.91
C GLY D 187 20.82 14.08 7.70
N ILE D 188 21.20 13.02 6.99
CA ILE D 188 20.29 11.93 6.68
C ILE D 188 20.96 10.62 6.99
N HIS D 189 20.35 9.89 7.93
CA HIS D 189 20.96 8.68 8.44
C HIS D 189 20.56 7.50 7.61
N HIS D 190 21.55 6.74 7.19
CA HIS D 190 21.32 5.50 6.52
C HIS D 190 21.68 4.34 7.45
N PRO D 191 20.66 3.61 7.97
CA PRO D 191 20.86 2.47 8.86
C PRO D 191 21.50 1.29 8.15
N SER D 192 22.49 0.69 8.79
CA SER D 192 23.25 -0.41 8.20
C SER D 192 22.40 -1.65 7.92
N THR D 193 21.81 -2.22 8.95
CA THR D 193 20.85 -3.31 8.76
C THR D 193 19.45 -2.72 8.80
N SER D 194 18.40 -3.52 8.80
CA SER D 194 17.09 -3.01 9.15
C SER D 194 16.71 -3.20 10.63
N ALA D 195 17.66 -3.71 11.42
CA ALA D 195 17.55 -3.63 12.86
C ALA D 195 17.98 -2.22 13.23
N ASP D 196 18.92 -1.70 12.44
CA ASP D 196 19.33 -0.31 12.56
C ASP D 196 18.12 0.57 12.20
N GLN D 197 17.10 0.00 11.56
CA GLN D 197 15.87 0.74 11.19
C GLN D 197 14.72 0.73 12.20
N GLN D 198 14.18 -0.47 12.47
CA GLN D 198 13.07 -0.62 13.42
C GLN D 198 13.46 -0.15 14.83
N SER D 199 14.58 -0.66 15.33
CA SER D 199 15.08 -0.27 16.64
C SER D 199 15.32 1.24 16.70
N LEU D 200 15.28 1.89 15.52
CA LEU D 200 15.44 3.32 15.41
C LEU D 200 14.16 4.10 15.09
N TYR D 201 13.70 4.05 13.85
CA TYR D 201 12.59 4.91 13.41
C TYR D 201 11.17 4.31 13.36
N GLN D 202 11.05 3.03 13.66
CA GLN D 202 9.81 2.24 13.54
C GLN D 202 9.31 2.02 12.11
N ASN D 203 9.83 2.79 11.16
CA ASN D 203 9.22 2.84 9.83
C ASN D 203 10.13 2.42 8.66
N ALA D 204 9.79 1.26 8.06
CA ALA D 204 10.61 0.60 7.04
C ALA D 204 10.68 1.37 5.70
N ASP D 205 9.53 1.83 5.21
CA ASP D 205 9.54 2.79 4.13
C ASP D 205 9.06 4.10 4.73
N ALA D 206 10.00 5.06 4.77
CA ALA D 206 9.87 6.33 5.49
C ALA D 206 10.63 7.39 4.69
N TYR D 207 10.09 8.61 4.60
CA TYR D 207 10.77 9.64 3.82
C TYR D 207 11.24 10.85 4.59
N VAL D 208 11.94 11.71 3.87
CA VAL D 208 12.32 13.03 4.34
C VAL D 208 12.15 14.03 3.16
N PHE D 209 11.41 15.09 3.35
CA PHE D 209 11.31 16.16 2.37
C PHE D 209 11.83 17.43 2.98
N VAL D 210 12.50 18.23 2.19
CA VAL D 210 13.07 19.51 2.64
C VAL D 210 12.79 20.52 1.54
N GLY D 211 12.26 21.67 1.88
CA GLY D 211 11.77 22.54 0.81
C GLY D 211 11.91 24.02 1.03
N SER D 212 11.73 24.75 -0.06
CA SER D 212 12.02 26.17 -0.11
C SER D 212 11.65 26.69 -1.48
N SER D 213 11.54 28.01 -1.59
CA SER D 213 11.31 28.64 -2.88
C SER D 213 12.48 28.33 -3.73
N ARG D 214 13.62 28.35 -3.06
CA ARG D 214 14.91 28.21 -3.68
C ARG D 214 15.29 26.74 -3.94
N TYR D 215 14.88 25.84 -3.04
CA TYR D 215 15.25 24.43 -3.16
C TYR D 215 14.27 23.42 -2.54
N SER D 216 14.07 22.27 -3.20
CA SER D 216 13.41 21.14 -2.56
C SER D 216 13.87 19.75 -3.07
N LYS D 217 14.04 18.78 -2.18
CA LYS D 217 14.53 17.45 -2.55
C LYS D 217 13.97 16.35 -1.65
N LYS D 218 13.62 15.20 -2.24
CA LYS D 218 12.96 14.16 -1.46
C LYS D 218 13.87 12.95 -1.20
N PHE D 219 14.32 12.86 0.03
CA PHE D 219 15.31 11.85 0.39
C PHE D 219 14.61 10.53 0.63
N LYS D 220 15.32 9.43 0.42
CA LYS D 220 14.99 8.17 1.07
C LYS D 220 16.30 7.48 1.51
N PRO D 221 16.30 6.87 2.68
CA PRO D 221 17.48 6.18 3.21
C PRO D 221 17.73 4.83 2.55
N GLU D 222 18.99 4.52 2.24
CA GLU D 222 19.28 3.22 1.68
C GLU D 222 19.81 2.33 2.77
N ILE D 223 19.06 1.29 3.10
CA ILE D 223 19.50 0.39 4.15
C ILE D 223 20.53 -0.54 3.55
N ALA D 224 21.75 -0.44 4.05
CA ALA D 224 22.85 -1.16 3.45
C ALA D 224 23.86 -1.47 4.51
N ILE D 225 24.42 -2.66 4.46
CA ILE D 225 25.40 -3.04 5.46
C ILE D 225 26.75 -2.64 4.87
N ARG D 226 27.40 -1.64 5.47
CA ARG D 226 28.50 -0.98 4.78
C ARG D 226 29.83 -1.25 5.50
N PRO D 227 30.94 -1.21 4.75
CA PRO D 227 32.22 -1.74 5.28
C PRO D 227 32.80 -0.99 6.48
N LYS D 228 32.07 -1.01 7.59
CA LYS D 228 32.58 -0.80 8.96
C LYS D 228 33.61 0.29 9.25
N VAL D 229 33.17 1.54 9.14
CA VAL D 229 33.86 2.67 9.73
C VAL D 229 33.48 2.82 11.21
N ARG D 230 34.51 2.90 12.06
CA ARG D 230 34.35 3.20 13.49
C ARG D 230 33.27 2.36 14.15
N ASP D 231 33.22 1.09 13.77
CA ASP D 231 32.27 0.14 14.35
C ASP D 231 30.82 0.61 14.18
N GLN D 232 30.61 1.46 13.17
CA GLN D 232 29.28 1.83 12.70
C GLN D 232 29.25 1.50 11.22
N GLU D 233 28.40 0.55 10.84
CA GLU D 233 28.37 0.07 9.47
C GLU D 233 27.32 0.81 8.69
N GLY D 234 26.69 1.77 9.35
CA GLY D 234 25.74 2.68 8.73
C GLY D 234 26.44 3.95 8.30
N ARG D 235 25.74 4.78 7.53
CA ARG D 235 26.35 5.95 6.87
C ARG D 235 25.40 7.09 7.09
N MET D 236 25.91 8.32 7.04
CA MET D 236 25.04 9.47 7.14
C MET D 236 25.42 10.55 6.12
N ASN D 237 24.48 10.96 5.30
CA ASN D 237 24.82 11.96 4.33
C ASN D 237 24.53 13.33 4.87
N TYR D 238 25.46 14.24 4.68
CA TYR D 238 25.34 15.60 5.19
C TYR D 238 25.14 16.59 4.06
N TYR D 239 24.04 17.35 4.14
CA TYR D 239 23.72 18.29 3.08
C TYR D 239 23.50 19.65 3.72
N TRP D 240 23.50 20.71 2.90
CA TRP D 240 23.16 22.06 3.36
C TRP D 240 22.46 22.83 2.23
N THR D 241 21.45 23.62 2.56
CA THR D 241 20.90 24.56 1.57
C THR D 241 21.11 25.97 2.06
N LEU D 242 20.67 26.96 1.28
CA LEU D 242 20.82 28.36 1.67
C LEU D 242 19.54 29.18 1.51
N VAL D 243 19.09 29.78 2.61
CA VAL D 243 17.79 30.47 2.62
C VAL D 243 17.90 31.98 2.78
N GLU D 244 17.50 32.69 1.72
CA GLU D 244 17.58 34.14 1.60
C GLU D 244 16.47 34.80 2.43
N PRO D 245 16.56 36.12 2.67
CA PRO D 245 15.63 36.50 3.73
C PRO D 245 14.20 36.87 3.31
N GLY D 246 13.55 36.13 2.44
CA GLY D 246 12.10 36.17 2.36
C GLY D 246 11.29 34.97 2.79
N ASP D 247 11.92 33.81 2.95
CA ASP D 247 11.15 32.57 2.75
C ASP D 247 11.27 31.45 3.78
N LYS D 248 10.49 30.39 3.55
CA LYS D 248 10.31 29.31 4.52
C LYS D 248 10.88 27.97 4.10
N ILE D 249 11.95 27.55 4.77
CA ILE D 249 12.50 26.22 4.57
C ILE D 249 11.77 25.25 5.49
N THR D 250 11.18 24.21 4.93
CA THR D 250 10.30 23.37 5.71
C THR D 250 10.84 21.97 5.76
N PHE D 251 10.69 21.31 6.91
CA PHE D 251 11.19 19.94 7.06
C PHE D 251 10.06 18.91 7.23
N GLU D 252 10.19 17.77 6.56
CA GLU D 252 9.23 16.67 6.69
C GLU D 252 9.97 15.39 7.02
N ALA D 253 9.44 14.57 7.92
CA ALA D 253 9.97 13.21 8.11
C ALA D 253 8.94 12.18 8.61
N THR D 254 9.03 10.95 8.14
CA THR D 254 8.68 9.79 8.93
C THR D 254 9.91 9.07 9.46
N GLY D 255 11.10 9.62 9.21
CA GLY D 255 12.31 8.98 9.73
C GLY D 255 13.65 9.51 9.23
N ASN D 256 14.72 8.90 9.73
CA ASN D 256 16.11 9.10 9.28
C ASN D 256 16.62 10.52 9.06
N LEU D 257 16.16 11.45 9.86
CA LEU D 257 16.53 12.84 9.67
C LEU D 257 17.50 13.24 10.77
N VAL D 258 18.63 13.81 10.41
CA VAL D 258 19.46 14.42 11.42
C VAL D 258 19.32 15.92 11.30
N VAL D 259 18.62 16.53 12.26
CA VAL D 259 18.06 17.89 12.08
C VAL D 259 18.95 19.00 12.54
N PRO D 260 18.77 20.16 11.93
CA PRO D 260 19.48 21.31 12.46
C PRO D 260 19.01 21.66 13.87
N ARG D 261 19.95 22.15 14.68
CA ARG D 261 19.64 22.95 15.86
C ARG D 261 20.35 24.28 15.63
N TYR D 262 21.66 24.22 15.48
CA TYR D 262 22.41 25.40 15.08
C TYR D 262 22.41 25.66 13.56
N ALA D 263 22.35 26.94 13.20
CA ALA D 263 22.36 27.40 11.82
C ALA D 263 23.37 28.52 11.82
N PHE D 264 23.54 29.24 10.71
CA PHE D 264 24.40 30.42 10.74
C PHE D 264 23.88 31.59 9.87
N ALA D 265 23.74 32.76 10.50
CA ALA D 265 23.42 33.99 9.80
C ALA D 265 24.73 34.57 9.33
N MET D 266 24.85 34.67 8.02
CA MET D 266 26.13 34.96 7.42
C MET D 266 25.98 35.99 6.30
N GLU D 267 26.88 36.95 6.29
CA GLU D 267 26.96 37.88 5.17
C GLU D 267 28.30 37.74 4.47
N ARG D 268 28.24 37.34 3.21
CA ARG D 268 29.43 37.17 2.39
C ARG D 268 29.42 38.23 1.30
N ASN D 269 30.61 38.62 0.84
CA ASN D 269 30.71 39.43 -0.37
C ASN D 269 31.31 38.72 -1.60
N ALA D 270 32.64 38.59 -1.70
CA ALA D 270 33.22 38.06 -2.97
C ALA D 270 34.32 36.96 -3.02
N GLY D 271 35.55 37.35 -2.65
CA GLY D 271 36.75 36.65 -3.09
C GLY D 271 37.57 35.80 -2.13
N SER D 272 38.65 35.18 -2.63
CA SER D 272 39.52 34.37 -1.78
C SER D 272 41.00 34.79 -1.72
N GLY D 273 41.78 34.45 -2.75
CA GLY D 273 43.21 34.72 -2.73
C GLY D 273 44.05 33.68 -3.45
N ILE D 274 45.34 33.65 -3.10
CA ILE D 274 46.19 32.50 -3.41
C ILE D 274 45.58 31.26 -2.71
N ILE D 275 45.52 30.15 -3.45
CA ILE D 275 44.87 28.93 -2.95
C ILE D 275 45.71 28.16 -1.94
N ILE D 276 45.03 27.34 -1.13
CA ILE D 276 45.70 26.43 -0.20
C ILE D 276 45.99 25.10 -0.92
N SER D 277 47.23 24.62 -0.83
CA SER D 277 47.65 23.47 -1.62
C SER D 277 47.41 22.11 -0.95
N ASP D 278 48.20 21.78 0.08
CA ASP D 278 48.03 20.49 0.77
C ASP D 278 47.78 20.52 2.28
N THR D 279 48.84 20.79 3.03
CA THR D 279 48.93 20.49 4.47
C THR D 279 47.97 19.41 4.99
N LYS E 2 7.01 51.83 26.14
CA LYS E 2 6.81 50.46 26.56
C LYS E 2 5.77 50.45 27.68
N LEU E 3 5.34 49.26 28.10
CA LEU E 3 4.79 49.02 29.46
C LEU E 3 4.43 47.54 29.53
N GLN E 4 4.43 46.95 30.73
CA GLN E 4 3.96 45.55 30.90
C GLN E 4 3.29 45.22 32.23
N GLN E 5 2.08 44.67 32.15
CA GLN E 5 1.30 44.39 33.34
C GLN E 5 0.78 42.97 33.36
N SER E 6 1.23 42.21 34.37
CA SER E 6 0.98 40.78 34.50
C SER E 6 -0.38 40.46 35.14
N GLY E 7 -0.57 39.20 35.57
CA GLY E 7 -1.48 38.90 36.67
C GLY E 7 -1.52 37.47 37.19
N GLY E 8 -1.71 37.29 38.50
CA GLY E 8 -2.03 36.01 39.10
C GLY E 8 -2.13 36.01 40.64
N GLY E 9 -2.90 35.05 41.18
CA GLY E 9 -3.11 34.88 42.61
C GLY E 9 -2.41 33.67 43.22
N VAL E 10 -3.02 33.08 44.26
CA VAL E 10 -2.63 31.79 44.88
C VAL E 10 -3.55 30.63 44.49
N VAL E 11 -2.98 29.44 44.37
CA VAL E 11 -3.82 28.26 44.18
C VAL E 11 -3.34 27.05 44.97
N GLN E 12 -4.30 26.20 45.34
CA GLN E 12 -4.06 24.94 46.02
C GLN E 12 -3.32 24.10 45.01
N PRO E 13 -2.33 23.30 45.42
CA PRO E 13 -1.50 22.62 44.41
C PRO E 13 -2.25 21.62 43.49
N GLY E 14 -1.83 21.57 42.23
CA GLY E 14 -2.49 20.73 41.26
C GLY E 14 -3.76 21.38 40.72
N GLY E 15 -4.09 22.56 41.24
CA GLY E 15 -5.08 23.43 40.64
C GLY E 15 -4.45 24.25 39.51
N SER E 16 -5.27 24.87 38.68
CA SER E 16 -4.73 25.49 37.47
C SER E 16 -4.84 27.02 37.49
N LEU E 17 -3.75 27.72 37.20
CA LEU E 17 -3.86 29.16 37.01
C LEU E 17 -3.43 29.62 35.58
N ARG E 18 -3.66 30.89 35.25
CA ARG E 18 -3.24 31.50 34.01
C ARG E 18 -2.75 32.93 34.22
N LEU E 19 -1.46 33.17 33.99
CA LEU E 19 -0.95 34.51 34.04
C LEU E 19 -1.30 35.20 32.74
N SER E 20 -1.31 36.53 32.75
CA SER E 20 -1.54 37.34 31.55
C SER E 20 -0.48 38.44 31.44
N CYS E 21 -0.42 39.14 30.31
CA CYS E 21 0.49 40.27 30.13
C CYS E 21 -0.11 41.23 29.16
N ALA E 22 0.01 42.53 29.39
CA ALA E 22 -0.45 43.53 28.43
C ALA E 22 0.59 44.64 28.24
N ALA E 23 1.09 44.75 27.01
CA ALA E 23 2.20 45.65 26.75
C ALA E 23 1.92 46.64 25.63
N SER E 24 2.15 47.92 25.86
CA SER E 24 2.24 48.81 24.72
C SER E 24 3.68 49.26 24.54
N GLY E 25 4.41 48.50 23.73
CA GLY E 25 5.68 48.91 23.13
C GLY E 25 5.53 48.83 21.63
N PHE E 26 4.29 48.60 21.24
CA PHE E 26 3.88 48.32 19.86
C PHE E 26 4.76 47.31 19.13
N THR E 27 4.78 47.36 17.80
CA THR E 27 5.52 46.38 16.98
C THR E 27 5.16 44.93 17.35
N PHE E 28 4.33 44.81 18.38
CA PHE E 28 4.15 43.65 19.23
C PHE E 28 4.09 42.40 18.39
N SER E 29 3.39 42.52 17.28
CA SER E 29 3.27 41.44 16.31
C SER E 29 4.63 40.93 15.85
N ASP E 30 5.63 41.80 15.75
CA ASP E 30 6.94 41.34 15.32
C ASP E 30 7.85 40.84 16.44
N TYR E 31 7.55 41.22 17.69
CA TYR E 31 8.38 40.77 18.81
C TYR E 31 8.01 39.40 19.34
N ASP E 32 8.99 38.74 19.95
CA ASP E 32 8.76 37.44 20.58
C ASP E 32 8.98 37.58 22.05
N MET E 33 7.94 37.28 22.82
CA MET E 33 7.83 37.61 24.25
C MET E 33 8.47 36.57 25.16
N SER E 34 8.18 36.65 26.46
CA SER E 34 8.60 35.60 27.39
C SER E 34 8.08 35.69 28.83
N TRP E 35 8.19 34.58 29.54
CA TRP E 35 7.90 34.55 30.96
C TRP E 35 9.15 34.15 31.72
N ILE E 36 9.33 34.70 32.91
CA ILE E 36 10.36 34.24 33.83
C ILE E 36 9.67 34.27 35.16
N ARG E 37 10.33 33.83 36.21
CA ARG E 37 9.76 33.93 37.54
C ARG E 37 10.95 33.91 38.45
N GLN E 38 10.80 34.51 39.63
CA GLN E 38 11.91 34.61 40.57
C GLN E 38 11.74 33.60 41.68
N ALA E 39 12.73 32.73 41.86
CA ALA E 39 12.59 31.58 42.77
C ALA E 39 12.20 32.02 44.14
N PRO E 40 11.23 31.28 44.72
CA PRO E 40 10.69 31.68 46.02
C PRO E 40 11.82 31.89 46.96
N GLY E 41 12.69 30.88 47.06
CA GLY E 41 13.77 30.96 48.03
C GLY E 41 14.77 32.00 47.67
N LYS E 42 15.43 31.83 46.53
CA LYS E 42 16.54 32.68 46.18
C LYS E 42 16.18 33.52 44.98
N GLY E 43 16.25 32.90 43.81
CA GLY E 43 15.95 33.51 42.53
C GLY E 43 16.24 32.46 41.49
N LEU E 44 15.60 32.55 40.34
CA LEU E 44 15.67 31.44 39.36
C LEU E 44 15.41 31.85 37.90
N GLU E 45 15.02 30.87 37.09
CA GLU E 45 15.33 30.91 35.68
C GLU E 45 14.10 30.95 34.67
N TRP E 46 14.40 31.31 33.41
CA TRP E 46 13.42 31.55 32.33
C TRP E 46 12.39 30.47 32.04
N VAL E 47 11.11 30.87 32.12
CA VAL E 47 9.98 29.95 31.98
C VAL E 47 9.42 29.61 30.57
N SER E 48 9.28 30.61 29.69
CA SER E 48 8.80 30.37 28.32
C SER E 48 9.23 31.37 27.22
N GLY E 49 9.52 30.86 26.03
CA GLY E 49 10.05 31.65 24.94
C GLY E 49 9.30 31.96 23.65
N ILE E 50 7.97 31.88 23.60
CA ILE E 50 7.21 31.91 22.31
C ILE E 50 7.55 32.95 21.21
N LEU E 51 7.75 32.46 19.98
CA LEU E 51 8.24 33.24 18.81
C LEU E 51 7.20 34.17 18.19
N GLY E 52 7.68 35.19 17.46
CA GLY E 52 6.84 36.20 16.86
C GLY E 52 5.87 35.75 15.77
N GLY E 53 6.40 35.13 14.71
CA GLY E 53 5.58 34.41 13.74
C GLY E 53 5.76 32.91 13.92
N SER E 54 5.00 32.10 13.19
CA SER E 54 5.12 30.62 13.29
C SER E 54 5.07 30.10 14.75
N GLU E 55 4.06 30.52 15.54
CA GLU E 55 4.25 30.59 16.99
C GLU E 55 4.71 29.27 17.59
N ARG E 56 5.93 29.32 18.11
CA ARG E 56 6.71 28.15 18.47
C ARG E 56 7.16 28.37 19.91
N SER E 57 6.83 27.42 20.76
CA SER E 57 7.01 27.51 22.20
C SER E 57 8.27 26.83 22.63
N TYR E 58 9.19 27.57 23.23
CA TYR E 58 10.33 26.98 23.93
C TYR E 58 10.11 27.03 25.45
N TYR E 59 10.42 25.94 26.14
CA TYR E 59 10.16 25.82 27.56
C TYR E 59 11.38 25.22 28.24
N ARG E 60 11.54 25.49 29.51
CA ARG E 60 12.48 24.72 30.30
C ARG E 60 11.82 23.38 30.49
N ASP E 61 12.57 22.30 30.71
CA ASP E 61 11.89 21.01 30.78
C ASP E 61 11.20 20.78 32.10
N SER E 62 11.56 21.59 33.09
CA SER E 62 10.90 21.56 34.40
C SER E 62 9.44 21.92 34.22
N VAL E 63 9.23 23.07 33.63
CA VAL E 63 7.90 23.52 33.29
C VAL E 63 7.19 22.61 32.28
N LYS E 64 7.76 22.42 31.07
CA LYS E 64 7.27 21.43 30.09
C LYS E 64 5.75 21.36 29.95
N GLY E 65 5.18 20.17 30.18
CA GLY E 65 3.80 19.92 29.79
C GLY E 65 2.78 20.79 30.51
N ARG E 66 3.25 21.42 31.57
CA ARG E 66 2.42 22.15 32.52
C ARG E 66 2.05 23.52 32.05
N PHE E 67 3.05 24.40 31.96
CA PHE E 67 2.79 25.77 31.54
C PHE E 67 2.64 25.92 30.01
N THR E 68 1.52 26.53 29.62
CA THR E 68 1.20 26.92 28.24
C THR E 68 1.78 28.29 27.88
N ILE E 69 2.13 28.53 26.63
CA ILE E 69 2.30 29.93 26.21
C ILE E 69 1.49 30.27 24.96
N SER E 70 0.53 31.15 25.15
CA SER E 70 -0.26 31.65 24.06
C SER E 70 0.12 33.10 23.90
N ARG E 71 0.15 33.56 22.65
CA ARG E 71 0.12 35.00 22.38
C ARG E 71 -1.12 35.32 21.55
N ASP E 72 -2.01 36.16 22.06
CA ASP E 72 -3.04 36.65 21.17
C ASP E 72 -2.71 38.06 20.74
N ASN E 73 -2.28 38.18 19.50
CA ASN E 73 -1.69 39.42 19.05
C ASN E 73 -2.63 40.59 18.73
N SER E 74 -3.93 40.34 18.65
CA SER E 74 -4.94 41.37 18.41
C SER E 74 -5.07 42.39 19.55
N ARG E 75 -5.37 41.90 20.76
CA ARG E 75 -5.65 42.77 21.91
C ARG E 75 -4.37 43.21 22.57
N LYS E 76 -3.25 42.85 21.94
CA LYS E 76 -1.92 43.16 22.43
C LYS E 76 -1.73 42.55 23.79
N THR E 77 -1.90 41.22 23.89
CA THR E 77 -1.61 40.50 25.13
C THR E 77 -0.77 39.22 24.98
N LEU E 78 0.00 38.93 26.03
CA LEU E 78 0.71 37.67 26.22
C LEU E 78 0.17 36.99 27.48
N TYR E 79 0.27 35.67 27.56
CA TYR E 79 -0.44 34.91 28.58
C TYR E 79 0.50 33.81 29.13
N LEU E 80 -0.07 32.88 29.90
CA LEU E 80 0.55 31.60 30.23
C LEU E 80 -0.51 30.85 31.01
N GLN E 81 -0.51 29.51 30.91
CA GLN E 81 -1.47 28.68 31.60
C GLN E 81 -0.72 27.59 32.30
N MET E 82 -0.64 27.73 33.59
CA MET E 82 0.09 26.80 34.40
C MET E 82 -0.97 25.78 34.70
N ASN E 83 -0.57 24.52 34.75
CA ASN E 83 -1.47 23.44 35.09
C ASN E 83 -0.61 22.38 35.72
N SER E 84 -1.21 21.51 36.52
CA SER E 84 -0.47 20.73 37.51
C SER E 84 0.56 21.62 38.21
N LEU E 85 0.08 22.55 39.03
CA LEU E 85 0.96 23.40 39.82
C LEU E 85 1.51 22.65 41.05
N ARG E 86 2.79 22.90 41.35
CA ARG E 86 3.49 22.22 42.43
C ARG E 86 4.38 23.19 43.25
N ALA E 87 4.74 22.78 44.48
CA ALA E 87 5.37 23.66 45.46
C ALA E 87 6.58 24.38 44.90
N GLU E 88 7.23 23.77 43.91
CA GLU E 88 8.47 24.31 43.41
C GLU E 88 8.26 25.47 42.44
N ASP E 89 7.07 25.58 41.87
CA ASP E 89 6.87 26.64 40.89
C ASP E 89 6.27 27.95 41.41
N THR E 90 6.10 28.09 42.72
CA THR E 90 5.62 29.35 43.29
C THR E 90 6.75 30.36 43.29
N ALA E 91 6.48 31.52 42.69
CA ALA E 91 7.46 32.58 42.52
C ALA E 91 6.65 33.78 42.08
N VAL E 92 7.34 34.87 41.77
CA VAL E 92 6.68 36.00 41.11
C VAL E 92 7.05 35.85 39.65
N TYR E 93 6.11 36.09 38.75
CA TYR E 93 6.41 35.84 37.35
C TYR E 93 6.55 37.10 36.58
N TYR E 94 7.70 37.28 35.95
CA TYR E 94 7.88 38.47 35.14
C TYR E 94 7.60 38.20 33.67
N CYS E 95 6.95 39.18 33.06
CA CYS E 95 6.73 39.23 31.63
C CYS E 95 7.90 40.02 31.05
N ALA E 96 8.58 39.44 30.07
CA ALA E 96 9.73 40.11 29.47
C ALA E 96 9.77 39.90 27.94
N ARG E 97 10.73 40.52 27.28
CA ARG E 97 10.61 40.67 25.85
C ARG E 97 11.97 40.73 25.21
N HIS E 98 12.05 40.27 23.95
CA HIS E 98 13.33 39.94 23.34
C HIS E 98 13.89 41.03 22.43
N GLY E 99 14.90 41.75 22.92
CA GLY E 99 15.61 42.69 22.08
C GLY E 99 16.44 41.86 21.13
N SER E 100 16.28 42.06 19.83
CA SER E 100 17.12 41.36 18.87
C SER E 100 17.37 42.21 17.62
N PRO E 101 18.04 43.38 17.76
CA PRO E 101 18.00 44.30 16.60
C PRO E 101 18.66 43.82 15.29
N GLY E 102 19.93 43.45 15.30
CA GLY E 102 20.52 42.96 14.07
C GLY E 102 20.10 41.56 13.70
N TYR E 103 20.54 40.58 14.49
CA TYR E 103 20.16 39.17 14.32
C TYR E 103 19.98 38.39 15.61
N THR E 104 21.00 38.51 16.44
CA THR E 104 21.40 37.57 17.46
C THR E 104 20.31 36.83 18.23
N LEU E 105 19.20 37.52 18.51
CA LEU E 105 18.09 37.00 19.34
C LEU E 105 18.41 36.85 20.86
N TYR E 106 19.05 37.89 21.38
CA TYR E 106 19.56 37.93 22.74
C TYR E 106 18.48 38.22 23.77
N ALA E 107 18.94 38.57 24.96
CA ALA E 107 18.15 38.91 26.12
C ALA E 107 17.35 40.20 25.99
N TRP E 108 16.78 40.59 27.14
CA TRP E 108 15.57 41.38 27.28
C TRP E 108 15.72 42.84 27.73
N ASP E 109 15.06 43.75 27.00
CA ASP E 109 14.91 45.11 27.48
C ASP E 109 13.75 45.12 28.44
N TYR E 110 14.10 45.42 29.68
CA TYR E 110 13.24 45.47 30.89
C TYR E 110 12.28 44.28 31.10
N TRP E 111 11.31 44.48 32.00
CA TRP E 111 10.35 43.46 32.40
C TRP E 111 9.15 44.16 33.06
N GLY E 112 7.95 43.62 32.86
CA GLY E 112 6.76 44.13 33.51
C GLY E 112 6.77 43.79 34.97
N GLN E 113 5.95 44.48 35.74
CA GLN E 113 6.10 44.53 37.21
C GLN E 113 6.14 43.13 37.82
N GLY E 114 5.27 42.27 37.30
CA GLY E 114 5.36 40.84 37.52
C GLY E 114 4.53 40.43 38.70
N THR E 115 3.86 39.28 38.60
CA THR E 115 2.82 38.90 39.55
C THR E 115 3.16 37.71 40.41
N MET E 116 2.94 37.88 41.70
CA MET E 116 3.31 36.88 42.65
C MET E 116 2.34 35.77 42.39
N VAL E 117 2.85 34.55 42.46
CA VAL E 117 1.98 33.38 42.57
C VAL E 117 2.57 32.32 43.50
N THR E 118 1.70 31.81 44.37
CA THR E 118 2.04 30.90 45.46
C THR E 118 1.18 29.66 45.38
N VAL E 119 1.73 28.52 45.77
CA VAL E 119 0.96 27.30 45.73
C VAL E 119 1.02 26.59 47.09
N SER E 120 -0.07 26.61 47.84
CA SER E 120 0.00 26.10 49.20
C SER E 120 -1.23 25.33 49.62
N SER E 121 -1.08 24.63 50.75
CA SER E 121 -2.12 23.79 51.33
C SER E 121 -3.00 24.57 52.29
N ALA E 122 -2.68 25.84 52.49
CA ALA E 122 -3.42 26.66 53.45
C ALA E 122 -4.70 27.26 52.87
N SER E 123 -5.29 28.19 53.62
CA SER E 123 -6.50 28.88 53.25
C SER E 123 -6.25 30.31 53.66
N THR E 124 -6.37 31.24 52.71
CA THR E 124 -6.06 32.66 52.92
C THR E 124 -6.72 33.28 54.15
N LYS E 125 -5.95 34.09 54.88
CA LYS E 125 -6.45 34.80 56.05
C LYS E 125 -6.10 36.29 55.97
N GLY E 126 -7.13 37.14 55.96
CA GLY E 126 -6.95 38.59 55.94
C GLY E 126 -6.29 39.12 57.20
N PRO E 127 -5.21 39.89 57.05
CA PRO E 127 -4.39 40.34 58.19
C PRO E 127 -5.13 41.33 59.05
N SER E 128 -4.75 41.42 60.31
CA SER E 128 -5.27 42.47 61.21
C SER E 128 -4.11 43.39 61.58
N VAL E 129 -4.38 44.70 61.62
CA VAL E 129 -3.34 45.68 61.92
C VAL E 129 -3.60 46.46 63.20
N PHE E 130 -2.68 46.29 64.12
CA PHE E 130 -2.73 46.93 65.40
C PHE E 130 -1.75 48.13 65.34
N PRO E 131 -2.28 49.36 65.56
CA PRO E 131 -1.52 50.62 65.53
C PRO E 131 -0.54 50.64 66.69
N LEU E 132 0.65 51.21 66.51
CA LEU E 132 1.73 51.09 67.51
C LEU E 132 2.35 52.39 67.95
N ALA E 133 2.09 52.77 69.19
CA ALA E 133 2.36 54.11 69.66
C ALA E 133 3.20 54.04 70.89
N PRO E 134 4.14 54.99 71.06
CA PRO E 134 5.17 54.92 72.09
C PRO E 134 4.58 54.87 73.50
N SER E 138 8.02 57.39 76.28
CA SER E 138 9.41 57.81 76.47
C SER E 138 9.47 59.34 76.27
N THR E 139 10.42 60.04 76.90
CA THR E 139 10.37 61.52 77.02
C THR E 139 10.28 62.32 75.71
N SER E 140 11.32 62.29 74.87
CA SER E 140 11.23 62.82 73.51
C SER E 140 12.53 62.67 72.71
N GLY E 141 12.38 62.56 71.40
CA GLY E 141 13.45 62.78 70.42
C GLY E 141 13.11 64.04 69.66
N ALA E 142 13.98 64.51 68.75
CA ALA E 142 13.66 65.63 67.87
C ALA E 142 12.65 65.14 66.86
N THR E 143 12.82 63.87 66.49
CA THR E 143 11.94 63.20 65.55
C THR E 143 11.40 61.93 66.25
N ALA E 144 10.11 61.67 66.09
CA ALA E 144 9.41 60.61 66.82
C ALA E 144 9.10 59.37 65.97
N ALA E 145 9.78 58.25 66.23
CA ALA E 145 9.49 56.99 65.50
C ALA E 145 8.13 56.38 65.82
N LEU E 146 7.53 55.71 64.86
CA LEU E 146 6.24 55.04 65.05
C LEU E 146 6.09 53.73 64.22
N GLY E 147 4.88 53.16 64.16
CA GLY E 147 4.71 51.84 63.54
C GLY E 147 3.30 51.32 63.29
N CYS E 148 3.17 50.41 62.32
CA CYS E 148 1.90 49.77 61.96
C CYS E 148 2.12 48.28 61.94
N LEU E 149 1.55 47.54 62.88
CA LEU E 149 1.85 46.11 63.00
C LEU E 149 0.75 45.27 62.38
N VAL E 150 1.11 44.50 61.37
CA VAL E 150 0.13 43.80 60.56
C VAL E 150 0.29 42.36 60.89
N LYS E 151 -0.80 41.74 61.33
CA LYS E 151 -0.65 40.50 62.09
C LYS E 151 -1.27 39.26 61.48
N ASP E 152 -0.40 38.26 61.33
CA ASP E 152 -0.77 36.88 61.08
C ASP E 152 -1.74 36.67 59.92
N TYR E 153 -1.22 36.89 58.71
CA TYR E 153 -1.98 36.71 57.47
C TYR E 153 -1.31 35.64 56.63
N PHE E 154 -2.05 35.07 55.67
CA PHE E 154 -1.49 34.27 54.59
C PHE E 154 -2.32 34.46 53.32
N PRO E 155 -1.67 34.53 52.14
CA PRO E 155 -0.26 34.47 51.75
C PRO E 155 0.37 35.85 51.57
N GLU E 156 1.66 35.88 51.27
CA GLU E 156 2.33 37.13 50.90
C GLU E 156 1.78 37.67 49.55
N PRO E 157 2.08 38.96 49.20
CA PRO E 157 2.72 40.07 49.92
C PRO E 157 1.77 40.90 50.77
N VAL E 158 2.28 41.48 51.86
CA VAL E 158 1.51 42.51 52.53
C VAL E 158 2.18 43.87 52.31
N THR E 159 1.39 44.86 51.94
CA THR E 159 1.97 46.04 51.35
C THR E 159 1.63 47.34 52.09
N VAL E 160 2.61 48.22 52.20
CA VAL E 160 2.50 49.37 53.10
C VAL E 160 2.53 50.76 52.44
N SER E 161 2.03 51.74 53.17
CA SER E 161 2.11 53.13 52.75
C SER E 161 1.52 53.96 53.86
N TRP E 162 1.93 55.22 53.91
CA TRP E 162 1.51 56.24 54.91
C TRP E 162 0.49 57.28 54.43
N ASN E 163 -0.22 56.84 53.40
CA ASN E 163 -1.14 57.50 52.49
C ASN E 163 -0.46 58.23 51.35
N SER E 164 0.62 58.95 51.60
CA SER E 164 1.58 59.36 50.57
C SER E 164 2.96 59.68 51.12
N GLY E 165 2.93 60.77 51.90
CA GLY E 165 4.06 61.62 52.21
C GLY E 165 5.16 61.03 53.06
N ALA E 166 4.84 60.54 54.25
CA ALA E 166 5.98 59.98 54.93
C ALA E 166 5.99 58.55 54.48
N LEU E 167 6.63 58.30 53.34
CA LEU E 167 7.32 57.04 53.06
C LEU E 167 8.83 57.26 53.04
N THR E 168 9.21 58.53 53.10
CA THR E 168 10.59 58.88 53.38
C THR E 168 10.77 58.33 54.79
N SER E 169 11.94 57.79 55.07
CA SER E 169 12.08 56.76 56.11
C SER E 169 11.16 55.58 55.82
N SER E 170 10.20 55.35 56.71
CA SER E 170 9.16 54.34 56.52
C SER E 170 9.73 52.97 56.32
N VAL E 171 10.84 52.67 56.97
CA VAL E 171 11.47 51.35 56.91
C VAL E 171 10.44 50.25 57.20
N HIS E 172 10.39 49.23 56.34
CA HIS E 172 9.27 48.28 56.45
C HIS E 172 9.60 46.86 56.93
N THR E 173 10.06 45.94 56.08
CA THR E 173 10.45 44.57 56.53
C THR E 173 10.76 43.44 55.54
N PHE E 174 11.31 42.37 56.11
CA PHE E 174 11.05 41.01 55.67
C PHE E 174 10.14 40.43 56.77
N PRO E 175 8.94 39.94 56.41
CA PRO E 175 8.04 39.28 57.39
C PRO E 175 8.46 37.90 57.91
N ALA E 176 7.67 37.36 58.85
CA ALA E 176 7.96 36.08 59.50
C ALA E 176 6.73 35.17 59.56
N VAL E 177 6.90 33.87 59.32
CA VAL E 177 5.78 32.93 59.32
C VAL E 177 5.62 32.48 60.74
N LEU E 178 4.52 32.89 61.36
CA LEU E 178 4.24 32.48 62.73
C LEU E 178 4.09 30.98 62.60
N GLN E 179 4.74 30.23 63.48
CA GLN E 179 4.99 28.79 63.25
C GLN E 179 3.70 28.01 63.02
N SER E 180 2.60 28.74 63.09
CA SER E 180 1.28 28.30 62.68
C SER E 180 1.36 27.72 61.27
N SER E 181 0.49 26.77 60.98
CA SER E 181 0.44 26.07 59.70
C SER E 181 0.18 27.06 58.57
N GLY E 182 -0.05 28.30 58.97
CA GLY E 182 -0.37 29.44 58.13
C GLY E 182 0.14 30.65 58.90
N LEU E 183 -0.26 31.86 58.48
CA LEU E 183 0.09 33.10 59.21
C LEU E 183 1.55 33.64 59.23
N TYR E 184 1.92 34.39 58.19
CA TYR E 184 3.08 35.27 58.24
C TYR E 184 2.78 36.51 59.07
N SER E 185 3.75 37.40 59.17
CA SER E 185 3.58 38.62 59.95
C SER E 185 4.80 39.54 59.87
N LEU E 186 4.54 40.82 60.13
CA LEU E 186 5.58 41.86 60.18
C LEU E 186 5.04 43.10 60.85
N SER E 187 5.92 44.09 61.04
CA SER E 187 5.49 45.43 61.45
C SER E 187 6.25 46.52 60.72
N SER E 188 5.54 47.45 60.09
CA SER E 188 6.18 48.63 59.46
C SER E 188 6.44 49.73 60.49
N VAL E 189 7.14 50.79 60.06
CA VAL E 189 7.58 51.88 60.95
C VAL E 189 7.67 53.19 60.21
N VAL E 190 7.39 54.31 60.87
CA VAL E 190 7.71 55.57 60.25
C VAL E 190 8.43 56.39 61.29
N THR E 191 9.21 57.38 60.86
CA THR E 191 10.03 58.16 61.77
C THR E 191 10.04 59.60 61.32
N VAL E 192 9.69 60.53 62.20
CA VAL E 192 9.23 61.84 61.77
C VAL E 192 9.12 62.84 62.92
N PRO E 193 9.51 64.11 62.69
CA PRO E 193 9.58 65.16 63.70
C PRO E 193 8.35 65.22 64.59
N SER E 194 8.56 65.54 65.86
CA SER E 194 7.49 65.44 66.84
C SER E 194 6.45 66.53 66.63
N SER E 195 6.89 67.63 66.06
CA SER E 195 5.97 68.69 65.68
C SER E 195 4.89 68.08 64.78
N SER E 196 5.18 66.92 64.19
CA SER E 196 4.24 66.18 63.35
C SER E 196 3.49 64.94 63.88
N LEU E 197 3.64 64.59 65.15
CA LEU E 197 2.61 63.78 65.85
C LEU E 197 2.05 64.37 67.20
N GLY E 198 0.77 64.10 67.43
CA GLY E 198 -0.05 64.77 68.41
C GLY E 198 -0.91 65.75 67.64
N THR E 199 -0.48 66.05 66.41
CA THR E 199 -0.90 67.24 65.68
C THR E 199 -1.44 67.01 64.29
N GLN E 200 -0.59 66.42 63.44
CA GLN E 200 -0.91 66.11 62.06
C GLN E 200 -1.26 64.62 62.00
N THR E 201 -2.25 64.26 61.21
CA THR E 201 -2.77 62.91 61.33
C THR E 201 -1.94 62.06 60.43
N TYR E 202 -1.02 61.32 61.01
CA TYR E 202 -0.16 60.51 60.20
C TYR E 202 -0.75 59.14 60.44
N ILE E 203 -0.87 58.36 59.38
CA ILE E 203 -1.88 57.30 59.34
C ILE E 203 -1.36 55.92 59.07
N CYS E 204 -0.70 55.85 57.92
CA CYS E 204 -0.54 54.73 57.00
C CYS E 204 -1.76 54.04 56.41
N ASN E 205 -1.44 52.89 55.80
CA ASN E 205 -2.40 51.92 55.30
C ASN E 205 -1.71 50.62 54.99
N VAL E 206 -2.35 49.51 55.32
CA VAL E 206 -1.83 48.23 54.91
C VAL E 206 -2.76 47.86 53.79
N ASN E 207 -2.21 47.31 52.72
CA ASN E 207 -3.07 46.83 51.67
C ASN E 207 -2.65 45.44 51.27
N HIS E 208 -3.52 44.48 51.54
CA HIS E 208 -3.19 43.11 51.25
C HIS E 208 -3.86 42.72 49.97
N LYS E 209 -3.05 42.62 48.93
CA LYS E 209 -3.49 42.29 47.58
C LYS E 209 -4.04 40.86 47.44
N PRO E 210 -3.33 39.86 47.95
CA PRO E 210 -3.88 38.51 47.91
C PRO E 210 -5.27 38.35 48.56
N SER E 211 -5.49 38.97 49.70
CA SER E 211 -6.75 38.80 50.41
C SER E 211 -7.75 39.88 50.03
N ASN E 212 -7.37 40.67 49.02
CA ASN E 212 -8.13 41.85 48.59
C ASN E 212 -8.70 42.68 49.73
N THR E 213 -7.82 43.31 50.52
CA THR E 213 -8.26 44.26 51.54
C THR E 213 -7.37 45.50 51.63
N LYS E 214 -7.97 46.69 51.49
CA LYS E 214 -7.28 47.93 51.81
C LYS E 214 -7.65 48.36 53.22
N VAL E 215 -6.66 48.67 54.04
CA VAL E 215 -6.93 49.17 55.40
C VAL E 215 -5.94 50.24 55.84
N ASP E 216 -6.43 51.30 56.44
CA ASP E 216 -5.57 52.19 57.21
C ASP E 216 -5.97 52.08 58.67
N LYS E 217 -5.20 52.73 59.55
CA LYS E 217 -5.62 53.07 60.92
C LYS E 217 -4.82 54.27 61.37
N LYS E 218 -5.44 55.22 62.07
CA LYS E 218 -4.68 56.38 62.48
C LYS E 218 -3.79 55.93 63.61
N SER E 219 -2.48 56.06 63.45
CA SER E 219 -1.64 55.72 64.58
C SER E 219 -1.86 56.89 65.51
N CYS E 220 -2.42 56.57 66.68
CA CYS E 220 -2.98 57.60 67.53
C CYS E 220 -2.23 57.72 68.83
N ALA E 221 -2.01 58.98 69.25
CA ALA E 221 -1.36 59.28 70.50
C ALA E 221 -2.10 58.59 71.62
N ALA E 222 -1.34 57.90 72.48
CA ALA E 222 -1.90 57.19 73.63
C ALA E 222 -1.29 57.69 74.95
N ILE F 2 23.10 21.30 32.46
CA ILE F 2 21.99 22.01 31.84
C ILE F 2 22.47 23.35 31.28
N GLN F 3 23.78 23.48 31.12
CA GLN F 3 24.46 24.76 30.96
C GLN F 3 24.26 25.66 32.18
N MET F 4 24.94 25.30 33.27
CA MET F 4 24.80 26.06 34.49
C MET F 4 25.91 27.09 34.64
N THR F 5 25.52 28.36 34.60
CA THR F 5 26.50 29.38 34.88
C THR F 5 26.49 29.61 36.39
N GLN F 6 27.65 29.82 37.00
CA GLN F 6 27.72 30.05 38.44
C GLN F 6 28.55 31.28 38.81
N SER F 7 27.90 32.33 39.35
CA SER F 7 28.56 33.64 39.55
C SER F 7 29.51 33.51 40.73
N PRO F 8 30.85 33.54 40.52
CA PRO F 8 31.54 33.65 41.83
C PRO F 8 31.65 35.08 42.42
N ALA F 9 31.02 35.31 43.57
CA ALA F 9 31.46 36.14 44.71
C ALA F 9 30.16 36.46 45.50
N SER F 10 30.25 36.86 46.77
CA SER F 10 29.30 37.83 47.37
C SER F 10 30.00 38.73 48.38
N LEU F 11 30.14 40.03 48.09
CA LEU F 11 31.03 40.87 48.91
C LEU F 11 30.74 42.35 48.98
N ALA F 12 31.37 42.97 49.98
CA ALA F 12 31.03 44.30 50.47
C ALA F 12 32.04 45.36 50.09
N VAL F 13 31.58 46.43 49.45
CA VAL F 13 32.49 47.44 48.90
C VAL F 13 32.12 48.90 49.24
N SER F 14 33.12 49.66 49.66
CA SER F 14 32.94 51.05 50.08
C SER F 14 32.44 51.94 48.93
N PRO F 15 31.64 52.98 49.25
CA PRO F 15 31.04 53.66 48.10
C PRO F 15 31.87 54.79 47.48
N GLY F 16 33.17 54.60 47.30
CA GLY F 16 33.90 55.36 46.29
C GLY F 16 34.48 54.50 45.21
N GLN F 17 34.41 53.18 45.40
CA GLN F 17 35.37 52.30 44.74
C GLN F 17 34.75 51.18 43.89
N ARG F 18 35.51 50.65 42.92
CA ARG F 18 34.97 49.70 41.94
C ARG F 18 35.03 48.26 42.38
N ALA F 19 33.99 47.53 41.99
CA ALA F 19 33.78 46.18 42.49
C ALA F 19 33.48 45.22 41.35
N THR F 20 34.33 44.20 41.22
CA THR F 20 34.28 43.26 40.10
C THR F 20 33.53 41.96 40.46
N ILE F 21 32.50 41.61 39.69
CA ILE F 21 31.84 40.33 39.88
C ILE F 21 32.11 39.44 38.68
N THR F 22 32.32 38.15 38.90
CA THR F 22 32.64 37.27 37.78
C THR F 22 31.61 36.17 37.58
N CYS F 23 31.61 35.61 36.37
CA CYS F 23 30.73 34.52 36.01
C CYS F 23 31.60 33.44 35.35
N ARG F 24 31.11 32.20 35.33
CA ARG F 24 31.77 31.10 34.63
C ARG F 24 30.75 30.11 34.13
N ALA F 25 31.01 29.56 32.96
CA ALA F 25 30.13 28.54 32.43
C ALA F 25 30.84 27.20 32.22
N SER F 26 30.05 26.19 31.84
CA SER F 26 30.49 24.81 31.74
C SER F 26 31.23 24.55 30.44
N GLU F 27 30.86 25.38 29.45
CA GLU F 27 31.27 25.28 28.04
C GLU F 27 31.07 26.66 27.41
N SER F 28 31.71 26.91 26.28
CA SER F 28 31.63 28.25 25.67
C SER F 28 30.26 28.61 25.12
N VAL F 29 29.85 29.83 25.45
CA VAL F 29 28.63 30.44 24.96
C VAL F 29 28.98 31.27 23.72
N SER F 30 30.22 31.18 23.29
CA SER F 30 30.71 31.99 22.17
C SER F 30 31.16 31.16 20.96
N ASN F 31 30.81 31.63 19.76
CA ASN F 31 31.47 31.24 18.50
C ASN F 31 32.44 32.36 18.20
N TYR F 32 32.44 33.26 19.16
CA TYR F 32 33.01 34.58 19.06
C TYR F 32 32.65 35.34 17.80
N GLY F 33 33.43 36.38 17.55
CA GLY F 33 32.87 37.50 16.83
C GLY F 33 31.61 38.06 17.54
N ILE F 34 31.22 37.49 18.69
CA ILE F 34 29.92 37.80 19.32
C ILE F 34 29.77 37.92 20.88
N ASN F 35 30.00 36.75 21.49
CA ASN F 35 29.54 36.19 22.77
C ASN F 35 28.05 36.23 23.13
N PHE F 36 27.69 35.55 24.20
CA PHE F 36 26.28 35.40 24.56
C PHE F 36 25.81 35.64 26.00
N ILE F 37 26.74 35.82 26.94
CA ILE F 37 26.36 36.09 28.33
C ILE F 37 26.20 37.62 28.56
N ASN F 38 25.08 37.96 29.17
CA ASN F 38 24.72 39.32 29.49
C ASN F 38 24.67 39.47 31.03
N TRP F 39 24.22 40.60 31.56
CA TRP F 39 24.20 40.80 33.02
C TRP F 39 22.93 41.49 33.49
N PHE F 40 22.30 40.97 34.54
CA PHE F 40 21.12 41.64 35.07
C PHE F 40 21.19 42.02 36.54
N GLN F 41 20.45 43.06 36.92
CA GLN F 41 20.46 43.58 38.28
C GLN F 41 19.09 43.47 38.91
N GLN F 42 19.03 43.01 40.16
CA GLN F 42 17.75 42.92 40.81
C GLN F 42 17.75 43.56 42.20
N LYS F 43 17.08 44.71 42.32
CA LYS F 43 16.95 45.35 43.61
C LYS F 43 15.86 44.58 44.29
N PRO F 44 16.18 43.87 45.38
CA PRO F 44 15.35 42.80 45.97
C PRO F 44 13.91 43.30 46.13
N GLY F 45 13.80 44.61 46.02
CA GLY F 45 12.58 45.38 46.03
C GLY F 45 11.91 45.37 44.66
N GLN F 46 11.95 44.21 43.99
CA GLN F 46 11.30 44.04 42.68
C GLN F 46 12.17 44.51 41.47
N PRO F 47 11.61 44.45 40.25
CA PRO F 47 12.04 43.78 39.02
C PRO F 47 13.49 43.95 38.64
N PRO F 48 14.06 42.89 38.00
CA PRO F 48 15.40 42.89 37.43
C PRO F 48 15.50 43.97 36.36
N LYS F 49 16.72 44.36 36.00
CA LYS F 49 16.96 45.41 35.01
C LYS F 49 18.04 44.98 34.02
N LEU F 50 17.96 45.44 32.78
CA LEU F 50 19.01 45.11 31.81
C LEU F 50 20.19 46.08 31.95
N LEU F 51 21.36 45.51 32.21
CA LEU F 51 22.57 46.28 32.47
C LEU F 51 23.55 46.24 31.33
N ILE F 52 24.22 45.10 31.19
CA ILE F 52 25.26 44.89 30.21
C ILE F 52 24.93 43.69 29.36
N TYR F 53 24.57 43.94 28.10
CA TYR F 53 24.17 42.87 27.18
C TYR F 53 25.24 42.58 26.16
N THR F 54 25.29 41.31 25.73
CA THR F 54 26.37 40.79 24.88
C THR F 54 27.73 41.03 25.54
N ALA F 55 27.72 41.08 26.87
CA ALA F 55 28.87 40.99 27.76
C ALA F 55 29.83 42.18 27.82
N SER F 56 29.99 42.89 26.69
CA SER F 56 30.61 44.21 26.72
C SER F 56 29.71 45.41 26.38
N ASN F 57 28.50 45.15 25.88
CA ASN F 57 27.69 46.25 25.39
C ASN F 57 26.75 46.82 26.42
N LYS F 58 26.77 48.15 26.56
CA LYS F 58 26.06 48.85 27.62
C LYS F 58 24.57 49.03 27.30
N GLY F 59 23.75 49.19 28.33
CA GLY F 59 22.33 49.47 28.15
C GLY F 59 22.15 50.98 28.09
N THR F 60 21.12 51.43 27.38
CA THR F 60 20.80 52.86 27.32
C THR F 60 20.06 53.26 28.57
N GLY F 61 20.33 54.47 29.05
CA GLY F 61 19.74 54.94 30.29
C GLY F 61 20.26 54.09 31.45
N VAL F 62 21.38 53.46 31.19
CA VAL F 62 22.02 52.66 32.19
C VAL F 62 23.26 53.40 32.59
N PRO F 63 23.43 53.61 33.91
CA PRO F 63 24.58 54.27 34.51
C PRO F 63 25.90 53.74 33.98
N ALA F 64 26.82 54.62 33.58
CA ALA F 64 28.08 54.19 32.96
C ALA F 64 29.02 53.52 33.95
N ARG F 65 28.68 53.58 35.23
CA ARG F 65 29.45 52.92 36.26
C ARG F 65 29.65 51.47 35.82
N PHE F 66 28.60 50.91 35.23
CA PHE F 66 28.51 49.48 34.97
C PHE F 66 29.28 49.05 33.70
N SER F 67 30.27 48.18 33.89
CA SER F 67 31.12 47.70 32.80
C SER F 67 31.18 46.17 32.75
N GLY F 68 31.40 45.64 31.55
CA GLY F 68 31.38 44.23 31.32
C GLY F 68 32.39 43.79 30.30
N SER F 69 32.67 42.50 30.32
CA SER F 69 33.83 41.92 29.67
C SER F 69 33.72 40.39 29.72
N GLY F 70 34.82 39.70 29.40
CA GLY F 70 34.96 38.29 29.73
C GLY F 70 34.96 37.28 28.62
N SER F 71 35.52 36.11 28.96
CA SER F 71 36.11 35.12 28.04
C SER F 71 35.12 34.22 27.27
N GLY F 72 35.59 33.08 26.81
CA GLY F 72 34.65 32.19 26.13
C GLY F 72 33.58 31.71 27.09
N THR F 73 33.99 31.01 28.15
CA THR F 73 33.03 30.45 29.10
C THR F 73 32.85 31.26 30.41
N ASP F 74 33.69 32.27 30.62
CA ASP F 74 33.70 32.94 31.92
C ASP F 74 33.88 34.45 31.83
N PHE F 75 32.94 35.21 32.39
CA PHE F 75 32.87 36.67 32.21
C PHE F 75 33.08 37.48 33.51
N THR F 76 32.94 38.80 33.40
CA THR F 76 33.19 39.73 34.50
C THR F 76 32.24 40.95 34.53
N LEU F 77 31.72 41.28 35.71
CA LEU F 77 30.85 42.46 35.87
C LEU F 77 31.40 43.53 36.81
N THR F 78 31.51 44.74 36.31
CA THR F 78 32.06 45.81 37.11
C THR F 78 31.17 47.02 37.18
N ILE F 79 30.99 47.52 38.39
CA ILE F 79 30.36 48.81 38.66
C ILE F 79 31.47 49.69 39.21
N ASN F 80 31.89 50.66 38.39
CA ASN F 80 33.13 51.39 38.68
C ASN F 80 33.06 52.40 39.83
N PRO F 81 32.13 53.37 39.79
CA PRO F 81 31.91 54.11 41.05
C PRO F 81 30.82 53.50 41.94
N VAL F 82 31.13 52.51 42.78
CA VAL F 82 30.13 51.99 43.72
C VAL F 82 29.47 53.11 44.55
N GLU F 83 28.15 53.08 44.57
CA GLU F 83 27.38 54.14 45.19
C GLU F 83 26.18 53.52 45.88
N ALA F 84 25.61 54.24 46.82
CA ALA F 84 24.50 53.74 47.62
C ALA F 84 23.43 53.12 46.74
N GLU F 85 23.04 53.84 45.69
CA GLU F 85 21.96 53.44 44.77
C GLU F 85 22.15 52.02 44.24
N ASP F 86 23.40 51.55 44.32
CA ASP F 86 23.76 50.20 43.96
C ASP F 86 23.24 49.32 45.09
N THR F 87 23.84 48.16 45.29
CA THR F 87 23.35 47.13 46.23
C THR F 87 22.00 46.53 45.96
N ALA F 88 21.99 45.66 44.94
CA ALA F 88 20.77 44.95 44.63
C ALA F 88 20.90 43.41 44.69
N ASN F 89 21.43 42.84 43.62
CA ASN F 89 21.75 41.43 43.45
C ASN F 89 22.15 41.39 42.01
N TYR F 90 22.93 40.40 41.60
CA TYR F 90 23.31 40.33 40.19
C TYR F 90 23.32 38.89 39.71
N PHE F 91 22.47 38.60 38.73
CA PHE F 91 22.37 37.25 38.18
C PHE F 91 23.01 37.25 36.79
N CYS F 92 23.91 36.31 36.51
CA CYS F 92 24.42 36.20 35.14
C CYS F 92 23.51 35.37 34.22
N GLN F 93 23.87 35.31 32.95
CA GLN F 93 22.85 35.17 31.90
C GLN F 93 22.67 33.90 31.05
N GLN F 94 21.77 34.08 30.09
CA GLN F 94 20.99 33.02 29.44
C GLN F 94 21.78 31.92 28.75
N THR F 95 23.10 31.94 28.96
CA THR F 95 24.01 31.14 28.16
C THR F 95 23.72 31.70 26.79
N LYS F 96 23.64 30.88 25.74
CA LYS F 96 23.32 31.54 24.48
C LYS F 96 21.87 31.32 24.12
N GLU F 97 21.69 30.27 23.34
CA GLU F 97 20.45 29.78 22.83
C GLU F 97 20.63 28.29 23.06
N VAL F 98 19.81 27.76 23.98
CA VAL F 98 19.82 26.39 24.52
C VAL F 98 18.51 26.38 25.27
N PRO F 99 18.27 25.41 26.17
CA PRO F 99 17.33 25.95 27.17
C PRO F 99 18.05 26.99 28.10
N TYR F 100 17.47 28.17 28.34
CA TYR F 100 18.27 29.40 28.65
C TYR F 100 18.34 29.83 30.11
N THR F 101 19.56 29.81 30.70
CA THR F 101 19.77 29.74 32.16
C THR F 101 20.26 31.03 32.83
N PHE F 102 20.01 31.18 34.14
CA PHE F 102 20.56 32.31 34.90
C PHE F 102 21.70 31.91 35.89
N GLY F 103 22.62 32.83 36.12
CA GLY F 103 23.77 32.57 36.98
C GLY F 103 23.47 32.11 38.39
N GLY F 104 22.69 32.90 39.14
CA GLY F 104 22.36 32.54 40.50
C GLY F 104 22.78 33.38 41.71
N GLY F 105 23.72 34.30 41.59
CA GLY F 105 23.68 35.45 42.48
C GLY F 105 24.92 36.22 42.90
N THR F 106 24.70 37.41 43.46
CA THR F 106 25.69 38.10 44.30
C THR F 106 24.99 39.14 45.19
N LYS F 107 25.45 39.37 46.42
CA LYS F 107 24.84 40.47 47.20
C LYS F 107 25.36 41.89 46.96
N LEU F 108 26.63 42.18 47.22
CA LEU F 108 27.10 43.56 47.22
C LEU F 108 26.55 44.47 48.34
N GLU F 109 27.21 44.41 49.50
CA GLU F 109 27.01 45.33 50.64
C GLU F 109 27.99 46.53 50.59
N ILE F 110 27.57 47.71 51.04
CA ILE F 110 28.43 48.89 50.97
C ILE F 110 29.17 49.23 52.28
N LYS F 111 30.50 49.10 52.27
CA LYS F 111 31.31 49.26 53.47
C LYS F 111 31.37 50.76 53.79
N ARG F 112 30.83 51.11 54.94
CA ARG F 112 30.54 52.50 55.25
C ARG F 112 30.74 52.72 56.72
N ALA F 113 30.72 53.99 57.10
CA ALA F 113 30.84 54.41 58.48
C ALA F 113 29.80 53.74 59.37
N ASP F 114 30.23 53.43 60.59
CA ASP F 114 29.48 52.56 61.49
C ASP F 114 28.32 53.25 62.19
N ALA F 115 27.12 52.75 61.95
CA ALA F 115 25.87 53.42 62.34
C ALA F 115 25.31 53.18 63.76
N ALA F 116 24.03 53.54 63.96
CA ALA F 116 23.52 53.91 65.29
C ALA F 116 23.54 52.88 66.45
N PRO F 117 22.56 51.94 66.57
CA PRO F 117 21.18 51.54 66.18
C PRO F 117 19.97 52.49 66.40
N THR F 118 19.83 53.25 67.49
CA THR F 118 18.57 54.05 67.67
C THR F 118 17.32 53.18 67.81
N VAL F 119 17.08 52.71 69.04
CA VAL F 119 16.00 51.76 69.36
C VAL F 119 14.79 52.41 70.03
N SER F 120 13.59 51.93 69.70
CA SER F 120 12.36 52.41 70.31
C SER F 120 11.33 51.30 70.57
N ILE F 121 10.89 51.14 71.82
CA ILE F 121 9.94 50.08 72.19
C ILE F 121 8.45 50.45 72.10
N PHE F 122 7.61 49.49 71.71
CA PHE F 122 6.19 49.71 71.75
C PHE F 122 5.52 48.56 72.48
N PRO F 123 4.62 48.89 73.43
CA PRO F 123 3.63 48.06 74.13
C PRO F 123 2.35 47.90 73.31
N PRO F 124 1.56 46.86 73.59
CA PRO F 124 0.37 46.49 72.80
C PRO F 124 -0.65 47.61 72.67
N SER F 125 -1.74 47.27 71.98
CA SER F 125 -2.81 48.20 71.70
C SER F 125 -4.07 47.55 72.18
N SER F 126 -5.10 48.37 72.36
CA SER F 126 -6.38 47.91 72.89
C SER F 126 -6.96 46.84 72.00
N GLU F 127 -7.11 47.16 70.73
CA GLU F 127 -7.91 46.33 69.83
C GLU F 127 -7.14 45.06 69.52
N GLN F 128 -5.88 45.06 69.90
CA GLN F 128 -5.18 43.80 70.06
C GLN F 128 -5.67 43.15 71.37
N LEU F 129 -5.50 43.85 72.50
CA LEU F 129 -5.92 43.34 73.80
C LEU F 129 -7.37 42.89 73.79
N THR F 130 -8.17 43.44 72.86
CA THR F 130 -9.55 43.03 72.72
C THR F 130 -9.57 41.62 72.16
N SER F 131 -8.79 41.42 71.09
CA SER F 131 -8.59 40.09 70.53
C SER F 131 -8.03 39.17 71.61
N GLY F 132 -7.47 39.76 72.65
CA GLY F 132 -6.90 39.00 73.74
C GLY F 132 -5.54 38.41 73.48
N GLY F 133 -4.62 39.23 72.96
CA GLY F 133 -3.24 38.82 72.80
C GLY F 133 -2.38 40.03 72.96
N ALA F 134 -1.07 39.83 73.12
CA ALA F 134 -0.18 40.94 73.46
C ALA F 134 1.14 40.92 72.73
N SER F 135 1.39 41.94 71.91
CA SER F 135 2.59 42.00 71.12
C SER F 135 3.52 43.14 71.50
N VAL F 136 4.64 42.83 72.12
CA VAL F 136 5.55 43.89 72.49
C VAL F 136 6.62 44.01 71.41
N VAL F 137 6.75 45.21 70.85
CA VAL F 137 7.52 45.40 69.63
C VAL F 137 8.82 46.21 69.87
N CYS F 138 9.89 45.90 69.14
CA CYS F 138 11.09 46.75 69.09
C CYS F 138 11.50 47.00 67.64
N PHE F 139 11.94 48.22 67.36
CA PHE F 139 12.41 48.60 66.04
C PHE F 139 13.85 49.07 66.21
N LEU F 140 14.79 48.48 65.49
CA LEU F 140 16.17 48.93 65.64
C LEU F 140 16.77 49.94 64.63
N ASN F 141 16.02 50.29 63.59
CA ASN F 141 16.19 51.59 62.91
C ASN F 141 17.55 52.18 62.58
N ASN F 142 18.16 51.79 61.45
CA ASN F 142 19.42 52.35 60.91
C ASN F 142 20.77 52.12 61.61
N PHE F 143 21.28 50.90 61.51
CA PHE F 143 22.62 50.55 62.00
C PHE F 143 23.64 50.05 60.95
N TYR F 144 24.83 49.70 61.44
CA TYR F 144 25.88 49.05 60.64
C TYR F 144 27.01 48.74 61.61
N PRO F 145 27.51 47.49 61.59
CA PRO F 145 27.13 46.20 60.97
C PRO F 145 25.84 45.59 61.58
N LYS F 146 25.69 44.27 61.45
CA LYS F 146 24.60 43.54 62.11
C LYS F 146 24.69 43.37 63.67
N ILE F 147 23.67 42.77 64.28
CA ILE F 147 23.34 43.10 65.69
C ILE F 147 22.71 41.99 66.58
N ASN F 148 22.47 42.33 67.85
CA ASN F 148 22.01 41.41 68.91
C ASN F 148 20.87 41.97 69.85
N VAL F 149 19.77 41.23 69.97
CA VAL F 149 18.62 41.62 70.81
C VAL F 149 18.41 40.79 72.11
N LYS F 150 18.04 41.49 73.19
CA LYS F 150 17.64 40.83 74.44
C LYS F 150 16.38 41.45 75.07
N TRP F 151 15.30 40.68 75.08
CA TRP F 151 14.12 41.10 75.82
C TRP F 151 14.22 40.67 77.29
N LYS F 152 13.73 41.55 78.17
CA LYS F 152 13.57 41.16 79.55
C LYS F 152 12.42 41.97 80.13
N ILE F 153 11.80 41.37 81.14
CA ILE F 153 10.83 42.00 82.05
C ILE F 153 11.68 42.73 83.11
N ASP F 154 12.98 42.75 82.81
CA ASP F 154 14.13 43.08 83.64
C ASP F 154 14.57 41.90 84.50
N GLY F 155 13.67 40.93 84.68
CA GLY F 155 14.03 39.67 85.29
C GLY F 155 14.11 38.57 84.26
N SER F 156 13.53 38.85 83.07
CA SER F 156 13.56 37.94 81.93
C SER F 156 13.22 36.50 82.31
N GLU F 157 11.94 36.25 82.60
CA GLU F 157 11.53 34.98 83.21
C GLU F 157 11.35 33.80 82.23
N ARG F 158 11.71 34.01 80.97
CA ARG F 158 11.89 32.89 80.03
C ARG F 158 13.17 32.84 79.15
N GLN F 159 13.39 33.88 78.33
CA GLN F 159 13.94 33.83 76.95
C GLN F 159 12.75 33.87 76.00
N ASN F 160 11.60 33.68 76.63
CA ASN F 160 10.31 34.01 76.05
C ASN F 160 10.20 33.43 74.65
N GLY F 161 10.20 32.10 74.57
CA GLY F 161 10.62 31.37 73.38
C GLY F 161 9.76 31.68 72.17
N VAL F 162 8.85 32.61 72.38
CA VAL F 162 7.98 33.19 71.38
C VAL F 162 8.79 33.74 70.18
N LEU F 163 8.18 33.71 69.00
CA LEU F 163 8.88 34.01 67.75
C LEU F 163 9.02 35.52 67.47
N ASN F 164 10.23 35.94 67.13
CA ASN F 164 10.56 37.34 66.82
C ASN F 164 11.64 37.54 65.73
N SER F 165 12.07 38.80 65.58
CA SER F 165 13.32 39.16 64.89
C SER F 165 13.58 38.87 63.39
N TRP F 166 12.96 39.62 62.48
CA TRP F 166 13.49 39.65 61.11
C TRP F 166 13.97 41.07 60.77
N THR F 167 14.58 41.26 59.59
CA THR F 167 15.46 42.42 59.27
C THR F 167 15.33 42.82 57.77
N ASP F 168 16.21 43.69 57.26
CA ASP F 168 16.29 44.00 55.81
C ASP F 168 17.71 44.38 55.36
N GLN F 169 17.88 44.93 54.14
CA GLN F 169 19.09 45.73 53.81
C GLN F 169 18.82 47.04 53.08
N ASP F 170 19.12 48.15 53.75
CA ASP F 170 18.95 49.51 53.23
C ASP F 170 19.96 49.74 52.13
N SER F 171 19.77 50.81 51.36
CA SER F 171 20.79 51.16 50.39
C SER F 171 22.08 51.71 51.09
N LYS F 172 21.95 52.89 51.69
CA LYS F 172 23.09 53.65 52.21
C LYS F 172 23.51 53.25 53.60
N ASP F 173 22.90 52.20 54.12
CA ASP F 173 22.95 51.88 55.53
C ASP F 173 22.59 50.41 55.56
N SER F 174 22.64 49.76 56.73
CA SER F 174 21.86 48.51 56.92
C SER F 174 20.89 48.79 58.03
N THR F 175 19.68 49.15 57.64
CA THR F 175 18.73 49.69 58.59
C THR F 175 18.07 48.61 59.40
N TYR F 176 17.44 48.99 60.51
CA TYR F 176 16.25 48.24 60.89
C TYR F 176 16.40 46.78 61.29
N SER F 177 16.56 46.44 62.56
CA SER F 177 16.08 45.11 62.96
C SER F 177 14.63 45.30 63.46
N MET F 178 13.74 44.32 63.27
CA MET F 178 12.43 44.31 63.96
C MET F 178 12.21 43.06 64.83
N SER F 179 11.71 43.27 66.05
CA SER F 179 11.80 42.27 67.12
C SER F 179 10.57 42.27 68.02
N SER F 180 10.14 41.07 68.42
CA SER F 180 8.94 40.94 69.26
C SER F 180 8.95 39.90 70.42
N THR F 181 8.05 40.12 71.38
CA THR F 181 7.72 39.10 72.36
C THR F 181 6.20 39.01 72.35
N LEU F 182 5.66 37.92 71.82
CA LEU F 182 4.21 37.71 71.89
C LEU F 182 3.75 37.18 73.26
N THR F 183 2.47 37.34 73.54
CA THR F 183 1.79 36.66 74.63
C THR F 183 0.34 37.05 74.62
N LEU F 184 -0.42 36.46 75.54
CA LEU F 184 -1.85 36.40 75.40
C LEU F 184 -2.66 37.38 76.28
N ASP F 185 -3.95 37.45 75.99
CA ASP F 185 -5.00 38.11 76.80
C ASP F 185 -4.68 39.46 77.46
N GLU F 186 -4.87 39.57 78.76
CA GLU F 186 -4.06 40.54 79.50
C GLU F 186 -3.54 39.73 80.70
N TYR F 187 -2.33 39.19 80.56
CA TYR F 187 -1.88 38.17 81.52
C TYR F 187 -0.46 38.47 81.96
N GLU F 188 0.47 38.17 81.05
CA GLU F 188 1.88 38.57 81.13
C GLU F 188 2.49 38.36 82.51
N ARG F 189 3.32 39.31 82.96
CA ARG F 189 3.78 39.32 84.35
C ARG F 189 3.61 40.67 85.07
N HIS F 190 4.58 41.56 84.89
CA HIS F 190 4.55 42.92 85.46
C HIS F 190 3.68 43.65 84.49
N ASN F 191 3.72 44.98 84.56
CA ASN F 191 3.44 45.77 83.38
C ASN F 191 4.65 46.35 82.66
N SER F 192 5.87 46.06 83.15
CA SER F 192 7.10 46.64 82.59
C SER F 192 8.03 45.70 81.79
N TYR F 193 8.47 46.16 80.63
CA TYR F 193 9.25 45.32 79.73
C TYR F 193 10.48 46.05 79.20
N THR F 194 11.51 45.33 78.79
CA THR F 194 12.76 46.00 78.40
C THR F 194 13.33 45.60 77.04
N CYS F 195 13.62 46.59 76.21
CA CYS F 195 14.45 46.35 75.03
C CYS F 195 15.93 46.68 75.34
N GLU F 196 16.77 45.66 75.45
CA GLU F 196 18.22 45.87 75.64
C GLU F 196 19.02 45.27 74.47
N ALA F 197 19.64 46.13 73.68
CA ALA F 197 20.25 45.70 72.43
C ALA F 197 21.72 46.09 72.36
N THR F 198 22.61 45.10 72.28
CA THR F 198 24.05 45.37 72.12
C THR F 198 24.62 45.25 70.69
N HIS F 199 25.47 46.22 70.34
CA HIS F 199 25.97 46.55 69.00
C HIS F 199 27.39 47.05 69.25
N LYS F 200 27.94 47.87 68.37
CA LYS F 200 29.07 48.68 68.84
C LYS F 200 28.60 50.04 69.42
N THR F 201 28.67 50.06 70.76
CA THR F 201 28.12 51.02 71.71
C THR F 201 28.70 50.44 72.98
N SER F 202 28.37 50.95 74.17
CA SER F 202 28.41 50.05 75.37
C SER F 202 27.18 49.16 75.73
N THR F 203 25.95 49.65 75.49
CA THR F 203 24.70 48.86 75.45
C THR F 203 23.71 49.88 74.91
N SER F 204 22.43 49.54 74.70
CA SER F 204 21.41 50.56 74.48
C SER F 204 20.09 50.36 75.22
N PRO F 205 19.95 51.01 76.38
CA PRO F 205 18.87 50.89 77.37
C PRO F 205 17.66 51.79 77.10
N ILE F 206 16.71 51.30 76.31
CA ILE F 206 15.47 52.02 76.07
C ILE F 206 14.37 51.36 76.90
N VAL F 207 13.83 52.13 77.84
CA VAL F 207 13.06 51.56 78.95
C VAL F 207 11.57 51.27 78.74
N LYS F 208 10.93 50.86 79.83
CA LYS F 208 9.72 50.07 79.75
C LYS F 208 8.52 50.83 79.23
N SER F 209 7.40 50.12 79.19
CA SER F 209 6.09 50.73 79.23
C SER F 209 5.43 50.76 80.64
N PHE F 210 5.96 49.97 81.60
CA PHE F 210 5.39 49.83 82.97
C PHE F 210 3.84 49.84 83.12
N ASN F 211 3.35 50.51 84.17
CA ASN F 211 1.93 50.65 84.58
C ASN F 211 1.32 49.48 85.36
N PRO G 58 -3.66 -34.97 -0.82
CA PRO G 58 -3.19 -33.59 -0.81
C PRO G 58 -2.97 -33.02 -2.20
N LEU G 59 -3.32 -31.75 -2.39
CA LEU G 59 -3.00 -31.03 -3.62
C LEU G 59 -2.45 -29.64 -3.37
N HIS G 60 -1.22 -29.40 -3.78
CA HIS G 60 -0.58 -28.11 -3.51
C HIS G 60 -0.92 -27.17 -4.65
N LEU G 61 -1.22 -25.93 -4.34
CA LEU G 61 -1.23 -24.93 -5.40
C LEU G 61 -0.14 -23.91 -5.07
N GLY G 62 0.95 -23.94 -5.84
CA GLY G 62 2.05 -22.99 -5.67
C GLY G 62 1.63 -21.60 -6.11
N LYS G 63 0.42 -21.51 -6.67
CA LYS G 63 -0.18 -20.24 -7.03
C LYS G 63 -1.21 -19.74 -5.99
N CYS G 64 -2.28 -20.50 -5.79
CA CYS G 64 -3.46 -19.94 -5.16
C CYS G 64 -4.15 -20.70 -4.02
N ASN G 65 -5.07 -20.01 -3.36
N ASN G 65 -5.06 -20.00 -3.35
CA ASN G 65 -5.94 -20.67 -2.41
CA ASN G 65 -5.96 -20.63 -2.39
C ASN G 65 -7.17 -21.20 -3.15
C ASN G 65 -7.15 -21.22 -3.15
N ILE G 66 -8.03 -21.90 -2.43
CA ILE G 66 -9.17 -22.55 -3.04
C ILE G 66 -10.17 -21.58 -3.65
N ALA G 67 -10.01 -20.28 -3.44
CA ALA G 67 -10.93 -19.36 -4.08
C ALA G 67 -10.60 -19.27 -5.56
N GLY G 68 -9.43 -18.74 -5.88
CA GLY G 68 -9.05 -18.52 -7.28
C GLY G 68 -9.18 -19.75 -8.15
N TRP G 69 -8.82 -20.88 -7.58
CA TRP G 69 -8.85 -22.16 -8.23
C TRP G 69 -10.28 -22.57 -8.58
N ILE G 70 -11.16 -22.56 -7.59
CA ILE G 70 -12.51 -23.01 -7.83
C ILE G 70 -13.35 -21.97 -8.56
N LEU G 71 -12.83 -20.77 -8.70
CA LEU G 71 -13.46 -19.78 -9.55
C LEU G 71 -12.79 -19.71 -10.91
N GLY G 72 -11.72 -20.46 -11.09
CA GLY G 72 -10.98 -20.37 -12.33
C GLY G 72 -10.29 -19.04 -12.59
N ASN G 73 -9.41 -18.65 -11.68
CA ASN G 73 -8.60 -17.44 -11.89
C ASN G 73 -7.43 -17.58 -12.87
N PRO G 74 -7.34 -16.65 -13.83
CA PRO G 74 -6.29 -16.59 -14.86
C PRO G 74 -4.88 -16.55 -14.26
N GLU G 75 -4.81 -16.31 -12.96
CA GLU G 75 -3.59 -16.63 -12.22
C GLU G 75 -3.55 -18.12 -11.95
N CYS G 76 -4.55 -18.61 -11.22
CA CYS G 76 -4.57 -19.95 -10.65
C CYS G 76 -4.18 -21.03 -11.66
N GLU G 77 -5.08 -21.30 -12.60
CA GLU G 77 -4.68 -21.99 -13.82
C GLU G 77 -3.94 -23.27 -13.54
N SER G 78 -2.66 -23.25 -13.91
CA SER G 78 -1.81 -24.40 -13.99
C SER G 78 -1.91 -25.27 -12.73
N LEU G 79 -2.09 -26.58 -12.91
CA LEU G 79 -2.35 -27.47 -11.78
C LEU G 79 -1.93 -28.93 -12.03
N SER G 80 -2.14 -29.77 -11.01
CA SER G 80 -1.64 -31.14 -11.00
C SER G 80 -2.65 -32.06 -11.67
N THR G 81 -2.43 -33.38 -11.58
CA THR G 81 -3.38 -34.38 -12.07
C THR G 81 -3.88 -35.32 -10.97
N ALA G 82 -5.13 -35.16 -10.56
CA ALA G 82 -5.71 -36.03 -9.54
C ALA G 82 -7.23 -36.13 -9.63
N SER G 83 -7.76 -37.29 -9.27
CA SER G 83 -9.19 -37.45 -9.02
C SER G 83 -9.51 -37.41 -7.51
N SER G 84 -8.47 -37.29 -6.69
CA SER G 84 -8.60 -37.54 -5.26
C SER G 84 -7.49 -36.92 -4.42
N TRP G 85 -7.77 -36.78 -3.12
CA TRP G 85 -6.85 -36.15 -2.14
C TRP G 85 -7.37 -36.15 -0.69
N SER G 86 -6.50 -35.69 0.20
CA SER G 86 -6.74 -35.72 1.64
C SER G 86 -6.81 -34.32 2.22
N TYR G 87 -5.70 -33.60 2.18
CA TYR G 87 -5.74 -32.25 2.70
C TYR G 87 -4.99 -31.21 1.85
N ILE G 88 -5.74 -30.22 1.40
CA ILE G 88 -5.25 -29.27 0.44
C ILE G 88 -4.02 -28.52 0.94
N VAL G 89 -2.91 -28.59 0.21
CA VAL G 89 -1.81 -27.69 0.49
C VAL G 89 -2.01 -26.40 -0.30
N GLU G 90 -1.66 -25.28 0.31
CA GLU G 90 -1.93 -23.98 -0.25
C GLU G 90 -0.71 -23.08 -0.19
N THR G 91 -0.18 -22.70 -1.35
CA THR G 91 0.60 -21.47 -1.39
C THR G 91 -0.42 -20.38 -1.64
N SER G 92 -0.46 -19.44 -0.70
CA SER G 92 -1.40 -18.34 -0.75
C SER G 92 -0.82 -17.14 -1.50
N SER G 93 -1.63 -16.52 -2.34
CA SER G 93 -1.26 -15.24 -2.93
C SER G 93 -1.76 -14.20 -1.94
N SER G 94 -2.27 -14.70 -0.81
CA SER G 94 -2.79 -13.86 0.28
C SER G 94 -3.91 -12.92 -0.17
N ASP G 95 -3.61 -11.64 -0.12
CA ASP G 95 -4.54 -10.57 -0.40
C ASP G 95 -5.17 -10.61 -1.81
N ASN G 96 -4.65 -11.44 -2.71
CA ASN G 96 -5.18 -11.54 -4.07
C ASN G 96 -6.20 -12.64 -4.38
N GLY G 97 -6.60 -13.43 -3.38
CA GLY G 97 -7.34 -14.67 -3.57
C GLY G 97 -8.55 -14.67 -4.51
N THR G 98 -9.35 -13.62 -4.41
CA THR G 98 -10.40 -13.37 -5.38
C THR G 98 -9.87 -12.24 -6.23
N CYS G 99 -10.17 -12.26 -7.53
CA CYS G 99 -9.61 -11.27 -8.44
C CYS G 99 -10.38 -9.94 -8.42
N TYR G 100 -11.58 -9.95 -9.00
CA TYR G 100 -12.50 -8.82 -8.96
C TYR G 100 -13.04 -8.86 -7.58
N PRO G 101 -12.72 -7.81 -6.78
CA PRO G 101 -12.73 -7.78 -5.33
C PRO G 101 -14.10 -8.13 -4.83
N GLY G 102 -14.16 -8.88 -3.76
CA GLY G 102 -15.43 -9.37 -3.27
C GLY G 102 -15.29 -10.29 -2.10
N ASP G 103 -16.43 -10.60 -1.49
CA ASP G 103 -16.42 -11.48 -0.35
C ASP G 103 -16.74 -12.91 -0.77
N PHE G 104 -15.91 -13.87 -0.38
CA PHE G 104 -16.24 -15.25 -0.67
C PHE G 104 -17.03 -15.76 0.53
N ILE G 105 -18.32 -15.90 0.29
CA ILE G 105 -19.24 -16.41 1.26
C ILE G 105 -19.20 -17.94 1.31
N ASP G 106 -19.55 -18.49 2.46
CA ASP G 106 -19.65 -19.94 2.73
C ASP G 106 -18.36 -20.64 2.41
N TYR G 107 -17.27 -19.88 2.42
CA TYR G 107 -15.96 -20.35 2.03
C TYR G 107 -15.39 -21.46 2.93
N GLU G 108 -15.73 -21.46 4.21
CA GLU G 108 -15.33 -22.56 5.08
C GLU G 108 -16.21 -23.81 4.98
N GLU G 109 -17.52 -23.62 4.80
CA GLU G 109 -18.46 -24.70 4.53
C GLU G 109 -17.93 -25.40 3.29
N LEU G 110 -17.54 -24.58 2.33
CA LEU G 110 -16.83 -24.98 1.10
C LEU G 110 -15.51 -25.65 1.38
N ARG G 111 -14.62 -24.97 2.11
CA ARG G 111 -13.25 -25.44 2.39
C ARG G 111 -13.28 -26.88 2.86
N GLU G 112 -14.19 -27.21 3.76
CA GLU G 112 -14.29 -28.57 4.28
C GLU G 112 -14.87 -29.54 3.26
N GLN G 113 -15.84 -29.05 2.48
CA GLN G 113 -16.51 -29.85 1.46
C GLN G 113 -15.49 -30.54 0.51
N LEU G 114 -14.35 -29.90 0.38
CA LEU G 114 -13.18 -30.36 -0.38
C LEU G 114 -12.17 -31.23 0.41
N SER G 115 -12.54 -31.73 1.59
CA SER G 115 -11.50 -32.24 2.47
C SER G 115 -10.89 -33.53 1.93
N SER G 116 -11.63 -34.63 1.94
CA SER G 116 -11.13 -35.87 1.31
C SER G 116 -12.10 -36.23 0.22
N VAL G 117 -11.65 -36.11 -1.03
CA VAL G 117 -12.52 -36.24 -2.20
C VAL G 117 -12.20 -37.50 -3.00
N SER G 118 -13.22 -38.30 -3.29
CA SER G 118 -13.02 -39.53 -4.04
C SER G 118 -12.89 -39.29 -5.55
N SER G 119 -13.79 -38.49 -6.11
CA SER G 119 -13.80 -38.20 -7.53
C SER G 119 -13.93 -36.70 -7.72
N PHE G 120 -13.33 -36.19 -8.79
CA PHE G 120 -13.44 -34.78 -9.15
C PHE G 120 -13.58 -34.64 -10.66
N GLU G 121 -14.67 -34.03 -11.12
CA GLU G 121 -14.88 -33.83 -12.55
C GLU G 121 -15.38 -32.44 -12.90
N ARG G 122 -14.58 -31.74 -13.68
CA ARG G 122 -14.94 -30.45 -14.27
C ARG G 122 -15.85 -30.63 -15.47
N PHE G 123 -16.82 -29.74 -15.60
CA PHE G 123 -17.63 -29.73 -16.81
C PHE G 123 -18.27 -28.41 -17.05
N GLU G 124 -18.68 -28.18 -18.29
CA GLU G 124 -19.54 -27.06 -18.59
C GLU G 124 -21.00 -27.46 -18.56
N ILE G 125 -21.63 -26.91 -17.54
CA ILE G 125 -23.02 -27.08 -17.22
C ILE G 125 -23.89 -26.14 -18.05
N PHE G 126 -23.33 -24.97 -18.36
CA PHE G 126 -23.99 -23.88 -19.11
C PHE G 126 -23.05 -23.27 -20.16
N PRO G 127 -23.03 -23.83 -21.37
CA PRO G 127 -22.10 -23.33 -22.40
C PRO G 127 -22.24 -21.85 -22.57
N LYS G 128 -21.09 -21.18 -22.53
CA LYS G 128 -21.00 -19.73 -22.58
C LYS G 128 -21.66 -19.29 -23.85
N THR G 129 -21.53 -20.12 -24.87
CA THR G 129 -22.18 -19.89 -26.14
C THR G 129 -23.70 -19.80 -26.04
N SER G 130 -24.31 -20.96 -25.91
CA SER G 130 -25.72 -21.11 -26.28
C SER G 130 -26.83 -21.14 -25.23
N SER G 131 -26.44 -21.07 -23.97
CA SER G 131 -27.40 -21.11 -22.88
C SER G 131 -28.05 -19.74 -22.81
N TRP G 132 -27.34 -18.76 -23.34
CA TRP G 132 -27.66 -17.37 -23.16
C TRP G 132 -27.84 -16.66 -24.49
N PRO G 133 -28.98 -16.89 -25.15
CA PRO G 133 -29.25 -16.12 -26.36
C PRO G 133 -29.38 -14.65 -26.07
N ASN G 134 -30.17 -14.35 -25.03
CA ASN G 134 -30.83 -13.05 -24.94
C ASN G 134 -30.05 -12.03 -24.12
N HIS G 135 -28.87 -12.46 -23.69
CA HIS G 135 -27.92 -11.58 -23.06
C HIS G 135 -26.58 -11.71 -23.77
N ASP G 136 -25.69 -10.78 -23.48
CA ASP G 136 -24.45 -10.72 -24.21
C ASP G 136 -23.42 -11.52 -23.41
N SER G 137 -23.04 -12.66 -23.97
CA SER G 137 -22.20 -13.61 -23.27
C SER G 137 -20.73 -13.24 -23.26
N ASN G 138 -20.26 -12.61 -24.32
CA ASN G 138 -18.81 -12.44 -24.44
C ASN G 138 -18.23 -11.09 -24.02
N LYS G 139 -19.08 -10.16 -23.61
CA LYS G 139 -18.58 -8.86 -23.16
C LYS G 139 -17.94 -8.88 -21.77
N GLY G 140 -18.55 -9.48 -20.76
CA GLY G 140 -17.98 -9.24 -19.44
C GLY G 140 -16.60 -9.82 -19.15
N VAL G 141 -15.65 -8.91 -18.89
CA VAL G 141 -14.27 -9.17 -18.50
C VAL G 141 -13.76 -7.94 -17.75
N THR G 142 -12.77 -8.10 -16.87
CA THR G 142 -12.33 -6.96 -16.06
C THR G 142 -10.82 -6.89 -15.78
N ALA G 143 -10.25 -5.69 -15.88
CA ALA G 143 -8.81 -5.50 -15.79
C ALA G 143 -8.26 -5.94 -14.47
N ALA G 144 -9.13 -6.03 -13.47
CA ALA G 144 -8.74 -6.61 -12.19
C ALA G 144 -8.19 -8.01 -12.38
N CYS G 145 -8.72 -8.74 -13.38
CA CYS G 145 -8.19 -10.06 -13.73
C CYS G 145 -7.64 -10.16 -15.18
N PRO G 146 -6.43 -9.66 -15.38
CA PRO G 146 -5.72 -9.75 -16.65
C PRO G 146 -5.07 -11.11 -16.87
N HIS G 147 -4.94 -11.50 -18.14
CA HIS G 147 -4.06 -12.62 -18.53
C HIS G 147 -3.26 -12.28 -19.80
N ALA G 148 -1.94 -12.30 -19.66
CA ALA G 148 -1.04 -12.00 -20.75
C ALA G 148 -1.51 -10.74 -21.45
N GLY G 149 -1.49 -9.64 -20.72
CA GLY G 149 -1.87 -8.34 -21.25
C GLY G 149 -3.24 -8.32 -21.89
N ALA G 150 -4.14 -9.20 -21.44
CA ALA G 150 -5.51 -9.17 -21.93
C ALA G 150 -6.38 -8.89 -20.73
N LYS G 151 -7.58 -8.40 -21.02
CA LYS G 151 -8.56 -8.16 -19.98
C LYS G 151 -9.49 -9.35 -20.01
N SER G 152 -9.52 -10.11 -18.93
CA SER G 152 -10.24 -11.38 -18.87
C SER G 152 -10.90 -11.58 -17.52
N PHE G 153 -11.51 -12.74 -17.32
CA PHE G 153 -12.35 -12.96 -16.18
C PHE G 153 -12.16 -14.39 -15.71
N TYR G 154 -12.87 -14.78 -14.66
CA TYR G 154 -12.73 -16.10 -14.06
C TYR G 154 -13.16 -17.18 -15.06
N LYS G 155 -12.30 -18.15 -15.30
CA LYS G 155 -12.51 -19.15 -16.34
C LYS G 155 -13.83 -19.88 -16.12
N ASN G 156 -14.21 -19.97 -14.85
CA ASN G 156 -15.31 -20.81 -14.42
C ASN G 156 -16.64 -20.14 -14.54
N LEU G 157 -16.64 -18.91 -14.99
CA LEU G 157 -17.84 -18.19 -14.88
C LEU G 157 -18.11 -17.49 -16.17
N ILE G 158 -19.26 -16.82 -16.24
CA ILE G 158 -19.55 -15.87 -17.30
C ILE G 158 -20.35 -14.70 -16.75
N TRP G 159 -19.91 -13.47 -17.01
CA TRP G 159 -20.54 -12.31 -16.41
C TRP G 159 -21.39 -11.73 -17.47
N LEU G 160 -22.70 -11.92 -17.39
CA LEU G 160 -23.57 -11.59 -18.53
C LEU G 160 -24.03 -10.17 -18.42
N VAL G 161 -23.70 -9.34 -19.40
CA VAL G 161 -24.02 -7.95 -19.19
C VAL G 161 -25.24 -7.51 -19.95
N LYS G 162 -25.13 -7.25 -21.25
CA LYS G 162 -26.28 -6.87 -22.05
C LYS G 162 -25.89 -6.53 -23.47
N LYS G 163 -26.88 -6.56 -24.35
CA LYS G 163 -26.70 -6.13 -25.72
C LYS G 163 -27.99 -5.44 -26.15
N GLY G 164 -27.87 -4.25 -26.72
CA GLY G 164 -29.05 -3.57 -27.24
C GLY G 164 -30.01 -3.20 -26.14
N ASN G 165 -29.52 -3.21 -24.91
CA ASN G 165 -30.20 -2.70 -23.70
C ASN G 165 -31.69 -3.02 -23.40
N SER G 166 -32.16 -4.25 -23.65
CA SER G 166 -33.34 -4.68 -22.90
C SER G 166 -33.25 -5.68 -21.71
N TYR G 167 -32.06 -6.22 -21.43
CA TYR G 167 -31.86 -7.30 -20.44
C TYR G 167 -33.07 -8.25 -20.25
N PRO G 168 -33.48 -9.00 -21.30
CA PRO G 168 -34.70 -9.80 -21.01
C PRO G 168 -34.48 -10.93 -20.01
N LYS G 169 -35.34 -10.95 -18.99
CA LYS G 169 -35.60 -12.06 -18.05
C LYS G 169 -34.35 -12.74 -17.53
N LEU G 170 -34.50 -14.03 -17.29
CA LEU G 170 -33.51 -15.09 -17.42
C LEU G 170 -34.30 -16.28 -16.88
N SER G 171 -34.01 -17.50 -17.31
CA SER G 171 -34.35 -18.70 -16.54
C SER G 171 -33.34 -19.79 -16.85
N LYS G 172 -32.75 -20.42 -15.87
CA LYS G 172 -31.88 -21.54 -16.18
C LYS G 172 -32.04 -22.64 -15.15
N SER G 173 -31.80 -23.86 -15.58
CA SER G 173 -32.09 -25.04 -14.79
C SER G 173 -31.02 -26.06 -15.08
N TYR G 174 -30.56 -26.77 -14.06
CA TYR G 174 -29.70 -27.91 -14.29
C TYR G 174 -30.14 -29.16 -13.51
N ILE G 175 -30.54 -30.20 -14.22
CA ILE G 175 -30.91 -31.45 -13.57
C ILE G 175 -29.72 -32.39 -13.63
N ASN G 176 -29.50 -33.15 -12.56
CA ASN G 176 -28.51 -34.23 -12.57
C ASN G 176 -29.04 -35.42 -13.35
N ASP G 177 -28.14 -36.11 -14.02
CA ASP G 177 -28.45 -37.42 -14.56
C ASP G 177 -27.83 -38.42 -13.59
N LYS G 178 -26.51 -38.34 -13.44
CA LYS G 178 -25.72 -39.25 -12.59
C LYS G 178 -25.85 -39.00 -11.06
N GLY G 179 -25.15 -39.84 -10.29
CA GLY G 179 -25.08 -39.79 -8.85
C GLY G 179 -23.81 -39.27 -8.21
N LYS G 180 -23.00 -38.50 -8.91
CA LYS G 180 -21.94 -37.76 -8.22
C LYS G 180 -22.58 -36.56 -7.51
N GLU G 181 -21.78 -35.77 -6.78
CA GLU G 181 -22.31 -34.58 -6.08
C GLU G 181 -21.83 -33.35 -6.85
N VAL G 182 -22.77 -32.55 -7.36
CA VAL G 182 -22.45 -31.55 -8.39
C VAL G 182 -22.33 -30.10 -7.91
N LEU G 183 -21.10 -29.61 -7.90
CA LEU G 183 -20.75 -28.36 -7.24
C LEU G 183 -20.66 -27.23 -8.27
N VAL G 184 -21.64 -26.34 -8.22
CA VAL G 184 -21.69 -25.26 -9.18
C VAL G 184 -21.52 -23.98 -8.40
N LEU G 185 -20.64 -23.11 -8.88
CA LEU G 185 -20.40 -21.85 -8.19
C LEU G 185 -20.83 -20.66 -9.02
N TRP G 186 -21.30 -19.62 -8.36
CA TRP G 186 -21.52 -18.39 -9.07
C TRP G 186 -21.27 -17.19 -8.20
N GLY G 187 -21.60 -16.04 -8.74
CA GLY G 187 -21.35 -14.79 -8.06
C GLY G 187 -22.43 -13.80 -8.43
N ILE G 188 -22.58 -12.78 -7.58
CA ILE G 188 -23.51 -11.71 -7.89
C ILE G 188 -22.69 -10.43 -7.95
N HIS G 189 -22.85 -9.67 -9.03
CA HIS G 189 -22.06 -8.46 -9.17
C HIS G 189 -22.71 -7.35 -8.38
N HIS G 190 -21.88 -6.50 -7.79
CA HIS G 190 -22.35 -5.41 -6.98
C HIS G 190 -21.67 -4.10 -7.44
N PRO G 191 -22.26 -3.42 -8.46
CA PRO G 191 -21.64 -2.32 -9.22
C PRO G 191 -21.22 -1.16 -8.33
N SER G 192 -20.40 -0.24 -8.84
CA SER G 192 -19.98 0.90 -8.01
C SER G 192 -21.11 1.90 -7.88
N THR G 193 -21.37 2.65 -8.94
CA THR G 193 -22.47 3.61 -8.97
C THR G 193 -23.69 3.04 -9.67
N SER G 194 -24.69 3.86 -9.96
CA SER G 194 -25.85 3.36 -10.72
C SER G 194 -25.84 3.64 -12.22
N ALA G 195 -24.81 4.31 -12.71
CA ALA G 195 -24.58 4.32 -14.17
C ALA G 195 -24.08 2.93 -14.57
N ASP G 196 -23.08 2.44 -13.81
CA ASP G 196 -22.48 1.11 -13.96
C ASP G 196 -23.65 0.16 -14.19
N GLN G 197 -24.49 0.05 -13.17
CA GLN G 197 -25.60 -0.90 -13.21
C GLN G 197 -26.58 -0.64 -14.35
N GLN G 198 -26.73 0.61 -14.76
CA GLN G 198 -27.68 0.96 -15.83
C GLN G 198 -27.14 0.59 -17.21
N SER G 199 -25.84 0.80 -17.39
CA SER G 199 -25.19 0.52 -18.63
C SER G 199 -24.84 -0.95 -18.79
N LEU G 200 -24.57 -1.63 -17.70
CA LEU G 200 -24.35 -3.07 -17.74
C LEU G 200 -25.63 -3.92 -17.71
N TYR G 201 -26.52 -3.55 -16.81
CA TYR G 201 -27.75 -4.28 -16.52
C TYR G 201 -29.16 -3.84 -16.97
N GLN G 202 -29.29 -2.76 -17.73
CA GLN G 202 -30.60 -2.08 -17.86
C GLN G 202 -31.13 -1.58 -16.49
N ASN G 203 -32.24 -2.16 -16.01
CA ASN G 203 -32.88 -1.79 -14.73
C ASN G 203 -32.04 -1.70 -13.41
N ALA G 204 -32.28 -0.64 -12.65
CA ALA G 204 -31.65 -0.51 -11.34
C ALA G 204 -32.44 -1.21 -10.20
N ASP G 205 -33.54 -1.87 -10.59
CA ASP G 205 -34.29 -2.81 -9.74
C ASP G 205 -33.95 -4.31 -9.87
N ALA G 206 -32.88 -4.61 -10.58
CA ALA G 206 -32.44 -5.97 -10.89
C ALA G 206 -32.41 -6.86 -9.66
N TYR G 207 -32.98 -8.06 -9.76
CA TYR G 207 -32.96 -9.00 -8.65
C TYR G 207 -32.35 -10.31 -9.09
N VAL G 208 -31.97 -11.17 -8.16
CA VAL G 208 -31.46 -12.52 -8.51
C VAL G 208 -32.15 -13.69 -7.77
N PHE G 209 -32.86 -14.56 -8.48
CA PHE G 209 -33.48 -15.69 -7.79
C PHE G 209 -32.81 -17.02 -8.12
N VAL G 210 -32.26 -17.65 -7.08
CA VAL G 210 -31.69 -18.97 -7.17
C VAL G 210 -32.33 -19.81 -6.09
N GLY G 211 -32.95 -20.94 -6.44
CA GLY G 211 -33.20 -21.95 -5.43
C GLY G 211 -33.42 -23.33 -6.04
N SER G 212 -33.08 -24.37 -5.28
CA SER G 212 -33.01 -25.72 -5.85
C SER G 212 -33.81 -26.85 -5.23
N SER G 213 -33.27 -27.39 -4.14
CA SER G 213 -33.85 -28.60 -3.54
C SER G 213 -33.98 -28.42 -2.06
N ARG G 214 -32.85 -28.46 -1.39
CA ARG G 214 -32.79 -27.73 -0.18
C ARG G 214 -31.74 -26.68 -0.47
N TYR G 215 -32.25 -25.50 -0.80
CA TYR G 215 -31.62 -24.20 -0.75
C TYR G 215 -32.73 -23.35 -1.38
N SER G 216 -32.84 -22.06 -1.03
CA SER G 216 -33.48 -21.04 -1.87
C SER G 216 -32.85 -19.66 -1.54
N LYS G 217 -32.46 -18.83 -2.51
CA LYS G 217 -31.98 -17.50 -2.12
C LYS G 217 -32.25 -16.35 -3.11
N LYS G 218 -32.71 -15.21 -2.60
CA LYS G 218 -32.82 -14.00 -3.40
C LYS G 218 -31.75 -12.97 -3.00
N PHE G 219 -31.18 -12.33 -4.01
CA PHE G 219 -30.03 -11.47 -3.84
C PHE G 219 -30.53 -10.16 -4.42
N LYS G 220 -29.66 -9.17 -4.48
CA LYS G 220 -30.01 -7.77 -4.79
C LYS G 220 -28.70 -7.01 -4.88
N PRO G 221 -28.65 -6.04 -5.79
CA PRO G 221 -27.51 -5.14 -5.75
C PRO G 221 -27.49 -4.22 -4.53
N GLU G 222 -26.34 -4.18 -3.85
CA GLU G 222 -26.04 -2.99 -3.08
C GLU G 222 -25.21 -2.20 -4.06
N ILE G 223 -25.78 -1.10 -4.53
CA ILE G 223 -25.08 -0.27 -5.45
C ILE G 223 -24.41 0.81 -4.62
N ALA G 224 -23.09 0.73 -4.52
CA ALA G 224 -22.36 1.59 -3.61
C ALA G 224 -20.95 1.72 -4.10
N ILE G 225 -20.30 2.81 -3.76
CA ILE G 225 -18.94 3.02 -4.18
C ILE G 225 -18.10 2.44 -3.05
N ARG G 226 -17.46 1.32 -3.29
CA ARG G 226 -16.50 0.82 -2.32
C ARG G 226 -15.16 1.54 -2.54
N PRO G 227 -14.24 1.46 -1.56
CA PRO G 227 -12.92 2.04 -1.79
C PRO G 227 -12.22 1.31 -2.89
N LYS G 228 -11.20 1.91 -3.48
CA LYS G 228 -10.54 1.28 -4.59
C LYS G 228 -9.54 0.23 -4.15
N VAL G 229 -9.79 -0.99 -4.62
CA VAL G 229 -8.88 -2.13 -4.47
C VAL G 229 -8.77 -2.82 -5.84
N ARG G 230 -7.54 -2.82 -6.40
CA ARG G 230 -7.30 -3.18 -7.81
C ARG G 230 -8.26 -2.34 -8.61
N ASP G 231 -8.53 -1.18 -8.04
CA ASP G 231 -9.38 -0.13 -8.57
C ASP G 231 -10.62 -0.64 -9.24
N GLN G 232 -11.45 -1.32 -8.46
CA GLN G 232 -12.80 -1.62 -8.85
C GLN G 232 -13.63 -1.17 -7.68
N GLU G 233 -14.44 -0.16 -7.89
CA GLU G 233 -15.20 0.32 -6.77
C GLU G 233 -16.30 -0.65 -6.54
N GLY G 234 -16.78 -1.29 -7.57
CA GLY G 234 -17.84 -2.28 -7.46
C GLY G 234 -17.36 -3.54 -6.78
N ARG G 235 -18.27 -4.46 -6.51
CA ARG G 235 -17.91 -5.66 -5.79
C ARG G 235 -18.61 -6.90 -6.34
N MET G 236 -18.12 -8.08 -5.97
CA MET G 236 -18.83 -9.30 -6.35
C MET G 236 -18.97 -10.23 -5.15
N ASN G 237 -19.90 -11.17 -5.21
CA ASN G 237 -20.15 -12.08 -4.09
C ASN G 237 -20.40 -13.55 -4.49
N TYR G 238 -19.59 -14.44 -3.94
CA TYR G 238 -19.50 -15.82 -4.40
C TYR G 238 -20.24 -16.81 -3.53
N TYR G 239 -21.22 -17.49 -4.11
CA TYR G 239 -22.10 -18.36 -3.35
C TYR G 239 -22.03 -19.73 -4.00
N TRP G 240 -22.30 -20.79 -3.24
CA TRP G 240 -22.42 -22.12 -3.83
C TRP G 240 -23.45 -23.01 -3.15
N THR G 241 -23.99 -23.94 -3.93
CA THR G 241 -24.77 -25.03 -3.40
C THR G 241 -24.28 -26.36 -3.99
N LEU G 242 -24.89 -27.46 -3.57
CA LEU G 242 -24.54 -28.77 -4.07
C LEU G 242 -25.79 -29.51 -4.54
N VAL G 243 -25.86 -29.78 -5.85
CA VAL G 243 -27.01 -30.50 -6.41
C VAL G 243 -26.73 -31.99 -6.50
N GLU G 244 -27.51 -32.74 -5.74
CA GLU G 244 -27.36 -34.18 -5.60
C GLU G 244 -28.06 -34.90 -6.77
N PRO G 245 -28.14 -36.24 -6.72
CA PRO G 245 -29.00 -36.92 -7.68
C PRO G 245 -30.39 -36.31 -7.79
N GLY G 246 -30.91 -36.23 -9.01
CA GLY G 246 -32.33 -36.03 -9.25
C GLY G 246 -32.93 -34.64 -9.10
N ASP G 247 -32.13 -33.59 -8.90
CA ASP G 247 -32.67 -32.24 -8.73
C ASP G 247 -32.12 -31.13 -9.65
N LYS G 248 -32.96 -30.12 -9.86
CA LYS G 248 -32.59 -28.93 -10.63
C LYS G 248 -32.34 -27.68 -9.78
N ILE G 249 -31.26 -26.97 -10.08
CA ILE G 249 -30.87 -25.80 -9.33
C ILE G 249 -31.67 -24.56 -9.74
N THR G 250 -31.99 -24.44 -11.02
CA THR G 250 -33.00 -23.45 -11.43
C THR G 250 -32.80 -21.95 -11.12
N PHE G 251 -31.93 -21.25 -11.86
CA PHE G 251 -31.75 -19.79 -11.69
C PHE G 251 -32.84 -18.86 -12.27
N GLU G 252 -32.58 -17.54 -12.15
CA GLU G 252 -33.31 -16.43 -12.80
C GLU G 252 -32.66 -15.09 -12.41
N ALA G 253 -32.84 -14.06 -13.23
CA ALA G 253 -32.21 -12.74 -13.00
C ALA G 253 -32.99 -11.62 -13.70
N THR G 254 -33.02 -10.43 -13.12
CA THR G 254 -33.34 -9.22 -13.87
C THR G 254 -32.07 -8.46 -14.16
N GLY G 255 -30.95 -9.04 -13.78
CA GLY G 255 -29.67 -8.36 -13.89
C GLY G 255 -28.71 -9.01 -12.95
N ASN G 256 -27.57 -8.40 -12.78
CA ASN G 256 -26.64 -8.74 -11.71
C ASN G 256 -26.17 -10.17 -11.47
N LEU G 257 -26.09 -11.04 -12.47
CA LEU G 257 -25.68 -12.42 -12.18
C LEU G 257 -24.44 -12.94 -12.94
N VAL G 258 -23.30 -13.15 -12.28
CA VAL G 258 -22.16 -13.70 -13.00
C VAL G 258 -22.20 -15.21 -12.87
N VAL G 259 -22.57 -15.88 -13.96
CA VAL G 259 -23.07 -17.26 -13.88
C VAL G 259 -21.93 -18.23 -13.85
N PRO G 260 -22.20 -19.49 -13.51
CA PRO G 260 -21.16 -20.49 -13.78
C PRO G 260 -21.04 -20.80 -15.27
N ARG G 261 -19.82 -20.83 -15.81
CA ARG G 261 -19.61 -21.55 -17.08
C ARG G 261 -19.41 -23.01 -16.80
N TYR G 262 -18.55 -23.29 -15.84
CA TYR G 262 -18.08 -24.64 -15.63
C TYR G 262 -18.41 -25.12 -14.26
N ALA G 263 -19.37 -26.03 -14.15
CA ALA G 263 -19.67 -26.71 -12.89
C ALA G 263 -18.65 -27.77 -12.48
N PHE G 264 -18.72 -28.17 -11.22
CA PHE G 264 -17.91 -29.28 -10.72
C PHE G 264 -18.82 -30.44 -10.26
N ALA G 265 -18.26 -31.64 -10.24
CA ALA G 265 -18.92 -32.81 -9.65
C ALA G 265 -17.91 -33.53 -8.76
N MET G 266 -18.38 -34.19 -7.71
CA MET G 266 -17.48 -34.98 -6.87
C MET G 266 -18.12 -36.08 -6.04
N GLU G 267 -17.27 -37.02 -5.59
CA GLU G 267 -17.66 -38.02 -4.60
C GLU G 267 -16.89 -37.66 -3.36
N ARG G 268 -17.60 -37.17 -2.36
CA ARG G 268 -17.04 -36.83 -1.06
C ARG G 268 -17.11 -38.06 -0.15
N ASN G 269 -15.98 -38.40 0.48
CA ASN G 269 -15.93 -39.57 1.35
C ASN G 269 -16.21 -39.29 2.84
N ALA G 270 -16.23 -38.01 3.21
CA ALA G 270 -16.10 -37.58 4.62
C ALA G 270 -14.78 -37.97 5.36
N GLY G 271 -13.69 -37.31 5.03
CA GLY G 271 -12.49 -37.42 5.86
C GLY G 271 -11.62 -36.16 5.89
N SER G 272 -10.82 -36.05 6.94
CA SER G 272 -9.97 -34.86 7.16
C SER G 272 -8.70 -35.23 7.93
N GLY G 273 -7.94 -34.23 8.37
CA GLY G 273 -6.62 -34.51 8.86
C GLY G 273 -5.71 -33.32 9.17
N ILE G 274 -4.41 -33.59 9.05
CA ILE G 274 -3.32 -32.64 9.22
C ILE G 274 -3.49 -31.38 8.35
N ILE G 275 -3.01 -30.24 8.83
CA ILE G 275 -2.93 -29.04 8.00
C ILE G 275 -1.55 -28.41 8.11
N ILE G 276 -1.27 -27.46 7.23
CA ILE G 276 0.03 -26.79 7.16
C ILE G 276 0.44 -26.24 8.52
N SER G 277 1.69 -26.51 8.91
CA SER G 277 2.29 -25.88 10.08
C SER G 277 2.30 -24.36 9.94
N ASP G 278 3.14 -23.86 9.03
CA ASP G 278 3.12 -22.46 8.62
C ASP G 278 3.10 -22.41 7.10
N THR G 279 4.20 -22.83 6.50
CA THR G 279 4.39 -22.74 5.07
C THR G 279 5.55 -23.65 4.70
N LYS H 2 -30.03 -50.12 -32.54
CA LYS H 2 -28.76 -49.57 -32.13
C LYS H 2 -28.30 -48.78 -33.31
N LEU H 3 -29.16 -47.89 -33.81
CA LEU H 3 -29.05 -47.43 -35.20
C LEU H 3 -29.31 -45.94 -35.47
N GLN H 4 -28.88 -45.51 -36.66
CA GLN H 4 -28.83 -44.10 -37.09
C GLN H 4 -29.25 -43.88 -38.55
N GLN H 5 -30.31 -43.11 -38.79
CA GLN H 5 -30.79 -42.91 -40.14
C GLN H 5 -31.03 -41.43 -40.46
N SER H 6 -30.59 -40.95 -41.63
CA SER H 6 -30.73 -39.54 -41.98
C SER H 6 -31.63 -39.20 -43.17
N GLY H 7 -32.16 -37.98 -43.19
CA GLY H 7 -33.32 -37.64 -43.99
C GLY H 7 -33.49 -36.72 -45.20
N GLY H 8 -32.46 -36.12 -45.81
CA GLY H 8 -32.69 -35.32 -47.03
C GLY H 8 -31.51 -34.79 -47.87
N GLY H 9 -31.72 -34.66 -49.18
CA GLY H 9 -30.66 -34.35 -50.14
C GLY H 9 -30.06 -33.06 -50.71
N VAL H 10 -30.83 -32.23 -51.44
CA VAL H 10 -30.18 -31.20 -52.31
C VAL H 10 -30.84 -29.80 -52.54
N VAL H 11 -30.10 -28.73 -52.27
CA VAL H 11 -30.71 -27.42 -52.00
C VAL H 11 -30.14 -26.19 -52.74
N GLN H 12 -31.02 -25.31 -53.22
CA GLN H 12 -30.57 -24.03 -53.78
C GLN H 12 -30.21 -23.05 -52.64
N PRO H 13 -29.47 -21.95 -52.96
CA PRO H 13 -29.06 -21.03 -51.90
C PRO H 13 -30.24 -20.24 -51.37
N GLY H 14 -29.98 -19.26 -50.51
CA GLY H 14 -31.05 -18.71 -49.71
C GLY H 14 -31.67 -19.95 -49.11
N GLY H 15 -32.97 -20.12 -49.25
CA GLY H 15 -33.58 -21.44 -49.22
C GLY H 15 -33.55 -22.07 -47.83
N SER H 16 -34.42 -23.04 -47.59
CA SER H 16 -34.43 -23.72 -46.30
C SER H 16 -34.83 -25.21 -46.41
N LEU H 17 -34.12 -26.08 -45.67
CA LEU H 17 -34.42 -27.52 -45.62
C LEU H 17 -34.30 -28.15 -44.21
N ARG H 18 -35.16 -29.12 -43.92
CA ARG H 18 -35.18 -29.81 -42.62
C ARG H 18 -34.76 -31.30 -42.67
N LEU H 19 -33.73 -31.67 -41.90
CA LEU H 19 -33.13 -33.01 -41.94
C LEU H 19 -33.60 -33.87 -40.81
N SER H 20 -33.67 -35.16 -41.04
CA SER H 20 -34.23 -36.08 -40.07
C SER H 20 -33.21 -37.11 -39.57
N CYS H 21 -33.22 -37.40 -38.27
CA CYS H 21 -32.42 -38.49 -37.69
C CYS H 21 -33.34 -39.31 -36.86
N ALA H 22 -33.46 -40.57 -37.22
CA ALA H 22 -34.30 -41.51 -36.50
C ALA H 22 -33.38 -42.58 -35.96
N ALA H 23 -33.60 -42.99 -34.72
CA ALA H 23 -32.70 -43.96 -34.13
C ALA H 23 -33.52 -45.13 -33.65
N SER H 24 -33.01 -46.36 -33.78
CA SER H 24 -33.56 -47.42 -32.94
C SER H 24 -32.51 -48.10 -32.03
N GLY H 25 -32.23 -47.44 -30.90
CA GLY H 25 -31.39 -47.94 -29.82
C GLY H 25 -32.07 -48.02 -28.48
N PHE H 26 -33.38 -47.83 -28.51
CA PHE H 26 -34.19 -47.48 -27.35
C PHE H 26 -33.59 -46.30 -26.58
N THR H 27 -33.96 -46.19 -25.30
CA THR H 27 -33.43 -45.23 -24.32
C THR H 27 -33.03 -43.85 -24.88
N PHE H 28 -33.76 -43.35 -25.86
CA PHE H 28 -33.29 -42.21 -26.65
C PHE H 28 -33.57 -40.92 -25.88
N SER H 29 -34.76 -40.85 -25.30
CA SER H 29 -35.25 -39.67 -24.60
C SER H 29 -34.32 -39.06 -23.54
N ASP H 30 -33.61 -39.89 -22.80
CA ASP H 30 -32.74 -39.39 -21.74
C ASP H 30 -31.35 -39.19 -22.29
N TYR H 31 -31.17 -39.57 -23.56
CA TYR H 31 -29.92 -39.34 -24.25
C TYR H 31 -29.89 -37.99 -24.97
N ASP H 32 -28.71 -37.37 -24.95
CA ASP H 32 -28.46 -36.16 -25.71
C ASP H 32 -28.26 -36.57 -27.18
N MET H 33 -28.53 -35.66 -28.12
CA MET H 33 -28.33 -35.96 -29.53
C MET H 33 -27.71 -34.76 -30.24
N SER H 34 -27.35 -34.91 -31.53
CA SER H 34 -26.75 -33.83 -32.30
C SER H 34 -26.38 -34.16 -33.75
N TRP H 35 -26.37 -33.11 -34.60
CA TRP H 35 -26.00 -33.25 -36.01
C TRP H 35 -24.63 -32.64 -36.22
N ILE H 36 -23.80 -33.25 -37.07
CA ILE H 36 -22.52 -32.66 -37.46
C ILE H 36 -22.22 -32.96 -38.92
N ARG H 37 -21.41 -32.13 -39.56
CA ARG H 37 -21.15 -32.30 -41.00
C ARG H 37 -19.68 -32.47 -41.45
N GLN H 38 -19.51 -33.28 -42.49
CA GLN H 38 -18.23 -33.42 -43.13
C GLN H 38 -18.28 -32.70 -44.46
N ALA H 39 -17.42 -31.70 -44.61
CA ALA H 39 -17.45 -30.87 -45.78
C ALA H 39 -16.73 -31.65 -46.85
N PRO H 40 -16.66 -31.11 -48.07
CA PRO H 40 -15.74 -31.85 -48.91
C PRO H 40 -14.34 -31.41 -48.54
N GLY H 41 -13.36 -32.02 -49.16
CA GLY H 41 -12.00 -31.51 -49.15
C GLY H 41 -11.39 -31.87 -47.82
N LYS H 42 -12.19 -31.76 -46.77
CA LYS H 42 -12.00 -32.61 -45.63
C LYS H 42 -13.26 -33.01 -44.89
N GLY H 43 -13.78 -32.08 -44.10
CA GLY H 43 -14.14 -32.42 -42.72
C GLY H 43 -14.40 -31.23 -41.81
N LEU H 44 -13.97 -31.34 -40.55
CA LEU H 44 -14.24 -30.32 -39.50
C LEU H 44 -15.66 -30.27 -38.90
N GLU H 45 -16.43 -29.22 -39.23
CA GLU H 45 -17.51 -28.68 -38.39
C GLU H 45 -18.61 -29.59 -37.78
N TRP H 46 -19.08 -29.16 -36.60
CA TRP H 46 -20.14 -29.76 -35.80
C TRP H 46 -21.33 -28.81 -35.71
N VAL H 47 -22.47 -29.19 -36.27
CA VAL H 47 -23.65 -28.30 -36.37
C VAL H 47 -24.59 -28.13 -35.13
N SER H 48 -24.64 -29.12 -34.22
CA SER H 48 -25.66 -29.18 -33.14
C SER H 48 -25.27 -30.15 -31.97
N GLY H 49 -26.23 -30.42 -31.07
CA GLY H 49 -26.03 -30.73 -29.65
C GLY H 49 -27.16 -30.45 -28.70
N ILE H 50 -28.40 -30.43 -29.19
CA ILE H 50 -29.59 -30.39 -28.33
C ILE H 50 -29.64 -31.41 -27.18
N LEU H 51 -30.16 -30.93 -26.05
CA LEU H 51 -30.09 -31.62 -24.78
C LEU H 51 -31.03 -32.82 -24.71
N GLY H 52 -31.19 -33.34 -23.51
CA GLY H 52 -32.06 -34.44 -23.14
C GLY H 52 -33.40 -33.89 -22.65
N GLY H 53 -33.90 -34.40 -21.53
CA GLY H 53 -34.93 -33.66 -20.82
C GLY H 53 -34.54 -32.22 -20.46
N SER H 54 -35.53 -31.32 -20.48
CA SER H 54 -35.32 -29.85 -20.39
C SER H 54 -34.59 -29.17 -21.58
N GLU H 55 -35.31 -29.03 -22.69
CA GLU H 55 -34.74 -28.63 -23.99
C GLU H 55 -33.95 -27.35 -23.98
N ARG H 56 -32.69 -27.50 -24.36
CA ARG H 56 -31.73 -26.42 -24.56
C ARG H 56 -30.79 -26.95 -25.63
N SER H 57 -30.35 -26.09 -26.56
CA SER H 57 -29.56 -26.55 -27.67
C SER H 57 -28.32 -25.70 -27.77
N TYR H 58 -27.21 -26.28 -28.21
CA TYR H 58 -26.01 -25.51 -28.47
C TYR H 58 -25.52 -25.56 -29.92
N TYR H 59 -24.66 -24.62 -30.25
CA TYR H 59 -24.28 -24.35 -31.61
C TYR H 59 -22.97 -23.66 -31.62
N ARG H 60 -22.61 -23.15 -32.78
CA ARG H 60 -21.50 -22.23 -32.94
C ARG H 60 -21.94 -20.98 -33.69
N ASP H 61 -20.99 -20.10 -33.96
CA ASP H 61 -21.30 -18.79 -34.49
C ASP H 61 -21.33 -18.79 -36.02
N SER H 62 -20.97 -19.90 -36.62
CA SER H 62 -21.03 -20.04 -38.06
C SER H 62 -22.40 -20.58 -38.46
N VAL H 63 -23.30 -20.62 -37.48
CA VAL H 63 -24.60 -21.28 -37.61
C VAL H 63 -25.90 -20.56 -37.12
N LYS H 64 -25.87 -20.00 -35.91
CA LYS H 64 -27.04 -19.78 -35.03
C LYS H 64 -28.42 -19.33 -35.58
N GLY H 65 -28.53 -18.12 -36.11
CA GLY H 65 -29.83 -17.61 -36.54
C GLY H 65 -30.49 -18.52 -37.57
N ARG H 66 -29.62 -19.19 -38.30
CA ARG H 66 -29.97 -20.07 -39.37
C ARG H 66 -30.42 -21.48 -38.95
N PHE H 67 -29.73 -22.12 -37.99
CA PHE H 67 -30.04 -23.54 -37.67
C PHE H 67 -30.75 -23.85 -36.32
N THR H 68 -31.84 -24.61 -36.36
CA THR H 68 -32.58 -24.89 -35.12
C THR H 68 -32.86 -26.38 -34.87
N ILE H 69 -32.19 -27.02 -33.92
CA ILE H 69 -32.29 -28.48 -33.80
C ILE H 69 -33.56 -28.93 -33.08
N SER H 70 -34.21 -29.99 -33.55
CA SER H 70 -35.49 -30.39 -32.97
C SER H 70 -35.48 -31.83 -32.47
N ARG H 71 -36.46 -32.17 -31.64
CA ARG H 71 -36.65 -33.52 -31.14
C ARG H 71 -38.13 -33.84 -30.84
N ASP H 72 -38.57 -35.06 -31.16
CA ASP H 72 -39.80 -35.63 -30.61
C ASP H 72 -39.53 -37.10 -30.28
N ASN H 73 -39.66 -37.48 -29.01
CA ASN H 73 -39.25 -38.80 -28.55
C ASN H 73 -40.39 -39.83 -28.55
N SER H 74 -41.57 -39.42 -29.00
CA SER H 74 -42.67 -40.36 -29.22
C SER H 74 -42.25 -41.30 -30.33
N ARG H 75 -41.86 -40.69 -31.45
CA ARG H 75 -41.37 -41.42 -32.61
C ARG H 75 -40.02 -42.03 -32.30
N LYS H 76 -39.37 -41.51 -31.27
CA LYS H 76 -37.96 -41.78 -31.00
C LYS H 76 -37.12 -41.23 -32.13
N THR H 77 -37.50 -40.04 -32.63
CA THR H 77 -36.81 -39.33 -33.71
C THR H 77 -36.32 -37.94 -33.30
N LEU H 78 -35.38 -37.38 -34.05
CA LEU H 78 -34.80 -36.04 -33.80
C LEU H 78 -34.62 -35.28 -35.12
N TYR H 79 -34.86 -33.96 -35.11
CA TYR H 79 -34.86 -33.17 -36.36
C TYR H 79 -33.84 -32.04 -36.37
N LEU H 80 -33.73 -31.34 -37.48
CA LEU H 80 -32.90 -30.16 -37.56
C LEU H 80 -33.39 -29.27 -38.67
N GLN H 81 -33.29 -27.98 -38.49
CA GLN H 81 -33.81 -27.00 -39.45
C GLN H 81 -32.69 -26.06 -39.94
N MET H 82 -32.59 -25.95 -41.26
CA MET H 82 -31.49 -25.27 -41.88
C MET H 82 -32.03 -24.10 -42.68
N ASN H 83 -31.72 -22.89 -42.26
CA ASN H 83 -32.25 -21.73 -42.94
C ASN H 83 -31.12 -20.93 -43.60
N SER H 84 -31.52 -20.18 -44.62
CA SER H 84 -30.65 -19.26 -45.32
C SER H 84 -29.28 -19.85 -45.65
N LEU H 85 -29.22 -20.78 -46.61
CA LEU H 85 -27.97 -21.43 -46.96
C LEU H 85 -27.08 -20.64 -47.92
N ARG H 86 -25.77 -20.72 -47.66
CA ARG H 86 -24.79 -20.24 -48.60
C ARG H 86 -24.22 -21.53 -49.22
N ALA H 87 -23.25 -21.41 -50.11
CA ALA H 87 -22.66 -22.58 -50.75
C ALA H 87 -21.45 -23.03 -49.95
N GLU H 88 -21.19 -22.35 -48.85
CA GLU H 88 -20.13 -22.74 -47.92
C GLU H 88 -20.68 -23.61 -46.79
N ASP H 89 -21.98 -23.86 -46.84
CA ASP H 89 -22.60 -24.85 -45.95
C ASP H 89 -22.95 -26.22 -46.54
N THR H 90 -22.55 -26.51 -47.77
CA THR H 90 -22.79 -27.86 -48.28
C THR H 90 -21.79 -28.88 -47.75
N ALA H 91 -22.29 -30.10 -47.50
CA ALA H 91 -21.53 -31.20 -46.86
C ALA H 91 -22.39 -32.46 -46.61
N VAL H 92 -21.77 -33.54 -46.12
CA VAL H 92 -22.55 -34.73 -45.72
C VAL H 92 -22.79 -34.68 -44.22
N TYR H 93 -24.04 -34.50 -43.83
CA TYR H 93 -24.33 -34.26 -42.42
C TYR H 93 -24.43 -35.56 -41.62
N TYR H 94 -23.53 -35.70 -40.68
CA TYR H 94 -23.48 -36.88 -39.90
C TYR H 94 -24.32 -36.62 -38.67
N CYS H 95 -25.02 -37.64 -38.17
CA CYS H 95 -25.78 -37.54 -36.91
C CYS H 95 -25.21 -38.48 -35.83
N ALA H 96 -24.72 -37.90 -34.74
CA ALA H 96 -24.10 -38.70 -33.70
C ALA H 96 -24.87 -38.65 -32.37
N ARG H 97 -24.32 -39.30 -31.35
CA ARG H 97 -24.82 -39.21 -29.98
C ARG H 97 -23.65 -39.39 -29.04
N HIS H 98 -23.82 -38.92 -27.80
CA HIS H 98 -22.76 -38.84 -26.82
C HIS H 98 -23.06 -39.71 -25.63
N GLY H 99 -22.16 -40.64 -25.33
CA GLY H 99 -22.26 -41.33 -24.06
C GLY H 99 -21.85 -40.35 -22.96
N SER H 100 -22.81 -40.00 -22.09
CA SER H 100 -22.47 -39.50 -20.75
C SER H 100 -22.06 -40.60 -19.77
N PRO H 101 -22.98 -41.55 -19.46
CA PRO H 101 -23.29 -42.09 -18.13
C PRO H 101 -22.18 -42.38 -17.09
N GLY H 102 -20.93 -42.28 -17.50
CA GLY H 102 -19.83 -42.25 -16.53
C GLY H 102 -19.67 -40.81 -16.06
N TYR H 103 -20.78 -40.08 -16.06
CA TYR H 103 -20.92 -38.67 -15.65
C TYR H 103 -20.02 -37.73 -16.42
N THR H 104 -19.52 -38.22 -17.54
CA THR H 104 -18.51 -37.49 -18.27
C THR H 104 -19.10 -36.49 -19.29
N LEU H 105 -20.16 -36.95 -19.97
CA LEU H 105 -20.65 -36.40 -21.23
C LEU H 105 -19.57 -36.40 -22.32
N TYR H 106 -18.59 -37.28 -22.15
CA TYR H 106 -17.25 -37.08 -22.71
C TYR H 106 -17.28 -36.73 -24.18
N ALA H 107 -17.96 -37.57 -24.96
CA ALA H 107 -17.78 -37.57 -26.39
C ALA H 107 -18.78 -38.46 -27.14
N TRP H 108 -18.57 -38.53 -28.45
CA TRP H 108 -19.48 -39.16 -29.39
C TRP H 108 -19.22 -40.64 -29.57
N ASP H 109 -20.23 -41.46 -29.33
CA ASP H 109 -20.17 -42.84 -29.77
C ASP H 109 -21.15 -43.05 -30.93
N TYR H 110 -20.66 -43.66 -32.02
CA TYR H 110 -21.54 -44.16 -33.09
C TYR H 110 -22.45 -43.18 -33.92
N TRP H 111 -21.88 -42.63 -34.98
CA TRP H 111 -22.61 -41.72 -35.86
C TRP H 111 -23.51 -42.49 -36.84
N GLY H 112 -24.05 -41.78 -37.84
CA GLY H 112 -24.81 -42.41 -38.91
C GLY H 112 -24.04 -42.43 -40.24
N GLN H 113 -24.69 -42.87 -41.30
CA GLN H 113 -24.04 -42.86 -42.62
C GLN H 113 -23.99 -41.45 -43.18
N GLY H 114 -24.86 -40.59 -42.67
CA GLY H 114 -24.84 -39.21 -43.05
C GLY H 114 -25.69 -39.03 -44.26
N THR H 115 -26.29 -37.86 -44.38
CA THR H 115 -27.13 -37.51 -45.50
C THR H 115 -26.33 -36.43 -46.19
N MET H 116 -26.25 -36.48 -47.52
CA MET H 116 -25.45 -35.50 -48.25
C MET H 116 -26.32 -34.33 -48.64
N VAL H 117 -26.09 -33.19 -47.98
CA VAL H 117 -26.77 -31.94 -48.29
C VAL H 117 -25.90 -31.13 -49.19
N THR H 118 -26.52 -30.54 -50.21
CA THR H 118 -25.78 -29.86 -51.28
C THR H 118 -26.48 -28.58 -51.73
N VAL H 119 -25.68 -27.52 -51.80
CA VAL H 119 -26.20 -26.24 -52.22
C VAL H 119 -25.81 -25.99 -53.67
N SER H 120 -26.77 -25.53 -54.48
CA SER H 120 -26.54 -25.09 -55.87
C SER H 120 -27.83 -24.66 -56.59
N SER H 121 -27.64 -23.90 -57.67
CA SER H 121 -28.73 -23.57 -58.57
C SER H 121 -28.77 -24.48 -59.79
N ALA H 122 -27.80 -25.38 -59.93
CA ALA H 122 -27.80 -26.26 -61.10
C ALA H 122 -28.79 -27.39 -60.92
N SER H 123 -29.81 -27.47 -61.77
CA SER H 123 -30.93 -28.37 -61.52
C SER H 123 -30.49 -29.85 -61.46
N THR H 124 -31.28 -30.70 -60.81
CA THR H 124 -30.97 -32.13 -60.83
C THR H 124 -31.02 -32.53 -62.29
N LYS H 125 -30.23 -33.53 -62.65
CA LYS H 125 -30.24 -34.00 -64.01
C LYS H 125 -29.94 -35.51 -64.04
N GLY H 126 -30.61 -36.21 -64.94
CA GLY H 126 -30.37 -37.62 -65.09
C GLY H 126 -28.91 -37.87 -65.44
N PRO H 127 -28.29 -38.85 -64.78
CA PRO H 127 -27.05 -39.43 -65.30
C PRO H 127 -27.34 -40.38 -66.48
N SER H 128 -26.40 -40.45 -67.43
CA SER H 128 -26.51 -41.36 -68.58
C SER H 128 -25.49 -42.49 -68.42
N VAL H 129 -25.94 -43.72 -68.64
CA VAL H 129 -25.13 -44.89 -68.29
C VAL H 129 -24.65 -45.75 -69.51
N PHE H 130 -23.33 -45.78 -69.67
CA PHE H 130 -22.70 -46.18 -70.93
C PHE H 130 -21.85 -47.47 -70.83
N PRO H 131 -22.33 -48.55 -71.45
CA PRO H 131 -21.72 -49.88 -71.34
C PRO H 131 -20.46 -50.02 -72.15
N LEU H 132 -19.30 -49.64 -71.60
CA LEU H 132 -18.02 -49.82 -72.33
C LEU H 132 -17.58 -51.30 -72.39
N ALA H 133 -17.39 -51.81 -73.61
CA ALA H 133 -17.14 -53.24 -73.80
C ALA H 133 -15.84 -53.48 -74.56
N PRO H 134 -15.11 -54.57 -74.22
CA PRO H 134 -13.87 -54.90 -74.94
C PRO H 134 -14.15 -55.41 -76.37
N SER H 138 -9.36 -59.31 -76.66
CA SER H 138 -7.91 -59.04 -76.69
C SER H 138 -6.99 -60.09 -76.00
N THR H 139 -6.56 -59.79 -74.77
CA THR H 139 -5.38 -60.47 -74.18
C THR H 139 -5.57 -61.89 -73.64
N SER H 140 -6.72 -62.18 -73.04
CA SER H 140 -6.99 -63.50 -72.48
C SER H 140 -5.93 -64.03 -71.50
N GLY H 141 -5.91 -63.45 -70.30
CA GLY H 141 -5.35 -64.08 -69.12
C GLY H 141 -6.52 -64.70 -68.37
N ALA H 142 -6.36 -64.98 -67.10
CA ALA H 142 -7.37 -65.79 -66.44
C ALA H 142 -8.69 -65.05 -66.18
N THR H 143 -8.65 -63.71 -66.15
CA THR H 143 -9.79 -62.92 -65.67
C THR H 143 -10.01 -61.60 -66.45
N ALA H 144 -11.26 -61.26 -66.77
CA ALA H 144 -11.54 -60.12 -67.66
C ALA H 144 -12.27 -58.88 -67.09
N ALA H 145 -11.52 -57.79 -66.96
CA ALA H 145 -12.04 -56.55 -66.40
C ALA H 145 -13.08 -55.95 -67.33
N LEU H 146 -14.11 -55.38 -66.72
CA LEU H 146 -15.19 -54.74 -67.46
C LEU H 146 -15.31 -53.38 -66.81
N GLY H 147 -16.38 -52.65 -67.13
CA GLY H 147 -16.66 -51.39 -66.47
C GLY H 147 -17.89 -50.76 -67.08
N CYS H 148 -18.48 -49.76 -66.41
CA CYS H 148 -19.68 -49.06 -66.92
C CYS H 148 -19.74 -47.55 -66.56
N LEU H 149 -20.22 -46.72 -67.52
CA LEU H 149 -19.99 -45.27 -67.51
C LEU H 149 -21.18 -44.35 -67.22
N VAL H 150 -20.98 -43.45 -66.24
CA VAL H 150 -22.03 -42.57 -65.76
C VAL H 150 -21.61 -41.14 -65.99
N LYS H 151 -22.42 -40.41 -66.74
CA LYS H 151 -22.02 -39.10 -67.22
C LYS H 151 -23.11 -38.05 -67.16
N ASP H 152 -22.72 -36.85 -66.74
CA ASP H 152 -23.52 -35.63 -66.82
C ASP H 152 -24.83 -35.60 -66.02
N TYR H 153 -24.70 -35.53 -64.70
CA TYR H 153 -25.83 -35.48 -63.78
C TYR H 153 -25.60 -34.52 -62.63
N PHE H 154 -26.68 -34.22 -61.91
CA PHE H 154 -26.61 -33.41 -60.70
C PHE H 154 -27.62 -33.76 -59.62
N PRO H 155 -27.22 -33.64 -58.35
CA PRO H 155 -25.93 -33.55 -57.67
C PRO H 155 -25.37 -34.94 -57.33
N GLU H 156 -24.40 -34.97 -56.43
CA GLU H 156 -24.04 -36.19 -55.70
C GLU H 156 -25.27 -36.69 -54.92
N PRO H 157 -25.26 -37.97 -54.48
CA PRO H 157 -24.36 -39.08 -54.75
C PRO H 157 -24.95 -39.90 -55.88
N VAL H 158 -24.27 -40.98 -56.25
CA VAL H 158 -24.84 -41.94 -57.18
C VAL H 158 -24.33 -43.33 -56.82
N THR H 159 -25.23 -44.30 -56.73
CA THR H 159 -24.81 -45.61 -56.24
C THR H 159 -24.80 -46.67 -57.34
N VAL H 160 -23.69 -47.37 -57.48
CA VAL H 160 -23.50 -48.33 -58.57
C VAL H 160 -23.19 -49.75 -58.13
N SER H 161 -24.12 -50.65 -58.37
CA SER H 161 -23.92 -52.03 -57.96
C SER H 161 -24.06 -52.95 -59.18
N TRP H 162 -23.46 -54.14 -59.12
CA TRP H 162 -23.53 -55.00 -60.28
C TRP H 162 -24.48 -56.14 -59.98
N ASN H 163 -25.73 -55.97 -60.41
CA ASN H 163 -26.83 -56.88 -60.04
C ASN H 163 -27.02 -57.00 -58.52
N SER H 164 -26.05 -56.43 -57.79
CA SER H 164 -25.67 -56.71 -56.39
C SER H 164 -24.83 -58.01 -56.25
N GLY H 165 -24.84 -58.85 -57.30
CA GLY H 165 -24.32 -60.20 -57.18
C GLY H 165 -22.89 -60.37 -56.70
N ALA H 166 -21.90 -59.85 -57.42
CA ALA H 166 -20.57 -59.80 -56.84
C ALA H 166 -19.89 -58.48 -57.13
N LEU H 167 -19.71 -57.67 -56.09
CA LEU H 167 -18.92 -56.46 -56.16
C LEU H 167 -17.52 -56.69 -55.57
N THR H 168 -17.23 -57.92 -55.16
CA THR H 168 -15.84 -58.25 -54.94
C THR H 168 -15.09 -58.10 -56.27
N SER H 169 -13.81 -57.70 -56.17
CA SER H 169 -13.12 -56.99 -57.24
C SER H 169 -13.88 -55.68 -57.50
N SER H 170 -13.98 -55.26 -58.76
CA SER H 170 -14.89 -54.16 -59.10
C SER H 170 -14.72 -52.83 -58.33
N VAL H 171 -13.70 -52.07 -58.67
CA VAL H 171 -13.40 -50.82 -57.98
C VAL H 171 -14.04 -49.57 -58.62
N HIS H 172 -14.38 -48.58 -57.80
CA HIS H 172 -15.13 -47.37 -58.23
C HIS H 172 -14.31 -46.06 -58.39
N THR H 173 -14.79 -45.19 -59.28
CA THR H 173 -14.30 -43.81 -59.41
C THR H 173 -14.99 -42.94 -58.35
N PHE H 174 -14.98 -41.65 -58.58
CA PHE H 174 -15.29 -40.61 -57.63
C PHE H 174 -15.32 -39.47 -58.61
N PRO H 175 -16.41 -38.70 -58.61
CA PRO H 175 -16.68 -37.98 -59.86
C PRO H 175 -15.87 -36.71 -60.08
N ALA H 176 -15.54 -36.45 -61.34
CA ALA H 176 -15.12 -35.14 -61.75
C ALA H 176 -16.38 -34.31 -62.01
N VAL H 177 -16.32 -33.03 -61.70
CA VAL H 177 -17.30 -32.13 -62.24
C VAL H 177 -16.63 -31.67 -63.52
N LEU H 178 -17.17 -32.11 -64.66
CA LEU H 178 -16.67 -31.64 -65.95
C LEU H 178 -16.87 -30.17 -65.79
N GLN H 179 -15.88 -29.36 -66.17
CA GLN H 179 -15.70 -28.00 -65.61
C GLN H 179 -16.95 -27.12 -65.66
N SER H 180 -17.91 -27.60 -66.45
CA SER H 180 -19.29 -27.16 -66.40
C SER H 180 -19.67 -27.13 -64.93
N SER H 181 -20.30 -26.04 -64.50
CA SER H 181 -20.67 -25.85 -63.11
C SER H 181 -21.47 -27.06 -62.59
N GLY H 182 -22.15 -27.74 -63.51
CA GLY H 182 -22.89 -28.95 -63.23
C GLY H 182 -22.13 -30.16 -63.76
N LEU H 183 -22.83 -31.27 -63.97
CA LEU H 183 -22.21 -32.42 -64.61
C LEU H 183 -21.04 -33.06 -63.85
N TYR H 184 -21.37 -33.85 -62.83
CA TYR H 184 -20.47 -34.85 -62.28
C TYR H 184 -20.32 -36.06 -63.18
N SER H 185 -19.13 -36.68 -63.15
CA SER H 185 -18.92 -37.95 -63.84
C SER H 185 -17.81 -38.87 -63.31
N LEU H 186 -18.08 -40.17 -63.33
CA LEU H 186 -17.14 -41.19 -62.86
C LEU H 186 -17.38 -42.52 -63.60
N SER H 187 -16.63 -43.56 -63.26
CA SER H 187 -16.92 -44.91 -63.78
C SER H 187 -16.38 -46.01 -62.85
N SER H 188 -16.76 -47.26 -63.07
CA SER H 188 -16.24 -48.33 -62.23
C SER H 188 -15.68 -49.44 -63.10
N VAL H 189 -15.07 -50.43 -62.48
CA VAL H 189 -14.72 -51.64 -63.18
C VAL H 189 -15.39 -52.78 -62.46
N VAL H 190 -15.51 -53.92 -63.12
CA VAL H 190 -15.79 -55.17 -62.44
C VAL H 190 -14.78 -56.07 -63.02
N THR H 191 -14.06 -56.80 -62.19
CA THR H 191 -13.14 -57.76 -62.74
C THR H 191 -13.60 -59.11 -62.31
N VAL H 192 -13.74 -60.00 -63.27
CA VAL H 192 -14.43 -61.24 -63.08
C VAL H 192 -13.69 -62.24 -63.96
N PRO H 193 -13.74 -63.54 -63.63
CA PRO H 193 -13.06 -64.52 -64.47
C PRO H 193 -13.27 -64.42 -65.98
N SER H 194 -12.18 -64.63 -66.72
CA SER H 194 -12.19 -64.57 -68.17
C SER H 194 -13.10 -65.66 -68.71
N SER H 195 -13.56 -66.52 -67.79
CA SER H 195 -14.56 -67.53 -68.01
C SER H 195 -16.01 -67.08 -67.93
N SER H 196 -16.30 -65.96 -67.29
CA SER H 196 -17.72 -65.64 -67.02
C SER H 196 -18.41 -64.80 -68.08
N LEU H 197 -17.65 -64.13 -68.95
CA LEU H 197 -18.21 -63.33 -70.05
C LEU H 197 -18.59 -64.15 -71.30
N GLY H 198 -19.56 -63.62 -72.04
CA GLY H 198 -20.20 -64.28 -73.16
C GLY H 198 -21.39 -65.07 -72.63
N THR H 199 -21.32 -65.45 -71.35
CA THR H 199 -22.25 -66.40 -70.79
C THR H 199 -22.99 -65.82 -69.62
N GLN H 200 -22.31 -65.73 -68.49
CA GLN H 200 -22.94 -65.26 -67.27
C GLN H 200 -23.29 -63.80 -67.46
N THR H 201 -24.56 -63.46 -67.26
CA THR H 201 -25.03 -62.07 -67.42
C THR H 201 -24.20 -61.06 -66.64
N TYR H 202 -23.71 -60.02 -67.32
CA TYR H 202 -23.12 -58.90 -66.58
C TYR H 202 -23.75 -57.53 -66.87
N ILE H 203 -24.00 -56.81 -65.78
CA ILE H 203 -25.16 -55.94 -65.65
C ILE H 203 -24.88 -54.46 -65.41
N CYS H 204 -24.28 -54.11 -64.27
CA CYS H 204 -24.01 -52.71 -63.91
C CYS H 204 -25.22 -51.81 -63.74
N ASN H 205 -25.95 -51.95 -62.64
CA ASN H 205 -27.05 -51.04 -62.30
C ASN H 205 -26.62 -49.77 -61.58
N VAL H 206 -27.00 -48.62 -62.13
CA VAL H 206 -26.72 -47.33 -61.50
C VAL H 206 -28.01 -46.73 -60.97
N ASN H 207 -28.03 -46.57 -59.66
CA ASN H 207 -29.14 -46.00 -58.95
C ASN H 207 -28.85 -44.56 -58.54
N HIS H 208 -29.59 -43.63 -59.12
CA HIS H 208 -29.47 -42.24 -58.72
C HIS H 208 -30.55 -42.03 -57.66
N LYS H 209 -30.13 -41.89 -56.41
CA LYS H 209 -31.07 -41.56 -55.34
C LYS H 209 -31.59 -40.10 -55.35
N PRO H 210 -30.67 -39.11 -55.53
CA PRO H 210 -31.13 -37.71 -55.57
C PRO H 210 -32.29 -37.39 -56.52
N SER H 211 -32.21 -37.82 -57.77
CA SER H 211 -33.14 -37.35 -58.82
C SER H 211 -34.43 -38.17 -58.79
N ASN H 212 -34.65 -38.83 -57.66
CA ASN H 212 -35.86 -39.59 -57.44
C ASN H 212 -35.93 -40.69 -58.47
N THR H 213 -35.07 -41.69 -58.29
CA THR H 213 -35.08 -42.89 -59.12
C THR H 213 -34.23 -44.08 -58.62
N LYS H 214 -34.32 -45.13 -59.43
CA LYS H 214 -33.38 -46.25 -59.54
C LYS H 214 -33.05 -46.35 -61.02
N VAL H 215 -32.29 -47.38 -61.40
CA VAL H 215 -32.07 -47.76 -62.81
C VAL H 215 -31.13 -48.98 -62.96
N ASP H 216 -31.21 -49.64 -64.10
CA ASP H 216 -30.36 -50.77 -64.38
C ASP H 216 -29.98 -50.74 -65.86
N LYS H 217 -29.25 -51.78 -66.28
CA LYS H 217 -28.96 -52.14 -67.68
C LYS H 217 -28.03 -53.37 -67.69
N LYS H 218 -27.75 -53.93 -68.88
CA LYS H 218 -26.82 -55.04 -68.99
C LYS H 218 -25.77 -54.72 -70.06
N SER H 219 -24.53 -55.13 -69.80
CA SER H 219 -23.41 -54.87 -70.70
C SER H 219 -23.21 -55.97 -71.75
N CYS H 220 -23.01 -55.57 -73.01
CA CYS H 220 -22.88 -56.54 -74.10
C CYS H 220 -21.47 -56.66 -74.67
N ALA H 221 -21.13 -57.86 -75.17
CA ALA H 221 -19.88 -58.08 -75.89
C ALA H 221 -19.91 -57.32 -77.22
N ALA H 222 -18.74 -57.10 -77.83
CA ALA H 222 -18.67 -56.24 -79.01
C ALA H 222 -17.98 -56.90 -80.21
N ILE I 2 -10.23 -20.48 -30.79
CA ILE I 2 -11.57 -21.07 -30.75
C ILE I 2 -11.41 -22.53 -30.34
N GLN I 3 -10.34 -22.77 -29.58
CA GLN I 3 -9.91 -24.12 -29.24
C GLN I 3 -9.55 -24.83 -30.53
N MET I 4 -8.52 -24.31 -31.19
CA MET I 4 -8.03 -24.88 -32.42
C MET I 4 -7.13 -26.09 -32.09
N THR I 5 -7.56 -27.25 -32.56
CA THR I 5 -6.88 -28.50 -32.28
C THR I 5 -6.23 -28.98 -33.60
N GLN I 6 -4.90 -28.93 -33.66
CA GLN I 6 -4.13 -29.15 -34.89
C GLN I 6 -3.03 -30.23 -34.80
N SER I 7 -2.83 -30.99 -35.89
CA SER I 7 -2.08 -32.26 -35.90
C SER I 7 -1.16 -32.43 -37.14
N PRO I 8 -0.01 -33.15 -36.99
CA PRO I 8 1.10 -33.23 -37.95
C PRO I 8 0.99 -34.08 -39.24
N ALA I 9 1.41 -33.44 -40.31
CA ALA I 9 1.53 -34.00 -41.65
C ALA I 9 0.31 -34.81 -42.15
N SER I 10 0.58 -35.65 -43.15
CA SER I 10 -0.23 -36.81 -43.55
C SER I 10 0.42 -38.22 -43.55
N LEU I 11 1.65 -38.34 -43.04
CA LEU I 11 2.64 -39.28 -43.61
C LEU I 11 2.41 -40.80 -43.49
N ALA I 12 3.35 -41.56 -44.07
CA ALA I 12 3.12 -42.95 -44.52
C ALA I 12 4.05 -43.98 -43.90
N VAL I 13 3.51 -45.19 -43.66
CA VAL I 13 4.18 -46.21 -42.84
C VAL I 13 4.04 -47.61 -43.43
N SER I 14 5.12 -48.39 -43.29
CA SER I 14 5.17 -49.82 -43.66
C SER I 14 4.31 -50.71 -42.75
N PRO I 15 3.68 -51.74 -43.31
CA PRO I 15 2.68 -52.30 -42.41
C PRO I 15 3.31 -53.30 -41.48
N GLY I 16 4.45 -52.96 -40.88
CA GLY I 16 4.87 -53.69 -39.70
C GLY I 16 4.77 -52.94 -38.38
N GLN I 17 4.94 -51.63 -38.40
CA GLN I 17 5.27 -50.93 -37.15
C GLN I 17 4.75 -49.49 -37.02
N ARG I 18 5.29 -48.78 -36.03
CA ARG I 18 4.66 -47.61 -35.39
C ARG I 18 4.23 -46.51 -36.35
N ALA I 19 2.95 -46.18 -36.29
CA ALA I 19 2.45 -45.03 -37.01
C ALA I 19 2.24 -44.05 -35.88
N THR I 20 2.62 -42.80 -36.07
CA THR I 20 2.39 -41.86 -34.97
C THR I 20 1.78 -40.51 -35.36
N ILE I 21 0.54 -40.31 -34.94
CA ILE I 21 -0.18 -39.07 -35.19
C ILE I 21 -0.29 -38.27 -33.91
N THR I 22 0.10 -37.01 -33.96
CA THR I 22 0.16 -36.17 -32.79
C THR I 22 -1.02 -35.21 -32.86
N CYS I 23 -1.50 -34.75 -31.70
CA CYS I 23 -2.41 -33.62 -31.69
C CYS I 23 -1.81 -32.52 -30.84
N ARG I 24 -2.54 -31.41 -30.78
CA ARG I 24 -2.22 -30.32 -29.88
C ARG I 24 -3.28 -29.28 -30.03
N ALA I 25 -3.48 -28.50 -28.97
CA ALA I 25 -4.57 -27.56 -28.94
C ALA I 25 -4.15 -26.30 -28.21
N SER I 26 -5.08 -25.37 -28.16
CA SER I 26 -4.83 -23.97 -27.86
C SER I 26 -5.04 -23.48 -26.40
N GLU I 27 -5.25 -24.42 -25.49
CA GLU I 27 -5.66 -24.06 -24.14
C GLU I 27 -5.64 -25.38 -23.37
N SER I 28 -5.61 -25.30 -22.05
CA SER I 28 -5.54 -26.55 -21.31
C SER I 28 -6.87 -27.17 -21.55
N VAL I 29 -6.82 -28.33 -22.18
CA VAL I 29 -7.99 -29.14 -22.42
C VAL I 29 -7.53 -30.27 -21.51
N SER I 30 -8.45 -31.03 -20.90
CA SER I 30 -8.10 -31.85 -19.71
C SER I 30 -7.76 -31.13 -18.37
N ASN I 31 -8.80 -30.74 -17.61
CA ASN I 31 -8.61 -30.07 -16.29
C ASN I 31 -7.59 -30.76 -15.36
N TYR I 32 -7.97 -31.81 -14.62
CA TYR I 32 -7.10 -33.00 -14.44
C TYR I 32 -7.53 -34.36 -13.86
N GLY I 33 -6.76 -35.35 -14.32
CA GLY I 33 -7.13 -36.75 -14.38
C GLY I 33 -7.90 -36.95 -15.68
N ILE I 34 -8.51 -35.87 -16.16
CA ILE I 34 -9.67 -35.94 -17.05
C ILE I 34 -9.48 -36.13 -18.55
N ASN I 35 -8.48 -35.49 -19.17
CA ASN I 35 -8.17 -35.83 -20.58
C ASN I 35 -9.29 -35.66 -21.64
N PHE I 36 -9.52 -34.47 -22.13
CA PHE I 36 -10.64 -34.29 -23.04
C PHE I 36 -10.49 -34.38 -24.57
N ILE I 37 -9.33 -34.78 -25.09
CA ILE I 37 -9.24 -35.02 -26.54
C ILE I 37 -9.49 -36.49 -26.88
N ASN I 38 -10.15 -36.70 -28.00
CA ASN I 38 -10.64 -38.01 -28.38
C ASN I 38 -10.15 -38.39 -29.81
N TRP I 39 -10.54 -39.55 -30.34
CA TRP I 39 -10.00 -40.00 -31.62
C TRP I 39 -10.99 -40.74 -32.51
N PHE I 40 -11.01 -40.37 -33.78
CA PHE I 40 -11.98 -40.93 -34.70
C PHE I 40 -11.35 -41.30 -36.06
N GLN I 41 -11.39 -42.56 -36.43
CA GLN I 41 -10.98 -42.97 -37.76
C GLN I 41 -12.17 -42.59 -38.63
N GLN I 42 -11.97 -42.40 -39.93
CA GLN I 42 -13.11 -42.33 -40.84
C GLN I 42 -12.81 -43.14 -42.08
N LYS I 43 -13.58 -44.20 -42.33
CA LYS I 43 -13.37 -45.05 -43.51
C LYS I 43 -13.44 -44.18 -44.76
N PRO I 44 -12.42 -44.28 -45.65
CA PRO I 44 -12.26 -43.25 -46.67
C PRO I 44 -13.49 -43.24 -47.55
N GLY I 45 -14.25 -44.33 -47.43
CA GLY I 45 -15.52 -44.40 -48.09
C GLY I 45 -16.52 -43.46 -47.47
N GLN I 46 -16.69 -43.57 -46.16
CA GLN I 46 -17.93 -43.23 -45.43
C GLN I 46 -17.67 -43.12 -43.87
N PRO I 47 -18.69 -43.24 -42.99
CA PRO I 47 -18.71 -42.55 -41.70
C PRO I 47 -17.52 -42.78 -40.74
N PRO I 48 -17.34 -41.86 -39.77
CA PRO I 48 -16.28 -41.79 -38.75
C PRO I 48 -16.60 -42.43 -37.43
N LYS I 49 -16.41 -43.73 -37.23
CA LYS I 49 -16.56 -44.24 -35.87
C LYS I 49 -15.33 -43.95 -34.99
N LEU I 50 -15.44 -44.31 -33.71
CA LEU I 50 -14.53 -43.88 -32.64
C LEU I 50 -13.51 -44.91 -32.16
N LEU I 51 -12.31 -44.42 -31.91
CA LEU I 51 -11.20 -45.25 -31.47
C LEU I 51 -10.93 -45.09 -29.99
N ILE I 52 -10.56 -43.87 -29.64
CA ILE I 52 -10.10 -43.56 -28.31
C ILE I 52 -10.99 -42.46 -27.74
N TYR I 53 -11.36 -42.58 -26.47
CA TYR I 53 -12.02 -41.49 -25.74
C TYR I 53 -11.26 -41.18 -24.47
N THR I 54 -11.17 -39.89 -24.17
CA THR I 54 -10.44 -39.39 -23.00
C THR I 54 -8.98 -39.74 -23.20
N ALA I 55 -8.62 -39.76 -24.47
CA ALA I 55 -7.26 -39.82 -24.93
C ALA I 55 -6.53 -41.09 -24.54
N SER I 56 -6.88 -41.73 -23.43
CA SER I 56 -6.31 -43.04 -23.06
C SER I 56 -7.23 -44.28 -23.04
N ASN I 57 -8.53 -44.04 -23.12
CA ASN I 57 -9.53 -45.07 -22.87
C ASN I 57 -10.02 -45.53 -24.24
N LYS I 58 -9.90 -46.83 -24.51
CA LYS I 58 -10.13 -47.41 -25.85
C LYS I 58 -11.48 -48.11 -26.00
N GLY I 59 -12.36 -47.60 -26.84
CA GLY I 59 -13.75 -48.02 -26.83
C GLY I 59 -14.01 -49.50 -27.00
N THR I 60 -15.21 -49.96 -26.58
CA THR I 60 -15.62 -51.32 -26.87
C THR I 60 -15.94 -51.39 -28.36
N GLY I 61 -15.33 -52.37 -29.02
CA GLY I 61 -15.34 -52.52 -30.46
C GLY I 61 -14.04 -52.22 -31.22
N VAL I 62 -12.99 -51.81 -30.51
CA VAL I 62 -11.79 -51.27 -31.17
C VAL I 62 -10.50 -52.10 -31.02
N PRO I 63 -9.90 -52.49 -32.17
CA PRO I 63 -8.70 -53.34 -32.25
C PRO I 63 -7.59 -52.91 -31.31
N ALA I 64 -7.00 -53.83 -30.56
CA ALA I 64 -6.08 -53.45 -29.47
C ALA I 64 -4.83 -52.71 -29.93
N ARG I 65 -4.65 -52.60 -31.24
CA ARG I 65 -3.56 -51.79 -31.81
C ARG I 65 -3.60 -50.39 -31.23
N PHE I 66 -4.69 -49.70 -31.53
CA PHE I 66 -4.82 -48.27 -31.26
C PHE I 66 -4.62 -47.82 -29.80
N SER I 67 -3.69 -46.90 -29.57
CA SER I 67 -3.40 -46.45 -28.22
C SER I 67 -3.17 -44.95 -28.11
N GLY I 68 -3.94 -44.28 -27.25
CA GLY I 68 -3.75 -42.86 -27.04
C GLY I 68 -2.81 -42.54 -25.88
N SER I 69 -2.18 -41.36 -25.94
CA SER I 69 -1.30 -40.95 -24.86
C SER I 69 -1.04 -39.45 -24.89
N GLY I 70 -0.54 -38.93 -23.77
CA GLY I 70 -0.03 -37.57 -23.69
C GLY I 70 -0.78 -36.56 -22.84
N SER I 71 -0.05 -35.52 -22.45
CA SER I 71 -0.45 -34.58 -21.42
C SER I 71 -1.50 -33.61 -21.91
N GLY I 72 -1.75 -32.57 -21.12
CA GLY I 72 -2.74 -31.55 -21.43
C GLY I 72 -2.32 -30.70 -22.60
N THR I 73 -3.31 -30.37 -23.43
CA THR I 73 -3.18 -29.55 -24.64
C THR I 73 -2.52 -30.19 -25.83
N ASP I 74 -1.66 -31.19 -25.63
CA ASP I 74 -1.08 -31.93 -26.76
C ASP I 74 -0.96 -33.43 -26.62
N PHE I 75 -1.76 -34.13 -27.40
CA PHE I 75 -1.92 -35.57 -27.26
C PHE I 75 -1.29 -36.37 -28.39
N THR I 76 -1.54 -37.67 -28.38
CA THR I 76 -1.06 -38.47 -29.48
C THR I 76 -2.11 -39.52 -29.85
N LEU I 77 -1.87 -40.25 -30.94
CA LEU I 77 -2.64 -41.44 -31.22
C LEU I 77 -1.65 -42.37 -31.83
N THR I 78 -1.57 -43.61 -31.35
CA THR I 78 -0.54 -44.53 -31.81
C THR I 78 -1.13 -45.87 -32.28
N ILE I 79 -1.05 -46.16 -33.57
CA ILE I 79 -1.32 -47.52 -34.03
C ILE I 79 -0.03 -48.19 -34.50
N ASN I 80 0.50 -49.06 -33.66
CA ASN I 80 1.76 -49.71 -33.98
C ASN I 80 1.68 -50.85 -35.00
N PRO I 81 0.94 -51.92 -34.68
CA PRO I 81 1.11 -53.06 -35.60
C PRO I 81 0.29 -52.91 -36.91
N VAL I 82 0.64 -51.92 -37.73
CA VAL I 82 -0.21 -51.45 -38.84
C VAL I 82 -0.73 -52.55 -39.79
N GLU I 83 -1.97 -52.38 -40.25
CA GLU I 83 -2.73 -53.41 -40.93
C GLU I 83 -3.18 -52.90 -42.29
N ALA I 84 -3.58 -53.83 -43.16
CA ALA I 84 -4.19 -53.48 -44.43
C ALA I 84 -5.45 -52.62 -44.21
N GLU I 85 -5.99 -52.66 -42.98
CA GLU I 85 -7.25 -52.03 -42.64
C GLU I 85 -7.12 -50.56 -42.34
N ASP I 86 -5.98 -50.15 -41.85
CA ASP I 86 -5.95 -48.91 -41.12
C ASP I 86 -5.70 -47.62 -41.90
N THR I 87 -5.66 -47.62 -43.23
CA THR I 87 -5.57 -46.29 -43.81
C THR I 87 -7.00 -45.80 -44.03
N ALA I 88 -7.47 -44.98 -43.09
CA ALA I 88 -8.59 -44.10 -43.33
C ALA I 88 -8.64 -42.81 -42.47
N ASN I 89 -8.17 -41.70 -42.99
CA ASN I 89 -8.52 -40.38 -42.45
C ASN I 89 -8.80 -40.22 -40.94
N TYR I 90 -7.74 -40.17 -40.12
CA TYR I 90 -7.82 -39.97 -38.66
C TYR I 90 -7.93 -38.50 -38.18
N PHE I 91 -8.89 -38.22 -37.30
CA PHE I 91 -9.04 -36.89 -36.68
C PHE I 91 -9.00 -37.03 -35.17
N CYS I 92 -8.45 -36.03 -34.48
CA CYS I 92 -8.62 -35.94 -33.03
C CYS I 92 -9.78 -35.01 -32.77
N GLN I 93 -10.51 -35.25 -31.70
CA GLN I 93 -11.80 -34.60 -31.56
C GLN I 93 -12.28 -33.94 -30.25
N GLN I 94 -13.46 -33.31 -30.43
CA GLN I 94 -14.46 -32.95 -29.42
C GLN I 94 -13.96 -32.03 -28.29
N THR I 95 -12.65 -32.01 -28.11
CA THR I 95 -11.99 -31.20 -27.11
C THR I 95 -12.76 -31.15 -25.79
N LYS I 96 -12.85 -29.97 -25.24
CA LYS I 96 -13.47 -29.75 -23.95
C LYS I 96 -14.97 -29.63 -24.04
N GLU I 97 -15.47 -28.95 -23.01
CA GLU I 97 -16.79 -28.37 -22.91
C GLU I 97 -16.89 -26.96 -23.54
N VAL I 98 -15.82 -26.51 -24.20
CA VAL I 98 -15.90 -25.31 -25.01
C VAL I 98 -16.65 -25.69 -26.28
N PRO I 99 -16.91 -24.74 -27.20
CA PRO I 99 -17.38 -25.09 -28.56
C PRO I 99 -16.54 -26.19 -29.25
N TYR I 100 -17.18 -27.21 -29.82
CA TYR I 100 -16.56 -28.53 -29.98
C TYR I 100 -15.89 -28.73 -31.33
N THR I 101 -14.57 -28.79 -31.31
CA THR I 101 -13.75 -28.59 -32.51
C THR I 101 -12.97 -29.80 -33.03
N PHE I 102 -13.04 -30.01 -34.35
CA PHE I 102 -12.38 -31.10 -35.04
C PHE I 102 -10.89 -30.89 -35.34
N GLY I 103 -10.15 -31.98 -35.45
CA GLY I 103 -8.74 -31.88 -35.69
C GLY I 103 -8.35 -31.16 -36.98
N GLY I 104 -8.91 -31.59 -38.10
CA GLY I 104 -8.48 -31.07 -39.39
C GLY I 104 -7.69 -32.04 -40.26
N GLY I 105 -7.52 -33.27 -39.77
CA GLY I 105 -7.14 -34.40 -40.59
C GLY I 105 -5.68 -34.80 -40.65
N THR I 106 -5.45 -36.12 -40.68
CA THR I 106 -4.18 -36.78 -40.99
C THR I 106 -4.40 -38.10 -41.78
N LYS I 107 -3.81 -38.27 -42.98
CA LYS I 107 -4.20 -39.40 -43.88
C LYS I 107 -3.62 -40.83 -43.68
N LEU I 108 -2.30 -40.96 -43.54
CA LEU I 108 -1.68 -42.29 -43.39
C LEU I 108 -1.85 -43.26 -44.56
N GLU I 109 -1.02 -43.13 -45.60
CA GLU I 109 -0.91 -44.19 -46.60
C GLU I 109 -0.49 -45.50 -45.94
N ILE I 110 -0.89 -46.61 -46.52
CA ILE I 110 -0.43 -47.93 -46.10
C ILE I 110 0.58 -48.54 -47.11
N LYS I 111 1.78 -48.85 -46.63
CA LYS I 111 2.89 -49.16 -47.53
C LYS I 111 3.00 -50.61 -47.97
N ARG I 112 2.85 -50.82 -49.27
CA ARG I 112 3.13 -52.10 -49.90
C ARG I 112 4.50 -52.14 -50.55
N ALA I 113 4.69 -53.19 -51.32
CA ALA I 113 5.94 -53.50 -52.01
C ALA I 113 6.12 -53.08 -53.48
N ASP I 114 5.23 -52.26 -54.05
CA ASP I 114 5.20 -52.03 -55.51
C ASP I 114 4.79 -53.25 -56.33
N ALA I 115 3.48 -53.50 -56.36
CA ALA I 115 2.85 -54.49 -57.24
C ALA I 115 1.94 -53.81 -58.25
N ALA I 116 1.64 -54.50 -59.38
CA ALA I 116 0.74 -53.97 -60.44
C ALA I 116 1.41 -52.90 -61.35
N PRO I 117 0.68 -52.26 -62.29
CA PRO I 117 -0.73 -52.00 -62.65
C PRO I 117 -1.33 -52.98 -63.61
N THR I 118 -2.57 -52.71 -63.96
CA THR I 118 -3.19 -53.34 -65.09
C THR I 118 -3.97 -52.33 -65.91
N VAL I 119 -3.49 -52.10 -67.12
CA VAL I 119 -4.12 -51.20 -68.06
C VAL I 119 -5.23 -51.97 -68.74
N SER I 120 -6.43 -51.39 -68.75
CA SER I 120 -7.44 -51.79 -69.69
C SER I 120 -8.09 -50.55 -70.27
N ILE I 121 -7.88 -50.28 -71.55
CA ILE I 121 -8.52 -49.14 -72.21
C ILE I 121 -9.95 -49.55 -72.56
N PHE I 122 -10.73 -48.73 -73.27
CA PHE I 122 -12.14 -49.03 -73.53
C PHE I 122 -12.80 -48.03 -74.48
N PRO I 123 -13.50 -48.56 -75.50
CA PRO I 123 -14.15 -47.83 -76.60
C PRO I 123 -15.51 -47.28 -76.23
N PRO I 124 -15.93 -46.22 -76.92
CA PRO I 124 -17.28 -45.67 -76.82
C PRO I 124 -18.36 -46.67 -77.18
N SER I 125 -19.60 -46.19 -77.23
CA SER I 125 -20.77 -47.07 -77.16
C SER I 125 -21.83 -46.95 -78.26
N SER I 126 -22.38 -48.08 -78.65
CA SER I 126 -23.53 -48.12 -79.54
C SER I 126 -24.61 -47.16 -79.06
N GLU I 127 -24.94 -47.24 -77.78
CA GLU I 127 -25.93 -46.34 -77.20
C GLU I 127 -25.35 -44.96 -76.88
N GLN I 128 -24.02 -44.83 -76.90
CA GLN I 128 -23.46 -43.49 -76.85
C GLN I 128 -23.38 -42.83 -78.23
N LEU I 129 -22.99 -43.58 -79.25
CA LEU I 129 -22.72 -42.93 -80.54
C LEU I 129 -23.92 -42.78 -81.47
N THR I 130 -25.11 -43.19 -81.01
CA THR I 130 -26.34 -42.78 -81.70
C THR I 130 -26.77 -41.38 -81.22
N SER I 131 -26.53 -41.09 -79.94
CA SER I 131 -26.87 -39.79 -79.36
C SER I 131 -25.83 -38.67 -79.59
N GLY I 132 -24.59 -39.03 -79.90
CA GLY I 132 -23.60 -38.01 -80.18
C GLY I 132 -22.42 -37.71 -79.25
N GLY I 133 -22.24 -38.48 -78.20
CA GLY I 133 -21.02 -38.37 -77.42
C GLY I 133 -19.94 -39.33 -77.92
N ALA I 134 -18.67 -39.01 -77.66
CA ALA I 134 -17.56 -39.97 -77.89
C ALA I 134 -16.50 -39.97 -76.79
N SER I 135 -16.33 -41.08 -76.08
CA SER I 135 -15.37 -41.06 -74.98
C SER I 135 -14.67 -42.39 -74.73
N VAL I 136 -13.37 -42.28 -74.42
CA VAL I 136 -12.48 -43.44 -74.31
C VAL I 136 -11.80 -43.42 -72.97
N VAL I 137 -12.03 -44.48 -72.19
CA VAL I 137 -11.86 -44.48 -70.73
C VAL I 137 -10.90 -45.51 -70.12
N CYS I 138 -9.73 -45.05 -69.66
CA CYS I 138 -8.59 -45.94 -69.41
C CYS I 138 -8.48 -46.46 -67.97
N PHE I 139 -8.76 -47.75 -67.78
CA PHE I 139 -8.72 -48.39 -66.46
C PHE I 139 -7.34 -48.92 -66.13
N LEU I 140 -6.80 -48.51 -64.99
CA LEU I 140 -5.53 -49.06 -64.50
C LEU I 140 -5.70 -49.47 -63.04
N ASN I 141 -5.62 -50.77 -62.75
CA ASN I 141 -6.03 -51.23 -61.43
C ASN I 141 -4.91 -51.88 -60.62
N ASN I 142 -4.81 -51.50 -59.35
CA ASN I 142 -3.96 -52.19 -58.37
C ASN I 142 -2.48 -51.81 -58.08
N PHE I 143 -1.98 -50.71 -58.62
CA PHE I 143 -0.57 -50.29 -58.49
C PHE I 143 -0.09 -49.79 -57.11
N TYR I 144 1.07 -49.13 -57.07
CA TYR I 144 1.56 -48.43 -55.87
C TYR I 144 2.87 -47.67 -56.12
N PRO I 145 2.97 -46.42 -55.64
CA PRO I 145 2.10 -45.31 -55.18
C PRO I 145 1.44 -44.37 -56.20
N LYS I 146 2.25 -43.84 -57.11
CA LYS I 146 1.88 -42.70 -57.96
C LYS I 146 2.18 -43.02 -59.42
N ILE I 147 1.17 -42.83 -60.28
CA ILE I 147 1.23 -43.28 -61.68
C ILE I 147 1.24 -42.11 -62.65
N ASN I 148 1.77 -42.34 -63.85
CA ASN I 148 1.86 -41.31 -64.89
C ASN I 148 1.33 -41.77 -66.25
N VAL I 149 0.60 -40.91 -66.95
CA VAL I 149 -0.14 -41.32 -68.14
C VAL I 149 0.08 -40.42 -69.37
N LYS I 150 0.06 -41.00 -70.57
CA LYS I 150 -0.04 -40.19 -71.78
C LYS I 150 -0.97 -40.79 -72.86
N TRP I 151 -1.96 -40.02 -73.28
CA TRP I 151 -2.85 -40.45 -74.35
C TRP I 151 -2.14 -40.51 -75.70
N LYS I 152 -2.61 -41.34 -76.62
CA LYS I 152 -1.90 -41.47 -77.89
C LYS I 152 -2.74 -41.46 -79.17
N ILE I 153 -2.34 -40.52 -80.03
CA ILE I 153 -2.97 -40.11 -81.28
C ILE I 153 -2.00 -40.48 -82.39
N ASP I 154 -0.76 -40.01 -82.21
CA ASP I 154 0.33 -40.02 -83.18
C ASP I 154 0.20 -39.04 -84.35
N GLY I 155 -0.53 -37.96 -84.11
CA GLY I 155 -0.58 -36.86 -85.05
C GLY I 155 0.21 -35.65 -84.58
N SER I 156 1.14 -35.87 -83.64
CA SER I 156 2.01 -34.82 -83.10
C SER I 156 1.29 -33.52 -82.72
N GLU I 157 0.43 -33.55 -81.69
CA GLU I 157 -0.42 -32.40 -81.40
C GLU I 157 -0.05 -31.58 -80.15
N ARG I 158 -0.36 -32.11 -78.97
CA ARG I 158 -0.35 -31.34 -77.72
C ARG I 158 0.43 -31.90 -76.51
N GLN I 159 0.21 -33.18 -76.16
CA GLN I 159 0.36 -33.74 -74.79
C GLN I 159 -1.02 -33.84 -74.14
N ASN I 160 -2.03 -33.51 -74.95
CA ASN I 160 -3.39 -34.01 -74.77
C ASN I 160 -4.21 -33.63 -73.54
N GLY I 161 -4.80 -32.45 -73.60
CA GLY I 161 -5.73 -31.95 -72.62
C GLY I 161 -7.10 -32.55 -72.88
N VAL I 162 -8.17 -31.80 -72.59
CA VAL I 162 -9.50 -32.32 -72.27
C VAL I 162 -9.56 -33.10 -70.94
N LEU I 163 -9.42 -32.39 -69.82
CA LEU I 163 -9.03 -33.00 -68.53
C LEU I 163 -9.80 -34.28 -68.18
N ASN I 164 -9.02 -35.30 -67.79
CA ASN I 164 -9.45 -36.68 -67.87
C ASN I 164 -9.62 -37.42 -66.52
N SER I 165 -8.52 -37.53 -65.77
CA SER I 165 -8.35 -38.61 -64.79
C SER I 165 -8.98 -38.45 -63.39
N TRP I 166 -8.93 -39.54 -62.62
CA TRP I 166 -9.25 -39.55 -61.19
C TRP I 166 -8.64 -40.73 -60.38
N THR I 167 -8.29 -40.51 -59.11
CA THR I 167 -7.62 -41.52 -58.27
C THR I 167 -8.33 -41.76 -56.91
N ASP I 168 -7.82 -42.71 -56.12
CA ASP I 168 -8.46 -43.30 -54.91
C ASP I 168 -7.46 -43.87 -53.91
N GLN I 169 -7.95 -44.83 -53.11
CA GLN I 169 -7.10 -45.71 -52.29
C GLN I 169 -7.99 -46.80 -51.67
N ASP I 170 -7.37 -47.88 -51.18
CA ASP I 170 -8.06 -49.11 -50.82
C ASP I 170 -7.59 -49.63 -49.48
N SER I 171 -8.37 -50.55 -48.91
CA SER I 171 -8.10 -51.19 -47.63
C SER I 171 -7.21 -52.41 -47.82
N LYS I 172 -6.67 -52.55 -49.04
CA LYS I 172 -5.58 -53.49 -49.38
C LYS I 172 -4.36 -52.84 -50.05
N ASP I 173 -4.59 -52.19 -51.19
CA ASP I 173 -3.44 -51.91 -52.03
C ASP I 173 -3.13 -50.45 -52.47
N SER I 174 -3.34 -50.07 -53.74
CA SER I 174 -3.56 -48.68 -54.23
C SER I 174 -4.76 -48.40 -55.14
N THR I 175 -5.63 -49.37 -55.30
CA THR I 175 -6.21 -49.76 -56.59
C THR I 175 -6.78 -48.67 -57.50
N TYR I 176 -6.84 -48.95 -58.81
CA TYR I 176 -7.71 -48.17 -59.70
C TYR I 176 -7.36 -46.68 -59.95
N SER I 177 -6.47 -46.40 -60.89
CA SER I 177 -6.48 -45.07 -61.51
C SER I 177 -7.74 -44.99 -62.40
N MET I 178 -8.01 -43.85 -63.02
CA MET I 178 -8.96 -43.80 -64.11
C MET I 178 -8.60 -42.63 -65.00
N SER I 179 -8.75 -42.74 -66.31
CA SER I 179 -8.63 -41.56 -67.17
C SER I 179 -9.62 -41.68 -68.32
N SER I 180 -10.26 -40.57 -68.67
CA SER I 180 -11.27 -40.61 -69.72
C SER I 180 -11.14 -39.43 -70.68
N THR I 181 -10.89 -39.70 -71.96
CA THR I 181 -10.94 -38.62 -72.94
C THR I 181 -12.37 -38.48 -73.46
N LEU I 182 -13.00 -37.35 -73.13
CA LEU I 182 -14.35 -37.08 -73.61
C LEU I 182 -14.26 -36.14 -74.82
N THR I 183 -14.61 -36.67 -75.99
CA THR I 183 -14.43 -35.98 -77.25
C THR I 183 -15.73 -35.68 -77.97
N LEU I 184 -15.59 -35.22 -79.21
CA LEU I 184 -16.71 -34.76 -80.03
C LEU I 184 -17.23 -35.85 -80.99
N ASP I 185 -18.44 -36.34 -80.73
CA ASP I 185 -19.28 -37.06 -81.72
C ASP I 185 -18.60 -38.14 -82.57
N GLU I 186 -18.98 -38.18 -83.84
CA GLU I 186 -18.35 -39.00 -84.89
C GLU I 186 -17.17 -38.15 -85.38
N TYR I 187 -16.96 -37.05 -84.67
CA TYR I 187 -15.89 -36.10 -84.92
C TYR I 187 -14.63 -36.70 -84.31
N GLU I 188 -14.72 -38.01 -84.05
CA GLU I 188 -13.58 -38.87 -83.93
C GLU I 188 -12.88 -38.93 -85.30
N ARG I 189 -11.81 -39.70 -85.35
CA ARG I 189 -10.77 -39.58 -86.36
C ARG I 189 -10.19 -40.93 -86.69
N HIS I 190 -8.94 -40.89 -87.15
CA HIS I 190 -8.15 -42.07 -87.46
C HIS I 190 -8.35 -43.07 -86.32
N ASN I 191 -8.67 -44.32 -86.64
CA ASN I 191 -9.09 -45.24 -85.57
C ASN I 191 -7.90 -46.10 -85.17
N SER I 192 -7.19 -45.55 -84.19
CA SER I 192 -6.21 -46.21 -83.35
C SER I 192 -6.09 -45.38 -82.07
N TYR I 193 -5.95 -46.02 -80.91
CA TYR I 193 -5.97 -45.29 -79.65
C TYR I 193 -5.00 -45.93 -78.69
N THR I 194 -4.20 -45.11 -78.02
CA THR I 194 -3.28 -45.68 -77.05
C THR I 194 -3.20 -44.90 -75.74
N CYS I 195 -3.53 -45.53 -74.62
CA CYS I 195 -3.16 -44.93 -73.35
C CYS I 195 -1.91 -45.66 -72.87
N GLU I 196 -0.76 -45.00 -72.99
CA GLU I 196 0.48 -45.51 -72.41
C GLU I 196 0.52 -44.99 -70.97
N ALA I 197 1.04 -45.79 -70.06
CA ALA I 197 1.19 -45.35 -68.67
C ALA I 197 2.48 -45.85 -68.06
N THR I 198 3.34 -44.94 -67.61
CA THR I 198 4.56 -45.37 -66.92
C THR I 198 4.38 -45.28 -65.41
N HIS I 199 4.65 -46.38 -64.70
CA HIS I 199 4.53 -46.33 -63.25
C HIS I 199 5.83 -46.68 -62.55
N LYS I 200 6.14 -47.97 -62.48
CA LYS I 200 7.53 -48.38 -62.39
C LYS I 200 7.73 -49.62 -63.27
N THR I 201 8.41 -49.39 -64.39
CA THR I 201 8.55 -50.35 -65.49
C THR I 201 9.51 -49.79 -66.53
N SER I 202 9.65 -50.46 -67.66
CA SER I 202 10.13 -49.77 -68.85
C SER I 202 9.00 -48.93 -69.44
N THR I 203 7.83 -49.57 -69.65
CA THR I 203 6.60 -48.89 -70.10
C THR I 203 5.38 -49.81 -70.02
N SER I 204 4.18 -49.30 -70.32
CA SER I 204 2.99 -50.16 -70.46
C SER I 204 1.89 -49.71 -71.44
N PRO I 205 2.15 -49.67 -72.78
CA PRO I 205 1.10 -49.31 -73.76
C PRO I 205 0.02 -50.37 -74.01
N ILE I 206 -1.21 -49.93 -74.29
CA ILE I 206 -2.30 -50.82 -74.68
C ILE I 206 -3.32 -50.10 -75.61
N VAL I 207 -3.88 -50.82 -76.59
CA VAL I 207 -4.56 -50.20 -77.74
C VAL I 207 -5.85 -50.90 -78.25
N LYS I 208 -6.44 -50.37 -79.31
CA LYS I 208 -7.62 -50.99 -79.94
C LYS I 208 -7.40 -51.88 -81.20
N SER I 209 -8.52 -52.36 -81.76
CA SER I 209 -8.54 -53.19 -82.98
C SER I 209 -8.67 -52.35 -84.28
N PHE I 210 -8.00 -52.80 -85.34
CA PHE I 210 -7.99 -52.08 -86.62
C PHE I 210 -9.38 -51.98 -87.25
N ASN I 211 -10.34 -52.67 -86.66
CA ASN I 211 -11.70 -52.69 -87.14
C ASN I 211 -12.59 -51.83 -86.26
N PRO J 58 45.74 -21.27 -0.71
CA PRO J 58 44.96 -20.04 -0.70
C PRO J 58 44.94 -19.41 -2.09
N LEU J 59 44.46 -18.18 -2.19
CA LEU J 59 44.56 -17.41 -3.42
C LEU J 59 45.53 -16.26 -3.22
N HIS J 60 46.56 -16.22 -4.05
CA HIS J 60 47.67 -15.27 -3.88
C HIS J 60 47.58 -13.96 -4.65
N LEU J 61 46.42 -13.70 -5.26
CA LEU J 61 46.28 -12.69 -6.32
C LEU J 61 46.90 -11.34 -6.00
N GLY J 62 47.78 -10.88 -6.90
CA GLY J 62 48.68 -9.79 -6.58
C GLY J 62 48.39 -8.42 -7.16
N LYS J 63 47.47 -8.34 -8.11
CA LYS J 63 47.18 -7.06 -8.74
C LYS J 63 46.34 -6.22 -7.79
N CYS J 64 45.38 -6.86 -7.14
CA CYS J 64 44.28 -6.14 -6.47
C CYS J 64 43.55 -6.82 -5.28
N ASN J 65 42.42 -6.22 -4.91
N ASN J 65 42.39 -6.27 -4.95
CA ASN J 65 41.61 -6.64 -3.77
CA ASN J 65 41.58 -6.70 -3.81
C ASN J 65 40.70 -7.84 -4.05
C ASN J 65 40.82 -7.98 -4.01
N ILE J 66 39.96 -8.27 -3.02
CA ILE J 66 38.89 -9.25 -3.16
C ILE J 66 37.71 -8.58 -3.86
N ALA J 67 37.58 -7.26 -3.65
CA ALA J 67 36.49 -6.50 -4.25
C ALA J 67 36.55 -6.48 -5.76
N GLY J 68 37.65 -6.02 -6.34
CA GLY J 68 37.74 -5.83 -7.78
C GLY J 68 38.03 -7.07 -8.59
N TRP J 69 38.56 -8.08 -7.92
CA TRP J 69 38.87 -9.33 -8.57
C TRP J 69 37.59 -10.05 -8.88
N ILE J 70 36.72 -10.17 -7.88
CA ILE J 70 35.42 -10.79 -8.08
C ILE J 70 34.54 -9.79 -8.84
N LEU J 71 34.99 -8.55 -8.92
CA LEU J 71 34.28 -7.57 -9.74
C LEU J 71 34.59 -7.59 -11.25
N GLY J 72 35.85 -7.84 -11.59
CA GLY J 72 36.32 -7.57 -12.92
C GLY J 72 37.20 -6.35 -13.17
N ASN J 73 37.79 -5.78 -12.14
CA ASN J 73 38.65 -4.62 -12.36
C ASN J 73 39.73 -4.78 -13.45
N PRO J 74 39.71 -3.85 -14.43
CA PRO J 74 40.57 -3.83 -15.61
C PRO J 74 42.03 -3.89 -15.24
N GLU J 75 42.38 -3.59 -14.01
CA GLU J 75 43.67 -4.03 -13.55
C GLU J 75 43.68 -5.54 -13.23
N CYS J 76 42.66 -6.05 -12.50
CA CYS J 76 42.68 -7.47 -12.07
C CYS J 76 42.73 -8.56 -13.18
N GLU J 77 41.59 -8.88 -13.80
CA GLU J 77 41.49 -10.12 -14.63
C GLU J 77 42.06 -11.33 -13.91
N SER J 78 43.15 -11.85 -14.48
CA SER J 78 44.25 -12.52 -13.74
C SER J 78 43.97 -13.72 -12.89
N LEU J 79 43.72 -14.86 -13.51
CA LEU J 79 43.54 -16.09 -12.72
C LEU J 79 44.71 -17.09 -12.70
N SER J 80 44.48 -18.24 -12.09
CA SER J 80 45.52 -19.12 -11.60
C SER J 80 45.22 -20.60 -11.86
N THR J 81 46.03 -21.49 -11.29
CA THR J 81 45.86 -22.96 -11.32
C THR J 81 44.61 -23.44 -10.55
N ALA J 82 43.94 -22.46 -9.94
CA ALA J 82 42.89 -22.53 -8.90
C ALA J 82 41.48 -22.92 -9.37
N SER J 83 40.50 -22.53 -8.55
CA SER J 83 39.13 -23.06 -8.38
C SER J 83 38.82 -24.08 -7.26
N SER J 84 39.82 -24.58 -6.54
CA SER J 84 39.52 -25.13 -5.22
C SER J 84 40.45 -24.56 -4.14
N TRP J 85 39.90 -23.78 -3.21
CA TRP J 85 40.75 -23.17 -2.19
C TRP J 85 40.07 -22.95 -0.85
N SER J 86 40.84 -22.30 0.03
CA SER J 86 40.56 -22.16 1.46
C SER J 86 40.18 -20.73 1.82
N TYR J 87 41.12 -19.81 1.61
CA TYR J 87 40.86 -18.38 1.77
C TYR J 87 41.56 -17.52 0.70
N ILE J 88 41.50 -16.21 0.87
CA ILE J 88 42.16 -15.28 -0.03
C ILE J 88 43.24 -14.50 0.70
N VAL J 89 44.44 -14.54 0.14
CA VAL J 89 45.49 -13.58 0.50
C VAL J 89 45.37 -12.41 -0.48
N GLU J 90 45.31 -11.18 0.03
CA GLU J 90 44.85 -10.08 -0.80
C GLU J 90 45.81 -8.95 -0.83
N THR J 91 46.45 -8.75 -1.97
CA THR J 91 47.37 -7.63 -2.11
C THR J 91 46.54 -6.35 -2.31
N SER J 92 46.77 -5.38 -1.43
CA SER J 92 45.86 -4.23 -1.26
C SER J 92 45.78 -3.13 -2.35
N SER J 93 44.56 -2.89 -2.83
CA SER J 93 44.22 -1.58 -3.35
C SER J 93 42.94 -1.20 -2.61
N SER J 94 43.03 -0.24 -1.70
CA SER J 94 41.79 0.24 -1.11
C SER J 94 41.25 1.19 -2.15
N ASP J 95 42.21 1.97 -2.65
CA ASP J 95 41.97 3.10 -3.53
C ASP J 95 41.21 2.76 -4.80
N ASN J 96 41.92 2.15 -5.75
CA ASN J 96 41.37 2.00 -7.08
C ASN J 96 40.66 0.67 -7.36
N GLY J 97 40.55 -0.15 -6.33
CA GLY J 97 39.85 -1.42 -6.41
C GLY J 97 38.41 -1.43 -6.90
N THR J 98 37.56 -0.59 -6.33
CA THR J 98 36.18 -0.47 -6.81
C THR J 98 36.00 0.57 -7.92
N CYS J 99 37.12 1.10 -8.43
CA CYS J 99 37.10 1.94 -9.62
C CYS J 99 36.23 3.13 -9.35
N TYR J 100 35.12 3.19 -10.06
CA TYR J 100 34.08 4.14 -9.78
C TYR J 100 33.75 4.08 -8.29
N PRO J 101 33.90 5.22 -7.60
CA PRO J 101 33.74 5.31 -6.16
C PRO J 101 32.32 5.00 -5.71
N GLY J 102 32.24 4.38 -4.54
CA GLY J 102 31.01 4.02 -3.90
C GLY J 102 31.47 2.96 -2.92
N ASP J 103 30.54 2.23 -2.32
CA ASP J 103 31.00 1.08 -1.56
C ASP J 103 30.22 -0.21 -1.71
N PHE J 104 30.90 -1.30 -1.34
CA PHE J 104 30.39 -2.66 -1.39
C PHE J 104 29.35 -2.82 -0.29
N ILE J 105 28.80 -4.02 -0.19
CA ILE J 105 27.75 -4.32 0.78
C ILE J 105 27.92 -5.77 1.16
N ASP J 106 27.72 -6.09 2.43
CA ASP J 106 27.92 -7.44 2.94
C ASP J 106 29.30 -7.93 2.57
N TYR J 107 30.26 -7.01 2.50
CA TYR J 107 31.60 -7.35 2.05
C TYR J 107 32.24 -8.36 2.97
N GLU J 108 31.99 -8.26 4.26
CA GLU J 108 32.56 -9.24 5.16
C GLU J 108 31.93 -10.60 4.98
N GLU J 109 30.60 -10.70 5.04
CA GLU J 109 29.92 -11.96 4.78
C GLU J 109 30.44 -12.54 3.48
N LEU J 110 30.60 -11.68 2.48
CA LEU J 110 31.24 -12.04 1.21
C LEU J 110 32.63 -12.54 1.47
N ARG J 111 33.49 -11.65 1.97
CA ARG J 111 34.90 -11.95 2.22
C ARG J 111 35.05 -13.19 3.09
N GLU J 112 33.95 -13.55 3.76
CA GLU J 112 33.72 -14.84 4.43
C GLU J 112 33.37 -15.97 3.44
N GLN J 113 32.29 -15.81 2.67
CA GLN J 113 31.71 -16.87 1.82
C GLN J 113 32.75 -17.46 0.85
N LEU J 114 33.85 -16.75 0.71
CA LEU J 114 34.95 -17.05 -0.17
C LEU J 114 35.97 -17.97 0.53
N SER J 115 35.58 -18.49 1.70
CA SER J 115 36.31 -19.52 2.44
C SER J 115 35.90 -20.96 2.11
N SER J 116 36.88 -21.85 2.02
CA SER J 116 36.68 -23.26 1.67
C SER J 116 35.92 -23.51 0.37
N VAL J 117 36.24 -22.81 -0.69
CA VAL J 117 35.49 -23.03 -1.90
C VAL J 117 36.02 -24.32 -2.53
N SER J 118 35.13 -25.30 -2.71
CA SER J 118 35.51 -26.60 -3.26
C SER J 118 35.64 -26.48 -4.77
N SER J 119 34.86 -25.56 -5.31
CA SER J 119 34.73 -25.41 -6.75
C SER J 119 34.51 -23.96 -7.11
N PHE J 120 35.01 -23.57 -8.28
CA PHE J 120 34.73 -22.26 -8.83
C PHE J 120 34.55 -22.31 -10.35
N GLU J 121 33.48 -21.69 -10.85
CA GLU J 121 33.24 -21.59 -12.29
C GLU J 121 32.71 -20.18 -12.69
N ARG J 122 33.35 -19.53 -13.67
CA ARG J 122 32.85 -18.24 -14.16
C ARG J 122 31.91 -18.46 -15.34
N PHE J 123 30.73 -17.86 -15.30
CA PHE J 123 29.78 -18.10 -16.36
C PHE J 123 28.83 -16.93 -16.55
N GLU J 124 28.25 -16.83 -17.74
CA GLU J 124 27.43 -15.67 -18.02
C GLU J 124 25.96 -15.98 -17.83
N ILE J 125 25.38 -15.29 -16.86
CA ILE J 125 23.96 -15.39 -16.57
C ILE J 125 23.12 -14.52 -17.48
N PHE J 126 23.64 -13.33 -17.77
CA PHE J 126 22.99 -12.38 -18.67
C PHE J 126 23.96 -11.85 -19.74
N PRO J 127 24.00 -12.49 -20.94
CA PRO J 127 24.95 -12.10 -22.01
C PRO J 127 24.84 -10.63 -22.44
N LYS J 128 25.97 -9.92 -22.49
CA LYS J 128 26.00 -8.45 -22.56
C LYS J 128 25.11 -7.75 -23.61
N THR J 129 25.43 -7.91 -24.90
CA THR J 129 24.82 -7.14 -25.98
C THR J 129 23.60 -7.81 -26.50
N SER J 130 23.28 -8.93 -25.86
CA SER J 130 22.26 -9.89 -26.31
C SER J 130 21.02 -9.71 -25.49
N SER J 131 21.21 -9.87 -24.17
CA SER J 131 20.17 -10.08 -23.16
C SER J 131 18.96 -9.16 -23.20
N TRP J 132 19.18 -7.84 -23.30
CA TRP J 132 18.05 -6.91 -23.34
C TRP J 132 18.16 -5.92 -24.49
N PRO J 133 17.06 -5.79 -25.24
CA PRO J 133 16.86 -4.89 -26.38
C PRO J 133 16.59 -3.45 -26.04
N ASN J 134 15.93 -3.22 -24.92
CA ASN J 134 15.23 -1.97 -24.76
C ASN J 134 16.17 -1.03 -24.08
N HIS J 135 17.33 -1.55 -23.77
CA HIS J 135 18.31 -0.76 -23.05
C HIS J 135 19.64 -0.86 -23.81
N ASP J 136 20.51 0.13 -23.66
CA ASP J 136 21.75 0.21 -24.45
C ASP J 136 22.96 -0.27 -23.65
N SER J 137 23.54 -1.40 -24.04
CA SER J 137 24.61 -2.06 -23.30
C SER J 137 26.06 -1.65 -23.59
N ASN J 138 26.29 -0.95 -24.69
CA ASN J 138 27.67 -0.66 -25.06
C ASN J 138 28.20 0.71 -24.67
N LYS J 139 27.33 1.51 -24.04
CA LYS J 139 27.70 2.88 -23.70
C LYS J 139 28.30 2.98 -22.30
N GLY J 140 28.47 1.83 -21.66
CA GLY J 140 28.64 1.71 -20.22
C GLY J 140 30.05 1.82 -19.68
N VAL J 141 30.93 2.52 -20.37
CA VAL J 141 32.33 2.61 -19.95
C VAL J 141 32.63 3.92 -19.25
N THR J 142 33.50 3.88 -18.25
CA THR J 142 33.77 5.07 -17.40
C THR J 142 35.19 5.62 -17.50
N ALA J 143 35.30 6.90 -17.15
CA ALA J 143 36.53 7.65 -17.20
C ALA J 143 37.47 7.24 -16.09
N ALA J 144 36.91 6.70 -15.01
CA ALA J 144 37.69 6.34 -13.83
C ALA J 144 38.38 5.00 -13.95
N CYS J 145 37.75 4.10 -14.72
CA CYS J 145 38.35 2.81 -15.02
C CYS J 145 38.87 2.76 -16.45
N PRO J 146 40.20 2.85 -16.62
CA PRO J 146 40.94 2.72 -17.88
C PRO J 146 41.14 1.28 -18.33
N HIS J 147 41.45 1.05 -19.61
CA HIS J 147 41.97 -0.26 -20.00
C HIS J 147 43.36 -0.09 -20.60
N ALA J 148 43.42 0.36 -21.85
CA ALA J 148 44.52 1.20 -22.28
C ALA J 148 43.92 2.53 -22.68
N GLY J 149 44.10 3.54 -21.85
CA GLY J 149 43.76 4.90 -22.25
C GLY J 149 42.27 5.11 -22.39
N ALA J 150 41.51 4.01 -22.32
CA ALA J 150 40.12 3.98 -22.75
C ALA J 150 39.15 3.86 -21.59
N LYS J 151 38.02 4.53 -21.69
CA LYS J 151 36.97 4.37 -20.69
C LYS J 151 36.55 2.90 -20.68
N SER J 152 36.30 2.35 -19.49
CA SER J 152 36.06 0.90 -19.34
C SER J 152 35.24 0.55 -18.10
N PHE J 153 35.18 -0.73 -17.77
CA PHE J 153 34.22 -1.20 -16.77
C PHE J 153 34.63 -2.50 -16.06
N TYR J 154 33.69 -3.09 -15.33
CA TYR J 154 33.95 -4.35 -14.65
C TYR J 154 33.44 -5.46 -15.51
N LYS J 155 34.28 -6.46 -15.75
CA LYS J 155 33.94 -7.53 -16.69
C LYS J 155 32.64 -8.26 -16.32
N ASN J 156 32.26 -8.23 -15.05
CA ASN J 156 31.16 -9.04 -14.59
C ASN J 156 29.82 -8.34 -14.67
N LEU J 157 29.84 -7.09 -15.11
CA LEU J 157 28.65 -6.29 -15.05
C LEU J 157 28.51 -5.48 -16.31
N ILE J 158 27.27 -5.19 -16.69
CA ILE J 158 26.99 -4.19 -17.71
C ILE J 158 26.13 -3.11 -17.09
N TRP J 159 26.54 -1.85 -17.22
CA TRP J 159 25.81 -0.74 -16.66
C TRP J 159 24.85 -0.19 -17.68
N LEU J 160 23.55 -0.42 -17.49
CA LEU J 160 22.58 -0.19 -18.56
C LEU J 160 22.10 1.25 -18.61
N VAL J 161 22.36 1.91 -19.73
CA VAL J 161 21.85 3.26 -19.97
C VAL J 161 20.53 3.14 -20.72
N LYS J 162 19.95 4.26 -21.14
CA LYS J 162 18.71 4.25 -21.93
C LYS J 162 19.01 4.15 -23.44
N LYS J 163 17.98 4.03 -24.27
CA LYS J 163 18.17 4.17 -25.72
C LYS J 163 17.06 4.97 -26.40
N GLY J 164 17.43 5.99 -27.15
CA GLY J 164 16.47 6.87 -27.80
C GLY J 164 15.48 7.49 -26.83
N ASN J 165 16.01 8.15 -25.80
CA ASN J 165 15.23 8.72 -24.69
C ASN J 165 14.14 7.84 -24.02
N SER J 166 14.40 6.55 -23.89
CA SER J 166 13.42 5.66 -23.22
C SER J 166 14.07 4.51 -22.46
N TYR J 167 13.49 4.20 -21.30
CA TYR J 167 14.02 3.21 -20.37
C TYR J 167 12.88 2.45 -19.67
N PRO J 168 12.20 1.56 -20.39
CA PRO J 168 10.99 0.89 -19.91
C PRO J 168 11.38 -0.10 -18.85
N LYS J 169 10.43 -0.60 -18.04
CA LYS J 169 10.79 -1.54 -16.98
C LYS J 169 11.57 -2.76 -17.48
N LEU J 170 12.71 -2.96 -16.85
CA LEU J 170 13.59 -4.08 -17.09
C LEU J 170 13.07 -5.28 -16.25
N SER J 171 12.89 -6.44 -16.88
CA SER J 171 12.57 -7.67 -16.13
C SER J 171 13.34 -8.85 -16.68
N LYS J 172 14.20 -9.42 -15.86
CA LYS J 172 14.94 -10.61 -16.23
C LYS J 172 14.93 -11.53 -15.03
N SER J 173 14.32 -12.71 -15.19
CA SER J 173 14.49 -13.86 -14.28
C SER J 173 15.78 -14.63 -14.60
N TYR J 174 16.36 -15.28 -13.59
CA TYR J 174 17.21 -16.44 -13.85
C TYR J 174 16.81 -17.58 -12.89
N ILE J 175 16.27 -18.67 -13.41
CA ILE J 175 15.99 -19.82 -12.57
C ILE J 175 17.33 -20.48 -12.32
N ASN J 176 17.47 -21.28 -11.28
CA ASN J 176 18.69 -22.06 -11.15
C ASN J 176 18.40 -23.54 -11.40
N ASP J 177 18.86 -24.05 -12.54
CA ASP J 177 18.55 -25.41 -12.92
C ASP J 177 19.41 -26.33 -12.06
N LYS J 178 20.65 -25.92 -11.85
CA LYS J 178 21.66 -26.82 -11.33
C LYS J 178 21.54 -27.15 -9.85
N GLY J 179 22.55 -27.84 -9.36
CA GLY J 179 22.64 -28.27 -7.98
C GLY J 179 23.61 -27.43 -7.17
N LYS J 180 23.83 -26.19 -7.60
CA LYS J 180 24.96 -25.43 -7.08
C LYS J 180 24.71 -24.01 -6.60
N GLU J 181 25.58 -23.54 -5.71
CA GLU J 181 25.46 -22.19 -5.21
C GLU J 181 25.94 -21.24 -6.29
N VAL J 182 25.06 -20.33 -6.66
CA VAL J 182 25.41 -19.32 -7.62
C VAL J 182 25.39 -17.92 -6.98
N LEU J 183 26.56 -17.34 -6.77
CA LEU J 183 26.63 -15.92 -6.51
C LEU J 183 26.29 -15.11 -7.78
N VAL J 184 25.28 -14.24 -7.68
CA VAL J 184 25.03 -13.22 -8.67
C VAL J 184 24.90 -11.89 -7.96
N LEU J 185 25.87 -11.02 -8.16
CA LEU J 185 25.80 -9.68 -7.63
C LEU J 185 25.03 -8.75 -8.57
N TRP J 186 25.16 -7.47 -8.29
CA TRP J 186 24.71 -6.42 -9.17
C TRP J 186 25.12 -5.18 -8.43
N GLY J 187 25.20 -4.06 -9.16
CA GLY J 187 25.54 -2.77 -8.58
C GLY J 187 24.28 -1.94 -8.52
N ILE J 188 24.37 -0.76 -7.95
CA ILE J 188 23.26 0.15 -8.04
C ILE J 188 23.80 1.57 -8.22
N HIS J 189 23.35 2.29 -9.23
CA HIS J 189 24.04 3.56 -9.53
C HIS J 189 23.45 4.80 -8.90
N HIS J 190 24.31 5.63 -8.32
CA HIS J 190 23.87 6.86 -7.68
C HIS J 190 24.52 8.05 -8.36
N PRO J 191 23.86 8.55 -9.39
CA PRO J 191 24.39 9.56 -10.32
C PRO J 191 24.30 11.01 -9.88
N SER J 192 25.03 11.48 -8.86
CA SER J 192 25.35 12.92 -8.75
C SER J 192 24.16 13.85 -8.99
N THR J 193 24.28 14.75 -9.97
CA THR J 193 23.25 15.74 -10.24
C THR J 193 22.00 15.07 -10.82
N SER J 194 21.00 15.85 -11.21
CA SER J 194 19.86 15.26 -11.89
C SER J 194 20.03 15.22 -13.43
N ALA J 195 21.07 15.90 -13.91
CA ALA J 195 21.51 15.76 -15.31
C ALA J 195 22.41 14.53 -15.56
N ASP J 196 23.30 14.20 -14.62
CA ASP J 196 23.94 12.88 -14.60
C ASP J 196 22.79 11.83 -14.68
N GLN J 197 21.67 12.09 -14.01
CA GLN J 197 20.52 11.17 -13.99
C GLN J 197 19.70 11.15 -15.28
N GLN J 198 19.11 12.28 -15.64
CA GLN J 198 18.27 12.38 -16.84
C GLN J 198 18.97 11.86 -18.09
N SER J 199 20.19 12.33 -18.33
CA SER J 199 20.98 11.94 -19.50
C SER J 199 21.49 10.51 -19.37
N LEU J 200 21.27 9.91 -18.21
CA LEU J 200 21.57 8.51 -18.12
C LEU J 200 20.32 7.63 -18.26
N TYR J 201 19.40 7.72 -17.32
CA TYR J 201 18.26 6.79 -17.26
C TYR J 201 16.91 7.30 -17.81
N GLN J 202 16.92 8.53 -18.30
CA GLN J 202 15.74 9.16 -18.90
C GLN J 202 14.68 9.56 -17.88
N ASN J 203 14.74 8.99 -16.67
CA ASN J 203 13.79 9.39 -15.63
C ASN J 203 14.22 9.29 -14.15
N ALA J 204 13.80 10.25 -13.34
CA ALA J 204 14.30 10.35 -11.98
C ALA J 204 13.42 9.56 -11.03
N ASP J 205 12.46 8.84 -11.59
CA ASP J 205 11.45 8.06 -10.88
C ASP J 205 11.97 6.62 -10.62
N ALA J 206 13.24 6.42 -10.92
CA ALA J 206 13.78 5.07 -10.99
C ALA J 206 13.88 4.31 -9.69
N TYR J 207 13.62 3.01 -9.79
CA TYR J 207 13.88 2.06 -8.73
C TYR J 207 14.69 0.89 -9.25
N VAL J 208 15.05 -0.02 -8.36
CA VAL J 208 15.54 -1.32 -8.76
C VAL J 208 14.90 -2.25 -7.74
N PHE J 209 14.20 -3.29 -8.20
CA PHE J 209 13.76 -4.35 -7.30
C PHE J 209 14.42 -5.71 -7.56
N VAL J 210 14.85 -6.36 -6.49
CA VAL J 210 15.46 -7.68 -6.57
C VAL J 210 14.87 -8.64 -5.56
N GLY J 211 14.26 -9.74 -6.00
CA GLY J 211 13.91 -10.76 -5.02
C GLY J 211 13.79 -12.22 -5.46
N SER J 212 14.05 -13.12 -4.52
CA SER J 212 13.83 -14.52 -4.79
C SER J 212 12.97 -15.25 -3.75
N SER J 213 13.65 -15.67 -2.68
CA SER J 213 13.05 -16.28 -1.50
C SER J 213 13.68 -15.65 -0.28
N ARG J 214 14.99 -15.93 -0.18
CA ARG J 214 15.83 -15.46 0.92
C ARG J 214 16.28 -14.01 0.68
N TYR J 215 16.00 -13.49 -0.51
CA TYR J 215 16.33 -12.10 -0.84
C TYR J 215 15.11 -11.33 -1.37
N SER J 216 14.76 -10.23 -0.71
CA SER J 216 13.89 -9.21 -1.31
C SER J 216 14.27 -7.77 -0.94
N LYS J 217 14.54 -6.95 -1.95
CA LYS J 217 15.07 -5.60 -1.73
C LYS J 217 14.61 -4.56 -2.77
N LYS J 218 14.27 -3.37 -2.29
CA LYS J 218 14.00 -2.24 -3.17
C LYS J 218 15.06 -1.17 -2.91
N PHE J 219 15.51 -0.53 -3.99
CA PHE J 219 16.58 0.44 -3.93
C PHE J 219 16.00 1.73 -4.48
N LYS J 220 16.84 2.74 -4.58
CA LYS J 220 16.51 3.99 -5.29
C LYS J 220 17.75 4.83 -5.28
N PRO J 221 18.06 5.44 -6.42
CA PRO J 221 19.25 6.28 -6.51
C PRO J 221 18.96 7.54 -5.76
N GLU J 222 19.86 7.99 -4.91
CA GLU J 222 19.56 9.28 -4.33
C GLU J 222 20.68 10.22 -4.63
N ILE J 223 20.34 11.16 -5.51
CA ILE J 223 21.27 11.74 -6.46
C ILE J 223 21.89 13.02 -5.96
N ALA J 224 23.20 13.01 -5.67
CA ALA J 224 23.85 14.25 -5.21
C ALA J 224 25.38 14.32 -5.33
N ILE J 225 25.95 15.46 -4.95
CA ILE J 225 27.36 15.75 -5.22
C ILE J 225 28.34 15.36 -4.09
N ARG J 226 29.09 14.31 -4.35
CA ARG J 226 30.07 13.79 -3.42
C ARG J 226 31.41 14.40 -3.74
N PRO J 227 32.34 14.43 -2.79
CA PRO J 227 33.67 14.91 -3.12
C PRO J 227 34.31 14.01 -4.17
N LYS J 228 35.05 14.60 -5.11
CA LYS J 228 35.62 13.89 -6.25
C LYS J 228 36.49 12.70 -5.88
N VAL J 229 36.15 11.53 -6.39
CA VAL J 229 37.10 10.43 -6.33
C VAL J 229 37.24 9.83 -7.71
N ARG J 230 38.42 9.98 -8.28
CA ARG J 230 38.62 9.68 -9.67
C ARG J 230 37.60 10.43 -10.53
N ASP J 231 37.31 11.64 -10.06
CA ASP J 231 36.37 12.59 -10.67
C ASP J 231 34.98 12.03 -10.93
N GLN J 232 34.30 11.61 -9.87
CA GLN J 232 32.87 11.39 -9.95
C GLN J 232 32.14 11.88 -8.72
N GLU J 233 31.24 12.83 -8.92
CA GLU J 233 30.33 13.24 -7.87
C GLU J 233 29.20 12.23 -7.73
N GLY J 234 29.15 11.24 -8.62
CA GLY J 234 28.19 10.16 -8.50
C GLY J 234 28.81 8.98 -7.78
N ARG J 235 27.99 8.12 -7.20
CA ARG J 235 28.48 6.99 -6.41
C ARG J 235 27.76 5.68 -6.70
N MET J 236 28.30 4.56 -6.21
CA MET J 236 27.75 3.24 -6.55
C MET J 236 27.92 2.11 -5.51
N ASN J 237 26.93 1.24 -5.45
CA ASN J 237 26.95 0.20 -4.43
C ASN J 237 26.73 -1.21 -4.92
N TYR J 238 27.71 -2.05 -4.63
CA TYR J 238 27.76 -3.36 -5.22
C TYR J 238 27.08 -4.34 -4.29
N TYR J 239 25.92 -4.82 -4.72
CA TYR J 239 25.11 -5.68 -3.88
C TYR J 239 25.11 -7.10 -4.43
N TRP J 240 25.45 -8.08 -3.60
CA TRP J 240 25.50 -9.48 -4.04
C TRP J 240 24.50 -10.35 -3.28
N THR J 241 23.66 -11.07 -4.02
CA THR J 241 22.86 -12.16 -3.49
C THR J 241 23.59 -13.47 -3.71
N LEU J 242 22.88 -14.57 -3.52
CA LEU J 242 23.39 -15.91 -3.68
C LEU J 242 22.18 -16.72 -4.11
N VAL J 243 22.33 -17.73 -4.98
CA VAL J 243 21.17 -18.56 -5.34
C VAL J 243 21.41 -20.06 -5.43
N GLU J 244 20.56 -20.81 -4.75
CA GLU J 244 20.66 -22.26 -4.75
C GLU J 244 19.72 -22.87 -5.81
N PRO J 245 19.79 -24.20 -5.96
CA PRO J 245 18.91 -24.90 -6.90
C PRO J 245 17.43 -24.59 -6.71
N GLY J 246 16.67 -24.74 -7.78
CA GLY J 246 15.22 -24.76 -7.70
C GLY J 246 14.54 -23.42 -7.60
N ASP J 247 15.34 -22.38 -7.36
CA ASP J 247 14.80 -21.06 -7.07
C ASP J 247 15.26 -20.06 -8.12
N LYS J 248 14.32 -19.24 -8.62
CA LYS J 248 14.71 -18.17 -9.53
C LYS J 248 15.13 -16.92 -8.76
N ILE J 249 15.58 -15.90 -9.51
CA ILE J 249 15.96 -14.61 -8.95
C ILE J 249 15.43 -13.62 -9.95
N THR J 250 15.41 -12.33 -9.64
CA THR J 250 14.80 -11.36 -10.54
C THR J 250 15.55 -10.03 -10.49
N PHE J 251 15.57 -9.28 -11.58
CA PHE J 251 16.02 -7.90 -11.53
C PHE J 251 15.08 -7.01 -12.30
N GLU J 252 14.49 -6.04 -11.61
CA GLU J 252 13.58 -5.10 -12.24
C GLU J 252 14.05 -3.67 -12.10
N ALA J 253 13.94 -2.91 -13.19
CA ALA J 253 14.44 -1.54 -13.18
C ALA J 253 13.56 -0.61 -13.99
N THR J 254 13.36 0.59 -13.48
CA THR J 254 13.06 1.81 -14.25
C THR J 254 14.30 2.69 -14.39
N GLY J 255 15.44 2.22 -13.90
CA GLY J 255 16.65 3.00 -13.98
C GLY J 255 17.74 2.54 -13.05
N ASN J 256 18.91 3.12 -13.18
CA ASN J 256 19.95 3.07 -12.18
C ASN J 256 20.57 1.71 -11.87
N LEU J 257 19.98 0.63 -12.38
CA LEU J 257 20.56 -0.71 -12.26
C LEU J 257 21.80 -0.89 -13.12
N VAL J 258 22.91 -1.27 -12.48
CA VAL J 258 24.06 -1.82 -13.18
C VAL J 258 23.99 -3.31 -12.88
N VAL J 259 23.68 -4.07 -13.92
CA VAL J 259 23.37 -5.50 -13.81
C VAL J 259 24.64 -6.35 -13.93
N PRO J 260 24.60 -7.63 -13.48
CA PRO J 260 25.67 -8.57 -13.85
C PRO J 260 25.56 -9.09 -15.28
N ARG J 261 26.68 -9.27 -15.98
CA ARG J 261 26.75 -10.15 -17.15
C ARG J 261 27.24 -11.53 -16.74
N TYR J 262 27.76 -11.63 -15.52
CA TYR J 262 28.55 -12.78 -15.10
C TYR J 262 28.25 -13.24 -13.68
N ALA J 263 27.78 -14.48 -13.51
CA ALA J 263 27.65 -15.01 -12.15
C ALA J 263 28.78 -16.01 -11.91
N PHE J 264 28.82 -16.60 -10.72
CA PHE J 264 29.83 -17.62 -10.43
C PHE J 264 29.19 -18.85 -9.83
N ALA J 265 29.73 -20.02 -10.15
CA ALA J 265 29.14 -21.28 -9.70
C ALA J 265 29.92 -21.78 -8.50
N MET J 266 29.29 -21.71 -7.33
CA MET J 266 29.99 -21.84 -6.04
C MET J 266 29.68 -23.16 -5.31
N GLU J 267 30.70 -23.77 -4.73
CA GLU J 267 30.47 -24.76 -3.68
C GLU J 267 31.61 -24.76 -2.67
N ARG J 268 31.24 -24.93 -1.41
CA ARG J 268 32.16 -24.85 -0.27
C ARG J 268 31.99 -26.02 0.71
N ASN J 269 32.81 -26.11 1.74
CA ASN J 269 32.50 -27.01 2.85
C ASN J 269 32.64 -26.45 4.30
N ALA J 270 33.88 -26.22 4.76
CA ALA J 270 34.14 -25.80 6.14
C ALA J 270 35.60 -25.39 6.40
N GLY J 271 35.90 -25.02 7.66
CA GLY J 271 37.24 -24.68 8.11
C GLY J 271 37.61 -23.22 7.93
N SER J 272 38.44 -22.66 8.82
CA SER J 272 38.56 -21.19 8.98
C SER J 272 39.54 -20.65 10.06
N GLY J 273 39.68 -19.33 10.11
CA GLY J 273 40.26 -18.64 11.26
C GLY J 273 41.60 -17.91 11.33
N ILE J 274 42.49 -18.07 10.34
CA ILE J 274 43.78 -17.32 10.34
C ILE J 274 44.19 -16.87 8.90
N ILE J 275 45.06 -15.86 8.82
CA ILE J 275 45.45 -15.26 7.55
C ILE J 275 46.93 -14.83 7.59
N ILE J 276 47.33 -14.04 6.59
CA ILE J 276 48.66 -13.42 6.59
C ILE J 276 48.67 -12.06 7.32
N SER J 277 49.63 -11.88 8.21
CA SER J 277 49.67 -10.73 9.11
C SER J 277 49.82 -9.37 8.42
N ASP J 278 50.84 -9.24 7.58
CA ASP J 278 51.22 -7.93 7.02
C ASP J 278 50.32 -7.55 5.86
N THR J 279 50.59 -8.22 4.73
CA THR J 279 49.87 -8.06 3.47
C THR J 279 49.28 -6.67 3.21
N LYS K 2 19.15 -40.96 -35.00
CA LYS K 2 18.71 -39.88 -34.13
C LYS K 2 18.46 -38.56 -34.90
N LEU K 3 19.24 -38.33 -35.96
CA LEU K 3 18.75 -37.54 -37.11
C LEU K 3 18.22 -36.10 -36.92
N GLN K 4 19.09 -35.09 -36.88
CA GLN K 4 18.60 -33.69 -36.92
C GLN K 4 18.29 -33.07 -38.32
N GLN K 5 17.15 -32.36 -38.40
CA GLN K 5 16.41 -31.93 -39.62
C GLN K 5 16.61 -30.55 -40.31
N SER K 6 15.55 -30.14 -41.04
CA SER K 6 15.62 -29.23 -42.20
C SER K 6 14.36 -28.38 -42.60
N GLY K 7 14.32 -27.93 -43.86
CA GLY K 7 13.31 -27.04 -44.43
C GLY K 7 13.64 -25.67 -45.06
N GLY K 8 14.92 -25.35 -45.17
CA GLY K 8 15.33 -24.15 -45.89
C GLY K 8 15.57 -24.35 -47.38
N GLY K 9 15.50 -23.27 -48.16
CA GLY K 9 15.62 -23.31 -49.62
C GLY K 9 16.10 -21.97 -50.21
N VAL K 10 16.05 -21.79 -51.53
CA VAL K 10 16.49 -20.53 -52.15
C VAL K 10 15.57 -19.36 -51.77
N VAL K 11 16.12 -18.15 -51.76
CA VAL K 11 15.28 -16.95 -51.58
C VAL K 11 15.81 -15.76 -52.35
N GLN K 12 15.02 -14.70 -52.34
CA GLN K 12 15.19 -13.54 -53.21
C GLN K 12 15.19 -12.28 -52.36
N PRO K 13 16.38 -11.75 -52.07
CA PRO K 13 16.68 -10.93 -50.88
C PRO K 13 15.62 -9.88 -50.54
N GLY K 14 15.45 -9.68 -49.24
CA GLY K 14 14.34 -8.93 -48.71
C GLY K 14 13.26 -9.92 -48.32
N GLY K 15 13.42 -11.15 -48.80
CA GLY K 15 12.47 -12.20 -48.52
C GLY K 15 12.71 -12.87 -47.18
N SER K 16 11.68 -13.57 -46.69
CA SER K 16 11.76 -14.28 -45.43
C SER K 16 11.65 -15.78 -45.66
N LEU K 17 12.23 -16.56 -44.75
CA LEU K 17 12.13 -18.01 -44.80
C LEU K 17 12.06 -18.53 -43.36
N ARG K 18 11.46 -19.70 -43.15
CA ARG K 18 11.45 -20.31 -41.83
C ARG K 18 12.05 -21.71 -41.85
N LEU K 19 13.24 -21.86 -41.26
CA LEU K 19 13.88 -23.16 -41.23
C LEU K 19 13.14 -23.95 -40.20
N SER K 20 13.19 -25.26 -40.28
CA SER K 20 12.86 -26.06 -39.13
C SER K 20 13.95 -26.99 -38.74
N CYS K 21 13.91 -27.33 -37.48
CA CYS K 21 14.65 -28.46 -36.99
C CYS K 21 13.67 -29.16 -36.07
N ALA K 22 13.31 -30.38 -36.42
CA ALA K 22 12.67 -31.25 -35.48
C ALA K 22 13.80 -32.06 -34.87
N ALA K 23 13.44 -33.10 -34.14
CA ALA K 23 14.41 -33.84 -33.36
C ALA K 23 13.64 -34.93 -32.67
N SER K 24 14.37 -35.91 -32.15
CA SER K 24 13.83 -36.94 -31.28
C SER K 24 15.05 -37.62 -30.70
N GLY K 25 14.88 -38.73 -30.00
CA GLY K 25 15.93 -39.15 -29.10
C GLY K 25 15.80 -38.17 -27.96
N PHE K 26 14.64 -38.24 -27.30
CA PHE K 26 13.92 -37.13 -26.66
C PHE K 26 14.63 -36.47 -25.50
N THR K 27 13.84 -35.74 -24.72
CA THR K 27 14.23 -34.73 -23.71
C THR K 27 14.79 -33.46 -24.35
N PHE K 28 14.21 -33.11 -25.49
CA PHE K 28 14.48 -31.85 -26.17
C PHE K 28 14.04 -30.70 -25.27
N SER K 29 13.15 -30.99 -24.33
CA SER K 29 12.65 -30.00 -23.36
C SER K 29 13.68 -29.55 -22.35
N ASP K 30 14.57 -30.45 -21.95
CA ASP K 30 15.55 -30.12 -20.92
C ASP K 30 16.77 -29.41 -21.46
N TYR K 31 16.82 -29.21 -22.77
CA TYR K 31 18.07 -28.71 -23.35
C TYR K 31 17.98 -27.40 -24.16
N ASP K 32 18.92 -26.52 -23.87
CA ASP K 32 19.01 -25.22 -24.48
C ASP K 32 19.64 -25.45 -25.85
N MET K 33 19.12 -24.81 -26.90
CA MET K 33 19.47 -25.19 -28.29
C MET K 33 19.61 -24.08 -29.32
N SER K 34 20.19 -24.39 -30.47
CA SER K 34 20.76 -23.35 -31.31
C SER K 34 20.76 -23.55 -32.82
N TRP K 35 20.85 -22.44 -33.52
CA TRP K 35 20.96 -22.39 -34.96
C TRP K 35 22.35 -21.88 -35.29
N ILE K 36 23.09 -22.60 -36.13
CA ILE K 36 24.42 -22.13 -36.52
C ILE K 36 24.77 -22.51 -37.93
N ARG K 37 25.26 -21.53 -38.70
CA ARG K 37 25.39 -21.67 -40.15
C ARG K 37 26.82 -21.70 -40.72
N GLN K 38 26.96 -22.48 -41.78
CA GLN K 38 28.21 -22.60 -42.50
C GLN K 38 28.07 -21.92 -43.83
N ALA K 39 28.82 -20.82 -43.95
CA ALA K 39 28.87 -19.98 -45.12
C ALA K 39 29.63 -20.74 -46.18
N PRO K 40 29.36 -20.45 -47.45
CA PRO K 40 30.15 -21.11 -48.49
C PRO K 40 31.56 -20.57 -48.41
N GLY K 41 32.55 -21.33 -48.83
CA GLY K 41 33.87 -20.73 -48.83
C GLY K 41 34.36 -20.49 -47.41
N LYS K 42 34.41 -21.61 -46.67
CA LYS K 42 34.96 -21.78 -45.31
C LYS K 42 34.00 -21.63 -44.13
N GLY K 43 32.82 -21.04 -44.36
CA GLY K 43 31.87 -20.92 -43.27
C GLY K 43 32.25 -20.03 -42.10
N LEU K 44 31.31 -19.87 -41.17
CA LEU K 44 31.46 -18.93 -40.06
C LEU K 44 30.79 -19.39 -38.74
N GLU K 45 30.61 -18.46 -37.81
CA GLU K 45 30.05 -18.78 -36.48
C GLU K 45 28.51 -18.83 -36.29
N TRP K 46 28.10 -18.88 -35.02
CA TRP K 46 26.74 -19.18 -34.59
C TRP K 46 25.74 -18.02 -34.82
N VAL K 47 24.50 -18.33 -35.19
CA VAL K 47 23.47 -17.31 -35.11
C VAL K 47 22.21 -17.87 -34.46
N SER K 48 22.17 -17.87 -33.12
CA SER K 48 20.97 -17.94 -32.27
C SER K 48 21.29 -18.72 -30.97
N GLY K 49 20.45 -18.61 -29.96
CA GLY K 49 20.31 -19.70 -29.02
C GLY K 49 19.12 -19.47 -28.12
N ILE K 50 18.42 -20.53 -27.76
CA ILE K 50 17.25 -20.41 -26.90
C ILE K 50 17.42 -21.40 -25.76
N LEU K 51 16.51 -21.36 -24.80
CA LEU K 51 16.55 -22.35 -23.75
C LEU K 51 15.19 -23.04 -23.66
N GLY K 52 15.08 -24.06 -22.81
CA GLY K 52 13.74 -24.50 -22.48
C GLY K 52 13.08 -23.45 -21.62
N GLY K 53 13.69 -23.22 -20.44
CA GLY K 53 13.18 -22.35 -19.38
C GLY K 53 13.76 -20.95 -19.29
N SER K 54 12.97 -20.02 -18.75
CA SER K 54 13.26 -18.57 -18.67
C SER K 54 12.92 -17.74 -19.94
N GLU K 55 12.62 -18.41 -21.05
CA GLU K 55 12.29 -17.77 -22.33
C GLU K 55 13.15 -16.57 -22.71
N ARG K 56 14.44 -16.82 -22.97
CA ARG K 56 15.37 -15.84 -23.50
C ARG K 56 15.89 -16.39 -24.83
N SER K 57 16.28 -15.51 -25.74
CA SER K 57 17.01 -15.95 -26.91
C SER K 57 18.14 -15.00 -27.31
N TYR K 58 19.38 -15.50 -27.34
CA TYR K 58 20.54 -14.66 -27.66
C TYR K 58 20.77 -14.67 -29.16
N TYR K 59 21.72 -13.87 -29.65
CA TYR K 59 22.07 -13.83 -31.06
C TYR K 59 23.43 -13.17 -31.22
N ARG K 60 23.89 -13.09 -32.46
CA ARG K 60 24.98 -12.18 -32.75
C ARG K 60 24.39 -10.91 -33.36
N ASP K 61 25.25 -9.95 -33.66
CA ASP K 61 24.79 -8.67 -34.14
C ASP K 61 24.36 -8.75 -35.59
N SER K 62 25.14 -9.45 -36.40
CA SER K 62 24.91 -9.50 -37.83
C SER K 62 23.55 -10.05 -38.21
N VAL K 63 22.91 -10.74 -37.28
CA VAL K 63 21.54 -11.21 -37.47
C VAL K 63 20.44 -10.48 -36.68
N LYS K 64 20.84 -9.58 -35.78
CA LYS K 64 20.07 -9.27 -34.57
C LYS K 64 18.55 -9.06 -34.73
N GLY K 65 18.11 -7.94 -35.28
CA GLY K 65 16.68 -7.73 -35.38
C GLY K 65 16.04 -8.59 -36.47
N ARG K 66 16.88 -9.13 -37.36
CA ARG K 66 16.40 -9.91 -38.50
C ARG K 66 15.79 -11.31 -38.22
N PHE K 67 16.50 -12.20 -37.53
CA PHE K 67 16.01 -13.58 -37.37
C PHE K 67 15.38 -13.90 -36.00
N THR K 68 14.10 -14.31 -36.02
CA THR K 68 13.43 -14.75 -34.79
C THR K 68 14.02 -16.10 -34.46
N ILE K 69 13.61 -16.64 -33.31
CA ILE K 69 13.73 -18.07 -33.02
C ILE K 69 12.57 -18.56 -32.12
N SER K 70 11.91 -19.66 -32.50
CA SER K 70 10.72 -20.08 -31.78
C SER K 70 10.77 -21.54 -31.26
N ARG K 71 10.55 -21.76 -29.97
CA ARG K 71 10.57 -23.14 -29.48
C ARG K 71 9.24 -23.72 -29.03
N ASP K 72 8.69 -24.67 -29.76
CA ASP K 72 7.55 -25.40 -29.25
C ASP K 72 8.10 -26.72 -28.75
N ASN K 73 8.10 -26.93 -27.44
CA ASN K 73 8.71 -28.14 -26.91
C ASN K 73 7.82 -29.37 -27.08
N SER K 74 6.53 -29.14 -27.35
CA SER K 74 5.58 -30.25 -27.54
C SER K 74 5.92 -31.09 -28.75
N ARG K 75 5.99 -30.44 -29.90
CA ARG K 75 6.30 -31.13 -31.16
C ARG K 75 7.75 -31.58 -31.21
N LYS K 76 8.53 -31.20 -30.20
CA LYS K 76 9.96 -31.44 -30.18
C LYS K 76 10.61 -30.81 -31.41
N THR K 77 10.57 -29.49 -31.49
CA THR K 77 10.99 -28.81 -32.70
C THR K 77 11.63 -27.49 -32.31
N LEU K 78 12.46 -26.93 -33.17
CA LEU K 78 13.00 -25.59 -32.94
C LEU K 78 12.90 -24.82 -34.27
N TYR K 79 12.58 -23.54 -34.22
CA TYR K 79 12.35 -22.80 -35.46
C TYR K 79 13.17 -21.51 -35.52
N LEU K 80 13.83 -21.28 -36.65
CA LEU K 80 14.47 -19.99 -36.91
C LEU K 80 13.82 -19.33 -38.11
N GLN K 81 13.11 -18.22 -37.89
CA GLN K 81 12.47 -17.60 -39.05
C GLN K 81 13.31 -16.43 -39.55
N MET K 82 13.92 -16.62 -40.71
CA MET K 82 14.80 -15.59 -41.22
C MET K 82 13.98 -14.53 -41.86
N ASN K 83 14.43 -13.29 -41.74
CA ASN K 83 13.61 -12.21 -42.22
C ASN K 83 14.35 -11.06 -42.89
N SER K 84 13.80 -10.63 -44.02
CA SER K 84 14.42 -9.63 -44.89
C SER K 84 15.89 -9.98 -45.14
N LEU K 85 16.11 -11.11 -45.78
CA LEU K 85 17.44 -11.66 -45.98
C LEU K 85 18.34 -10.82 -46.85
N ARG K 86 19.62 -10.84 -46.54
CA ARG K 86 20.60 -10.18 -47.37
C ARG K 86 21.49 -11.24 -48.00
N ALA K 87 22.03 -10.99 -49.19
CA ALA K 87 22.92 -11.91 -49.90
C ALA K 87 23.99 -12.50 -48.97
N GLU K 88 24.49 -11.66 -48.07
CA GLU K 88 25.51 -12.02 -47.09
C GLU K 88 25.18 -13.28 -46.25
N ASP K 89 23.89 -13.55 -46.03
CA ASP K 89 23.50 -14.66 -45.17
C ASP K 89 23.17 -15.99 -45.86
N THR K 90 23.43 -16.08 -47.17
CA THR K 90 23.40 -17.37 -47.84
C THR K 90 24.39 -18.27 -47.14
N ALA K 91 23.94 -19.48 -46.79
CA ALA K 91 24.76 -20.52 -46.14
C ALA K 91 23.92 -21.75 -45.78
N VAL K 92 24.57 -22.78 -45.21
CA VAL K 92 23.85 -23.93 -44.64
C VAL K 92 23.70 -23.83 -43.12
N TYR K 93 22.48 -23.99 -42.62
CA TYR K 93 22.22 -23.73 -41.20
C TYR K 93 22.01 -25.01 -40.37
N TYR K 94 22.98 -25.34 -39.54
CA TYR K 94 22.92 -26.57 -38.76
C TYR K 94 22.07 -26.45 -37.50
N CYS K 95 22.15 -27.47 -36.65
CA CYS K 95 21.30 -27.63 -35.48
C CYS K 95 22.17 -28.10 -34.35
N ALA K 96 22.19 -27.37 -33.25
CA ALA K 96 23.12 -27.75 -32.19
C ALA K 96 22.51 -27.63 -30.80
N ARG K 97 22.67 -28.67 -29.98
CA ARG K 97 22.14 -28.59 -28.63
C ARG K 97 23.32 -28.11 -27.83
N HIS K 98 23.13 -27.79 -26.57
CA HIS K 98 24.27 -27.43 -25.74
C HIS K 98 24.38 -28.55 -24.71
N GLY K 99 25.50 -29.26 -24.62
CA GLY K 99 25.67 -30.00 -23.39
C GLY K 99 25.97 -28.98 -22.31
N SER K 100 24.98 -28.71 -21.46
CA SER K 100 25.19 -28.00 -20.20
C SER K 100 25.65 -28.80 -18.97
N PRO K 101 24.89 -29.85 -18.59
CA PRO K 101 24.70 -30.29 -17.19
C PRO K 101 25.88 -30.46 -16.25
N GLY K 102 27.12 -30.54 -16.73
CA GLY K 102 28.24 -30.77 -15.83
C GLY K 102 28.48 -29.55 -14.96
N TYR K 103 27.44 -28.71 -14.87
CA TYR K 103 27.47 -27.30 -14.49
C TYR K 103 28.28 -26.45 -15.47
N THR K 104 27.84 -26.42 -16.73
CA THR K 104 28.68 -25.92 -17.85
C THR K 104 28.07 -24.93 -18.90
N LEU K 105 26.94 -25.31 -19.52
CA LEU K 105 26.20 -24.42 -20.46
C LEU K 105 27.07 -23.80 -21.54
N TYR K 106 27.50 -24.64 -22.46
CA TYR K 106 28.63 -24.28 -23.28
C TYR K 106 28.50 -24.63 -24.74
N ALA K 107 28.71 -25.93 -24.94
CA ALA K 107 29.29 -26.51 -26.14
C ALA K 107 28.25 -27.33 -26.82
N TRP K 108 28.32 -27.44 -28.15
CA TRP K 108 27.28 -28.15 -28.90
C TRP K 108 27.48 -29.67 -28.82
N ASP K 109 26.51 -30.37 -28.26
CA ASP K 109 26.67 -31.81 -28.16
C ASP K 109 26.65 -32.34 -29.58
N TYR K 110 25.60 -32.03 -30.35
CA TYR K 110 25.59 -32.44 -31.76
C TYR K 110 24.86 -31.63 -32.88
N TRP K 111 25.03 -32.10 -34.11
CA TRP K 111 24.51 -31.41 -35.28
C TRP K 111 24.07 -32.42 -36.34
N GLY K 112 23.19 -31.99 -37.24
CA GLY K 112 23.15 -32.70 -38.49
C GLY K 112 22.48 -32.00 -39.65
N GLN K 113 23.00 -32.30 -40.84
CA GLN K 113 22.40 -32.01 -42.13
C GLN K 113 22.26 -30.51 -42.42
N GLY K 114 22.26 -29.69 -41.38
CA GLY K 114 21.91 -28.30 -41.57
C GLY K 114 20.59 -28.16 -42.30
N THR K 115 20.64 -27.37 -43.38
CA THR K 115 19.56 -27.12 -44.36
C THR K 115 20.09 -26.06 -45.33
N MET K 116 19.51 -25.97 -46.51
CA MET K 116 20.10 -25.19 -47.59
C MET K 116 19.45 -23.82 -47.74
N VAL K 117 20.25 -22.77 -47.65
CA VAL K 117 19.68 -21.44 -47.87
C VAL K 117 20.51 -20.57 -48.80
N THR K 118 19.86 -20.18 -49.90
CA THR K 118 20.47 -19.38 -50.95
C THR K 118 19.69 -18.10 -51.21
N VAL K 119 20.37 -16.97 -51.11
CA VAL K 119 19.73 -15.70 -51.39
C VAL K 119 20.13 -15.21 -52.77
N SER K 120 19.13 -14.93 -53.59
CA SER K 120 19.36 -14.34 -54.90
C SER K 120 18.02 -14.09 -55.60
N SER K 121 18.00 -13.16 -56.52
CA SER K 121 16.88 -13.13 -57.44
C SER K 121 17.24 -13.85 -58.74
N ALA K 122 18.43 -14.46 -58.74
CA ALA K 122 18.97 -15.25 -59.85
C ALA K 122 18.21 -16.55 -60.03
N SER K 123 17.66 -16.78 -61.23
CA SER K 123 16.61 -17.77 -61.38
C SER K 123 17.01 -19.25 -61.25
N THR K 124 16.09 -20.05 -60.69
CA THR K 124 16.24 -21.52 -60.61
C THR K 124 16.15 -22.21 -61.98
N LYS K 125 17.19 -22.97 -62.34
CA LYS K 125 17.17 -23.76 -63.58
C LYS K 125 17.16 -25.27 -63.30
N GLY K 126 16.10 -25.94 -63.75
CA GLY K 126 16.08 -27.38 -63.67
C GLY K 126 17.26 -27.92 -64.45
N PRO K 127 18.10 -28.74 -63.79
CA PRO K 127 19.26 -29.39 -64.43
C PRO K 127 18.89 -30.14 -65.68
N SER K 128 19.71 -29.92 -66.71
CA SER K 128 19.71 -30.71 -67.93
C SER K 128 20.96 -31.60 -67.87
N VAL K 129 20.72 -32.91 -67.87
CA VAL K 129 21.76 -33.91 -67.56
C VAL K 129 22.14 -34.75 -68.78
N PHE K 130 23.44 -34.88 -69.01
CA PHE K 130 23.93 -35.56 -70.21
C PHE K 130 24.80 -36.77 -69.91
N PRO K 131 24.30 -37.97 -70.26
CA PRO K 131 25.00 -39.24 -70.13
C PRO K 131 26.27 -39.25 -70.96
N LEU K 132 27.34 -39.86 -70.46
CA LEU K 132 28.56 -40.04 -71.28
C LEU K 132 29.18 -41.44 -71.23
N ALA K 133 29.19 -42.11 -72.39
CA ALA K 133 29.68 -43.48 -72.49
C ALA K 133 30.85 -43.46 -73.46
N PRO K 134 31.73 -44.49 -73.40
CA PRO K 134 32.89 -44.42 -74.29
C PRO K 134 32.56 -44.75 -75.76
N SER K 138 36.57 -48.17 -77.08
CA SER K 138 37.82 -47.58 -76.60
C SER K 138 38.61 -48.62 -75.82
N THR K 139 38.91 -49.71 -76.51
CA THR K 139 39.65 -50.88 -76.03
C THR K 139 39.20 -51.42 -74.68
N SER K 140 40.16 -51.96 -73.93
CA SER K 140 39.91 -52.36 -72.55
C SER K 140 41.23 -52.39 -71.80
N GLY K 141 41.17 -52.00 -70.53
CA GLY K 141 42.24 -52.22 -69.59
C GLY K 141 41.71 -53.25 -68.63
N ALA K 142 40.61 -53.88 -69.06
CA ALA K 142 39.65 -54.62 -68.24
C ALA K 142 38.44 -53.89 -67.66
N THR K 143 38.28 -52.57 -67.87
CA THR K 143 37.12 -51.89 -67.26
C THR K 143 36.39 -50.74 -67.99
N ALA K 144 35.05 -50.73 -67.86
CA ALA K 144 34.19 -49.62 -68.30
C ALA K 144 33.97 -48.64 -67.15
N ALA K 145 34.53 -47.44 -67.30
CA ALA K 145 34.64 -46.39 -66.26
C ALA K 145 33.56 -45.29 -66.20
N LEU K 146 32.43 -45.49 -66.86
CA LEU K 146 31.50 -44.41 -67.27
C LEU K 146 30.85 -43.57 -66.15
N GLY K 147 29.95 -42.65 -66.53
CA GLY K 147 29.43 -41.66 -65.59
C GLY K 147 28.15 -40.89 -65.95
N CYS K 148 27.88 -39.81 -65.21
CA CYS K 148 26.66 -39.00 -65.37
C CYS K 148 27.09 -37.53 -65.34
N LEU K 149 26.76 -36.77 -66.38
CA LEU K 149 27.15 -35.34 -66.45
C LEU K 149 25.97 -34.37 -66.24
N VAL K 150 26.07 -33.57 -65.19
CA VAL K 150 24.97 -32.69 -64.79
C VAL K 150 25.34 -31.24 -65.04
N LYS K 151 24.71 -30.64 -66.04
CA LYS K 151 25.11 -29.32 -66.49
C LYS K 151 24.11 -28.22 -66.18
N ASP K 152 24.65 -27.15 -65.60
CA ASP K 152 23.98 -25.86 -65.47
C ASP K 152 22.57 -25.87 -64.88
N TYR K 153 22.47 -26.26 -63.62
CA TYR K 153 21.24 -26.07 -62.88
C TYR K 153 21.44 -24.91 -61.94
N PHE K 154 20.36 -24.49 -61.30
CA PHE K 154 20.46 -23.54 -60.20
C PHE K 154 19.36 -23.66 -59.15
N PRO K 155 19.70 -23.44 -57.89
CA PRO K 155 20.98 -23.36 -57.20
C PRO K 155 21.41 -24.70 -56.65
N GLU K 156 22.44 -24.68 -55.80
CA GLU K 156 22.86 -25.82 -54.99
C GLU K 156 21.70 -26.33 -54.15
N PRO K 157 21.78 -27.59 -53.67
CA PRO K 157 22.66 -28.67 -54.12
C PRO K 157 21.94 -29.60 -55.09
N VAL K 158 22.64 -30.61 -55.61
CA VAL K 158 22.01 -31.78 -56.22
C VAL K 158 22.74 -33.00 -55.69
N THR K 159 21.99 -34.00 -55.21
CA THR K 159 22.65 -35.24 -54.81
C THR K 159 22.42 -36.32 -55.88
N VAL K 160 23.50 -36.74 -56.53
CA VAL K 160 23.47 -37.77 -57.57
C VAL K 160 23.89 -39.13 -57.00
N SER K 161 23.27 -40.20 -57.47
CA SER K 161 23.52 -41.55 -56.96
C SER K 161 23.17 -42.51 -58.09
N TRP K 162 23.68 -43.75 -58.07
CA TRP K 162 23.38 -44.70 -59.15
C TRP K 162 22.48 -45.86 -58.75
N ASN K 163 21.20 -45.76 -59.12
CA ASN K 163 20.19 -46.65 -58.60
C ASN K 163 20.29 -46.85 -57.09
N SER K 164 20.55 -48.10 -56.72
CA SER K 164 20.74 -48.45 -55.33
C SER K 164 22.16 -48.93 -55.09
N GLY K 165 22.44 -50.15 -55.53
CA GLY K 165 23.62 -50.87 -55.09
C GLY K 165 24.91 -50.45 -55.75
N ALA K 166 24.84 -50.05 -57.02
CA ALA K 166 26.04 -49.75 -57.78
C ALA K 166 26.72 -48.54 -57.18
N LEU K 167 26.05 -47.89 -56.24
CA LEU K 167 26.55 -46.67 -55.63
C LEU K 167 27.91 -46.85 -54.92
N THR K 168 28.37 -48.09 -54.83
CA THR K 168 29.69 -48.37 -54.28
C THR K 168 30.70 -47.55 -55.03
N SER K 169 31.77 -47.18 -54.36
CA SER K 169 32.76 -46.26 -54.93
C SER K 169 32.11 -44.92 -55.32
N SER K 170 32.05 -44.60 -56.62
CA SER K 170 31.27 -43.47 -57.15
C SER K 170 31.67 -42.08 -56.66
N VAL K 171 32.78 -41.55 -57.13
CA VAL K 171 33.12 -40.20 -56.74
C VAL K 171 32.34 -39.12 -57.53
N HIS K 172 31.76 -38.17 -56.80
CA HIS K 172 31.04 -37.03 -57.38
C HIS K 172 32.01 -35.86 -57.38
N THR K 173 31.57 -34.71 -57.89
CA THR K 173 32.47 -33.58 -58.13
C THR K 173 32.10 -32.22 -57.49
N PHE K 174 32.81 -31.17 -57.88
CA PHE K 174 32.72 -29.88 -57.24
C PHE K 174 32.22 -28.81 -58.19
N PRO K 175 30.91 -28.61 -58.23
CA PRO K 175 30.23 -28.02 -59.38
C PRO K 175 30.59 -26.58 -59.73
N ALA K 176 31.72 -26.38 -60.40
CA ALA K 176 32.20 -25.06 -60.83
C ALA K 176 31.12 -24.22 -61.47
N VAL K 177 31.15 -22.92 -61.18
CA VAL K 177 30.28 -21.96 -61.83
C VAL K 177 30.48 -21.93 -63.36
N LEU K 178 29.36 -22.02 -64.10
CA LEU K 178 29.30 -21.75 -65.54
C LEU K 178 28.98 -20.25 -65.72
N GLN K 179 29.11 -19.52 -64.62
CA GLN K 179 28.62 -18.16 -64.50
C GLN K 179 27.09 -18.16 -64.59
N SER K 180 26.53 -17.28 -65.40
CA SER K 180 25.09 -17.00 -65.39
C SER K 180 24.62 -16.71 -63.98
N SER K 181 25.37 -15.84 -63.30
CA SER K 181 25.20 -15.58 -61.88
C SER K 181 25.27 -16.87 -61.06
N GLY K 182 26.28 -17.69 -61.38
CA GLY K 182 26.63 -18.84 -60.57
C GLY K 182 26.33 -20.27 -61.02
N LEU K 183 25.46 -20.50 -62.01
CA LEU K 183 24.93 -21.86 -62.22
C LEU K 183 25.98 -22.98 -62.33
N TYR K 184 25.69 -24.08 -61.64
CA TYR K 184 26.69 -25.10 -61.33
C TYR K 184 26.60 -26.28 -62.26
N SER K 185 27.75 -26.81 -62.67
CA SER K 185 27.78 -27.99 -63.52
C SER K 185 28.61 -29.08 -62.89
N LEU K 186 27.95 -30.20 -62.54
CA LEU K 186 28.59 -31.35 -61.87
C LEU K 186 29.08 -32.43 -62.84
N SER K 187 29.37 -33.60 -62.28
CA SER K 187 29.69 -34.81 -63.03
C SER K 187 29.87 -35.98 -62.04
N SER K 188 29.74 -37.20 -62.54
CA SER K 188 29.69 -38.37 -61.69
C SER K 188 30.28 -39.59 -62.40
N VAL K 189 30.77 -40.56 -61.64
CA VAL K 189 31.35 -41.77 -62.21
C VAL K 189 30.94 -43.03 -61.43
N VAL K 190 30.51 -44.07 -62.15
CA VAL K 190 30.61 -45.40 -61.59
C VAL K 190 31.56 -46.26 -62.42
N THR K 191 32.71 -46.56 -61.82
CA THR K 191 33.58 -47.56 -62.37
C THR K 191 32.77 -48.81 -62.17
N VAL K 192 32.63 -49.61 -63.21
CA VAL K 192 31.82 -50.82 -63.10
C VAL K 192 32.42 -51.95 -63.93
N PRO K 193 33.51 -52.56 -63.42
CA PRO K 193 34.42 -53.39 -64.24
C PRO K 193 33.70 -54.38 -65.17
N SER K 194 34.41 -54.75 -66.22
CA SER K 194 33.89 -54.82 -67.59
C SER K 194 32.50 -55.37 -67.97
N SER K 195 32.22 -56.63 -67.73
CA SER K 195 31.17 -57.34 -68.46
C SER K 195 29.76 -56.93 -68.04
N SER K 196 29.74 -55.82 -67.32
CA SER K 196 28.54 -55.17 -66.81
C SER K 196 27.64 -54.40 -67.83
N LEU K 197 28.14 -53.34 -68.46
CA LEU K 197 27.30 -52.53 -69.38
C LEU K 197 27.02 -53.17 -70.77
N GLY K 198 25.74 -53.22 -71.14
CA GLY K 198 25.30 -53.85 -72.37
C GLY K 198 24.84 -55.26 -72.07
N THR K 199 24.71 -55.55 -70.78
CA THR K 199 24.15 -56.79 -70.27
C THR K 199 23.08 -56.43 -69.24
N GLN K 200 23.51 -55.75 -68.19
CA GLN K 200 22.56 -55.21 -67.23
C GLN K 200 22.15 -53.82 -67.67
N THR K 201 21.30 -53.19 -66.86
CA THR K 201 20.83 -51.86 -67.17
C THR K 201 21.62 -50.90 -66.30
N TYR K 202 21.46 -49.61 -66.53
CA TYR K 202 22.33 -48.65 -65.88
C TYR K 202 21.69 -47.28 -65.75
N ILE K 203 21.94 -46.59 -64.63
CA ILE K 203 20.90 -45.75 -64.04
C ILE K 203 21.16 -44.27 -63.64
N CYS K 204 22.02 -44.10 -62.63
CA CYS K 204 22.24 -42.84 -61.94
C CYS K 204 20.92 -42.20 -61.47
N ASN K 205 20.95 -40.92 -61.10
CA ASN K 205 19.76 -40.19 -60.65
C ASN K 205 20.09 -38.82 -60.08
N VAL K 206 19.11 -37.91 -60.13
CA VAL K 206 19.37 -36.51 -59.80
C VAL K 206 18.33 -35.87 -58.87
N ASN K 207 18.81 -35.51 -57.70
CA ASN K 207 17.98 -34.92 -56.66
C ASN K 207 18.27 -33.43 -56.62
N HIS K 208 17.38 -32.63 -57.18
CA HIS K 208 17.50 -31.19 -57.08
C HIS K 208 16.30 -30.83 -56.27
N LYS K 209 16.52 -30.56 -54.98
CA LYS K 209 15.45 -30.08 -54.12
C LYS K 209 14.97 -28.69 -54.56
N PRO K 210 15.91 -27.80 -54.93
CA PRO K 210 15.43 -26.46 -55.35
C PRO K 210 14.34 -26.44 -56.42
N SER K 211 14.56 -27.16 -57.51
CA SER K 211 13.62 -27.08 -58.65
C SER K 211 12.48 -28.06 -58.46
N ASN K 212 12.66 -28.94 -57.47
CA ASN K 212 11.80 -30.10 -57.25
C ASN K 212 11.75 -30.98 -58.48
N THR K 213 12.90 -31.55 -58.81
CA THR K 213 13.01 -32.41 -59.97
C THR K 213 13.87 -33.61 -59.60
N LYS K 214 13.27 -34.79 -59.68
CA LYS K 214 13.96 -36.03 -59.41
C LYS K 214 13.85 -36.76 -60.72
N VAL K 215 14.96 -36.90 -61.41
CA VAL K 215 14.93 -37.35 -62.79
C VAL K 215 15.93 -38.47 -63.03
N ASP K 216 15.47 -39.54 -63.66
CA ASP K 216 16.38 -40.62 -63.98
C ASP K 216 16.80 -40.55 -65.44
N LYS K 217 18.07 -40.90 -65.69
CA LYS K 217 18.65 -40.96 -67.02
C LYS K 217 19.66 -42.13 -67.13
N LYS K 218 19.41 -43.06 -68.05
CA LYS K 218 20.27 -44.22 -68.22
C LYS K 218 21.63 -43.79 -68.78
N SER K 219 22.64 -44.64 -68.68
CA SER K 219 23.85 -44.50 -69.50
C SER K 219 23.88 -45.58 -70.58
N CYS K 220 23.62 -45.18 -71.83
CA CYS K 220 23.25 -46.12 -72.90
C CYS K 220 24.38 -46.49 -73.85
N ALA K 221 24.37 -47.76 -74.29
CA ALA K 221 25.51 -48.39 -74.95
C ALA K 221 26.14 -47.57 -76.09
N ALA K 222 27.48 -47.63 -76.14
CA ALA K 222 28.27 -47.00 -77.22
C ALA K 222 29.18 -48.00 -77.93
N ILE L 2 35.47 -8.34 -30.98
CA ILE L 2 34.74 -9.60 -30.83
C ILE L 2 35.63 -10.64 -30.13
N GLN L 3 36.95 -10.44 -30.20
CA GLN L 3 37.92 -11.50 -29.88
C GLN L 3 37.63 -12.84 -30.62
N MET L 4 37.95 -12.85 -31.91
CA MET L 4 37.90 -14.04 -32.73
C MET L 4 39.05 -14.92 -32.32
N THR L 5 38.98 -16.21 -32.61
CA THR L 5 40.09 -16.96 -32.09
C THR L 5 41.23 -16.99 -33.12
N GLN L 6 41.41 -18.11 -33.84
CA GLN L 6 42.02 -18.24 -35.20
C GLN L 6 42.77 -19.60 -35.28
N SER L 7 43.29 -20.01 -36.44
CA SER L 7 44.27 -21.10 -36.45
C SER L 7 45.28 -20.93 -37.61
N PRO L 8 46.57 -21.31 -37.40
CA PRO L 8 47.61 -21.17 -38.46
C PRO L 8 47.61 -22.12 -39.69
N ALA L 9 47.61 -21.46 -40.85
CA ALA L 9 47.72 -22.04 -42.19
C ALA L 9 46.79 -23.20 -42.49
N SER L 10 47.29 -24.13 -43.28
CA SER L 10 46.80 -25.50 -43.25
C SER L 10 47.92 -26.49 -43.63
N LEU L 11 48.21 -27.47 -42.77
CA LEU L 11 49.33 -28.37 -43.06
C LEU L 11 48.90 -29.73 -43.60
N ALA L 12 49.91 -30.54 -43.92
CA ALA L 12 49.77 -31.81 -44.58
C ALA L 12 50.72 -32.74 -43.85
N VAL L 13 50.21 -33.81 -43.29
CA VAL L 13 51.09 -34.64 -42.48
C VAL L 13 50.99 -36.13 -42.78
N SER L 14 52.12 -36.82 -42.63
CA SER L 14 52.23 -38.23 -42.96
C SER L 14 51.49 -39.13 -41.95
N PRO L 15 50.99 -40.31 -42.40
CA PRO L 15 50.18 -41.09 -41.47
C PRO L 15 51.06 -41.66 -40.36
N GLY L 16 52.35 -41.79 -40.64
CA GLY L 16 53.30 -42.23 -39.63
C GLY L 16 53.17 -41.53 -38.30
N GLN L 17 53.08 -40.19 -38.33
CA GLN L 17 53.20 -39.41 -37.10
C GLN L 17 52.27 -38.20 -36.91
N ARG L 18 52.62 -37.40 -35.90
CA ARG L 18 51.75 -36.39 -35.32
C ARG L 18 51.57 -35.16 -36.20
N ALA L 19 50.78 -34.22 -35.69
CA ALA L 19 50.37 -33.07 -36.47
C ALA L 19 50.09 -31.89 -35.52
N THR L 20 50.18 -30.67 -36.04
CA THR L 20 49.93 -29.51 -35.18
C THR L 20 48.89 -28.52 -35.70
N ILE L 21 47.78 -28.44 -34.99
CA ILE L 21 46.88 -27.33 -35.20
C ILE L 21 46.95 -26.51 -33.91
N THR L 22 46.66 -25.23 -33.99
CA THR L 22 46.68 -24.41 -32.79
C THR L 22 45.75 -23.24 -32.92
N CYS L 23 45.42 -22.69 -31.76
CA CYS L 23 44.44 -21.65 -31.69
C CYS L 23 44.91 -20.67 -30.66
N ARG L 24 44.97 -19.39 -31.03
CA ARG L 24 45.22 -18.31 -30.08
C ARG L 24 44.03 -17.36 -30.05
N ALA L 25 43.56 -17.07 -28.83
CA ALA L 25 42.35 -16.30 -28.60
C ALA L 25 42.61 -14.80 -28.58
N GLU L 27 41.72 -12.01 -26.11
CA GLU L 27 41.03 -12.19 -24.81
C GLU L 27 41.15 -13.62 -24.25
N SER L 28 41.51 -13.71 -22.97
CA SER L 28 41.66 -15.01 -22.31
C SER L 28 40.32 -15.56 -21.93
N VAL L 29 40.18 -16.85 -22.15
CA VAL L 29 38.91 -17.53 -22.10
C VAL L 29 38.68 -18.23 -20.76
N SER L 30 39.66 -18.12 -19.87
CA SER L 30 39.68 -18.90 -18.66
C SER L 30 39.64 -18.07 -17.35
N ASN L 31 38.94 -18.62 -16.34
CA ASN L 31 39.13 -18.22 -14.95
C ASN L 31 39.97 -19.33 -14.32
N TYR L 32 39.34 -20.48 -14.09
CA TYR L 32 40.02 -21.79 -14.22
C TYR L 32 39.10 -22.92 -13.81
N GLY L 33 39.44 -24.12 -14.27
CA GLY L 33 38.48 -25.20 -14.34
C GLY L 33 37.53 -24.81 -15.44
N ILE L 34 38.01 -23.92 -16.31
CA ILE L 34 37.19 -23.30 -17.33
C ILE L 34 37.77 -23.50 -18.74
N ASN L 35 38.79 -22.70 -19.07
CA ASN L 35 39.49 -22.80 -20.37
C ASN L 35 38.49 -23.05 -21.48
N PHE L 36 37.73 -22.04 -21.81
CA PHE L 36 36.48 -22.27 -22.52
C PHE L 36 36.59 -22.40 -24.05
N ILE L 37 37.73 -22.78 -24.60
CA ILE L 37 37.73 -23.15 -26.03
C ILE L 37 37.43 -24.67 -26.18
N ASN L 38 36.75 -25.06 -27.28
CA ASN L 38 36.60 -26.47 -27.65
C ASN L 38 37.25 -26.80 -28.99
N TRP L 39 37.05 -28.04 -29.44
CA TRP L 39 37.41 -28.44 -30.79
C TRP L 39 36.28 -29.25 -31.43
N PHE L 40 36.08 -29.06 -32.75
CA PHE L 40 35.23 -29.96 -33.55
C PHE L 40 35.96 -30.60 -34.75
N GLN L 41 35.27 -31.50 -35.45
CA GLN L 41 35.70 -32.03 -36.75
C GLN L 41 34.75 -31.49 -37.82
N GLN L 42 35.27 -31.17 -39.00
CA GLN L 42 34.41 -31.13 -40.17
C GLN L 42 35.13 -31.89 -41.23
N LYS L 43 34.61 -33.06 -41.58
CA LYS L 43 35.18 -33.86 -42.65
C LYS L 43 34.72 -33.25 -43.97
N PRO L 44 35.48 -33.49 -45.06
CA PRO L 44 35.13 -32.99 -46.39
C PRO L 44 33.68 -33.29 -46.72
N GLY L 45 33.14 -34.35 -46.09
CA GLY L 45 31.78 -34.78 -46.35
C GLY L 45 30.70 -34.04 -45.57
N GLN L 46 31.00 -32.87 -45.02
CA GLN L 46 29.96 -32.15 -44.24
C GLN L 46 29.72 -32.58 -42.73
N PRO L 47 28.56 -32.26 -42.10
CA PRO L 47 28.34 -31.74 -40.73
C PRO L 47 29.18 -32.28 -39.57
N PRO L 48 29.52 -31.38 -38.62
CA PRO L 48 30.56 -31.45 -37.58
C PRO L 48 30.32 -32.28 -36.29
N LYS L 49 31.45 -32.64 -35.68
CA LYS L 49 31.47 -33.64 -34.63
C LYS L 49 32.31 -33.10 -33.50
N LEU L 50 31.83 -33.32 -32.28
CA LEU L 50 32.50 -32.84 -31.09
C LEU L 50 33.75 -33.64 -30.82
N LEU L 51 34.89 -32.98 -30.70
CA LEU L 51 36.14 -33.68 -30.33
C LEU L 51 36.58 -33.45 -28.87
N ILE L 52 37.12 -32.25 -28.58
CA ILE L 52 37.53 -31.90 -27.22
C ILE L 52 36.66 -30.79 -26.65
N TYR L 53 36.33 -30.89 -25.37
CA TYR L 53 35.65 -29.79 -24.67
C TYR L 53 36.51 -29.23 -23.55
N THR L 54 36.63 -27.91 -23.52
CA THR L 54 37.52 -27.20 -22.60
C THR L 54 38.98 -27.68 -22.63
N ALA L 55 39.61 -27.57 -23.79
CA ALA L 55 41.06 -27.63 -23.95
C ALA L 55 41.79 -28.95 -23.60
N SER L 56 41.15 -29.84 -22.85
CA SER L 56 41.76 -31.12 -22.45
C SER L 56 40.84 -32.35 -22.56
N ASN L 57 39.75 -32.34 -21.80
CA ASN L 57 38.90 -33.50 -21.65
C ASN L 57 38.41 -34.01 -22.99
N LYS L 58 38.39 -35.34 -23.14
CA LYS L 58 38.08 -36.00 -24.40
C LYS L 58 36.62 -36.39 -24.55
N GLY L 59 36.07 -36.13 -25.73
CA GLY L 59 34.66 -36.21 -25.99
C GLY L 59 34.24 -37.60 -26.37
N THR L 60 33.00 -37.74 -26.82
CA THR L 60 32.30 -39.02 -26.86
C THR L 60 32.77 -40.04 -27.90
N GLY L 61 33.12 -41.23 -27.42
CA GLY L 61 33.36 -42.38 -28.29
C GLY L 61 34.33 -42.05 -29.40
N VAL L 62 35.49 -41.55 -29.00
CA VAL L 62 36.39 -40.93 -29.93
C VAL L 62 37.82 -41.16 -29.48
N PRO L 63 38.75 -41.29 -30.43
CA PRO L 63 40.08 -41.83 -30.20
C PRO L 63 40.97 -41.00 -29.31
N ALA L 64 41.93 -41.67 -28.68
CA ALA L 64 42.88 -41.08 -27.72
C ALA L 64 44.08 -40.54 -28.47
N ARG L 65 43.94 -40.54 -29.79
CA ARG L 65 44.92 -39.97 -30.68
C ARG L 65 44.86 -38.42 -30.64
N PHE L 66 43.67 -37.90 -30.27
CA PHE L 66 43.47 -36.45 -30.14
C PHE L 66 43.72 -36.03 -28.71
N SER L 67 44.26 -34.82 -28.55
CA SER L 67 44.57 -34.29 -27.25
C SER L 67 44.60 -32.77 -27.34
N GLY L 68 44.48 -32.10 -26.21
CA GLY L 68 44.71 -30.67 -26.18
C GLY L 68 45.20 -30.21 -24.83
N SER L 69 45.80 -29.03 -24.78
CA SER L 69 46.19 -28.43 -23.51
C SER L 69 46.25 -26.91 -23.63
N GLY L 70 45.90 -26.21 -22.56
CA GLY L 70 46.05 -24.78 -22.54
C GLY L 70 46.15 -24.14 -21.16
N SER L 71 46.82 -22.99 -21.15
CA SER L 71 46.89 -22.10 -20.01
C SER L 71 45.87 -20.99 -20.21
N GLY L 72 45.13 -21.09 -21.30
CA GLY L 72 44.22 -20.05 -21.71
C GLY L 72 44.93 -19.19 -22.74
N THR L 73 44.17 -18.76 -23.74
CA THR L 73 44.63 -18.08 -24.96
C THR L 73 45.54 -18.92 -25.86
N ASP L 74 46.21 -19.92 -25.28
CA ASP L 74 47.24 -20.67 -25.99
C ASP L 74 46.73 -22.09 -26.09
N PHE L 75 46.30 -22.49 -27.27
CA PHE L 75 45.54 -23.73 -27.37
C PHE L 75 45.98 -24.66 -28.47
N THR L 76 45.86 -25.95 -28.20
CA THR L 76 46.37 -26.92 -29.13
C THR L 76 45.37 -28.04 -29.28
N LEU L 77 45.14 -28.45 -30.52
CA LEU L 77 44.53 -29.74 -30.79
C LEU L 77 45.71 -30.46 -31.32
N THR L 78 45.90 -31.71 -30.94
CA THR L 78 47.00 -32.46 -31.50
C THR L 78 46.55 -33.88 -31.80
N ILE L 79 46.53 -34.25 -33.07
CA ILE L 79 46.19 -35.62 -33.38
C ILE L 79 47.44 -36.38 -33.71
N ASN L 80 47.85 -37.18 -32.72
CA ASN L 80 48.81 -38.27 -32.86
C ASN L 80 48.13 -39.42 -33.63
N PRO L 81 48.55 -40.69 -33.47
CA PRO L 81 48.90 -41.53 -34.61
C PRO L 81 47.92 -41.36 -35.76
N VAL L 82 48.19 -40.26 -36.48
CA VAL L 82 47.38 -39.74 -37.58
C VAL L 82 47.06 -40.83 -38.57
N GLU L 83 45.79 -40.91 -38.94
CA GLU L 83 45.31 -41.91 -39.88
C GLU L 83 44.59 -41.26 -41.07
N ALA L 84 44.42 -42.04 -42.11
CA ALA L 84 43.67 -41.65 -43.29
C ALA L 84 42.34 -41.04 -42.89
N GLU L 85 41.71 -41.67 -41.89
CA GLU L 85 40.40 -41.28 -41.38
C GLU L 85 40.31 -39.82 -40.94
N ASP L 86 41.44 -39.17 -40.69
CA ASP L 86 41.32 -37.84 -40.13
C ASP L 86 41.01 -36.83 -41.23
N THR L 87 42.03 -36.30 -41.91
CA THR L 87 41.85 -35.49 -43.13
C THR L 87 40.53 -34.71 -43.18
N ALA L 88 40.40 -33.76 -42.26
CA ALA L 88 39.17 -33.02 -42.15
C ALA L 88 39.52 -31.61 -41.77
N ASN L 89 38.59 -30.68 -41.98
CA ASN L 89 38.84 -29.34 -41.49
C ASN L 89 38.46 -29.28 -40.02
N TYR L 90 39.40 -28.80 -39.22
CA TYR L 90 39.19 -28.62 -37.80
C TYR L 90 39.13 -27.13 -37.56
N PHE L 91 38.12 -26.69 -36.85
CA PHE L 91 38.00 -25.29 -36.47
C PHE L 91 38.20 -25.26 -34.95
N CYS L 92 38.71 -24.13 -34.44
CA CYS L 92 38.77 -23.96 -33.00
C CYS L 92 37.57 -23.14 -32.55
N GLN L 93 37.06 -23.46 -31.36
CA GLN L 93 35.68 -23.08 -31.06
C GLN L 93 35.36 -22.00 -30.04
N GLN L 94 34.04 -21.85 -29.87
CA GLN L 94 33.25 -20.63 -29.57
C GLN L 94 33.47 -19.85 -28.29
N THR L 95 34.37 -20.34 -27.47
CA THR L 95 34.63 -19.78 -26.15
C THR L 95 33.41 -19.81 -25.21
N LYS L 96 33.23 -18.78 -24.38
CA LYS L 96 32.72 -19.13 -23.05
C LYS L 96 31.21 -19.18 -22.89
N GLU L 97 30.65 -18.04 -22.55
CA GLU L 97 29.30 -17.66 -22.85
C GLU L 97 29.60 -16.17 -23.10
N VAL L 98 29.42 -15.71 -24.34
CA VAL L 98 29.82 -14.38 -24.82
C VAL L 98 29.18 -14.26 -26.17
N PRO L 99 29.46 -13.20 -26.94
CA PRO L 99 28.98 -13.57 -28.26
C PRO L 99 30.05 -14.47 -28.95
N TYR L 100 29.65 -15.55 -29.63
CA TYR L 100 30.52 -16.73 -29.88
C TYR L 100 31.22 -16.82 -31.23
N THR L 101 32.43 -17.36 -31.22
CA THR L 101 33.36 -17.16 -32.32
C THR L 101 33.93 -18.45 -32.89
N PHE L 102 34.58 -18.36 -34.05
CA PHE L 102 35.32 -19.49 -34.63
C PHE L 102 36.66 -19.08 -35.22
N GLY L 103 37.30 -20.06 -35.86
CA GLY L 103 38.52 -19.86 -36.61
C GLY L 103 38.28 -19.85 -38.12
N GLY L 104 39.35 -20.13 -38.86
CA GLY L 104 39.27 -20.15 -40.30
C GLY L 104 39.26 -21.56 -40.84
N GLY L 105 39.49 -22.51 -39.95
CA GLY L 105 39.62 -23.89 -40.38
C GLY L 105 41.07 -24.27 -40.66
N THR L 106 41.35 -25.57 -40.70
CA THR L 106 42.69 -26.06 -40.99
C THR L 106 42.57 -27.36 -41.82
N LYS L 107 43.19 -27.43 -43.00
CA LYS L 107 42.91 -28.52 -43.97
C LYS L 107 43.44 -29.93 -43.65
N LEU L 108 44.63 -30.02 -43.06
CA LEU L 108 45.17 -31.32 -42.62
C LEU L 108 45.09 -32.44 -43.63
N GLU L 109 45.97 -32.39 -44.61
CA GLU L 109 46.15 -33.52 -45.51
C GLU L 109 46.81 -34.65 -44.73
N ILE L 110 46.20 -35.82 -44.76
CA ILE L 110 46.94 -36.99 -44.37
C ILE L 110 47.80 -37.28 -45.59
N LYS L 111 49.10 -37.18 -45.40
CA LYS L 111 50.00 -37.24 -46.51
C LYS L 111 50.48 -38.69 -46.66
N ARG L 112 49.96 -39.38 -47.68
CA ARG L 112 50.36 -40.74 -48.04
C ARG L 112 51.36 -40.71 -49.19
N ALA L 113 51.68 -41.88 -49.74
CA ALA L 113 52.64 -41.95 -50.84
C ALA L 113 51.92 -41.88 -52.17
N ASP L 114 52.61 -41.29 -53.15
CA ASP L 114 52.15 -40.99 -54.50
C ASP L 114 51.51 -42.16 -55.29
N ALA L 115 50.49 -41.87 -56.10
CA ALA L 115 49.79 -42.92 -56.87
C ALA L 115 49.06 -42.37 -58.10
N ALA L 116 48.75 -43.20 -59.13
CA ALA L 116 47.67 -42.88 -60.10
C ALA L 116 48.00 -41.72 -61.09
N PRO L 117 47.04 -41.14 -61.86
CA PRO L 117 45.57 -41.06 -61.97
C PRO L 117 44.76 -41.77 -63.03
N THR L 118 44.88 -43.07 -63.30
CA THR L 118 43.74 -43.82 -63.85
C THR L 118 42.78 -43.02 -64.78
N VAL L 119 43.23 -42.72 -66.00
CA VAL L 119 42.47 -41.85 -66.90
C VAL L 119 41.42 -42.55 -67.76
N SER L 120 40.30 -41.86 -67.96
CA SER L 120 39.27 -42.19 -68.95
C SER L 120 38.86 -40.90 -69.66
N ILE L 121 38.11 -41.02 -70.75
CA ILE L 121 37.58 -39.84 -71.40
C ILE L 121 36.25 -40.09 -72.15
N PHE L 122 35.34 -39.12 -72.11
CA PHE L 122 34.00 -39.26 -72.69
C PHE L 122 33.56 -38.27 -73.80
N PRO L 123 33.26 -38.78 -75.00
CA PRO L 123 32.76 -37.96 -76.10
C PRO L 123 31.39 -37.37 -75.77
N PRO L 124 30.99 -36.32 -76.49
CA PRO L 124 29.71 -35.61 -76.37
C PRO L 124 28.45 -36.44 -76.53
N SER L 125 27.48 -36.12 -75.67
CA SER L 125 26.18 -36.77 -75.62
C SER L 125 25.35 -36.50 -76.86
N SER L 126 24.31 -37.29 -77.04
CA SER L 126 23.33 -37.03 -78.09
C SER L 126 22.51 -35.81 -77.73
N GLU L 127 21.77 -35.93 -76.63
CA GLU L 127 20.79 -34.95 -76.14
C GLU L 127 21.35 -33.55 -75.90
N GLN L 128 22.67 -33.45 -75.78
CA GLN L 128 23.37 -32.19 -75.68
C GLN L 128 23.36 -31.52 -77.07
N LEU L 129 23.62 -32.33 -78.10
CA LEU L 129 23.59 -31.84 -79.46
C LEU L 129 22.15 -31.64 -79.92
N THR L 130 21.26 -32.55 -79.53
CA THR L 130 19.84 -32.41 -79.85
C THR L 130 19.35 -31.03 -79.46
N SER L 131 19.88 -30.51 -78.36
CA SER L 131 19.69 -29.11 -77.98
C SER L 131 20.86 -28.18 -78.35
N GLY L 132 21.96 -28.74 -78.84
CA GLY L 132 23.08 -27.92 -79.27
C GLY L 132 24.16 -27.36 -78.35
N GLY L 133 24.81 -28.21 -77.56
CA GLY L 133 26.00 -27.83 -76.81
C GLY L 133 26.95 -29.02 -76.70
N ALA L 134 28.24 -28.80 -76.45
CA ALA L 134 29.22 -29.91 -76.58
C ALA L 134 30.32 -30.06 -75.53
N SER L 135 30.31 -31.20 -74.84
CA SER L 135 31.18 -31.48 -73.71
C SER L 135 32.27 -32.49 -74.06
N VAL L 136 33.48 -32.32 -73.54
CA VAL L 136 34.40 -33.45 -73.53
C VAL L 136 35.02 -33.62 -72.16
N VAL L 137 34.50 -34.58 -71.39
CA VAL L 137 34.86 -34.71 -69.98
C VAL L 137 36.07 -35.63 -69.87
N CYS L 138 36.94 -35.35 -68.90
CA CYS L 138 38.06 -36.23 -68.68
C CYS L 138 38.21 -36.50 -67.19
N PHE L 139 38.08 -37.77 -66.81
CA PHE L 139 38.19 -38.16 -65.41
C PHE L 139 39.62 -38.54 -65.06
N LEU L 140 40.11 -38.12 -63.90
CA LEU L 140 41.37 -38.66 -63.45
C LEU L 140 41.17 -39.11 -62.02
N ASN L 141 41.21 -40.42 -61.77
CA ASN L 141 40.85 -40.91 -60.44
C ASN L 141 41.98 -41.54 -59.57
N ASN L 142 41.89 -41.21 -58.28
CA ASN L 142 42.63 -41.86 -57.19
C ASN L 142 44.12 -41.68 -57.13
N PHE L 143 44.58 -40.46 -57.34
CA PHE L 143 46.01 -40.13 -57.38
C PHE L 143 46.60 -39.55 -56.08
N TYR L 144 47.86 -39.11 -56.13
CA TYR L 144 48.49 -38.28 -55.09
C TYR L 144 49.91 -37.92 -55.47
N PRO L 145 50.33 -36.63 -55.32
CA PRO L 145 49.86 -35.27 -55.00
C PRO L 145 49.02 -34.55 -56.08
N LYS L 146 48.97 -33.21 -56.04
CA LYS L 146 48.35 -32.32 -57.07
C LYS L 146 48.73 -32.58 -58.55
N ILE L 147 47.74 -32.47 -59.44
CA ILE L 147 47.87 -32.90 -60.85
C ILE L 147 47.92 -31.81 -61.91
N ASN L 148 48.91 -31.88 -62.80
CA ASN L 148 49.00 -30.96 -63.95
C ASN L 148 48.58 -31.59 -65.29
N VAL L 149 47.58 -30.97 -65.93
CA VAL L 149 46.87 -31.52 -67.10
C VAL L 149 46.85 -30.60 -68.37
N LYS L 150 47.03 -31.19 -69.56
CA LYS L 150 46.91 -30.49 -70.86
C LYS L 150 45.61 -30.86 -71.60
N TRP L 151 45.40 -30.28 -72.78
CA TRP L 151 44.32 -30.65 -73.70
C TRP L 151 44.85 -30.40 -75.09
N LYS L 152 44.40 -31.20 -76.06
CA LYS L 152 44.73 -30.97 -77.46
C LYS L 152 43.59 -31.33 -78.39
N ILE L 153 43.34 -30.46 -79.36
CA ILE L 153 42.51 -30.79 -80.51
C ILE L 153 43.46 -31.25 -81.59
N ASP L 154 44.73 -31.42 -81.20
CA ASP L 154 45.84 -31.61 -82.13
C ASP L 154 45.94 -30.36 -82.99
N GLY L 155 46.05 -29.20 -82.33
CA GLY L 155 46.01 -27.93 -83.05
C GLY L 155 46.87 -26.82 -82.46
N SER L 156 47.06 -25.77 -83.26
CA SER L 156 47.90 -24.62 -82.91
C SER L 156 47.15 -23.38 -82.39
N GLU L 157 45.83 -23.47 -82.22
CA GLU L 157 45.00 -22.27 -82.08
C GLU L 157 45.48 -21.17 -81.09
N ARG L 158 45.33 -21.36 -79.77
CA ARG L 158 45.92 -20.34 -78.89
C ARG L 158 46.76 -20.84 -77.70
N GLN L 159 46.13 -20.98 -76.52
CA GLN L 159 46.70 -21.75 -75.41
C GLN L 159 45.92 -23.02 -75.10
N ASN L 160 44.80 -23.24 -75.79
CA ASN L 160 43.82 -24.24 -75.37
C ASN L 160 43.21 -24.01 -73.96
N GLY L 161 42.24 -23.11 -73.83
CA GLY L 161 41.52 -23.09 -72.55
C GLY L 161 40.05 -22.69 -72.48
N VAL L 162 39.41 -23.27 -71.46
CA VAL L 162 38.05 -22.99 -70.99
C VAL L 162 38.15 -23.40 -69.51
N LEU L 163 37.48 -22.70 -68.58
CA LEU L 163 37.76 -22.90 -67.15
C LEU L 163 36.87 -23.95 -66.45
N ASN L 164 37.47 -25.09 -66.16
CA ASN L 164 36.69 -26.24 -65.76
C ASN L 164 37.17 -26.88 -64.46
N SER L 165 38.11 -27.81 -64.58
CA SER L 165 38.98 -28.23 -63.48
C SER L 165 38.42 -28.34 -62.05
N TRP L 166 37.59 -29.35 -61.74
CA TRP L 166 37.21 -29.49 -60.32
C TRP L 166 37.46 -30.79 -59.57
N THR L 167 38.10 -30.62 -58.42
CA THR L 167 38.74 -31.66 -57.62
C THR L 167 38.11 -31.71 -56.20
N ASP L 168 38.27 -32.86 -55.53
CA ASP L 168 37.77 -33.15 -54.16
C ASP L 168 38.91 -33.63 -53.27
N GLN L 169 38.59 -34.16 -52.09
CA GLN L 169 39.53 -35.09 -51.42
C GLN L 169 38.87 -36.42 -51.05
N ASP L 170 39.58 -37.27 -50.31
CA ASP L 170 39.02 -38.55 -49.88
C ASP L 170 39.62 -39.09 -48.58
N SER L 171 38.82 -39.84 -47.84
CA SER L 171 39.26 -40.41 -46.57
C SER L 171 40.39 -41.46 -46.59
N LYS L 172 40.74 -42.06 -47.74
CA LYS L 172 42.10 -42.64 -47.93
C LYS L 172 43.13 -41.99 -48.92
N ASP L 173 42.71 -41.00 -49.71
CA ASP L 173 43.58 -40.50 -50.81
C ASP L 173 43.09 -39.25 -51.55
N SER L 174 43.85 -38.88 -52.58
CA SER L 174 43.67 -37.63 -53.36
C SER L 174 42.85 -37.67 -54.64
N THR L 175 41.99 -38.69 -54.76
CA THR L 175 41.25 -38.99 -55.98
C THR L 175 40.57 -37.83 -56.71
N TYR L 176 40.37 -38.04 -58.01
CA TYR L 176 39.38 -37.26 -58.75
C TYR L 176 39.62 -35.79 -59.00
N SER L 177 40.43 -35.49 -60.02
CA SER L 177 40.28 -34.20 -60.67
C SER L 177 39.03 -34.33 -61.52
N MET L 178 38.65 -33.25 -62.18
CA MET L 178 37.66 -33.31 -63.25
C MET L 178 38.03 -32.19 -64.21
N SER L 179 38.02 -32.46 -65.51
CA SER L 179 38.32 -31.43 -66.49
C SER L 179 37.37 -31.55 -67.65
N SER L 180 36.75 -30.45 -68.03
CA SER L 180 35.78 -30.47 -69.10
C SER L 180 35.88 -29.28 -70.06
N THR L 181 36.22 -29.56 -71.33
CA THR L 181 36.25 -28.54 -72.35
C THR L 181 34.90 -28.46 -73.05
N LEU L 182 34.75 -27.48 -73.94
CA LEU L 182 33.42 -27.02 -74.38
C LEU L 182 33.30 -26.65 -75.88
N THR L 183 32.10 -26.87 -76.43
CA THR L 183 31.67 -26.32 -77.73
C THR L 183 30.13 -26.39 -78.00
N LEU L 184 29.72 -26.13 -79.24
CA LEU L 184 28.30 -26.03 -79.62
C LEU L 184 27.83 -27.05 -80.68
N ASP L 185 26.65 -27.63 -80.45
CA ASP L 185 25.89 -28.49 -81.39
C ASP L 185 26.69 -29.51 -82.20
N GLU L 186 26.44 -29.60 -83.50
CA GLU L 186 27.44 -30.20 -84.35
C GLU L 186 28.10 -29.00 -84.97
N TYR L 187 29.28 -28.72 -84.43
CA TYR L 187 30.13 -27.63 -84.82
C TYR L 187 31.48 -28.27 -84.64
N GLU L 188 32.55 -27.47 -84.64
CA GLU L 188 33.93 -27.95 -84.69
C GLU L 188 34.23 -28.95 -85.84
N ARG L 189 35.10 -29.93 -85.56
CA ARG L 189 35.66 -30.82 -86.57
C ARG L 189 36.48 -31.92 -85.89
N HIS L 190 37.31 -32.63 -86.64
CA HIS L 190 38.50 -33.28 -86.06
C HIS L 190 38.30 -34.34 -84.98
N ASN L 191 37.95 -35.55 -85.38
CA ASN L 191 37.63 -36.62 -84.41
C ASN L 191 38.72 -36.99 -83.37
N SER L 192 39.84 -36.29 -83.40
CA SER L 192 40.90 -36.30 -82.36
C SER L 192 40.35 -35.68 -81.04
N TYR L 193 41.14 -34.88 -80.31
CA TYR L 193 41.02 -34.50 -78.86
C TYR L 193 41.64 -35.39 -77.78
N THR L 194 42.96 -35.29 -77.65
CA THR L 194 43.73 -35.91 -76.57
C THR L 194 43.47 -35.33 -75.19
N CYS L 195 43.55 -36.19 -74.16
CA CYS L 195 43.58 -35.75 -72.76
C CYS L 195 44.90 -36.12 -72.11
N GLU L 196 45.77 -35.15 -71.86
CA GLU L 196 47.15 -35.45 -71.50
C GLU L 196 47.48 -35.09 -70.06
N ALA L 197 48.14 -36.00 -69.35
CA ALA L 197 48.37 -35.82 -67.93
C ALA L 197 49.83 -36.08 -67.50
N THR L 198 50.44 -35.13 -66.79
CA THR L 198 51.74 -35.34 -66.17
C THR L 198 51.69 -35.01 -64.67
N HIS L 199 51.86 -36.04 -63.84
CA HIS L 199 51.67 -35.91 -62.40
C HIS L 199 52.99 -36.13 -61.62
N LYS L 200 53.35 -37.39 -61.42
CA LYS L 200 54.74 -37.78 -61.51
C LYS L 200 54.78 -39.08 -62.30
N THR L 201 55.32 -38.96 -63.51
CA THR L 201 55.38 -39.95 -64.58
C THR L 201 55.98 -39.18 -65.75
N SER L 202 56.23 -39.86 -66.86
CA SER L 202 56.55 -39.16 -68.10
C SER L 202 55.31 -38.65 -68.87
N THR L 203 54.22 -39.43 -68.91
CA THR L 203 52.86 -38.95 -69.26
C THR L 203 51.91 -40.15 -69.31
N SER L 204 50.59 -39.91 -69.25
CA SER L 204 49.57 -40.97 -69.30
C SER L 204 48.30 -40.57 -70.10
N PRO L 205 48.44 -40.45 -71.43
CA PRO L 205 47.41 -39.96 -72.36
C PRO L 205 46.26 -40.94 -72.70
N ILE L 206 45.03 -40.45 -72.76
CA ILE L 206 43.94 -41.33 -73.13
C ILE L 206 43.24 -40.95 -74.44
N VAL L 207 43.21 -41.96 -75.31
CA VAL L 207 42.96 -41.85 -76.73
C VAL L 207 41.53 -41.39 -77.05
N LYS L 208 41.36 -40.94 -78.28
CA LYS L 208 40.41 -39.88 -78.58
C LYS L 208 39.23 -40.29 -79.46
N SER L 209 39.46 -40.37 -80.79
CA SER L 209 38.54 -40.97 -81.77
C SER L 209 38.98 -40.74 -83.22
N PHE L 210 38.41 -41.53 -84.14
CA PHE L 210 38.42 -41.24 -85.59
C PHE L 210 37.06 -41.45 -86.30
N ASN L 211 36.65 -42.70 -86.39
CA ASN L 211 35.32 -43.12 -86.89
C ASN L 211 34.58 -42.17 -87.86
CA CA M . -7.86 9.78 16.48
CA CA N . 38.60 24.39 14.89
CA CA O . -2.86 -23.51 -8.99
CA CA P . 43.89 -10.64 -9.46
#